data_8YFG
#
_entry.id   8YFG
#
loop_
_entity.id
_entity.type
_entity.pdbx_description
1 polymer 'Piezo-type mechanosensitive ion channel component 1'
2 polymer 'MyoD family inhibitor domain-containing protein'
#
loop_
_entity_poly.entity_id
_entity_poly.type
_entity_poly.pdbx_seq_one_letter_code
_entity_poly.pdbx_strand_id
1 'polypeptide(L)'
;MEPHVLGAVLYWLLLPCALLAACLLRFSGLSLVYLLFLLLLPWFPGPTRCGLQGHTGRLLRALLGLSLLFLVAHLALQIC
LHIVPRLDQLLGPSCSRWETLSRHIGVTRLDLKDIPNAIRLVAPDLGILVVSSVCLGICGRLARNTRQSPHPRELDDDER
DVDASPTAGLQEAATLAPTRRSRLAARFRVTAHWLLVAAGRVLAVTLLALAGIAHPSALSSVYLLLFLALCTWWACHFPI
STRGFSRLCVAVGCFGAGHLICLYCYQMPLAQALLPPAGIWARVLGLKDFVGPTNCSSPHALVLNTGLDWPVYASPGVLL
LLCYATASLRKLRAYRPSGQRKEAAKGYEARELELAELDQWPQERESDQHVVPTAPDTEADNCIVHELTGQSSVLRRPVR
PKRAEPREASPLHSLGHLIMDQSYVCALIAMMVWSITYHSWLTFVLLLWACLIWTVRSRHQLAMLCSPCILLYGMTLCCL
RYVWAMDLRPELPTTLGPVSLRQLGLEHTRYPCLDLGAMLLYTLTFWLLLRQFVKEKLLKWAESPAALTEVTVADTEPTR
TQTLLQSLGELVKGVYAKYWIYVCAGMFIVVSFAGRLVVYKIVYMFLFLLCLTLFQVYYSLWRKLLKAFWWLVVAYTMLV
LIAVYTFQFQDFPAYWRNLTGFTDEQLGDLGLEQFSVSELFSSILVPGFFLLACILQLHYFHRPFMQLTDMEHVSLPGTR
LPRWAHRQDAVSGTPLLREEQQEHQQQQQEEEEEEEDSRDEGLGVATPHQATQVPEGAAKWGLVAERLLELAAGFSDVLS
RVQVFLRRLLELHVFKLVALYTVWVALKEVSVMNLLLVVLWAFALPYPRFRPMASCLSTVWTCVIIVCKMLYQLKVVNPQ
EYSSNCTEPFPNSTNLLPTEISQSLLYRGPVDPANWFGVRKGFPNLGYIQNHLQVLLLLVFEAIVYRRQEHYRRQHQLAP
LPAQAVFASGTRQQLDQDLLGCLKYFINFFFYKFGLEICFLMAVNVIGQRMNFLVTLHGCWLVAILTRRHRQAIARLWPN
YCLFLALFLLYQYLLCLGMPPALCIDYPWRWSRAVPMNSALIKWLYLPDFFRAPNSTNLISDFLLLLCASQQWQVFSAER
TEEWQRMAGVNTDRLEPLRGEPNPVPNFIHCRSYLDMLKVAVFRYLFWLVLVVVFVTGATRISIFGLGYLLACFYLLLFG
TALLQRDTRARLVLWDCLILYNVTVIISKNMLSLLACVFVEQMQTGFCWVIQLFSLVCTVKGYYDPKEMMDRDQDCLLPV
EEAGIIWDSVCFFFLLLQRRVFLSHYYLHVRADLQATALLASRGFALYNAANLKSIDFHRRIEEKSLAQLKRQMERIRAK
QEKHRQGRVDRSRPQDTLGPKDPGLEPGPDSPGGSSPPRRQWWRPWLDHATVIHSGDYFLFESDSEEEEEAVPEDPRPSA
QSAFQLAYQAWVTNAQAVLRRRQQEQEQARQEQAGQLPTGGGPSQEVEPAEGPEEAAAGRSHVVQRVLSTAQFLWMLGQA
LVDELTRWLQEFTRHHGTMSDVLRAERYLLTQELLQGGEVHRGVLDQLYTSQAEATLPGPTEAPNAPSTVSSGLGAEEPL
SSMTDDMGSPLSTGYHTRSGSEEAVTDPGEREAGASLYQGLMRTASELLLDRRLRIPELEEAELFAEGQGRALRLLRAVY
QCVAAHSELLCYFIIILNHMVTASAGSLVLPVLVFLWAMLSIPRPSKRFWMTAIVFTEIAVVVKYLFQFGFFPWNSHVVL
RRYENKPYFPPRILGLEKTDGYIKYDLVQLMALFFHRSQLLCYGLWDHEEDSPSKEHDKSGEEEQGAEEGPGVPAATTED
HIQVEARVGPTDGTPEPQVELRPRDTRRISLRFRRRKKEGPARKGAAAIEAEDREEEEGEEEKEAPTGREKRPSRSGGRV
RAAGRRLQGFCLSLAQGTYRPLRRFFHDILHTKYRAATDVYALMFLADVVDFIIIIFGFWAFGKHSAATDITSSLSDDQV
PEAFLVMLLIQFSTMVVDRALYLRKTVLGKLAFQVALVLAIHLWMFFILPAVTERMFNQNVVAQLWYFVKCIYFALSAYQ
IRCGYPTRILGNFLTKKYNHLNLFLFQGFRLVPFLVELRAVMDWVWTDTTLSLSSWMCVEDIYANIFIIKCSRETEKKYP
QPKGQKKKKIVKYGMGGLIILFLIAIIWFPLLFMSLVRSVVGVVNQPIDVTVTLKLGGYEPLFTMSAQQPSIIPFTAQAY
EELSRQFDPQPLAMQFISQYSPEDIVTAQIEGSSGALWRISPPSRAQMKRELYNGTADITLRFTWNFQRDLAKGGTVEYA
NEKHMLALAPNSTARRQLASLLEGTSDQSVVIPNLFPKYIRAPNGPEANPVKQLQPNEEADYLGVRIQLRREQGAGATGF
LEWWVIELQECRTDCNLLPMVIFSDKVSPPSLGFLAGYGIMGLYVSIVLVIGKFVHGFFSEISHSIMFEELPCVDRILKL
CQDIFLVRETRELELEEELYAKLIFLYRSPETMIKWTREKE
;
A,B,D
2 'polypeptide(L)'
;MSGAGEALAPGPVGPQRVAEAGGGQLGSTAQGKCDKDNTEKDITQATNSHFTHGEMQDQSIWGNPSDGELIRTQPQRLPQ
LQTSAQVPSGEEIGKIKNGHTGLSNGNGIHHGAKHGSADNRKLSAPVSQKMHRKIQSSLSVNSDISKKSKVNAVFSQKTG
SSPEDCCVHCILACLFCEFLTLCNIVLGQASCGICTSEACCCCCGDEMGDDCNCPCDMDCGIMDACCESSDCLEICMECC
GICFPS
;
C,E,F
#
# COMPACT_ATOMS: atom_id res chain seq x y z
N GLU A 570 -15.37 99.43 -6.34
CA GLU A 570 -16.38 98.39 -6.33
C GLU A 570 -16.85 98.09 -7.74
N LEU A 571 -16.30 97.02 -8.33
CA LEU A 571 -16.70 96.63 -9.68
C LEU A 571 -18.12 96.14 -9.66
N VAL A 572 -18.54 95.51 -8.57
CA VAL A 572 -19.88 94.97 -8.46
C VAL A 572 -20.96 96.03 -8.54
N LYS A 573 -20.64 97.27 -8.20
CA LYS A 573 -21.61 98.35 -8.34
C LYS A 573 -22.05 98.48 -9.79
N GLY A 574 -21.08 98.59 -10.70
CA GLY A 574 -21.39 98.69 -12.11
C GLY A 574 -21.86 97.37 -12.69
N VAL A 575 -21.42 96.27 -12.09
CA VAL A 575 -21.86 94.95 -12.54
C VAL A 575 -23.35 94.80 -12.27
N TYR A 576 -23.81 95.27 -11.12
CA TYR A 576 -25.22 95.15 -10.77
C TYR A 576 -26.06 96.24 -11.41
N ALA A 577 -25.40 97.28 -11.90
CA ALA A 577 -26.12 98.32 -12.62
C ALA A 577 -26.36 97.79 -14.01
N LYS A 578 -25.53 96.84 -14.43
CA LYS A 578 -25.70 96.20 -15.72
C LYS A 578 -26.59 95.00 -15.54
N TYR A 579 -26.54 94.38 -14.37
CA TYR A 579 -27.35 93.20 -14.11
C TYR A 579 -28.79 93.55 -13.82
N TRP A 580 -29.60 93.58 -14.87
CA TRP A 580 -31.02 93.85 -14.69
C TRP A 580 -31.81 93.05 -15.69
N ILE A 581 -31.22 92.76 -16.85
CA ILE A 581 -31.90 91.97 -17.88
C ILE A 581 -32.10 90.55 -17.39
N TYR A 582 -31.05 89.94 -16.88
CA TYR A 582 -31.13 88.57 -16.39
C TYR A 582 -31.86 88.55 -15.05
N VAL A 583 -31.74 89.63 -14.29
CA VAL A 583 -32.45 89.72 -13.03
C VAL A 583 -33.94 89.72 -13.30
N CYS A 584 -34.35 90.44 -14.34
CA CYS A 584 -35.76 90.48 -14.72
C CYS A 584 -36.19 89.13 -15.26
N ALA A 585 -35.34 88.49 -16.04
CA ALA A 585 -35.67 87.19 -16.62
C ALA A 585 -36.11 86.18 -15.55
N GLY A 586 -35.39 86.11 -14.45
CA GLY A 586 -35.76 85.21 -13.37
C GLY A 586 -37.09 85.57 -12.72
N MET A 587 -37.38 86.86 -12.64
CA MET A 587 -38.64 87.31 -12.07
C MET A 587 -39.78 87.08 -13.04
N PHE A 588 -39.47 87.02 -14.32
CA PHE A 588 -40.49 86.78 -15.32
C PHE A 588 -40.69 85.29 -15.42
N ILE A 589 -39.76 84.53 -14.86
CA ILE A 589 -39.90 83.09 -14.83
C ILE A 589 -40.87 82.76 -13.71
N VAL A 590 -40.87 83.56 -12.65
CA VAL A 590 -41.85 83.34 -11.60
C VAL A 590 -43.16 84.03 -11.95
N VAL A 591 -43.14 84.95 -12.93
CA VAL A 591 -44.38 85.56 -13.40
C VAL A 591 -45.00 84.51 -14.30
N SER A 592 -44.15 83.68 -14.91
CA SER A 592 -44.63 82.60 -15.74
C SER A 592 -45.22 81.54 -14.85
N PHE A 593 -46.18 80.77 -15.36
CA PHE A 593 -46.87 79.73 -14.57
C PHE A 593 -47.55 80.34 -13.35
N ALA A 594 -48.00 81.59 -13.48
CA ALA A 594 -48.66 82.29 -12.39
C ALA A 594 -49.45 83.41 -13.03
N GLY A 595 -50.32 84.05 -12.26
CA GLY A 595 -51.16 85.11 -12.81
C GLY A 595 -51.91 84.61 -14.02
N ARG A 596 -51.63 85.19 -15.18
CA ARG A 596 -52.27 84.72 -16.39
C ARG A 596 -51.36 83.74 -17.13
N LEU A 597 -51.83 82.51 -17.32
CA LEU A 597 -51.06 81.52 -18.05
C LEU A 597 -50.66 82.04 -19.43
N VAL A 598 -51.56 82.75 -20.08
CA VAL A 598 -51.23 83.33 -21.37
C VAL A 598 -50.57 84.69 -21.22
N VAL A 599 -51.36 85.75 -21.13
CA VAL A 599 -50.84 87.13 -21.03
C VAL A 599 -49.52 87.33 -20.28
N TYR A 600 -49.49 87.00 -18.99
CA TYR A 600 -48.28 87.24 -18.18
C TYR A 600 -47.03 86.75 -18.85
N LYS A 601 -47.01 85.46 -19.20
CA LYS A 601 -45.84 84.88 -19.84
C LYS A 601 -45.31 85.69 -21.01
N ILE A 602 -46.17 86.01 -21.97
CA ILE A 602 -45.75 86.81 -23.12
C ILE A 602 -45.33 88.19 -22.72
N VAL A 603 -46.29 89.00 -22.26
CA VAL A 603 -46.00 90.38 -21.89
C VAL A 603 -44.69 90.57 -21.14
N TYR A 604 -44.45 89.77 -20.12
CA TYR A 604 -43.23 89.95 -19.34
C TYR A 604 -42.07 89.21 -19.95
N MET A 605 -42.03 87.89 -19.82
CA MET A 605 -40.89 87.12 -20.30
C MET A 605 -40.63 87.15 -21.80
N PHE A 606 -41.63 86.81 -22.60
CA PHE A 606 -41.38 86.70 -24.04
C PHE A 606 -41.39 88.00 -24.83
N LEU A 607 -41.80 89.10 -24.21
CA LEU A 607 -41.72 90.38 -24.91
C LEU A 607 -40.39 90.99 -24.55
N PHE A 608 -39.80 90.53 -23.46
CA PHE A 608 -38.48 90.99 -23.10
C PHE A 608 -37.56 90.15 -23.97
N LEU A 609 -37.97 88.93 -24.26
CA LEU A 609 -37.18 88.07 -25.15
C LEU A 609 -37.35 88.53 -26.58
N LEU A 610 -38.45 89.20 -26.89
CA LEU A 610 -38.65 89.74 -28.23
C LEU A 610 -37.97 91.09 -28.35
N CYS A 611 -37.71 91.74 -27.22
CA CYS A 611 -36.98 93.00 -27.25
C CYS A 611 -35.52 92.65 -27.41
N LEU A 612 -35.15 91.47 -26.93
CA LEU A 612 -33.79 91.01 -27.12
C LEU A 612 -33.65 90.87 -28.61
N THR A 613 -34.59 90.15 -29.23
CA THR A 613 -34.57 89.98 -30.69
C THR A 613 -34.55 91.30 -31.42
N LEU A 614 -35.29 92.29 -30.95
CA LEU A 614 -35.29 93.60 -31.59
C LEU A 614 -33.87 94.13 -31.75
N PHE A 615 -33.12 94.22 -30.66
CA PHE A 615 -31.79 94.79 -30.80
C PHE A 615 -30.85 93.91 -31.61
N GLN A 616 -31.11 92.60 -31.64
CA GLN A 616 -30.29 91.69 -32.41
C GLN A 616 -30.60 91.86 -33.88
N VAL A 617 -31.87 92.12 -34.21
CA VAL A 617 -32.28 92.24 -35.61
C VAL A 617 -31.86 93.57 -36.23
N TYR A 618 -31.40 94.50 -35.41
CA TYR A 618 -30.90 95.75 -35.96
C TYR A 618 -29.50 95.51 -36.46
N TYR A 619 -28.83 94.47 -35.94
CA TYR A 619 -27.44 94.13 -36.34
C TYR A 619 -26.48 95.29 -36.19
N SER A 620 -26.76 96.20 -35.27
CA SER A 620 -25.92 97.37 -35.07
C SER A 620 -26.27 97.96 -33.73
N LEU A 621 -27.44 97.62 -33.22
CA LEU A 621 -27.88 98.20 -31.96
C LEU A 621 -27.98 97.18 -30.86
N TRP A 622 -27.10 96.19 -30.87
CA TRP A 622 -27.10 95.17 -29.83
C TRP A 622 -26.95 95.83 -28.48
N ARG A 623 -27.89 95.57 -27.56
CA ARG A 623 -27.88 96.20 -26.23
C ARG A 623 -27.79 97.71 -26.28
N LYS A 624 -28.48 98.32 -27.24
CA LYS A 624 -28.47 99.77 -27.35
C LYS A 624 -29.90 100.24 -27.49
N LEU A 625 -30.78 99.36 -27.95
CA LEU A 625 -32.18 99.72 -28.05
C LEU A 625 -32.69 100.08 -26.66
N LEU A 626 -33.11 101.31 -26.48
CA LEU A 626 -33.56 101.74 -25.16
C LEU A 626 -34.98 102.26 -25.23
N LYS A 627 -35.41 102.67 -26.42
CA LYS A 627 -36.76 103.19 -26.59
C LYS A 627 -37.80 102.15 -26.21
N ALA A 628 -37.78 101.01 -26.89
CA ALA A 628 -38.71 99.95 -26.57
C ALA A 628 -38.42 99.36 -25.20
N PHE A 629 -37.13 99.22 -24.87
CA PHE A 629 -36.75 98.70 -23.56
C PHE A 629 -37.15 99.66 -22.46
N TRP A 630 -37.27 100.94 -22.81
CA TRP A 630 -37.72 101.92 -21.83
C TRP A 630 -39.20 101.72 -21.56
N TRP A 631 -39.97 101.58 -22.63
CA TRP A 631 -41.41 101.42 -22.47
C TRP A 631 -41.81 100.02 -22.04
N LEU A 632 -40.86 99.09 -22.00
CA LEU A 632 -41.17 97.75 -21.49
C LEU A 632 -41.49 97.96 -20.04
N VAL A 633 -40.65 98.73 -19.35
CA VAL A 633 -40.90 99.02 -17.96
C VAL A 633 -42.23 99.72 -17.80
N VAL A 634 -42.49 100.76 -18.59
CA VAL A 634 -43.74 101.51 -18.47
C VAL A 634 -44.96 100.61 -18.67
N ALA A 635 -44.89 99.67 -19.60
CA ALA A 635 -45.98 98.71 -19.80
C ALA A 635 -46.19 97.89 -18.53
N TYR A 636 -45.10 97.41 -17.95
CA TYR A 636 -45.19 96.61 -16.72
C TYR A 636 -45.71 97.42 -15.53
N THR A 637 -45.31 98.68 -15.42
CA THR A 637 -45.83 99.52 -14.34
C THR A 637 -47.33 99.66 -14.49
N MET A 638 -47.79 99.89 -15.72
CA MET A 638 -49.21 100.05 -15.97
C MET A 638 -49.96 98.82 -15.49
N LEU A 639 -49.49 97.64 -15.88
CA LEU A 639 -50.11 96.40 -15.44
C LEU A 639 -50.25 96.34 -13.93
N VAL A 640 -49.18 96.63 -13.23
CA VAL A 640 -49.20 96.60 -11.77
C VAL A 640 -50.18 97.62 -11.19
N LEU A 641 -50.15 98.84 -11.71
CA LEU A 641 -51.07 99.88 -11.25
C LEU A 641 -52.52 99.46 -11.41
N ILE A 642 -52.85 98.85 -12.54
CA ILE A 642 -54.21 98.39 -12.78
C ILE A 642 -54.56 97.25 -11.82
N ALA A 643 -53.74 96.22 -11.79
CA ALA A 643 -54.06 95.06 -10.95
C ALA A 643 -52.92 94.63 -10.04
N VAL A 644 -52.00 93.85 -10.58
CA VAL A 644 -50.91 93.31 -9.76
C VAL A 644 -50.05 94.37 -9.08
N SER A 678 -55.50 86.50 0.10
CA SER A 678 -54.31 85.85 -0.40
C SER A 678 -53.95 86.36 -1.78
N GLU A 679 -54.96 86.35 -2.65
CA GLU A 679 -54.76 86.69 -4.05
C GLU A 679 -54.66 88.14 -4.39
N LEU A 680 -55.39 89.01 -3.73
CA LEU A 680 -55.18 90.43 -4.01
C LEU A 680 -53.75 90.61 -3.60
N PHE A 681 -53.47 90.30 -2.34
CA PHE A 681 -52.12 90.39 -1.84
C PHE A 681 -51.15 89.62 -2.72
N SER A 682 -51.52 88.43 -3.21
CA SER A 682 -50.58 87.63 -3.97
C SER A 682 -50.19 88.46 -5.13
N SER A 683 -51.15 88.76 -6.00
CA SER A 683 -50.90 89.58 -7.15
C SER A 683 -49.94 90.70 -6.78
N ILE A 684 -50.35 91.54 -5.83
CA ILE A 684 -49.52 92.68 -5.49
C ILE A 684 -48.09 92.23 -5.28
N LEU A 685 -47.83 91.58 -4.14
CA LEU A 685 -46.47 91.15 -3.83
C LEU A 685 -45.73 90.62 -5.03
N VAL A 686 -46.30 89.61 -5.68
CA VAL A 686 -45.60 88.98 -6.78
C VAL A 686 -45.17 89.97 -7.86
N PRO A 687 -46.13 90.60 -8.58
CA PRO A 687 -45.53 91.54 -9.54
C PRO A 687 -44.84 92.82 -9.07
N GLY A 688 -44.98 93.21 -7.80
CA GLY A 688 -44.25 94.35 -7.29
C GLY A 688 -42.84 93.83 -7.35
N PHE A 689 -42.60 92.67 -6.75
CA PHE A 689 -41.30 92.04 -6.84
C PHE A 689 -40.62 92.17 -8.20
N PHE A 690 -41.37 92.16 -9.31
CA PHE A 690 -40.61 92.32 -10.54
C PHE A 690 -40.67 93.77 -10.96
N LEU A 691 -41.77 94.45 -10.62
CA LEU A 691 -41.89 95.86 -10.93
C LEU A 691 -40.90 96.67 -10.14
N LEU A 692 -40.60 96.24 -8.91
CA LEU A 692 -39.58 96.94 -8.14
C LEU A 692 -38.31 97.02 -8.96
N ALA A 693 -37.80 95.87 -9.40
CA ALA A 693 -36.59 95.85 -10.21
C ALA A 693 -36.73 96.67 -11.49
N CYS A 694 -37.85 96.52 -12.19
CA CYS A 694 -38.07 97.23 -13.45
C CYS A 694 -38.07 98.74 -13.28
N ILE A 695 -38.82 99.23 -12.30
CA ILE A 695 -38.91 100.66 -12.05
C ILE A 695 -37.55 101.20 -11.60
N LEU A 696 -36.71 100.36 -11.00
CA LEU A 696 -35.39 100.79 -10.59
C LEU A 696 -34.51 101.09 -11.79
N GLN A 697 -34.62 100.30 -12.85
CA GLN A 697 -33.87 100.62 -14.07
C GLN A 697 -34.33 101.95 -14.62
N LEU A 698 -35.64 102.16 -14.66
CA LEU A 698 -36.18 103.41 -15.19
C LEU A 698 -35.72 104.60 -14.35
N HIS A 699 -35.58 104.40 -13.05
CA HIS A 699 -35.09 105.47 -12.18
C HIS A 699 -33.64 105.76 -12.46
N TYR A 700 -32.79 104.74 -12.33
CA TYR A 700 -31.35 104.94 -12.51
C TYR A 700 -30.64 103.77 -13.16
N PHE A 701 -29.44 104.01 -13.67
CA PHE A 701 -28.63 102.96 -14.31
C PHE A 701 -29.35 102.11 -15.35
N HIS A 702 -30.02 102.73 -16.29
CA HIS A 702 -30.63 101.98 -17.37
C HIS A 702 -29.51 101.81 -18.38
N ARG A 703 -28.58 102.76 -18.37
CA ARG A 703 -27.45 102.74 -19.31
C ARG A 703 -26.51 101.53 -19.37
N PRO A 704 -25.91 101.11 -18.23
CA PRO A 704 -24.91 100.03 -18.34
C PRO A 704 -25.29 98.84 -19.22
N PHE A 705 -26.53 98.35 -19.12
CA PHE A 705 -26.96 97.27 -19.99
C PHE A 705 -27.52 97.74 -21.33
N MET A 706 -28.14 98.92 -21.36
CA MET A 706 -28.81 99.38 -22.59
C MET A 706 -28.21 100.58 -23.33
N GLN A 707 -27.41 101.40 -22.66
CA GLN A 707 -26.78 102.56 -23.31
C GLN A 707 -25.30 102.70 -22.96
N LEU A 708 -24.66 101.61 -22.52
CA LEU A 708 -23.23 101.65 -22.22
C LEU A 708 -22.53 100.53 -22.95
N THR A 709 -23.03 99.31 -22.81
CA THR A 709 -22.46 98.19 -23.54
C THR A 709 -22.97 98.33 -24.95
N ASP A 710 -22.29 99.13 -25.76
CA ASP A 710 -22.79 99.40 -27.11
C ASP A 710 -21.88 98.95 -28.23
N MET A 711 -22.29 99.23 -29.46
CA MET A 711 -21.50 98.84 -30.62
C MET A 711 -20.94 100.07 -31.29
N GLU A 712 -21.72 101.14 -31.35
CA GLU A 712 -21.29 102.38 -32.01
C GLU A 712 -20.60 102.13 -33.36
N LEU A 789 -4.41 87.16 -11.00
CA LEU A 789 -3.62 86.79 -9.83
C LEU A 789 -2.20 86.40 -10.23
N GLU A 790 -2.02 85.14 -10.64
CA GLU A 790 -0.69 84.67 -11.03
C GLU A 790 -0.70 83.89 -12.33
N LEU A 791 0.20 82.92 -12.46
CA LEU A 791 0.30 82.16 -13.72
C LEU A 791 -0.93 81.32 -14.02
N ALA A 792 -1.40 80.55 -13.05
CA ALA A 792 -2.58 79.70 -13.27
C ALA A 792 -3.79 80.52 -13.67
N ALA A 793 -4.03 81.62 -12.97
CA ALA A 793 -5.14 82.49 -13.32
C ALA A 793 -4.94 83.07 -14.71
N GLY A 794 -3.70 83.40 -15.05
CA GLY A 794 -3.41 83.90 -16.38
C GLY A 794 -3.82 82.91 -17.44
N PHE A 795 -3.48 81.64 -17.24
CA PHE A 795 -3.87 80.60 -18.20
C PHE A 795 -5.39 80.53 -18.26
N SER A 796 -6.04 80.55 -17.10
CA SER A 796 -7.49 80.48 -17.06
C SER A 796 -8.18 81.53 -17.92
N ASP A 797 -7.78 82.80 -17.79
CA ASP A 797 -8.48 83.84 -18.55
C ASP A 797 -8.20 83.73 -20.05
N VAL A 798 -7.01 83.28 -20.42
CA VAL A 798 -6.70 83.08 -21.82
C VAL A 798 -7.67 82.04 -22.36
N LEU A 799 -7.77 80.92 -21.65
CA LEU A 799 -8.68 79.86 -22.06
C LEU A 799 -10.10 80.39 -22.16
N SER A 800 -10.56 81.21 -21.24
CA SER A 800 -11.90 81.76 -21.40
C SER A 800 -12.00 82.38 -22.79
N ARG A 801 -11.11 83.32 -23.09
CA ARG A 801 -11.20 84.00 -24.37
C ARG A 801 -11.02 83.13 -25.63
N VAL A 802 -10.18 82.10 -25.64
CA VAL A 802 -10.08 81.23 -26.83
C VAL A 802 -11.41 80.52 -27.10
N GLN A 803 -12.01 80.04 -26.02
CA GLN A 803 -13.29 79.38 -26.15
C GLN A 803 -14.26 80.39 -26.73
N VAL A 804 -14.29 81.59 -26.16
CA VAL A 804 -15.30 82.53 -26.65
C VAL A 804 -15.02 82.88 -28.11
N PHE A 805 -13.76 82.87 -28.51
CA PHE A 805 -13.44 83.12 -29.92
C PHE A 805 -14.09 82.06 -30.78
N LEU A 806 -14.08 80.82 -30.30
CA LEU A 806 -14.74 79.74 -31.03
C LEU A 806 -16.23 79.88 -30.90
N ARG A 807 -16.68 80.54 -29.84
CA ARG A 807 -18.11 80.77 -29.67
C ARG A 807 -18.57 81.84 -30.63
N ARG A 808 -17.70 82.78 -30.93
CA ARG A 808 -18.04 83.82 -31.89
C ARG A 808 -17.71 83.33 -33.28
N LEU A 809 -17.14 82.13 -33.37
CA LEU A 809 -16.86 81.55 -34.68
C LEU A 809 -18.07 80.77 -35.11
N LEU A 810 -18.08 80.28 -36.34
CA LEU A 810 -19.20 79.49 -36.83
C LEU A 810 -19.38 78.22 -36.00
N GLU A 811 -18.32 77.78 -35.34
CA GLU A 811 -18.40 76.61 -34.49
C GLU A 811 -19.59 76.70 -33.55
N LEU A 812 -19.75 77.85 -32.91
CA LEU A 812 -20.90 78.03 -32.04
C LEU A 812 -21.99 78.84 -32.71
N HIS A 813 -21.64 79.86 -33.48
CA HIS A 813 -22.70 80.72 -34.05
C HIS A 813 -23.85 79.95 -34.66
N VAL A 814 -23.61 78.74 -35.08
CA VAL A 814 -24.57 78.01 -35.90
C VAL A 814 -24.71 76.55 -35.53
N PHE A 815 -23.61 75.78 -35.64
CA PHE A 815 -23.70 74.34 -35.41
C PHE A 815 -24.45 73.94 -34.16
N LYS A 816 -23.98 74.39 -33.00
CA LYS A 816 -24.62 74.02 -31.73
C LYS A 816 -26.07 74.45 -31.66
N LEU A 817 -26.38 75.62 -32.19
CA LEU A 817 -27.74 76.10 -32.18
C LEU A 817 -28.66 75.17 -32.94
N VAL A 818 -28.31 74.88 -34.18
CA VAL A 818 -29.17 74.04 -35.00
C VAL A 818 -29.21 72.61 -34.47
N ALA A 819 -28.15 72.14 -33.83
CA ALA A 819 -28.20 70.81 -33.23
C ALA A 819 -29.34 70.73 -32.25
N LEU A 820 -29.39 71.67 -31.32
CA LEU A 820 -30.44 71.66 -30.33
C LEU A 820 -31.79 71.92 -30.97
N TYR A 821 -31.82 72.72 -32.01
CA TYR A 821 -33.07 72.98 -32.71
C TYR A 821 -33.65 71.71 -33.28
N THR A 822 -32.85 70.94 -34.02
CA THR A 822 -33.34 69.71 -34.60
C THR A 822 -33.82 68.73 -33.53
N VAL A 823 -33.07 68.61 -32.44
CA VAL A 823 -33.49 67.74 -31.36
C VAL A 823 -34.84 68.17 -30.81
N TRP A 824 -35.03 69.46 -30.61
CA TRP A 824 -36.27 69.94 -30.01
C TRP A 824 -37.35 70.30 -31.01
N VAL A 825 -37.24 69.84 -32.25
CA VAL A 825 -38.28 70.07 -33.24
C VAL A 825 -38.63 68.74 -33.87
N ALA A 826 -37.65 68.10 -34.50
CA ALA A 826 -37.90 66.83 -35.17
C ALA A 826 -38.10 65.72 -34.17
N LEU A 827 -37.14 65.56 -33.26
CA LEU A 827 -37.24 64.49 -32.28
C LEU A 827 -38.21 64.84 -31.17
N LYS A 828 -38.63 66.09 -31.10
CA LYS A 828 -39.62 66.47 -30.10
C LYS A 828 -40.96 66.77 -30.75
N GLU A 829 -41.62 67.83 -30.31
CA GLU A 829 -42.93 68.19 -30.85
C GLU A 829 -42.86 68.42 -32.34
N VAL A 830 -43.45 67.51 -33.11
CA VAL A 830 -43.38 67.63 -34.55
C VAL A 830 -44.53 68.43 -35.12
N SER A 831 -44.84 68.20 -36.39
CA SER A 831 -45.98 68.86 -37.06
C SER A 831 -45.95 70.38 -37.31
N VAL A 832 -46.08 71.21 -36.28
CA VAL A 832 -46.15 72.65 -36.51
C VAL A 832 -44.86 73.40 -36.21
N MET A 833 -43.84 72.68 -35.76
CA MET A 833 -42.55 73.32 -35.51
C MET A 833 -41.68 73.25 -36.76
N ASN A 834 -42.29 72.94 -37.89
CA ASN A 834 -41.55 72.91 -39.15
C ASN A 834 -41.07 74.30 -39.53
N LEU A 835 -41.77 75.32 -39.06
CA LEU A 835 -41.38 76.69 -39.35
C LEU A 835 -40.14 77.06 -38.55
N LEU A 836 -39.82 76.26 -37.54
CA LEU A 836 -38.65 76.53 -36.73
C LEU A 836 -37.48 75.66 -37.14
N LEU A 837 -37.64 74.93 -38.25
CA LEU A 837 -36.58 74.05 -38.69
C LEU A 837 -36.49 73.83 -40.18
N VAL A 838 -37.39 73.06 -40.74
CA VAL A 838 -37.27 72.73 -42.16
C VAL A 838 -37.57 73.84 -43.17
N VAL A 839 -38.06 74.98 -42.70
CA VAL A 839 -38.24 76.10 -43.62
C VAL A 839 -37.20 77.14 -43.25
N LEU A 840 -36.60 76.97 -42.08
CA LEU A 840 -35.58 77.90 -41.64
C LEU A 840 -34.23 77.31 -41.91
N TRP A 841 -33.74 76.52 -40.98
CA TRP A 841 -32.40 75.95 -41.08
C TRP A 841 -32.12 75.04 -42.27
N ALA A 842 -33.14 74.43 -42.85
CA ALA A 842 -32.92 73.61 -44.03
C ALA A 842 -32.56 74.43 -45.25
N PHE A 843 -32.74 75.74 -45.20
CA PHE A 843 -32.36 76.59 -46.30
C PHE A 843 -31.28 77.56 -45.85
N ALA A 844 -31.20 77.79 -44.54
CA ALA A 844 -30.20 78.71 -44.01
C ALA A 844 -28.84 78.04 -43.94
N LEU A 845 -28.82 76.74 -43.69
CA LEU A 845 -27.55 76.04 -43.68
C LEU A 845 -26.86 76.10 -45.06
N PRO A 846 -27.52 75.65 -46.15
CA PRO A 846 -26.79 75.78 -47.42
C PRO A 846 -26.41 77.21 -47.75
N TYR A 847 -27.36 78.14 -47.69
CA TYR A 847 -27.08 79.52 -48.05
C TYR A 847 -26.95 80.34 -46.79
N PRO A 848 -25.71 80.62 -46.36
CA PRO A 848 -25.51 81.33 -45.10
C PRO A 848 -25.77 82.83 -45.14
N ARG A 849 -26.26 83.35 -46.26
CA ARG A 849 -26.59 84.75 -46.35
C ARG A 849 -27.62 85.10 -45.29
N PHE A 850 -28.62 84.25 -45.16
CA PHE A 850 -29.67 84.52 -44.18
C PHE A 850 -29.54 83.65 -42.94
N ARG A 851 -28.33 83.23 -42.60
CA ARG A 851 -28.15 82.49 -41.35
C ARG A 851 -28.51 83.32 -40.11
N PRO A 852 -28.05 84.61 -39.98
CA PRO A 852 -28.51 85.31 -38.75
C PRO A 852 -29.98 85.75 -38.78
N MET A 853 -30.45 86.07 -39.97
CA MET A 853 -31.85 86.48 -40.12
C MET A 853 -32.69 85.29 -39.70
N ALA A 854 -32.32 84.11 -40.17
CA ALA A 854 -33.04 82.91 -39.79
C ALA A 854 -33.10 82.78 -38.28
N SER A 855 -31.97 82.92 -37.59
CA SER A 855 -31.95 82.87 -36.12
C SER A 855 -32.90 83.87 -35.44
N CYS A 856 -32.89 85.12 -35.89
CA CYS A 856 -33.83 86.08 -35.30
C CYS A 856 -35.30 85.66 -35.53
N LEU A 857 -35.59 85.23 -36.76
CA LEU A 857 -36.95 84.83 -37.07
C LEU A 857 -37.32 83.66 -36.20
N SER A 858 -36.36 82.78 -35.91
CA SER A 858 -36.57 81.61 -35.08
C SER A 858 -36.94 82.01 -33.68
N THR A 859 -36.16 82.93 -33.10
CA THR A 859 -36.56 83.43 -31.79
C THR A 859 -38.01 83.85 -31.89
N VAL A 860 -38.32 84.75 -32.83
CA VAL A 860 -39.69 85.26 -32.90
C VAL A 860 -40.74 84.15 -32.96
N TRP A 861 -40.53 83.16 -33.81
CA TRP A 861 -41.49 82.11 -34.01
C TRP A 861 -41.66 81.18 -32.84
N THR A 862 -40.60 80.85 -32.12
CA THR A 862 -40.87 79.99 -30.96
C THR A 862 -41.48 80.81 -29.86
N CYS A 863 -41.21 82.11 -29.83
CA CYS A 863 -41.90 82.94 -28.86
C CYS A 863 -43.39 82.77 -29.19
N VAL A 864 -43.74 82.93 -30.47
CA VAL A 864 -45.14 82.76 -30.89
C VAL A 864 -45.69 81.39 -30.50
N ILE A 865 -44.91 80.34 -30.67
CA ILE A 865 -45.33 78.98 -30.34
C ILE A 865 -45.64 78.84 -28.86
N ILE A 866 -44.76 79.33 -27.98
CA ILE A 866 -45.11 79.28 -26.57
C ILE A 866 -46.35 80.12 -26.27
N VAL A 867 -46.48 81.31 -26.86
CA VAL A 867 -47.70 82.09 -26.69
C VAL A 867 -48.93 81.24 -26.99
N CYS A 868 -48.90 80.56 -28.12
CA CYS A 868 -50.03 79.73 -28.51
C CYS A 868 -50.29 78.58 -27.55
N LYS A 869 -49.26 77.84 -27.17
CA LYS A 869 -49.48 76.67 -26.33
C LYS A 869 -49.80 77.07 -24.89
N MET A 870 -49.74 78.36 -24.62
CA MET A 870 -49.97 78.84 -23.27
C MET A 870 -51.39 78.46 -22.89
N LEU A 871 -52.34 78.74 -23.77
CA LEU A 871 -53.72 78.36 -23.52
C LEU A 871 -53.96 76.92 -23.92
N TYR A 872 -53.03 76.01 -23.60
CA TYR A 872 -53.15 74.59 -23.94
C TYR A 872 -53.99 74.28 -25.17
N GLN A 873 -55.01 73.45 -25.03
CA GLN A 873 -55.92 73.13 -26.13
C GLN A 873 -57.21 72.53 -25.60
N LEU A 874 -57.28 72.32 -24.29
CA LEU A 874 -58.45 71.69 -23.69
C LEU A 874 -59.69 72.59 -23.51
N LYS A 875 -59.70 73.82 -24.03
CA LYS A 875 -60.90 74.62 -23.91
C LYS A 875 -61.94 74.11 -24.88
N VAL A 876 -63.08 73.62 -24.36
CA VAL A 876 -64.17 73.08 -25.20
C VAL A 876 -63.70 72.36 -26.47
N VAL A 877 -63.00 71.25 -26.29
CA VAL A 877 -62.52 70.52 -27.45
C VAL A 877 -63.66 69.84 -28.17
N ASN A 878 -63.83 70.13 -29.45
CA ASN A 878 -64.86 69.46 -30.23
C ASN A 878 -64.21 68.79 -31.43
N PRO A 879 -63.62 67.61 -31.22
CA PRO A 879 -62.90 66.95 -32.31
C PRO A 879 -63.84 66.13 -33.18
N ASN A 915 -57.34 73.55 -40.00
CA ASN A 915 -57.78 72.74 -38.87
C ASN A 915 -56.80 71.61 -38.59
N TRP A 916 -56.54 70.80 -39.60
CA TRP A 916 -55.64 69.68 -39.41
C TRP A 916 -54.24 70.02 -39.85
N PHE A 917 -53.29 69.94 -38.91
CA PHE A 917 -51.90 70.19 -39.24
C PHE A 917 -51.13 69.24 -38.39
N GLY A 918 -51.65 68.03 -38.21
CA GLY A 918 -51.00 67.10 -37.32
C GLY A 918 -51.23 67.59 -35.91
N VAL A 919 -52.46 67.94 -35.57
CA VAL A 919 -52.75 68.48 -34.25
C VAL A 919 -52.39 67.52 -33.12
N ARG A 920 -51.34 67.84 -32.38
CA ARG A 920 -50.94 67.00 -31.27
C ARG A 920 -51.61 67.51 -30.02
N LYS A 921 -51.97 68.80 -30.00
CA LYS A 921 -52.63 69.44 -28.83
C LYS A 921 -51.75 69.60 -27.58
N GLY A 922 -51.69 70.82 -27.05
CA GLY A 922 -50.88 71.07 -25.87
C GLY A 922 -51.53 70.68 -24.57
N PHE A 923 -51.69 69.39 -24.34
CA PHE A 923 -52.35 68.94 -23.12
C PHE A 923 -51.55 69.12 -21.83
N PRO A 924 -50.28 68.68 -21.79
CA PRO A 924 -49.57 68.94 -20.52
C PRO A 924 -49.37 70.42 -20.27
N ASN A 925 -49.09 70.80 -19.04
CA ASN A 925 -48.73 72.20 -18.81
C ASN A 925 -47.21 72.30 -18.81
N LEU A 926 -46.60 71.99 -17.66
CA LEU A 926 -45.14 72.07 -17.53
C LEU A 926 -44.38 71.35 -18.63
N GLY A 927 -44.53 70.04 -18.73
CA GLY A 927 -43.80 69.27 -19.73
C GLY A 927 -43.93 69.83 -21.13
N TYR A 928 -45.14 70.27 -21.49
CA TYR A 928 -45.37 70.81 -22.83
C TYR A 928 -44.64 72.12 -23.06
N ILE A 929 -44.75 73.07 -22.14
CA ILE A 929 -43.96 74.30 -22.32
C ILE A 929 -42.45 74.08 -22.16
N GLN A 930 -42.05 72.92 -21.65
CA GLN A 930 -40.63 72.66 -21.37
C GLN A 930 -39.50 72.49 -22.40
N ASN A 931 -39.75 72.58 -23.71
CA ASN A 931 -38.58 72.53 -24.60
C ASN A 931 -38.38 73.72 -25.54
N HIS A 932 -39.47 74.30 -26.03
CA HIS A 932 -39.36 75.41 -26.97
C HIS A 932 -38.62 76.54 -26.28
N LEU A 933 -38.87 76.73 -25.00
CA LEU A 933 -38.19 77.78 -24.24
C LEU A 933 -36.71 77.46 -24.13
N GLN A 934 -36.35 76.20 -24.08
CA GLN A 934 -34.94 75.86 -24.02
C GLN A 934 -34.16 76.37 -25.25
N VAL A 935 -34.71 76.23 -26.45
CA VAL A 935 -34.04 76.74 -27.64
C VAL A 935 -34.13 78.26 -27.74
N LEU A 936 -35.17 78.84 -27.17
CA LEU A 936 -35.29 80.29 -27.15
C LEU A 936 -34.14 80.83 -26.34
N LEU A 937 -33.90 80.22 -25.19
CA LEU A 937 -32.80 80.64 -24.35
C LEU A 937 -31.46 80.38 -25.03
N LEU A 938 -31.35 79.28 -25.76
CA LEU A 938 -30.11 78.98 -26.47
C LEU A 938 -29.78 80.04 -27.51
N LEU A 939 -30.79 80.53 -28.23
CA LEU A 939 -30.55 81.60 -29.18
C LEU A 939 -30.00 82.78 -28.41
N VAL A 940 -30.67 83.14 -27.33
CA VAL A 940 -30.22 84.25 -26.51
C VAL A 940 -28.77 84.07 -26.08
N PHE A 941 -28.40 82.88 -25.62
CA PHE A 941 -27.04 82.64 -25.15
C PHE A 941 -26.02 82.82 -26.26
N GLU A 942 -26.33 82.31 -27.43
CA GLU A 942 -25.44 82.48 -28.56
C GLU A 942 -25.30 83.94 -28.92
N ALA A 943 -26.42 84.65 -28.95
CA ALA A 943 -26.38 86.08 -29.22
C ALA A 943 -25.53 86.81 -28.19
N ILE A 944 -25.68 86.46 -26.91
CA ILE A 944 -24.86 87.06 -25.86
C ILE A 944 -23.38 86.91 -26.17
N VAL A 945 -22.93 85.68 -26.40
CA VAL A 945 -21.50 85.47 -26.63
C VAL A 945 -21.05 86.13 -27.94
N TYR A 946 -21.97 86.29 -28.88
CA TYR A 946 -21.62 86.97 -30.12
C TYR A 946 -21.42 88.44 -29.88
N ARG A 947 -22.42 89.11 -29.33
CA ARG A 947 -22.33 90.54 -29.09
C ARG A 947 -21.24 90.89 -28.09
N ARG A 948 -20.91 89.96 -27.20
CA ARG A 948 -19.82 90.20 -26.26
C ARG A 948 -18.56 90.43 -27.03
N GLN A 949 -18.18 89.48 -27.88
CA GLN A 949 -16.96 89.63 -28.64
C GLN A 949 -17.11 90.56 -29.83
N GLU A 950 -18.33 90.95 -30.16
CA GLU A 950 -18.52 91.91 -31.23
C GLU A 950 -18.02 93.25 -30.69
N HIS A 951 -18.37 93.56 -29.45
CA HIS A 951 -17.87 94.79 -28.85
C HIS A 951 -16.46 94.65 -28.30
N TYR A 952 -16.00 93.41 -28.12
CA TYR A 952 -14.61 93.21 -27.69
C TYR A 952 -13.70 93.43 -28.87
N ARG A 953 -14.24 93.31 -30.08
CA ARG A 953 -13.46 93.58 -31.27
C ARG A 953 -13.68 95.01 -31.71
N ARG A 954 -14.86 95.56 -31.41
CA ARG A 954 -15.13 96.95 -31.75
C ARG A 954 -14.22 97.81 -30.90
N GLN A 955 -14.26 97.61 -29.60
CA GLN A 955 -13.37 98.35 -28.72
C GLN A 955 -12.36 97.38 -28.18
N HIS A 956 -12.07 97.44 -26.88
CA HIS A 956 -11.13 96.50 -26.24
C HIS A 956 -10.07 95.87 -27.14
N GLY A 970 -0.82 77.95 -37.92
CA GLY A 970 -0.16 78.60 -39.04
C GLY A 970 -0.37 77.82 -40.33
N THR A 971 -0.90 78.48 -41.34
CA THR A 971 -1.19 77.81 -42.62
C THR A 971 0.02 77.19 -43.28
N ARG A 972 0.24 75.88 -43.09
CA ARG A 972 1.36 75.17 -43.69
C ARG A 972 2.78 75.57 -43.26
N GLN A 973 2.91 76.61 -42.46
CA GLN A 973 4.23 77.05 -42.00
C GLN A 973 4.48 76.43 -40.65
N GLN A 974 3.44 76.38 -39.82
CA GLN A 974 3.59 75.75 -38.53
C GLN A 974 3.61 74.27 -38.72
N LEU A 975 2.98 73.80 -39.80
CA LEU A 975 2.96 72.37 -40.10
C LEU A 975 4.29 71.67 -39.90
N ASP A 976 5.31 72.09 -40.62
CA ASP A 976 6.60 71.40 -40.54
C ASP A 976 7.47 71.80 -39.35
N GLN A 977 6.93 72.58 -38.43
CA GLN A 977 7.69 72.97 -37.24
C GLN A 977 7.79 71.79 -36.30
N ASP A 978 6.71 71.51 -35.58
CA ASP A 978 6.70 70.38 -34.66
C ASP A 978 5.30 69.88 -34.40
N LEU A 979 5.12 69.18 -33.29
CA LEU A 979 3.81 68.61 -32.97
C LEU A 979 2.83 69.70 -32.67
N LEU A 980 3.25 70.72 -31.95
CA LEU A 980 2.38 71.85 -31.67
C LEU A 980 1.97 72.50 -32.97
N GLY A 981 2.90 72.65 -33.90
CA GLY A 981 2.58 73.22 -35.19
C GLY A 981 1.54 72.43 -35.94
N CYS A 982 1.71 71.12 -36.03
CA CYS A 982 0.73 70.27 -36.68
C CYS A 982 -0.63 70.45 -36.04
N LEU A 983 -0.67 70.36 -34.72
CA LEU A 983 -1.92 70.52 -33.99
C LEU A 983 -2.59 71.83 -34.35
N LYS A 984 -1.87 72.92 -34.18
CA LYS A 984 -2.43 74.23 -34.47
C LYS A 984 -3.01 74.29 -35.86
N TYR A 985 -2.24 73.88 -36.85
CA TYR A 985 -2.70 73.94 -38.23
C TYR A 985 -4.06 73.30 -38.37
N PHE A 986 -4.22 72.08 -37.87
CA PHE A 986 -5.48 71.35 -38.05
C PHE A 986 -6.63 71.81 -37.17
N ILE A 987 -6.33 72.44 -36.05
CA ILE A 987 -7.40 72.83 -35.14
C ILE A 987 -8.06 73.95 -35.93
N ASN A 988 -7.24 74.76 -36.60
CA ASN A 988 -7.77 75.86 -37.38
C ASN A 988 -8.27 75.45 -38.76
N PHE A 989 -7.68 74.42 -39.35
CA PHE A 989 -8.03 74.07 -40.72
C PHE A 989 -8.38 72.61 -40.95
N PHE A 990 -9.29 72.05 -40.15
CA PHE A 990 -9.72 70.68 -40.41
C PHE A 990 -10.67 70.65 -41.58
N PHE A 991 -11.92 71.05 -41.32
CA PHE A 991 -12.93 71.08 -42.36
C PHE A 991 -12.48 71.79 -43.62
N TYR A 992 -11.49 72.65 -43.50
CA TYR A 992 -10.96 73.31 -44.68
C TYR A 992 -10.59 72.28 -45.72
N LYS A 993 -9.87 71.24 -45.30
CA LYS A 993 -9.44 70.22 -46.24
C LYS A 993 -10.17 68.91 -46.08
N PHE A 994 -10.36 68.45 -44.84
CA PHE A 994 -10.98 67.15 -44.62
C PHE A 994 -12.48 67.12 -44.84
N GLY A 995 -13.13 68.27 -44.83
CA GLY A 995 -14.57 68.34 -44.97
C GLY A 995 -15.25 67.48 -46.02
N LEU A 996 -14.62 67.32 -47.19
CA LEU A 996 -15.22 66.54 -48.25
C LEU A 996 -15.22 65.08 -47.86
N GLU A 997 -14.09 64.60 -47.35
CA GLU A 997 -14.01 63.21 -46.90
C GLU A 997 -14.96 63.05 -45.74
N ILE A 998 -15.15 64.10 -44.97
CA ILE A 998 -16.06 64.06 -43.84
C ILE A 998 -17.48 63.82 -44.33
N CYS A 999 -17.96 64.70 -45.20
CA CYS A 999 -19.30 64.54 -45.75
C CYS A 999 -19.53 63.13 -46.31
N PHE A 1000 -18.56 62.61 -47.03
CA PHE A 1000 -18.69 61.26 -47.58
C PHE A 1000 -18.96 60.25 -46.47
N LEU A 1001 -18.27 60.41 -45.35
CA LEU A 1001 -18.46 59.49 -44.23
C LEU A 1001 -19.70 59.80 -43.44
N MET A 1002 -20.18 61.05 -43.52
CA MET A 1002 -21.43 61.38 -42.84
C MET A 1002 -22.59 60.79 -43.61
N ALA A 1003 -22.45 60.66 -44.92
CA ALA A 1003 -23.50 60.03 -45.71
C ALA A 1003 -23.59 58.55 -45.36
N VAL A 1004 -22.44 57.94 -45.11
CA VAL A 1004 -22.44 56.54 -44.69
C VAL A 1004 -23.11 56.42 -43.33
N ASN A 1005 -22.88 57.37 -42.45
CA ASN A 1005 -23.55 57.35 -41.15
C ASN A 1005 -25.06 57.34 -41.32
N VAL A 1006 -25.58 58.26 -42.13
CA VAL A 1006 -27.01 58.31 -42.38
C VAL A 1006 -27.50 56.97 -42.91
N ILE A 1007 -26.82 56.43 -43.92
CA ILE A 1007 -27.19 55.13 -44.48
C ILE A 1007 -27.31 54.07 -43.40
N GLY A 1008 -26.34 54.00 -42.49
CA GLY A 1008 -26.36 52.99 -41.45
C GLY A 1008 -27.37 53.17 -40.35
N GLN A 1009 -27.69 54.42 -40.03
CA GLN A 1009 -28.68 54.70 -39.00
C GLN A 1009 -30.04 54.91 -39.61
N ARG A 1010 -30.36 54.13 -40.64
CA ARG A 1010 -31.63 54.27 -41.31
C ARG A 1010 -31.94 52.98 -42.07
N MET A 1011 -31.12 52.66 -43.06
CA MET A 1011 -31.32 51.45 -43.87
C MET A 1011 -32.70 51.31 -44.48
N ASN A 1012 -33.30 52.42 -44.88
CA ASN A 1012 -34.63 52.41 -45.49
C ASN A 1012 -34.52 52.55 -46.98
N PHE A 1013 -35.59 53.02 -47.60
CA PHE A 1013 -35.53 53.27 -49.04
C PHE A 1013 -35.19 54.73 -49.22
N LEU A 1014 -35.47 55.53 -48.19
CA LEU A 1014 -35.18 56.94 -48.28
C LEU A 1014 -33.68 57.20 -48.38
N VAL A 1015 -32.88 56.36 -47.72
CA VAL A 1015 -31.44 56.53 -47.78
C VAL A 1015 -30.80 55.96 -49.02
N THR A 1016 -31.57 55.32 -49.89
CA THR A 1016 -30.98 54.88 -51.14
C THR A 1016 -30.72 56.14 -51.93
N LEU A 1017 -31.53 57.17 -51.73
CA LEU A 1017 -31.31 58.44 -52.40
C LEU A 1017 -30.01 59.06 -51.93
N HIS A 1018 -29.77 59.06 -50.63
CA HIS A 1018 -28.51 59.58 -50.10
C HIS A 1018 -27.36 58.79 -50.67
N GLY A 1019 -27.48 57.47 -50.69
CA GLY A 1019 -26.43 56.63 -51.21
C GLY A 1019 -26.19 56.78 -52.69
N CYS A 1020 -27.23 57.07 -53.45
CA CYS A 1020 -27.09 57.27 -54.88
C CYS A 1020 -26.31 58.55 -55.12
N TRP A 1021 -26.61 59.57 -54.33
CA TRP A 1021 -25.88 60.81 -54.46
C TRP A 1021 -24.44 60.60 -54.04
N LEU A 1022 -24.21 59.77 -53.04
CA LEU A 1022 -22.85 59.46 -52.61
C LEU A 1022 -22.07 58.89 -53.77
N VAL A 1023 -22.64 57.89 -54.44
CA VAL A 1023 -21.98 57.32 -55.60
C VAL A 1023 -21.69 58.42 -56.63
N ALA A 1024 -22.68 59.24 -56.94
CA ALA A 1024 -22.49 60.31 -57.92
C ALA A 1024 -21.30 61.20 -57.61
N ILE A 1025 -21.24 61.73 -56.38
CA ILE A 1025 -20.14 62.62 -56.03
C ILE A 1025 -18.82 61.89 -55.78
N LEU A 1026 -18.86 60.57 -55.66
CA LEU A 1026 -17.62 59.82 -55.50
C LEU A 1026 -17.10 59.37 -56.85
N THR A 1027 -17.96 59.36 -57.86
CA THR A 1027 -17.51 59.02 -59.20
C THR A 1027 -17.11 60.28 -59.92
N ARG A 1028 -17.09 61.39 -59.20
CA ARG A 1028 -16.66 62.65 -59.79
C ARG A 1028 -15.18 62.82 -59.51
N ARG A 1029 -14.59 61.92 -58.73
CA ARG A 1029 -13.15 61.94 -58.44
C ARG A 1029 -12.50 63.30 -58.17
N HIS A 1030 -11.97 63.93 -59.22
CA HIS A 1030 -11.34 65.24 -59.07
C HIS A 1030 -12.20 66.21 -58.30
N ARG A 1031 -11.64 66.82 -57.27
CA ARG A 1031 -12.41 67.73 -56.41
C ARG A 1031 -13.07 68.91 -57.10
N GLN A 1032 -12.60 69.26 -58.30
CA GLN A 1032 -13.17 70.36 -59.04
C GLN A 1032 -14.53 70.00 -59.61
N ALA A 1033 -14.68 68.74 -60.03
CA ALA A 1033 -15.96 68.29 -60.56
C ALA A 1033 -16.96 68.06 -59.45
N ILE A 1034 -16.47 67.67 -58.27
CA ILE A 1034 -17.36 67.50 -57.13
C ILE A 1034 -17.86 68.86 -56.69
N ALA A 1035 -17.06 69.90 -56.93
CA ALA A 1035 -17.44 71.23 -56.50
C ALA A 1035 -18.60 71.83 -57.29
N ARG A 1036 -18.77 71.42 -58.55
CA ARG A 1036 -19.91 71.92 -59.32
C ARG A 1036 -21.13 71.04 -59.14
N LEU A 1037 -20.98 69.92 -58.44
CA LEU A 1037 -22.12 69.07 -58.15
C LEU A 1037 -22.56 69.39 -56.74
N TRP A 1038 -21.75 70.17 -56.04
CA TRP A 1038 -22.06 70.53 -54.66
C TRP A 1038 -23.28 71.41 -54.40
N PRO A 1039 -23.53 72.44 -55.25
CA PRO A 1039 -24.76 73.19 -54.96
C PRO A 1039 -26.01 72.33 -55.09
N ASN A 1040 -26.00 71.38 -56.03
CA ASN A 1040 -27.14 70.49 -56.21
C ASN A 1040 -27.21 69.44 -55.11
N TYR A 1041 -26.07 69.03 -54.58
CA TYR A 1041 -26.07 68.07 -53.49
C TYR A 1041 -26.66 68.73 -52.26
N CYS A 1042 -26.21 69.94 -51.97
CA CYS A 1042 -26.73 70.67 -50.81
C CYS A 1042 -28.21 70.93 -50.98
N LEU A 1043 -28.65 71.23 -52.20
CA LEU A 1043 -30.07 71.43 -52.45
C LEU A 1043 -30.82 70.16 -52.13
N PHE A 1044 -30.38 69.03 -52.68
CA PHE A 1044 -31.03 67.76 -52.40
C PHE A 1044 -31.17 67.56 -50.91
N LEU A 1045 -30.08 67.73 -50.16
CA LEU A 1045 -30.13 67.49 -48.72
C LEU A 1045 -31.16 68.36 -48.04
N ALA A 1046 -31.18 69.64 -48.38
CA ALA A 1046 -32.14 70.56 -47.77
C ALA A 1046 -33.57 70.16 -48.07
N LEU A 1047 -33.87 69.89 -49.33
CA LEU A 1047 -35.21 69.50 -49.71
C LEU A 1047 -35.62 68.19 -49.06
N PHE A 1048 -34.66 67.29 -48.90
CA PHE A 1048 -34.93 66.01 -48.28
C PHE A 1048 -35.32 66.16 -46.83
N LEU A 1049 -34.65 67.04 -46.10
CA LEU A 1049 -35.03 67.29 -44.72
C LEU A 1049 -36.47 67.78 -44.67
N LEU A 1050 -36.82 68.71 -45.55
CA LEU A 1050 -38.18 69.22 -45.59
C LEU A 1050 -39.17 68.11 -45.88
N TYR A 1051 -38.90 67.29 -46.90
CA TYR A 1051 -39.78 66.18 -47.21
C TYR A 1051 -39.91 65.24 -46.02
N GLN A 1052 -38.80 64.92 -45.37
CA GLN A 1052 -38.84 64.01 -44.23
C GLN A 1052 -39.79 64.49 -43.16
N TYR A 1053 -39.78 65.79 -42.87
CA TYR A 1053 -40.74 66.33 -41.91
C TYR A 1053 -42.15 66.15 -42.45
N LEU A 1054 -42.40 66.66 -43.65
CA LEU A 1054 -43.73 66.55 -44.24
C LEU A 1054 -44.19 65.11 -44.38
N LEU A 1055 -43.29 64.17 -44.12
CA LEU A 1055 -43.65 62.77 -44.18
C LEU A 1055 -43.93 62.31 -42.75
N CYS A 1056 -43.26 62.93 -41.80
CA CYS A 1056 -43.50 62.62 -40.40
C CYS A 1056 -44.68 63.39 -39.86
N LEU A 1057 -45.02 64.51 -40.50
CA LEU A 1057 -46.19 65.28 -40.07
C LEU A 1057 -47.36 64.95 -40.97
N GLY A 1058 -47.40 65.57 -42.15
CA GLY A 1058 -48.47 65.29 -43.08
C GLY A 1058 -48.51 63.82 -43.42
N SER A 1096 -38.04 62.67 -35.88
CA SER A 1096 -37.38 61.37 -35.85
C SER A 1096 -35.88 61.52 -35.68
N THR A 1097 -35.19 60.39 -35.49
CA THR A 1097 -33.73 60.43 -35.35
C THR A 1097 -33.09 60.47 -36.72
N ASN A 1098 -33.79 59.97 -37.72
CA ASN A 1098 -33.27 60.00 -39.08
C ASN A 1098 -33.19 61.43 -39.55
N LEU A 1099 -34.09 62.27 -39.07
CA LEU A 1099 -34.06 63.68 -39.42
C LEU A 1099 -32.78 64.32 -38.90
N ILE A 1100 -32.37 63.97 -37.69
CA ILE A 1100 -31.12 64.52 -37.14
C ILE A 1100 -29.91 64.07 -37.94
N SER A 1101 -29.92 62.85 -38.46
CA SER A 1101 -28.82 62.37 -39.27
C SER A 1101 -28.73 63.12 -40.59
N ASP A 1102 -29.86 63.37 -41.22
CA ASP A 1102 -29.85 64.15 -42.47
C ASP A 1102 -29.49 65.59 -42.18
N PHE A 1103 -29.80 66.08 -40.99
CA PHE A 1103 -29.41 67.43 -40.63
C PHE A 1103 -27.89 67.49 -40.50
N LEU A 1104 -27.29 66.48 -39.87
CA LEU A 1104 -25.85 66.49 -39.69
C LEU A 1104 -25.16 66.49 -41.04
N LEU A 1105 -25.64 65.65 -41.95
CA LEU A 1105 -25.07 65.63 -43.29
C LEU A 1105 -25.24 66.97 -43.97
N LEU A 1106 -26.43 67.56 -43.86
CA LEU A 1106 -26.67 68.87 -44.45
C LEU A 1106 -25.70 69.86 -43.87
N LEU A 1107 -25.68 70.00 -42.56
CA LEU A 1107 -24.77 70.94 -41.90
C LEU A 1107 -23.35 70.79 -42.41
N CYS A 1108 -22.82 69.57 -42.39
CA CYS A 1108 -21.45 69.35 -42.82
C CYS A 1108 -21.24 69.73 -44.27
N ALA A 1109 -22.06 69.19 -45.17
CA ALA A 1109 -21.88 69.48 -46.58
C ALA A 1109 -22.13 70.94 -46.91
N SER A 1110 -22.95 71.62 -46.12
CA SER A 1110 -23.19 73.04 -46.33
C SER A 1110 -21.94 73.80 -46.00
N GLN A 1111 -21.29 73.42 -44.89
CA GLN A 1111 -20.05 74.08 -44.53
C GLN A 1111 -18.96 73.80 -45.56
N GLN A 1112 -19.00 72.63 -46.20
CA GLN A 1112 -18.03 72.32 -47.24
C GLN A 1112 -18.36 73.04 -48.53
N TRP A 1113 -19.61 73.47 -48.69
CA TRP A 1113 -19.95 74.24 -49.87
C TRP A 1113 -19.47 75.65 -49.62
N GLN A 1114 -19.39 76.04 -48.35
CA GLN A 1114 -18.89 77.35 -48.00
C GLN A 1114 -17.38 77.35 -47.88
N VAL A 1115 -16.74 76.25 -48.25
CA VAL A 1115 -15.29 76.19 -48.25
C VAL A 1115 -14.86 75.86 -49.66
N PHE A 1116 -15.45 74.82 -50.25
CA PHE A 1116 -15.14 74.39 -51.61
C PHE A 1116 -14.90 75.52 -52.59
N SER A 1117 -15.92 76.34 -52.81
CA SER A 1117 -15.80 77.41 -53.78
C SER A 1117 -15.64 78.76 -53.12
N ALA A 1118 -15.07 78.78 -51.92
CA ALA A 1118 -14.93 80.03 -51.20
C ALA A 1118 -13.56 80.18 -50.59
N GLU A 1119 -13.33 79.52 -49.46
CA GLU A 1119 -12.05 79.67 -48.78
C GLU A 1119 -10.89 79.06 -49.56
N ARG A 1120 -11.18 78.04 -50.37
CA ARG A 1120 -10.14 77.43 -51.19
C ARG A 1120 -9.86 78.27 -52.42
N THR A 1121 -10.87 78.99 -52.88
CA THR A 1121 -10.69 79.84 -54.06
C THR A 1121 -10.38 81.28 -53.67
N TYR A 1154 11.01 64.90 -34.59
CA TYR A 1154 10.10 64.06 -33.82
C TYR A 1154 8.72 64.03 -34.45
N LEU A 1155 8.37 65.10 -35.17
CA LEU A 1155 7.09 65.12 -35.87
C LEU A 1155 7.29 64.45 -37.22
N ASP A 1156 8.55 64.22 -37.58
CA ASP A 1156 8.84 63.54 -38.82
C ASP A 1156 8.55 62.07 -38.63
N MET A 1157 8.64 61.60 -37.39
CA MET A 1157 8.29 60.21 -37.12
C MET A 1157 6.80 60.04 -37.28
N LEU A 1158 6.03 61.02 -36.83
CA LEU A 1158 4.59 60.96 -37.03
C LEU A 1158 4.33 60.96 -38.52
N LYS A 1159 5.00 61.83 -39.26
CA LYS A 1159 4.80 61.91 -40.70
C LYS A 1159 5.21 60.65 -41.42
N VAL A 1160 6.12 59.91 -40.74
CA VAL A 1160 6.61 58.62 -41.25
C VAL A 1160 5.49 57.62 -41.29
N ALA A 1161 4.74 57.60 -40.22
CA ALA A 1161 3.59 56.73 -40.07
C ALA A 1161 2.51 57.00 -41.13
N VAL A 1162 1.92 58.19 -41.08
CA VAL A 1162 0.89 58.52 -42.07
C VAL A 1162 1.44 58.51 -43.48
N PHE A 1163 2.70 58.91 -43.64
CA PHE A 1163 3.23 59.03 -44.98
C PHE A 1163 4.17 57.95 -45.44
N ARG A 1164 3.85 56.68 -45.20
CA ARG A 1164 4.66 55.58 -45.72
C ARG A 1164 3.89 54.30 -45.50
N TYR A 1165 3.48 54.06 -44.27
CA TYR A 1165 2.83 52.81 -43.98
C TYR A 1165 1.29 52.82 -43.84
N LEU A 1166 0.65 53.96 -44.08
CA LEU A 1166 -0.81 54.00 -44.02
C LEU A 1166 -1.42 53.13 -45.10
N PHE A 1167 -0.82 53.08 -46.28
CA PHE A 1167 -1.31 52.20 -47.36
C PHE A 1167 -1.53 50.85 -46.79
N TRP A 1168 -0.66 50.47 -45.90
CA TRP A 1168 -0.73 49.16 -45.35
C TRP A 1168 -1.66 48.96 -44.16
N LEU A 1169 -1.86 49.98 -43.34
CA LEU A 1169 -2.84 49.83 -42.27
C LEU A 1169 -4.22 49.70 -42.88
N VAL A 1170 -4.44 50.33 -44.02
CA VAL A 1170 -5.70 50.15 -44.69
C VAL A 1170 -5.85 48.70 -45.10
N LEU A 1171 -4.80 48.10 -45.64
CA LEU A 1171 -4.85 46.68 -46.01
C LEU A 1171 -5.23 45.81 -44.83
N VAL A 1172 -4.76 46.14 -43.64
CA VAL A 1172 -5.15 45.41 -42.43
C VAL A 1172 -6.65 45.55 -42.19
N VAL A 1173 -7.15 46.78 -42.25
CA VAL A 1173 -8.57 47.00 -42.05
C VAL A 1173 -9.35 46.25 -43.12
N VAL A 1174 -8.95 46.33 -44.39
CA VAL A 1174 -9.62 45.57 -45.43
C VAL A 1174 -9.76 44.10 -45.05
N PHE A 1175 -8.69 43.49 -44.57
CA PHE A 1175 -8.77 42.10 -44.14
C PHE A 1175 -9.75 41.92 -43.00
N VAL A 1176 -9.62 42.70 -41.95
CA VAL A 1176 -10.47 42.50 -40.78
C VAL A 1176 -11.94 42.91 -40.98
N THR A 1177 -12.25 43.79 -41.92
CA THR A 1177 -13.64 44.11 -42.17
C THR A 1177 -14.33 42.88 -42.71
N GLY A 1178 -13.63 42.14 -43.55
CA GLY A 1178 -14.20 40.90 -44.05
C GLY A 1178 -14.36 39.93 -42.91
N ALA A 1179 -13.28 39.65 -42.20
CA ALA A 1179 -13.30 38.68 -41.10
C ALA A 1179 -14.46 38.86 -40.15
N THR A 1180 -14.62 40.06 -39.62
CA THR A 1180 -15.66 40.32 -38.64
C THR A 1180 -17.06 40.05 -39.18
N ARG A 1181 -17.44 40.70 -40.26
CA ARG A 1181 -18.77 40.53 -40.81
C ARG A 1181 -18.80 39.34 -41.75
N ILE A 1182 -19.10 38.15 -41.23
CA ILE A 1182 -19.14 36.96 -42.06
C ILE A 1182 -20.25 37.01 -43.09
N SER A 1183 -19.89 37.30 -44.34
CA SER A 1183 -20.87 37.39 -45.41
C SER A 1183 -20.21 37.08 -46.73
N ILE A 1184 -20.80 37.55 -47.83
CA ILE A 1184 -20.16 37.38 -49.12
C ILE A 1184 -19.35 38.63 -49.40
N PHE A 1185 -19.80 39.76 -48.87
CA PHE A 1185 -19.04 41.01 -49.02
C PHE A 1185 -17.75 40.85 -48.27
N GLY A 1186 -17.81 40.08 -47.18
CA GLY A 1186 -16.63 39.87 -46.39
C GLY A 1186 -15.59 39.04 -47.12
N LEU A 1187 -16.03 38.06 -47.88
CA LEU A 1187 -15.09 37.27 -48.67
C LEU A 1187 -14.43 38.19 -49.65
N GLY A 1188 -15.19 39.10 -50.24
CA GLY A 1188 -14.64 40.05 -51.17
C GLY A 1188 -13.60 40.95 -50.52
N TYR A 1189 -13.86 41.42 -49.30
CA TYR A 1189 -12.87 42.21 -48.57
C TYR A 1189 -11.61 41.40 -48.36
N LEU A 1190 -11.76 40.15 -47.93
CA LEU A 1190 -10.62 39.30 -47.73
C LEU A 1190 -9.79 39.23 -49.00
N LEU A 1191 -10.46 39.05 -50.14
CA LEU A 1191 -9.75 38.94 -51.41
C LEU A 1191 -9.04 40.22 -51.74
N ALA A 1192 -9.71 41.35 -51.57
CA ALA A 1192 -9.10 42.65 -51.83
C ALA A 1192 -7.83 42.80 -51.00
N CYS A 1193 -7.86 42.35 -49.75
CA CYS A 1193 -6.63 42.40 -48.98
C CYS A 1193 -5.57 41.48 -49.58
N PHE A 1194 -5.84 40.19 -49.72
CA PHE A 1194 -4.87 39.25 -50.30
C PHE A 1194 -4.16 39.82 -51.50
N TYR A 1195 -4.88 40.43 -52.41
CA TYR A 1195 -4.38 40.96 -53.67
C TYR A 1195 -3.45 42.13 -53.39
N LEU A 1196 -3.98 43.17 -52.77
CA LEU A 1196 -3.19 44.36 -52.52
C LEU A 1196 -2.10 44.16 -51.49
N LEU A 1197 -1.90 42.92 -51.06
CA LEU A 1197 -0.81 42.63 -50.16
C LEU A 1197 0.24 42.07 -51.07
N LEU A 1198 -0.18 41.27 -52.03
CA LEU A 1198 0.76 40.71 -53.00
C LEU A 1198 1.14 41.83 -53.93
N PHE A 1199 0.26 42.14 -54.87
CA PHE A 1199 0.50 43.24 -55.78
C PHE A 1199 0.14 44.48 -55.01
N GLY A 1200 1.06 45.01 -54.24
CA GLY A 1200 0.77 46.16 -53.42
C GLY A 1200 1.98 47.04 -53.26
N THR A 1201 3.14 46.44 -53.00
CA THR A 1201 4.38 47.21 -52.89
C THR A 1201 4.64 47.87 -54.21
N ALA A 1202 4.20 47.24 -55.30
CA ALA A 1202 4.35 47.85 -56.60
C ALA A 1202 3.55 49.14 -56.66
N LEU A 1203 2.26 49.06 -56.38
CA LEU A 1203 1.42 50.25 -56.49
C LEU A 1203 1.42 51.13 -55.27
N LEU A 1204 2.42 50.96 -54.42
CA LEU A 1204 2.54 51.86 -53.28
C LEU A 1204 3.45 52.96 -53.76
N GLN A 1205 4.28 52.63 -54.75
CA GLN A 1205 5.20 53.64 -55.31
C GLN A 1205 4.85 53.99 -56.74
N ARG A 1206 3.91 53.26 -57.33
CA ARG A 1206 3.47 53.61 -58.68
C ARG A 1206 2.08 54.23 -58.71
N ASP A 1207 1.34 54.15 -57.60
CA ASP A 1207 0.02 54.79 -57.52
C ASP A 1207 0.05 56.02 -56.65
N THR A 1208 1.25 56.47 -56.27
CA THR A 1208 1.37 57.65 -55.42
C THR A 1208 0.67 58.85 -56.05
N ARG A 1209 0.69 58.95 -57.37
CA ARG A 1209 -0.04 60.02 -58.04
C ARG A 1209 -0.36 59.48 -59.41
N ALA A 1210 0.44 58.53 -59.86
CA ALA A 1210 0.23 57.93 -61.16
C ALA A 1210 -0.95 56.99 -61.12
N ARG A 1211 -2.14 57.50 -61.40
CA ARG A 1211 -3.34 56.68 -61.45
C ARG A 1211 -3.60 55.82 -60.22
N LEU A 1212 -4.21 56.41 -59.20
CA LEU A 1212 -4.59 55.64 -58.02
C LEU A 1212 -5.97 55.06 -58.25
N VAL A 1213 -6.18 54.48 -59.42
CA VAL A 1213 -7.47 53.90 -59.76
C VAL A 1213 -7.68 52.58 -59.05
N LEU A 1214 -6.61 51.99 -58.54
CA LEU A 1214 -6.74 50.74 -57.81
C LEU A 1214 -7.30 51.07 -56.45
N TRP A 1215 -6.83 52.17 -55.89
CA TRP A 1215 -7.37 52.58 -54.62
C TRP A 1215 -8.79 53.07 -54.80
N ASP A 1216 -9.06 53.70 -55.93
CA ASP A 1216 -10.40 54.20 -56.15
C ASP A 1216 -11.38 53.07 -56.40
N CYS A 1217 -10.91 51.97 -56.98
CA CYS A 1217 -11.77 50.83 -57.20
C CYS A 1217 -12.05 50.14 -55.89
N LEU A 1218 -11.09 50.15 -54.98
CA LEU A 1218 -11.32 49.57 -53.66
C LEU A 1218 -12.30 50.44 -52.91
N ILE A 1219 -12.23 51.74 -53.12
CA ILE A 1219 -13.19 52.64 -52.50
C ILE A 1219 -14.57 52.31 -53.02
N LEU A 1220 -14.71 52.09 -54.32
CA LEU A 1220 -16.00 51.77 -54.90
C LEU A 1220 -16.53 50.44 -54.38
N TYR A 1221 -15.66 49.47 -54.15
CA TYR A 1221 -16.10 48.22 -53.57
C TYR A 1221 -16.73 48.49 -52.23
N ASN A 1222 -16.01 49.21 -51.38
CA ASN A 1222 -16.54 49.53 -50.06
C ASN A 1222 -17.86 50.25 -50.16
N VAL A 1223 -17.96 51.26 -51.02
CA VAL A 1223 -19.21 51.97 -51.20
C VAL A 1223 -20.34 51.01 -51.55
N THR A 1224 -20.13 50.16 -52.55
CA THR A 1224 -21.20 49.26 -52.97
C THR A 1224 -21.62 48.30 -51.87
N VAL A 1225 -20.69 47.86 -51.03
CA VAL A 1225 -21.06 47.01 -49.92
C VAL A 1225 -22.03 47.75 -49.01
N ILE A 1226 -21.69 48.97 -48.62
CA ILE A 1226 -22.55 49.76 -47.75
C ILE A 1226 -23.89 50.05 -48.43
N ILE A 1227 -23.86 50.40 -49.71
CA ILE A 1227 -25.10 50.73 -50.42
C ILE A 1227 -26.00 49.52 -50.69
N SER A 1228 -25.43 48.33 -50.77
CA SER A 1228 -26.24 47.13 -50.98
C SER A 1228 -26.77 46.65 -49.65
N LYS A 1229 -26.08 46.99 -48.57
CA LYS A 1229 -26.57 46.63 -47.25
C LYS A 1229 -27.68 47.58 -46.87
N ASN A 1230 -27.77 48.73 -47.53
CA ASN A 1230 -28.87 49.65 -47.28
C ASN A 1230 -30.13 49.01 -47.81
N MET A 1231 -30.05 48.41 -48.98
CA MET A 1231 -31.19 47.70 -49.54
C MET A 1231 -31.15 46.27 -49.04
N LEU A 1232 -31.44 46.07 -47.77
CA LEU A 1232 -31.37 44.74 -47.18
C LEU A 1232 -32.44 43.80 -47.69
N SER A 1233 -33.66 43.93 -47.15
CA SER A 1233 -34.76 43.06 -47.55
C SER A 1233 -35.97 43.89 -47.90
N ALA A 1283 -23.61 41.18 -38.77
CA ALA A 1283 -23.78 41.96 -39.98
C ALA A 1283 -24.02 43.43 -39.68
N GLY A 1284 -23.32 44.31 -40.38
CA GLY A 1284 -23.49 45.74 -40.17
C GLY A 1284 -22.50 46.54 -41.00
N ILE A 1285 -22.77 47.84 -41.15
CA ILE A 1285 -21.87 48.69 -41.94
C ILE A 1285 -20.80 49.33 -41.07
N ILE A 1286 -20.80 49.04 -39.78
CA ILE A 1286 -19.83 49.66 -38.88
C ILE A 1286 -18.41 49.43 -39.36
N TRP A 1287 -18.06 48.19 -39.64
CA TRP A 1287 -16.70 47.90 -40.03
C TRP A 1287 -16.43 48.43 -41.43
N ASP A 1288 -17.42 48.38 -42.30
CA ASP A 1288 -17.25 48.92 -43.64
C ASP A 1288 -17.07 50.43 -43.62
N SER A 1289 -17.57 51.11 -42.60
CA SER A 1289 -17.36 52.55 -42.49
C SER A 1289 -15.97 52.83 -41.97
N VAL A 1290 -15.44 51.98 -41.11
CA VAL A 1290 -14.06 52.15 -40.66
C VAL A 1290 -13.19 52.00 -41.88
N CYS A 1291 -13.48 51.00 -42.70
CA CYS A 1291 -12.72 50.81 -43.92
C CYS A 1291 -12.83 52.01 -44.83
N PHE A 1292 -14.03 52.54 -45.02
CA PHE A 1292 -14.20 53.73 -45.84
C PHE A 1292 -13.32 54.86 -45.37
N PHE A 1293 -13.29 55.12 -44.06
CA PHE A 1293 -12.43 56.15 -43.51
C PHE A 1293 -10.99 55.91 -43.91
N PHE A 1294 -10.49 54.72 -43.64
CA PHE A 1294 -9.09 54.42 -43.95
C PHE A 1294 -8.80 54.48 -45.43
N LEU A 1295 -9.70 53.96 -46.25
CA LEU A 1295 -9.51 54.00 -47.69
C LEU A 1295 -9.45 55.42 -48.17
N LEU A 1296 -10.37 56.25 -47.70
CA LEU A 1296 -10.39 57.65 -48.08
C LEU A 1296 -9.13 58.34 -47.62
N LEU A 1297 -8.68 58.03 -46.41
CA LEU A 1297 -7.46 58.61 -45.88
C LEU A 1297 -6.28 58.34 -46.79
N GLN A 1298 -6.06 57.08 -47.14
CA GLN A 1298 -4.93 56.74 -47.98
C GLN A 1298 -5.06 57.31 -49.38
N ARG A 1299 -6.25 57.24 -49.98
CA ARG A 1299 -6.45 57.83 -51.30
C ARG A 1299 -6.03 59.26 -51.26
N ARG A 1300 -6.40 59.95 -50.19
CA ARG A 1300 -6.02 61.33 -50.04
C ARG A 1300 -4.52 61.47 -49.87
N VAL A 1301 -3.91 60.69 -48.98
CA VAL A 1301 -2.48 60.87 -48.74
C VAL A 1301 -1.57 60.50 -49.89
N PHE A 1302 -2.12 60.04 -51.01
CA PHE A 1302 -1.31 59.81 -52.21
C PHE A 1302 -1.04 61.19 -52.77
N LEU A 1303 -0.16 61.95 -52.14
CA LEU A 1303 0.12 63.31 -52.56
C LEU A 1303 1.16 63.32 -53.64
N SER A 1304 1.36 64.48 -54.24
CA SER A 1304 2.42 64.61 -55.23
C SER A 1304 3.54 65.36 -54.54
N HIS A 1305 3.53 65.36 -53.21
CA HIS A 1305 4.54 66.08 -52.45
C HIS A 1305 5.09 65.22 -51.33
N TYR A 1306 4.32 65.02 -50.28
CA TYR A 1306 4.81 64.25 -49.14
C TYR A 1306 4.92 62.78 -49.51
N TYR A 1307 3.98 62.28 -50.29
CA TYR A 1307 4.07 60.90 -50.74
C TYR A 1307 5.04 60.78 -51.88
N LEU A 1308 5.31 61.86 -52.58
CA LEU A 1308 6.31 61.80 -53.63
C LEU A 1308 7.67 61.56 -53.01
N HIS A 1309 7.85 62.03 -51.78
CA HIS A 1309 9.12 61.80 -51.09
C HIS A 1309 9.37 60.33 -50.87
N VAL A 1310 8.36 59.62 -50.36
CA VAL A 1310 8.53 58.20 -50.17
C VAL A 1310 8.48 57.43 -51.47
N ARG A 1311 7.82 57.98 -52.47
CA ARG A 1311 7.82 57.33 -53.78
C ARG A 1311 9.26 57.22 -54.20
N ALA A 1312 10.02 58.30 -54.08
CA ALA A 1312 11.42 58.28 -54.44
C ALA A 1312 12.19 57.23 -53.65
N ASP A 1313 12.04 57.23 -52.34
CA ASP A 1313 12.74 56.26 -51.51
C ASP A 1313 12.50 54.85 -51.99
N LEU A 1314 11.24 54.46 -52.13
CA LEU A 1314 10.93 53.09 -52.50
C LEU A 1314 11.13 52.74 -53.97
N GLN A 1315 11.19 53.74 -54.83
CA GLN A 1315 11.45 53.47 -56.24
C GLN A 1315 12.90 53.04 -56.35
N ALA A 1316 13.76 53.72 -55.62
CA ALA A 1316 15.17 53.41 -55.73
C ALA A 1316 15.63 52.35 -54.76
N THR A 1317 14.72 51.82 -53.95
CA THR A 1317 15.09 50.72 -53.07
C THR A 1317 15.23 49.54 -54.01
N ALA A 1318 14.34 49.45 -54.98
CA ALA A 1318 14.41 48.37 -55.95
C ALA A 1318 15.58 48.57 -56.90
N LEU A 1319 15.99 49.81 -57.09
CA LEU A 1319 17.11 50.09 -57.97
C LEU A 1319 18.41 49.64 -57.32
N LEU A 1320 18.47 49.73 -55.99
CA LEU A 1320 19.66 49.32 -55.28
C LEU A 1320 19.47 47.98 -54.59
N ALA A 1321 18.54 47.17 -55.09
CA ALA A 1321 18.31 45.86 -54.52
C ALA A 1321 19.33 44.87 -55.02
N SER A 1322 19.86 45.10 -56.20
CA SER A 1322 20.91 44.23 -56.73
C SER A 1322 22.18 44.49 -55.95
N ARG A 1323 22.36 45.71 -55.48
CA ARG A 1323 23.52 46.03 -54.66
C ARG A 1323 23.33 45.40 -53.31
N GLY A 1324 22.07 45.27 -52.87
CA GLY A 1324 21.81 44.61 -51.61
C GLY A 1324 22.17 43.14 -51.71
N PHE A 1325 21.84 42.53 -52.84
CA PHE A 1325 22.16 41.12 -53.04
C PHE A 1325 23.66 40.94 -53.11
N ALA A 1326 24.36 41.88 -53.74
CA ALA A 1326 25.80 41.80 -53.81
C ALA A 1326 26.39 41.87 -52.43
N LEU A 1327 25.96 42.85 -51.64
CA LEU A 1327 26.46 43.01 -50.29
C LEU A 1327 26.19 41.75 -49.47
N TYR A 1328 24.98 41.22 -49.58
CA TYR A 1328 24.63 40.01 -48.85
C TYR A 1328 25.56 38.88 -49.22
N ASN A 1329 25.64 38.57 -50.51
CA ASN A 1329 26.47 37.46 -50.94
C ASN A 1329 27.90 37.61 -50.48
N ALA A 1330 28.44 38.81 -50.57
CA ALA A 1330 29.80 39.05 -50.12
C ALA A 1330 29.96 38.71 -48.67
N ALA A 1331 29.08 39.22 -47.82
CA ALA A 1331 29.15 38.94 -46.39
C ALA A 1331 29.03 37.46 -46.09
N ASN A 1332 28.09 36.78 -46.75
CA ASN A 1332 27.92 35.35 -46.54
C ASN A 1332 29.17 34.60 -46.94
N LEU A 1333 29.73 34.93 -48.10
CA LEU A 1333 30.93 34.28 -48.57
C LEU A 1333 32.08 34.51 -47.61
N LYS A 1334 32.20 35.71 -47.07
CA LYS A 1334 33.27 36.01 -46.12
C LYS A 1334 33.16 35.10 -44.91
N SER A 1335 31.94 34.97 -44.38
CA SER A 1335 31.74 34.13 -43.21
C SER A 1335 31.99 32.67 -43.53
N ILE A 1336 31.60 32.23 -44.71
CA ILE A 1336 31.81 30.84 -45.10
C ILE A 1336 33.30 30.56 -45.21
N ASP A 1337 34.05 31.51 -45.75
CA ASP A 1337 35.49 31.32 -45.89
C ASP A 1337 36.16 31.39 -44.53
N PHE A 1338 35.59 32.16 -43.61
CA PHE A 1338 36.14 32.20 -42.26
C PHE A 1338 36.01 30.82 -41.64
N HIS A 1339 34.84 30.20 -41.77
CA HIS A 1339 34.63 28.88 -41.22
C HIS A 1339 35.54 27.88 -41.90
N ARG A 1340 35.72 28.02 -43.20
CA ARG A 1340 36.60 27.12 -43.92
C ARG A 1340 38.02 27.24 -43.40
N ARG A 1341 38.48 28.46 -43.13
CA ARG A 1341 39.80 28.65 -42.56
C ARG A 1341 39.91 27.97 -41.22
N ILE A 1342 38.90 28.13 -40.37
CA ILE A 1342 38.91 27.50 -39.06
C ILE A 1342 39.04 26.00 -39.20
N GLU A 1343 38.26 25.41 -40.10
CA GLU A 1343 38.31 23.96 -40.29
C GLU A 1343 39.65 23.51 -40.85
N GLU A 1344 40.25 24.32 -41.71
CA GLU A 1344 41.56 23.99 -42.25
C GLU A 1344 42.57 23.96 -41.12
N LYS A 1345 42.52 24.95 -40.25
CA LYS A 1345 43.43 24.99 -39.12
C LYS A 1345 43.24 23.77 -38.24
N SER A 1346 41.99 23.41 -37.99
CA SER A 1346 41.71 22.25 -37.14
C SER A 1346 42.27 20.97 -37.72
N LEU A 1347 42.11 20.77 -39.03
CA LEU A 1347 42.64 19.57 -39.66
C LEU A 1347 44.15 19.56 -39.60
N ALA A 1348 44.77 20.73 -39.75
CA ALA A 1348 46.22 20.81 -39.66
C ALA A 1348 46.70 20.55 -38.25
N GLN A 1349 45.97 21.04 -37.26
CA GLN A 1349 46.31 20.77 -35.87
C GLN A 1349 46.26 19.28 -35.64
N LEU A 1350 45.21 18.64 -36.11
CA LEU A 1350 45.07 17.21 -35.97
C LEU A 1350 46.26 16.48 -36.56
N LYS A 1351 46.72 16.93 -37.73
CA LYS A 1351 47.88 16.30 -38.35
C LYS A 1351 49.16 16.53 -37.56
N ARG A 1352 49.37 17.73 -37.05
CA ARG A 1352 50.53 17.98 -36.23
C ARG A 1352 50.55 17.04 -35.05
N GLN A 1353 49.43 16.97 -34.33
CA GLN A 1353 49.34 16.09 -33.17
C GLN A 1353 49.54 14.64 -33.56
N MET A 1354 48.90 14.22 -34.64
CA MET A 1354 49.02 12.85 -35.08
C MET A 1354 50.47 12.49 -35.34
N GLU A 1355 51.24 13.44 -35.87
CA GLU A 1355 52.64 13.19 -36.16
C GLU A 1355 53.46 13.07 -34.89
N ARG A 1356 53.14 13.85 -33.87
CA ARG A 1356 53.85 13.73 -32.61
C ARG A 1356 53.60 12.35 -32.03
N ILE A 1357 52.33 11.93 -31.99
CA ILE A 1357 52.00 10.62 -31.47
C ILE A 1357 52.79 9.55 -32.20
N ARG A 1358 52.84 9.63 -33.53
CA ARG A 1358 53.54 8.62 -34.32
C ARG A 1358 55.03 8.66 -34.09
N ALA A 1359 55.60 9.86 -34.05
CA ALA A 1359 57.04 10.00 -33.86
C ALA A 1359 57.48 9.40 -32.55
N LYS A 1360 56.66 9.54 -31.52
CA LYS A 1360 56.99 8.93 -30.25
C LYS A 1360 56.91 7.43 -30.40
N GLN A 1361 55.79 6.93 -30.88
CA GLN A 1361 55.61 5.50 -31.04
C GLN A 1361 56.65 4.93 -31.97
N GLU A 1362 57.60 5.76 -32.39
CA GLU A 1362 58.67 5.27 -33.26
C GLU A 1362 59.98 5.45 -32.54
N LYS A 1363 60.03 6.39 -31.60
CA LYS A 1363 61.23 6.57 -30.80
C LYS A 1363 61.20 5.48 -29.76
N HIS A 1364 59.99 5.01 -29.43
CA HIS A 1364 59.85 3.93 -28.45
C HIS A 1364 59.96 2.61 -29.18
N ARG A 1365 59.62 2.59 -30.46
CA ARG A 1365 59.76 1.37 -31.24
C ARG A 1365 61.23 1.07 -31.44
N GLN A 1366 61.98 2.11 -31.81
CA GLN A 1366 63.42 1.93 -31.97
C GLN A 1366 64.03 1.66 -30.60
N GLY A 1367 63.47 2.24 -29.55
CA GLY A 1367 63.95 1.97 -28.21
C GLY A 1367 63.82 0.51 -27.85
N ARG A 1368 62.73 -0.13 -28.29
CA ARG A 1368 62.56 -1.55 -28.06
C ARG A 1368 63.67 -2.31 -28.75
N VAL A 1369 63.93 -1.98 -30.01
CA VAL A 1369 64.99 -2.65 -30.76
C VAL A 1369 66.31 -2.54 -30.03
N ASP A 1370 66.67 -1.32 -29.62
CA ASP A 1370 67.93 -1.12 -28.91
C ASP A 1370 68.03 -2.00 -27.67
N ASP A 1408 49.83 -6.87 -31.69
CA ASP A 1408 48.80 -7.88 -31.60
C ASP A 1408 48.03 -7.87 -30.29
N HIS A 1409 47.05 -6.96 -30.12
CA HIS A 1409 46.24 -6.84 -28.87
C HIS A 1409 46.70 -7.65 -27.68
N ALA A 1410 46.35 -8.93 -27.63
CA ALA A 1410 46.81 -9.82 -26.57
C ALA A 1410 48.15 -9.41 -26.12
N THR A 1411 48.93 -8.98 -27.08
CA THR A 1411 50.33 -8.69 -26.79
C THR A 1411 50.69 -7.22 -26.89
N VAL A 1412 49.99 -6.49 -27.76
CA VAL A 1412 50.32 -5.08 -27.95
C VAL A 1412 49.68 -4.18 -26.91
N ILE A 1413 48.65 -4.67 -26.22
CA ILE A 1413 48.06 -3.88 -25.14
C ILE A 1413 48.70 -4.31 -23.83
N HIS A 1414 49.49 -5.38 -23.87
CA HIS A 1414 50.19 -5.81 -22.68
C HIS A 1414 51.67 -5.72 -22.96
N SER A 1415 52.11 -4.59 -23.48
CA SER A 1415 53.51 -4.43 -23.82
C SER A 1415 54.13 -3.25 -23.11
N GLY A 1416 53.32 -2.53 -22.33
CA GLY A 1416 53.82 -1.36 -21.64
C GLY A 1416 55.00 -1.62 -20.74
N ASP A 1417 55.99 -0.75 -20.76
CA ASP A 1417 57.11 -0.89 -19.85
C ASP A 1417 57.54 0.46 -19.33
N TYR A 1418 58.57 0.49 -18.51
CA TYR A 1418 59.00 1.74 -17.89
C TYR A 1418 59.64 2.69 -18.87
N PHE A 1419 60.16 2.17 -19.97
CA PHE A 1419 60.85 3.02 -20.92
C PHE A 1419 59.95 4.03 -21.60
N LEU A 1420 58.66 3.75 -21.68
CA LEU A 1420 57.74 4.67 -22.31
C LEU A 1420 57.59 5.91 -21.48
N PHE A 1421 57.73 5.78 -20.17
CA PHE A 1421 57.50 6.92 -19.29
C PHE A 1421 58.74 7.69 -18.95
N GLU A 1422 59.84 7.42 -19.63
CA GLU A 1422 61.04 8.21 -19.40
C GLU A 1422 60.79 9.58 -19.97
N SER A 1423 61.42 10.59 -19.40
CA SER A 1423 61.17 11.96 -19.83
C SER A 1423 61.98 12.35 -21.06
N ASP A 1424 61.67 11.75 -22.19
CA ASP A 1424 62.41 12.05 -23.41
C ASP A 1424 61.74 13.19 -24.16
N SER A 1425 62.12 14.43 -23.85
CA SER A 1425 61.51 15.61 -24.48
C SER A 1425 60.01 15.50 -24.71
N GLU A 1426 59.26 15.32 -23.64
CA GLU A 1426 57.82 15.21 -23.76
C GLU A 1426 57.18 16.58 -23.74
N GLU A 1427 56.91 17.12 -24.92
CA GLU A 1427 56.31 18.45 -25.02
C GLU A 1427 54.81 18.36 -25.24
N PHE A 1513 16.84 51.80 -6.70
CA PHE A 1513 15.39 51.69 -6.77
C PHE A 1513 14.98 50.73 -7.87
N LEU A 1514 13.83 50.09 -7.73
CA LEU A 1514 13.34 49.17 -8.74
C LEU A 1514 13.24 49.83 -10.11
N TRP A 1515 12.76 51.06 -10.14
CA TRP A 1515 12.66 51.79 -11.40
C TRP A 1515 14.04 51.89 -12.04
N MET A 1516 15.00 52.42 -11.30
CA MET A 1516 16.36 52.57 -11.83
C MET A 1516 16.94 51.28 -12.38
N LEU A 1517 16.68 50.16 -11.70
CA LEU A 1517 17.17 48.87 -12.17
C LEU A 1517 16.60 48.54 -13.53
N GLY A 1518 15.28 48.70 -13.68
CA GLY A 1518 14.64 48.44 -14.96
C GLY A 1518 15.21 49.28 -16.08
N GLN A 1519 15.51 50.56 -15.81
CA GLN A 1519 16.11 51.43 -16.81
C GLN A 1519 17.42 50.86 -17.31
N ALA A 1520 18.29 50.46 -16.39
CA ALA A 1520 19.58 49.88 -16.77
C ALA A 1520 19.38 48.62 -17.60
N LEU A 1521 18.46 47.76 -17.18
CA LEU A 1521 18.19 46.53 -17.91
C LEU A 1521 17.65 46.78 -19.30
N VAL A 1522 16.89 47.85 -19.47
CA VAL A 1522 16.38 48.19 -20.80
C VAL A 1522 17.56 48.51 -21.69
N ASP A 1523 18.51 49.29 -21.18
CA ASP A 1523 19.69 49.61 -21.97
C ASP A 1523 20.53 48.37 -22.24
N GLU A 1524 20.58 47.45 -21.30
CA GLU A 1524 21.29 46.20 -21.52
C GLU A 1524 20.62 45.47 -22.67
N LEU A 1525 19.30 45.43 -22.65
CA LEU A 1525 18.55 44.78 -23.72
C LEU A 1525 18.80 45.41 -25.07
N THR A 1526 18.79 46.74 -25.15
CA THR A 1526 19.10 47.39 -26.42
C THR A 1526 20.43 46.91 -26.95
N ARG A 1527 21.46 46.90 -26.10
CA ARG A 1527 22.77 46.43 -26.52
C ARG A 1527 22.70 45.02 -27.09
N TRP A 1528 22.05 44.12 -26.38
CA TRP A 1528 21.97 42.73 -26.84
C TRP A 1528 21.25 42.63 -28.17
N LEU A 1529 20.19 43.40 -28.34
CA LEU A 1529 19.44 43.38 -29.58
C LEU A 1529 20.27 43.96 -30.72
N GLN A 1530 21.07 44.97 -30.41
CA GLN A 1530 21.93 45.58 -31.42
C GLN A 1530 23.02 44.61 -31.83
N GLU A 1531 23.48 43.79 -30.90
CA GLU A 1531 24.49 42.80 -31.23
C GLU A 1531 23.92 41.77 -32.19
N PHE A 1532 22.63 41.47 -32.04
CA PHE A 1532 22.00 40.49 -32.90
C PHE A 1532 21.80 41.07 -34.29
N THR A 1533 21.41 42.34 -34.36
CA THR A 1533 21.11 42.95 -35.65
C THR A 1533 22.36 43.56 -36.29
N ARG A 1534 23.48 43.55 -35.57
CA ARG A 1534 24.72 44.18 -36.07
C ARG A 1534 25.00 44.08 -37.57
N HIS A 1535 25.09 42.86 -38.10
CA HIS A 1535 25.39 42.68 -39.52
C HIS A 1535 24.36 43.38 -40.40
N HIS A 1536 23.09 43.21 -40.09
CA HIS A 1536 22.04 43.83 -40.89
C HIS A 1536 22.08 45.34 -40.73
N GLY A 1537 22.41 45.81 -39.54
CA GLY A 1537 22.51 47.24 -39.30
C GLY A 1537 23.57 47.88 -40.16
N THR A 1538 24.73 47.22 -40.30
CA THR A 1538 25.79 47.76 -41.13
C THR A 1538 25.48 47.60 -42.61
N MET A 1539 24.64 46.64 -42.95
CA MET A 1539 24.24 46.47 -44.34
C MET A 1539 23.19 47.53 -44.65
N SER A 1540 22.59 48.10 -43.62
CA SER A 1540 21.60 49.16 -43.82
C SER A 1540 22.25 50.52 -43.61
N ASP A 1541 23.58 50.55 -43.60
CA ASP A 1541 24.29 51.81 -43.45
C ASP A 1541 25.02 52.05 -44.73
N VAL A 1542 25.29 50.97 -45.46
CA VAL A 1542 25.96 51.11 -46.74
C VAL A 1542 24.90 51.14 -47.81
N LEU A 1543 23.66 50.90 -47.42
CA LEU A 1543 22.57 50.90 -48.38
C LEU A 1543 21.42 51.75 -47.90
N ARG A 1544 20.84 51.39 -46.76
CA ARG A 1544 19.64 52.11 -46.31
C ARG A 1544 19.88 53.48 -45.72
N ALA A 1545 21.12 53.80 -45.38
CA ALA A 1545 21.40 55.15 -44.92
C ALA A 1545 21.24 56.04 -46.12
N GLU A 1546 21.64 55.55 -47.30
CA GLU A 1546 21.45 56.32 -48.52
C GLU A 1546 20.20 55.84 -49.25
N ARG A 1547 19.27 55.20 -48.55
CA ARG A 1547 18.02 54.76 -49.17
C ARG A 1547 16.81 55.34 -48.48
N TYR A 1548 16.29 54.64 -47.48
CA TYR A 1548 15.10 55.11 -46.78
C TYR A 1548 15.39 56.42 -46.07
N LEU A 1549 14.46 57.36 -46.12
CA LEU A 1549 14.69 58.67 -45.51
C LEU A 1549 13.42 59.23 -44.92
N LEU A 1550 12.49 59.67 -45.77
CA LEU A 1550 11.25 60.28 -45.30
C LEU A 1550 11.46 61.30 -44.19
N THR A 1551 12.08 62.42 -44.50
CA THR A 1551 12.28 63.48 -43.53
C THR A 1551 12.16 64.77 -44.30
N GLN A 1552 12.48 64.71 -45.58
CA GLN A 1552 12.40 65.89 -46.43
C GLN A 1552 10.97 66.42 -46.43
N GLU A 1553 10.79 67.67 -46.01
CA GLU A 1553 9.45 68.22 -45.90
C GLU A 1553 9.07 69.15 -47.04
N LEU A 1554 8.26 70.17 -46.73
CA LEU A 1554 7.85 71.16 -47.73
C LEU A 1554 7.24 70.59 -49.01
N LEU A 1555 7.69 71.09 -50.15
CA LEU A 1555 7.10 70.67 -51.43
C LEU A 1555 7.67 69.37 -51.96
N GLN A 1556 8.26 69.43 -53.14
CA GLN A 1556 8.80 68.22 -53.76
C GLN A 1556 10.30 68.12 -53.55
N GLY A 1557 10.96 67.25 -54.31
CA GLY A 1557 12.40 67.12 -54.22
C GLY A 1557 13.09 67.73 -55.43
N GLY A 1558 14.02 68.64 -55.19
CA GLY A 1558 14.73 69.29 -56.28
C GLY A 1558 15.71 68.36 -56.96
N GLU A 1559 16.82 68.06 -56.30
CA GLU A 1559 17.76 67.09 -56.85
C GLU A 1559 17.27 65.73 -56.45
N VAL A 1560 16.35 65.16 -57.23
CA VAL A 1560 15.75 63.88 -56.87
C VAL A 1560 16.72 62.79 -56.43
N HIS A 1561 17.56 62.33 -57.33
CA HIS A 1561 18.44 61.21 -57.00
C HIS A 1561 19.65 61.60 -56.17
N ARG A 1562 20.09 62.84 -56.30
CA ARG A 1562 21.23 63.29 -55.53
C ARG A 1562 20.86 63.47 -54.06
N GLY A 1563 19.57 63.65 -53.79
CA GLY A 1563 19.13 63.81 -52.43
C GLY A 1563 18.90 62.50 -51.68
N VAL A 1564 19.20 61.37 -52.32
CA VAL A 1564 19.06 60.08 -51.65
C VAL A 1564 20.23 59.14 -51.83
N LEU A 1565 20.36 58.53 -52.99
CA LEU A 1565 21.42 57.53 -53.19
C LEU A 1565 22.82 58.10 -53.05
N ASP A 1566 23.00 59.34 -53.47
CA ASP A 1566 24.29 59.97 -53.34
C ASP A 1566 24.28 60.98 -52.20
N GLN A 1567 24.06 60.52 -50.98
CA GLN A 1567 23.95 61.44 -49.86
C GLN A 1567 24.96 61.23 -48.76
N LEU A 1568 24.84 61.98 -47.66
CA LEU A 1568 25.78 61.88 -46.54
C LEU A 1568 27.22 61.75 -46.97
N ALA A 1645 34.06 45.02 -48.08
CA ALA A 1645 32.83 45.32 -48.81
C ALA A 1645 31.65 45.41 -47.85
N SER A 1646 31.66 44.58 -46.81
CA SER A 1646 30.60 44.61 -45.83
C SER A 1646 30.61 45.94 -45.12
N GLU A 1647 31.74 46.28 -44.53
CA GLU A 1647 31.87 47.57 -43.87
C GLU A 1647 32.64 48.51 -44.77
N LEU A 1648 31.92 49.39 -45.45
CA LEU A 1648 32.56 50.32 -46.36
C LEU A 1648 32.98 51.59 -45.64
N LEU A 1649 33.85 52.37 -46.26
CA LEU A 1649 34.37 53.56 -45.59
C LEU A 1649 34.00 54.83 -46.32
N LEU A 1650 35.00 55.67 -46.58
CA LEU A 1650 34.74 56.91 -47.30
C LEU A 1650 34.81 56.65 -48.79
N ASP A 1651 33.78 56.02 -49.34
CA ASP A 1651 33.74 55.78 -50.77
C ASP A 1651 32.78 56.77 -51.39
N ARG A 1652 31.65 56.99 -50.74
CA ARG A 1652 30.65 57.89 -51.30
C ARG A 1652 30.83 59.30 -50.78
N ARG A 1653 30.27 59.58 -49.61
CA ARG A 1653 30.36 60.91 -49.04
C ARG A 1653 30.72 60.85 -47.57
N LEU A 1654 30.70 62.00 -46.90
CA LEU A 1654 31.02 62.04 -45.48
C LEU A 1654 29.76 62.08 -44.65
N ARG A 1655 29.35 63.28 -44.26
CA ARG A 1655 28.14 63.45 -43.46
C ARG A 1655 27.56 64.79 -43.82
N ILE A 1656 27.74 65.22 -45.07
CA ILE A 1656 27.30 66.56 -45.46
C ILE A 1656 25.86 66.95 -45.10
N PRO A 1657 24.84 66.17 -45.53
CA PRO A 1657 23.50 66.54 -45.08
C PRO A 1657 23.16 65.89 -43.74
N GLU A 1658 24.01 66.07 -42.72
CA GLU A 1658 23.76 65.51 -41.39
C GLU A 1658 23.55 64.01 -41.30
N LEU A 1659 24.62 63.27 -41.07
CA LEU A 1659 24.47 61.83 -40.88
C LEU A 1659 23.62 61.61 -39.65
N GLU A 1660 23.87 62.40 -38.62
CA GLU A 1660 23.13 62.24 -37.37
C GLU A 1660 21.77 62.91 -37.38
N GLU A 1661 21.22 63.23 -38.54
CA GLU A 1661 19.88 63.76 -38.59
C GLU A 1661 18.97 62.68 -38.08
N ALA A 1662 19.18 61.45 -38.56
CA ALA A 1662 18.39 60.34 -38.08
C ALA A 1662 18.75 60.04 -36.64
N GLU A 1663 20.04 60.08 -36.32
CA GLU A 1663 20.49 59.74 -34.97
C GLU A 1663 20.19 60.81 -33.93
N LEU A 1664 19.55 61.89 -34.33
CA LEU A 1664 19.20 62.96 -33.40
C LEU A 1664 18.17 62.45 -32.43
N PHE A 1665 16.94 62.32 -32.91
CA PHE A 1665 15.85 61.87 -32.05
C PHE A 1665 16.02 60.41 -31.66
N ALA A 1666 16.68 59.63 -32.50
CA ALA A 1666 16.92 58.23 -32.20
C ALA A 1666 17.69 58.08 -30.90
N GLU A 1667 18.80 58.77 -30.79
CA GLU A 1667 19.60 58.69 -29.58
C GLU A 1667 19.05 59.62 -28.52
N GLY A 1668 18.22 60.58 -28.94
CA GLY A 1668 17.59 61.47 -27.98
C GLY A 1668 16.79 60.66 -27.01
N GLN A 1669 15.98 59.74 -27.52
CA GLN A 1669 15.25 58.85 -26.63
C GLN A 1669 15.94 57.51 -26.62
N GLY A 1670 17.05 57.41 -25.88
CA GLY A 1670 17.78 56.16 -25.78
C GLY A 1670 17.07 55.18 -24.87
N ARG A 1671 16.10 55.67 -24.12
CA ARG A 1671 15.31 54.79 -23.27
C ARG A 1671 13.97 54.63 -23.94
N ALA A 1672 13.23 53.58 -23.61
CA ALA A 1672 11.89 53.33 -24.18
C ALA A 1672 11.81 53.24 -25.69
N LEU A 1673 11.74 54.36 -26.39
CA LEU A 1673 11.71 54.37 -27.85
C LEU A 1673 12.79 53.48 -28.46
N ARG A 1674 14.02 53.63 -27.98
CA ARG A 1674 15.13 52.86 -28.54
C ARG A 1674 15.01 51.37 -28.28
N LEU A 1675 14.35 50.97 -27.20
CA LEU A 1675 14.13 49.55 -26.97
C LEU A 1675 13.30 49.01 -28.11
N LEU A 1676 12.20 49.68 -28.44
CA LEU A 1676 11.35 49.24 -29.54
C LEU A 1676 12.04 49.35 -30.87
N ARG A 1677 12.93 50.32 -31.02
CA ARG A 1677 13.68 50.46 -32.26
C ARG A 1677 14.58 49.26 -32.43
N ALA A 1678 15.23 48.85 -31.34
CA ALA A 1678 16.09 47.68 -31.40
C ALA A 1678 15.28 46.43 -31.67
N VAL A 1679 14.10 46.33 -31.07
CA VAL A 1679 13.24 45.17 -31.32
C VAL A 1679 12.93 45.06 -32.82
N TYR A 1680 12.55 46.17 -33.43
CA TYR A 1680 12.20 46.14 -34.85
C TYR A 1680 13.38 45.71 -35.69
N GLN A 1681 14.55 46.25 -35.40
CA GLN A 1681 15.74 45.90 -36.17
C GLN A 1681 16.02 44.41 -36.08
N CYS A 1682 15.82 43.83 -34.90
CA CYS A 1682 16.02 42.40 -34.74
C CYS A 1682 15.07 41.63 -35.62
N VAL A 1683 13.78 41.96 -35.59
CA VAL A 1683 12.80 41.20 -36.37
C VAL A 1683 12.88 41.51 -37.86
N ALA A 1684 13.55 42.59 -38.24
CA ALA A 1684 13.72 42.88 -39.64
C ALA A 1684 14.86 42.02 -40.13
N ALA A 1685 15.88 41.86 -39.29
CA ALA A 1685 17.00 41.02 -39.65
C ALA A 1685 16.57 39.58 -39.68
N HIS A 1686 15.98 39.13 -38.59
CA HIS A 1686 15.56 37.74 -38.48
C HIS A 1686 14.08 37.59 -38.76
N SER A 1687 13.68 37.93 -39.98
CA SER A 1687 12.28 37.83 -40.35
C SER A 1687 11.98 36.41 -40.75
N GLU A 1688 12.98 35.71 -41.27
CA GLU A 1688 12.79 34.32 -41.64
C GLU A 1688 12.45 33.53 -40.40
N LEU A 1689 13.17 33.79 -39.32
CA LEU A 1689 12.94 33.07 -38.09
C LEU A 1689 11.61 33.46 -37.48
N LEU A 1690 11.19 34.71 -37.66
CA LEU A 1690 9.89 35.14 -37.16
C LEU A 1690 8.80 34.35 -37.85
N CYS A 1691 8.89 34.20 -39.16
CA CYS A 1691 7.91 33.42 -39.90
C CYS A 1691 7.81 32.02 -39.35
N TYR A 1692 8.94 31.38 -39.14
CA TYR A 1692 8.95 30.01 -38.64
C TYR A 1692 8.27 29.91 -37.30
N PHE A 1693 8.56 30.85 -36.42
CA PHE A 1693 7.95 30.86 -35.11
C PHE A 1693 6.43 30.94 -35.23
N ILE A 1694 5.95 31.88 -36.04
CA ILE A 1694 4.51 32.04 -36.19
C ILE A 1694 3.85 30.76 -36.71
N ILE A 1695 4.45 30.12 -37.71
CA ILE A 1695 3.80 28.94 -38.27
C ILE A 1695 3.71 27.76 -37.30
N ILE A 1696 4.70 27.59 -36.44
CA ILE A 1696 4.62 26.52 -35.45
C ILE A 1696 3.76 26.92 -34.27
N LEU A 1697 3.53 28.22 -34.11
CA LEU A 1697 2.66 28.68 -33.04
C LEU A 1697 1.24 28.57 -33.53
N ASN A 1698 1.04 28.57 -34.84
CA ASN A 1698 -0.29 28.38 -35.37
C ASN A 1698 -0.66 26.93 -35.14
N HIS A 1699 0.31 26.04 -35.26
CA HIS A 1699 0.02 24.64 -34.96
C HIS A 1699 -0.13 24.36 -33.48
N MET A 1700 0.22 25.32 -32.65
CA MET A 1700 0.02 25.14 -31.22
C MET A 1700 -1.30 25.73 -30.79
N VAL A 1701 -1.90 26.58 -31.62
CA VAL A 1701 -3.22 27.12 -31.29
C VAL A 1701 -4.35 26.44 -32.06
N THR A 1702 -4.06 25.91 -33.25
CA THR A 1702 -5.07 25.19 -34.02
C THR A 1702 -4.46 23.88 -34.49
N ALA A 1703 -5.28 22.93 -34.93
CA ALA A 1703 -4.71 21.63 -35.29
C ALA A 1703 -5.27 20.98 -36.55
N SER A 1704 -5.01 19.69 -36.74
CA SER A 1704 -5.48 18.94 -37.94
C SER A 1704 -5.01 19.46 -39.29
N ALA A 1705 -5.93 19.72 -40.20
CA ALA A 1705 -5.57 20.24 -41.52
C ALA A 1705 -5.05 21.65 -41.37
N GLY A 1706 -5.53 22.36 -40.36
CA GLY A 1706 -4.99 23.69 -40.08
C GLY A 1706 -3.59 23.38 -39.62
N SER A 1707 -2.60 24.06 -40.18
CA SER A 1707 -1.20 23.75 -39.87
C SER A 1707 -0.89 22.31 -40.25
N LEU A 1708 0.08 21.68 -39.62
CA LEU A 1708 0.50 20.32 -39.98
C LEU A 1708 0.76 20.12 -41.48
N VAL A 1709 0.98 21.19 -42.21
CA VAL A 1709 1.27 21.10 -43.63
C VAL A 1709 2.40 22.07 -43.71
N LEU A 1710 2.17 23.29 -43.25
CA LEU A 1710 3.24 24.27 -43.21
C LEU A 1710 4.31 23.97 -42.17
N PRO A 1711 3.93 23.58 -40.92
CA PRO A 1711 5.02 23.21 -40.02
C PRO A 1711 5.86 22.06 -40.54
N VAL A 1712 5.23 21.06 -41.13
CA VAL A 1712 5.98 19.97 -41.73
C VAL A 1712 6.92 20.51 -42.79
N LEU A 1713 6.41 21.36 -43.67
CA LEU A 1713 7.23 21.94 -44.73
C LEU A 1713 8.33 22.87 -44.21
N VAL A 1714 8.12 23.50 -43.07
CA VAL A 1714 9.16 24.34 -42.51
C VAL A 1714 10.32 23.46 -42.12
N PHE A 1715 10.02 22.35 -41.45
CA PHE A 1715 11.07 21.46 -41.00
C PHE A 1715 11.71 20.67 -42.11
N LEU A 1716 10.96 20.32 -43.14
CA LEU A 1716 11.50 19.45 -44.18
C LEU A 1716 11.91 20.10 -45.50
N TRP A 1717 11.51 21.34 -45.72
CA TRP A 1717 11.83 22.00 -46.98
C TRP A 1717 12.59 23.27 -46.72
N ALA A 1718 12.03 24.18 -45.94
CA ALA A 1718 12.68 25.46 -45.72
C ALA A 1718 14.00 25.32 -45.01
N MET A 1719 13.99 24.64 -43.87
CA MET A 1719 15.20 24.54 -43.07
C MET A 1719 16.16 23.51 -43.62
N LEU A 1720 15.71 22.69 -44.56
CA LEU A 1720 16.59 21.73 -45.19
C LEU A 1720 16.78 22.17 -46.61
N SER A 1721 17.46 23.30 -46.81
CA SER A 1721 17.62 23.83 -48.16
C SER A 1721 18.94 24.52 -48.39
N ILE A 1722 19.22 24.86 -49.64
CA ILE A 1722 20.42 25.61 -49.96
C ILE A 1722 20.20 26.96 -49.31
N PRO A 1723 21.18 27.44 -48.53
CA PRO A 1723 21.00 28.69 -47.79
C PRO A 1723 19.57 29.20 -47.55
N ARG A 1724 19.18 30.27 -48.20
CA ARG A 1724 17.86 30.83 -48.02
C ARG A 1724 16.85 29.90 -48.65
N PRO A 1725 15.82 29.46 -47.89
CA PRO A 1725 14.81 28.51 -48.37
C PRO A 1725 14.62 28.45 -49.87
N SER A 1726 13.82 29.36 -50.44
CA SER A 1726 13.64 29.43 -51.89
C SER A 1726 12.77 30.63 -52.14
N LYS A 1727 11.89 30.53 -53.12
CA LYS A 1727 10.95 31.60 -53.37
C LYS A 1727 9.65 30.86 -53.40
N ARG A 1728 9.71 29.64 -53.91
CA ARG A 1728 8.52 28.83 -53.97
C ARG A 1728 8.04 28.44 -52.58
N PHE A 1729 8.94 28.23 -51.63
CA PHE A 1729 8.48 27.95 -50.28
C PHE A 1729 7.65 29.10 -49.77
N TRP A 1730 8.19 30.30 -49.85
CA TRP A 1730 7.49 31.44 -49.31
C TRP A 1730 6.19 31.66 -50.05
N MET A 1731 6.20 31.44 -51.36
CA MET A 1731 4.97 31.57 -52.12
C MET A 1731 3.93 30.55 -51.68
N THR A 1732 4.31 29.29 -51.55
CA THR A 1732 3.37 28.27 -51.10
C THR A 1732 2.89 28.52 -49.69
N ALA A 1733 3.74 29.09 -48.85
CA ALA A 1733 3.32 29.42 -47.49
C ALA A 1733 2.22 30.45 -47.55
N ILE A 1734 2.46 31.53 -48.28
CA ILE A 1734 1.44 32.57 -48.42
C ILE A 1734 0.17 31.97 -49.01
N VAL A 1735 0.31 31.20 -50.09
CA VAL A 1735 -0.85 30.60 -50.73
C VAL A 1735 -1.64 29.70 -49.78
N PHE A 1736 -0.97 28.78 -49.08
CA PHE A 1736 -1.68 27.91 -48.16
C PHE A 1736 -2.39 28.70 -47.08
N THR A 1737 -1.72 29.69 -46.51
CA THR A 1737 -2.33 30.49 -45.46
C THR A 1737 -3.56 31.22 -45.97
N GLU A 1738 -3.50 31.73 -47.19
CA GLU A 1738 -4.64 32.41 -47.77
C GLU A 1738 -5.77 31.43 -48.00
N ILE A 1739 -5.46 30.28 -48.59
CA ILE A 1739 -6.48 29.26 -48.83
C ILE A 1739 -7.13 28.87 -47.52
N ALA A 1740 -6.33 28.60 -46.49
CA ALA A 1740 -6.86 28.24 -45.20
C ALA A 1740 -7.80 29.31 -44.68
N VAL A 1741 -7.41 30.57 -44.80
CA VAL A 1741 -8.28 31.65 -44.37
C VAL A 1741 -9.58 31.63 -45.14
N VAL A 1742 -9.51 31.53 -46.45
CA VAL A 1742 -10.72 31.50 -47.28
C VAL A 1742 -11.65 30.35 -46.89
N VAL A 1743 -11.12 29.14 -46.74
CA VAL A 1743 -11.98 28.01 -46.43
C VAL A 1743 -12.49 28.00 -45.00
N LYS A 1744 -11.76 28.65 -44.10
CA LYS A 1744 -12.25 28.75 -42.72
C LYS A 1744 -13.31 29.82 -42.69
N TYR A 1745 -13.27 30.76 -43.63
CA TYR A 1745 -14.29 31.80 -43.72
C TYR A 1745 -15.53 31.19 -44.32
N LEU A 1746 -15.35 30.22 -45.22
CA LEU A 1746 -16.50 29.53 -45.80
C LEU A 1746 -16.98 28.44 -44.87
N PHE A 1747 -16.38 28.34 -43.68
CA PHE A 1747 -16.79 27.34 -42.68
C PHE A 1747 -16.99 25.95 -43.26
N THR A 1779 -15.53 23.31 -38.97
CA THR A 1779 -15.02 24.44 -38.21
C THR A 1779 -15.97 25.62 -38.26
N ASP A 1780 -16.29 26.18 -37.10
CA ASP A 1780 -17.14 27.38 -37.08
C ASP A 1780 -16.58 28.36 -36.09
N GLY A 1781 -16.83 29.66 -36.29
CA GLY A 1781 -16.24 30.67 -35.44
C GLY A 1781 -14.75 30.59 -35.63
N TYR A 1782 -14.30 30.66 -36.88
CA TYR A 1782 -12.87 30.51 -37.17
C TYR A 1782 -11.96 31.54 -36.50
N ILE A 1783 -10.78 31.08 -36.10
CA ILE A 1783 -9.84 32.01 -35.49
C ILE A 1783 -8.90 32.52 -36.56
N LYS A 1784 -8.33 33.69 -36.32
CA LYS A 1784 -7.44 34.26 -37.30
C LYS A 1784 -6.04 34.49 -36.78
N TYR A 1785 -5.27 33.41 -36.64
CA TYR A 1785 -3.88 33.55 -36.25
C TYR A 1785 -3.20 33.51 -37.58
N ASP A 1786 -3.98 33.30 -38.64
CA ASP A 1786 -3.45 33.30 -39.98
C ASP A 1786 -3.37 34.72 -40.48
N LEU A 1787 -3.84 35.68 -39.70
CA LEU A 1787 -3.68 37.07 -40.08
C LEU A 1787 -2.25 37.39 -39.80
N VAL A 1788 -1.83 37.18 -38.55
CA VAL A 1788 -0.45 37.45 -38.19
C VAL A 1788 0.52 36.56 -38.96
N GLN A 1789 0.06 35.42 -39.45
CA GLN A 1789 0.91 34.55 -40.26
C GLN A 1789 1.10 35.17 -41.62
N LEU A 1790 0.00 35.48 -42.31
CA LEU A 1790 0.10 36.02 -43.65
C LEU A 1790 0.89 37.31 -43.65
N MET A 1791 0.66 38.16 -42.67
CA MET A 1791 1.33 39.44 -42.64
C MET A 1791 2.80 39.35 -42.29
N ALA A 1792 3.20 38.32 -41.54
CA ALA A 1792 4.61 38.13 -41.26
C ALA A 1792 5.29 37.54 -42.47
N LEU A 1793 4.57 36.72 -43.22
CA LEU A 1793 5.13 36.10 -44.41
C LEU A 1793 5.23 37.10 -45.54
N PHE A 1794 4.47 38.18 -45.46
CA PHE A 1794 4.56 39.22 -46.47
C PHE A 1794 5.56 40.26 -46.02
N PHE A 1795 5.89 40.27 -44.73
CA PHE A 1795 6.90 41.19 -44.23
C PHE A 1795 8.24 40.64 -44.64
N HIS A 1796 8.44 39.34 -44.48
CA HIS A 1796 9.68 38.72 -44.89
C HIS A 1796 9.87 38.88 -46.37
N ARG A 1797 8.80 38.74 -47.14
CA ARG A 1797 8.89 38.95 -48.57
C ARG A 1797 9.43 40.33 -48.88
N SER A 1798 8.95 41.34 -48.16
CA SER A 1798 9.46 42.70 -48.37
C SER A 1798 10.91 42.84 -47.97
N GLN A 1799 11.32 42.18 -46.89
CA GLN A 1799 12.71 42.22 -46.47
C GLN A 1799 13.63 41.58 -47.50
N LEU A 1800 13.19 40.48 -48.10
CA LEU A 1800 14.02 39.80 -49.10
C LEU A 1800 13.90 40.44 -50.47
N LEU A 1801 12.91 41.29 -50.67
CA LEU A 1801 12.79 41.99 -51.94
C LEU A 1801 13.81 43.11 -51.92
N CYS A 1802 13.98 43.74 -50.77
CA CYS A 1802 14.95 44.81 -50.64
C CYS A 1802 16.36 44.26 -50.63
N TYR A 1803 16.53 43.01 -50.20
CA TYR A 1803 17.84 42.37 -50.16
C TYR A 1803 18.90 43.22 -49.49
N ARG A 1940 10.02 13.21 -60.04
CA ARG A 1940 11.33 12.74 -59.59
C ARG A 1940 12.62 13.58 -59.86
N PRO A 1941 12.51 14.84 -60.37
CA PRO A 1941 13.81 15.52 -60.58
C PRO A 1941 14.15 16.56 -59.52
N LEU A 1942 13.25 17.50 -59.28
CA LEU A 1942 13.50 18.58 -58.33
C LEU A 1942 13.81 18.03 -56.95
N ARG A 1943 13.06 17.03 -56.51
CA ARG A 1943 13.30 16.42 -55.21
C ARG A 1943 14.70 15.85 -55.15
N ARG A 1944 15.12 15.19 -56.22
CA ARG A 1944 16.46 14.61 -56.28
C ARG A 1944 17.50 15.69 -56.15
N PHE A 1945 17.28 16.83 -56.81
CA PHE A 1945 18.22 17.93 -56.73
C PHE A 1945 18.30 18.47 -55.32
N PHE A 1946 17.16 18.59 -54.64
CA PHE A 1946 17.15 19.07 -53.27
C PHE A 1946 18.00 18.15 -52.41
N HIS A 1947 17.77 16.85 -52.52
CA HIS A 1947 18.50 15.92 -51.70
C HIS A 1947 19.98 15.88 -52.03
N ASP A 1948 20.31 16.01 -53.31
CA ASP A 1948 21.71 16.06 -53.69
C ASP A 1948 22.39 17.24 -53.05
N ILE A 1949 21.73 18.39 -53.08
CA ILE A 1949 22.32 19.60 -52.53
C ILE A 1949 22.23 19.65 -51.00
N LEU A 1950 21.62 18.64 -50.39
CA LEU A 1950 21.57 18.60 -48.94
C LEU A 1950 22.61 17.60 -48.47
N HIS A 1951 23.13 16.82 -49.41
CA HIS A 1951 24.13 15.82 -49.05
C HIS A 1951 25.51 16.22 -49.53
N THR A 1952 25.67 16.39 -50.84
CA THR A 1952 26.97 16.75 -51.38
C THR A 1952 27.32 18.20 -51.06
N LYS A 1953 26.49 19.15 -51.47
CA LYS A 1953 26.71 20.59 -51.22
C LYS A 1953 28.12 21.19 -51.17
N TYR A 1954 28.29 22.23 -50.36
CA TYR A 1954 29.59 22.91 -50.21
C TYR A 1954 29.48 23.81 -49.01
N ARG A 1955 28.94 23.31 -47.91
CA ARG A 1955 28.71 24.16 -46.74
C ARG A 1955 29.79 24.08 -45.68
N ALA A 1956 29.52 24.63 -44.49
CA ALA A 1956 30.53 24.65 -43.42
C ALA A 1956 30.53 23.41 -42.55
N ALA A 1957 30.54 23.60 -41.23
CA ALA A 1957 30.56 22.46 -40.32
C ALA A 1957 30.40 22.90 -38.88
N THR A 1958 29.33 22.48 -38.23
CA THR A 1958 29.08 22.86 -36.86
C THR A 1958 28.70 21.65 -36.04
N ASP A 1959 28.88 21.74 -34.72
CA ASP A 1959 28.50 20.64 -33.86
C ASP A 1959 27.41 21.12 -32.93
N VAL A 1960 26.16 20.89 -33.31
CA VAL A 1960 25.05 21.33 -32.49
C VAL A 1960 24.40 20.14 -31.80
N TYR A 1961 25.14 19.05 -31.64
CA TYR A 1961 24.59 17.88 -30.94
C TYR A 1961 24.30 18.21 -29.49
N ALA A 1962 25.21 18.92 -28.85
CA ALA A 1962 24.99 19.30 -27.46
C ALA A 1962 23.63 19.92 -27.29
N LEU A 1963 23.31 20.90 -28.12
CA LEU A 1963 22.04 21.58 -28.01
C LEU A 1963 20.86 20.71 -28.40
N MET A 1964 21.02 19.84 -29.39
CA MET A 1964 19.95 18.93 -29.76
C MET A 1964 19.64 17.99 -28.62
N PHE A 1965 20.67 17.51 -27.95
CA PHE A 1965 20.47 16.59 -26.85
C PHE A 1965 19.85 17.30 -25.68
N LEU A 1966 20.24 18.55 -25.45
CA LEU A 1966 19.64 19.31 -24.37
C LEU A 1966 18.17 19.53 -24.62
N ALA A 1967 17.79 19.77 -25.87
CA ALA A 1967 16.37 19.93 -26.19
C ALA A 1967 15.64 18.65 -25.88
N ASP A 1968 16.22 17.52 -26.26
CA ASP A 1968 15.59 16.25 -25.98
C ASP A 1968 15.55 15.91 -24.50
N VAL A 1969 16.51 16.42 -23.73
CA VAL A 1969 16.50 16.20 -22.30
C VAL A 1969 15.34 16.98 -21.70
N VAL A 1970 15.16 18.23 -22.12
CA VAL A 1970 14.03 19.00 -21.65
C VAL A 1970 12.73 18.30 -22.03
N ASP A 1971 12.65 17.79 -23.25
CA ASP A 1971 11.47 17.06 -23.67
C ASP A 1971 11.22 15.88 -22.75
N PHE A 1972 12.24 15.07 -22.50
CA PHE A 1972 12.09 13.95 -21.60
C PHE A 1972 11.58 14.42 -20.26
N ILE A 1973 12.22 15.45 -19.70
CA ILE A 1973 11.82 15.97 -18.40
C ILE A 1973 10.33 16.31 -18.38
N ILE A 1974 9.84 17.07 -19.36
CA ILE A 1974 8.44 17.48 -19.30
C ILE A 1974 7.48 16.34 -19.56
N ILE A 1975 7.90 15.30 -20.26
CA ILE A 1975 7.04 14.15 -20.44
C ILE A 1975 7.02 13.33 -19.16
N ILE A 1976 8.17 13.17 -18.51
CA ILE A 1976 8.20 12.49 -17.23
C ILE A 1976 7.30 13.23 -16.27
N PHE A 1977 7.49 14.54 -16.15
CA PHE A 1977 6.65 15.36 -15.25
C PHE A 1977 5.19 15.27 -15.68
N GLY A 1978 4.95 15.16 -16.98
CA GLY A 1978 3.60 15.07 -17.47
C GLY A 1978 3.05 13.66 -17.49
N PHE A 1979 3.05 12.99 -16.34
CA PHE A 1979 2.43 11.67 -16.29
C PHE A 1979 0.95 11.88 -16.49
N TRP A 1980 0.41 12.97 -15.95
CA TRP A 1980 -1.00 13.29 -16.15
C TRP A 1980 -1.31 13.45 -17.63
N GLN A 1999 -5.36 5.05 -19.62
CA GLN A 1999 -4.89 5.34 -20.97
C GLN A 1999 -3.76 6.35 -20.93
N VAL A 2000 -3.90 7.39 -20.11
CA VAL A 2000 -2.83 8.37 -19.97
C VAL A 2000 -1.49 7.81 -19.46
N PRO A 2001 -1.50 6.94 -18.41
CA PRO A 2001 -0.20 6.38 -18.05
C PRO A 2001 0.43 5.63 -19.21
N GLU A 2002 -0.35 4.81 -19.90
CA GLU A 2002 0.17 4.08 -21.05
C GLU A 2002 0.73 5.00 -22.12
N ALA A 2003 0.04 6.11 -22.39
CA ALA A 2003 0.53 7.06 -23.38
C ALA A 2003 1.84 7.68 -22.97
N PHE A 2004 1.93 8.08 -21.71
CA PHE A 2004 3.14 8.71 -21.21
C PHE A 2004 4.30 7.71 -21.19
N LEU A 2005 3.99 6.44 -20.96
CA LEU A 2005 5.03 5.42 -20.98
C LEU A 2005 5.52 5.14 -22.38
N VAL A 2006 4.63 5.21 -23.36
CA VAL A 2006 5.06 5.03 -24.73
C VAL A 2006 5.92 6.21 -25.17
N MET A 2007 5.54 7.40 -24.74
CA MET A 2007 6.29 8.60 -25.09
C MET A 2007 7.66 8.55 -24.43
N LEU A 2008 7.75 7.90 -23.27
CA LEU A 2008 9.04 7.77 -22.61
C LEU A 2008 9.92 6.90 -23.48
N LEU A 2009 9.46 5.69 -23.75
CA LEU A 2009 10.23 4.79 -24.58
C LEU A 2009 10.64 5.50 -25.86
N ILE A 2010 9.78 6.37 -26.37
CA ILE A 2010 10.07 7.05 -27.62
C ILE A 2010 11.21 8.05 -27.47
N GLN A 2011 11.03 9.04 -26.60
CA GLN A 2011 12.13 9.99 -26.37
C GLN A 2011 13.42 9.22 -26.24
N PHE A 2012 13.43 8.15 -25.47
CA PHE A 2012 14.66 7.41 -25.25
C PHE A 2012 15.19 6.83 -26.55
N SER A 2013 14.37 6.08 -27.26
CA SER A 2013 14.82 5.46 -28.49
C SER A 2013 15.35 6.49 -29.47
N THR A 2014 14.70 7.63 -29.57
CA THR A 2014 15.12 8.63 -30.54
C THR A 2014 16.45 9.24 -30.15
N MET A 2015 16.68 9.45 -28.86
CA MET A 2015 17.96 9.97 -28.39
C MET A 2015 19.07 8.98 -28.71
N VAL A 2016 18.80 7.69 -28.57
CA VAL A 2016 19.80 6.68 -28.87
C VAL A 2016 20.14 6.69 -30.37
N VAL A 2017 19.12 6.78 -31.21
CA VAL A 2017 19.35 6.82 -32.64
C VAL A 2017 20.13 8.07 -33.00
N ASP A 2018 19.82 9.19 -32.38
CA ASP A 2018 20.55 10.41 -32.63
C ASP A 2018 22.02 10.25 -32.31
N ARG A 2019 22.32 9.64 -31.16
CA ARG A 2019 23.71 9.41 -30.78
C ARG A 2019 24.42 8.58 -31.83
N ALA A 2020 23.75 7.55 -32.31
CA ALA A 2020 24.33 6.71 -33.34
C ALA A 2020 24.74 7.53 -34.55
N LEU A 2021 23.82 8.30 -35.10
CA LEU A 2021 24.11 9.07 -36.29
C LEU A 2021 25.16 10.14 -36.08
N TYR A 2022 25.26 10.64 -34.86
CA TYR A 2022 26.25 11.65 -34.55
C TYR A 2022 27.62 11.02 -34.50
N LEU A 2023 27.74 9.87 -33.84
CA LEU A 2023 29.02 9.21 -33.69
C LEU A 2023 29.46 8.58 -35.00
N ARG A 2024 28.51 8.27 -35.88
CA ARG A 2024 28.86 7.70 -37.16
C ARG A 2024 28.90 8.79 -38.21
N LYS A 2025 28.72 10.04 -37.80
CA LYS A 2025 28.74 11.18 -38.72
C LYS A 2025 27.97 10.95 -40.02
N THR A 2026 26.70 10.60 -39.90
CA THR A 2026 25.89 10.31 -41.07
C THR A 2026 24.92 11.42 -41.38
N VAL A 2027 25.18 12.18 -42.44
CA VAL A 2027 24.28 13.25 -42.83
C VAL A 2027 23.06 12.67 -43.50
N LEU A 2028 23.25 11.59 -44.26
CA LEU A 2028 22.14 10.94 -44.92
C LEU A 2028 21.27 10.27 -43.89
N GLY A 2029 21.88 9.71 -42.87
CA GLY A 2029 21.12 9.06 -41.81
C GLY A 2029 20.33 10.08 -41.04
N LYS A 2030 20.93 11.24 -40.79
CA LYS A 2030 20.22 12.28 -40.08
C LYS A 2030 19.09 12.80 -40.92
N LEU A 2031 19.28 12.91 -42.23
CA LEU A 2031 18.20 13.34 -43.11
C LEU A 2031 17.04 12.39 -42.95
N ALA A 2032 17.30 11.10 -43.10
CA ALA A 2032 16.24 10.11 -42.98
C ALA A 2032 15.55 10.19 -41.64
N PHE A 2033 16.32 10.24 -40.57
CA PHE A 2033 15.75 10.32 -39.24
C PHE A 2033 14.87 11.54 -39.11
N GLN A 2034 15.38 12.69 -39.50
CA GLN A 2034 14.61 13.93 -39.42
C GLN A 2034 13.29 13.77 -40.16
N VAL A 2035 13.32 13.33 -41.41
CA VAL A 2035 12.10 13.19 -42.19
C VAL A 2035 11.12 12.31 -41.45
N ALA A 2036 11.55 11.11 -41.08
CA ALA A 2036 10.67 10.20 -40.36
C ALA A 2036 10.13 10.82 -39.09
N LEU A 2037 11.00 11.35 -38.26
CA LEU A 2037 10.57 11.91 -36.99
C LEU A 2037 9.59 13.06 -37.14
N VAL A 2038 9.85 13.97 -38.08
CA VAL A 2038 8.93 15.08 -38.30
C VAL A 2038 7.55 14.53 -38.57
N LEU A 2039 7.43 13.65 -39.56
CA LEU A 2039 6.14 13.10 -39.91
C LEU A 2039 5.50 12.34 -38.75
N ALA A 2040 6.28 11.54 -38.05
CA ALA A 2040 5.73 10.72 -36.96
C ALA A 2040 5.26 11.53 -35.77
N ILE A 2041 5.99 12.58 -35.42
CA ILE A 2041 5.63 13.40 -34.27
C ILE A 2041 4.39 14.20 -34.64
N HIS A 2042 4.31 14.62 -35.90
CA HIS A 2042 3.14 15.35 -36.35
C HIS A 2042 1.93 14.45 -36.47
N LEU A 2043 2.14 13.15 -36.67
CA LEU A 2043 1.03 12.21 -36.74
C LEU A 2043 0.62 11.82 -35.35
N TRP A 2044 1.51 11.98 -34.38
CA TRP A 2044 1.16 11.70 -32.99
C TRP A 2044 0.28 12.79 -32.44
N MET A 2045 0.18 13.92 -33.15
CA MET A 2045 -0.73 14.97 -32.73
C MET A 2045 -2.14 14.51 -33.02
N PHE A 2046 -2.31 13.58 -33.97
CA PHE A 2046 -3.62 13.04 -34.27
C PHE A 2046 -4.01 11.96 -33.28
N PHE A 2047 -3.03 11.34 -32.63
CA PHE A 2047 -3.32 10.34 -31.61
C PHE A 2047 -3.35 11.01 -30.25
N ILE A 2048 -4.12 12.08 -30.11
CA ILE A 2048 -4.22 12.77 -28.82
C ILE A 2048 -4.99 11.93 -27.83
N LEU A 2049 -5.93 11.14 -28.31
CA LEU A 2049 -6.71 10.25 -27.44
C LEU A 2049 -5.80 9.32 -26.67
N PRO A 2050 -5.82 9.40 -25.32
CA PRO A 2050 -4.90 8.59 -24.53
C PRO A 2050 -5.52 7.26 -24.13
N ASN A 2060 -3.61 20.61 -24.30
CA ASN A 2060 -2.77 20.28 -23.16
C ASN A 2060 -1.52 21.12 -23.17
N VAL A 2061 -1.29 21.87 -22.10
CA VAL A 2061 -0.10 22.72 -22.02
C VAL A 2061 1.18 21.91 -22.07
N VAL A 2062 1.20 20.77 -21.38
CA VAL A 2062 2.37 19.92 -21.41
C VAL A 2062 2.68 19.49 -22.83
N ALA A 2063 1.67 19.08 -23.58
CA ALA A 2063 1.88 18.63 -24.95
C ALA A 2063 2.26 19.77 -25.86
N GLN A 2064 1.76 20.97 -25.59
CA GLN A 2064 2.11 22.13 -26.39
C GLN A 2064 3.58 22.43 -26.18
N LEU A 2065 4.03 22.33 -24.94
CA LEU A 2065 5.43 22.58 -24.64
C LEU A 2065 6.30 21.48 -25.22
N TRP A 2066 5.84 20.25 -25.16
CA TRP A 2066 6.61 19.16 -25.75
C TRP A 2066 6.76 19.39 -27.24
N TYR A 2067 5.69 19.84 -27.91
CA TYR A 2067 5.79 20.14 -29.32
C TYR A 2067 6.78 21.25 -29.54
N PHE A 2068 6.69 22.31 -28.75
CA PHE A 2068 7.60 23.43 -28.89
C PHE A 2068 9.07 23.04 -28.76
N VAL A 2069 9.41 22.28 -27.74
CA VAL A 2069 10.81 21.93 -27.55
C VAL A 2069 11.25 20.94 -28.61
N LYS A 2070 10.34 20.11 -29.08
CA LYS A 2070 10.70 19.20 -30.17
C LYS A 2070 10.89 19.99 -31.45
N CYS A 2071 10.21 21.12 -31.59
CA CYS A 2071 10.41 21.97 -32.76
C CYS A 2071 11.81 22.55 -32.74
N ILE A 2072 12.28 22.92 -31.56
CA ILE A 2072 13.65 23.42 -31.44
C ILE A 2072 14.62 22.32 -31.81
N TYR A 2073 14.36 21.10 -31.35
CA TYR A 2073 15.21 19.98 -31.73
C TYR A 2073 15.23 19.78 -33.23
N PHE A 2074 14.07 19.91 -33.87
CA PHE A 2074 14.00 19.74 -35.32
C PHE A 2074 14.72 20.85 -36.06
N ALA A 2075 14.76 22.04 -35.46
CA ALA A 2075 15.43 23.16 -36.08
C ALA A 2075 16.94 23.02 -35.99
N LEU A 2076 17.42 22.56 -34.84
CA LEU A 2076 18.85 22.37 -34.66
C LEU A 2076 19.31 21.13 -35.40
N SER A 2077 18.42 20.16 -35.57
CA SER A 2077 18.76 18.96 -36.31
C SER A 2077 18.85 19.30 -37.77
N ALA A 2078 17.91 20.09 -38.25
CA ALA A 2078 17.93 20.51 -39.64
C ALA A 2078 19.20 21.25 -39.92
N TYR A 2079 19.66 22.04 -38.94
CA TYR A 2079 20.90 22.77 -39.11
C TYR A 2079 22.07 21.81 -39.29
N GLN A 2080 22.17 20.78 -38.46
CA GLN A 2080 23.23 19.80 -38.59
C GLN A 2080 23.28 19.21 -39.99
N ILE A 2081 22.13 18.85 -40.54
CA ILE A 2081 22.10 18.24 -41.86
C ILE A 2081 22.55 19.22 -42.92
N ARG A 2082 22.05 20.46 -42.87
CA ARG A 2082 22.40 21.43 -43.89
C ARG A 2082 23.78 22.05 -43.72
N CYS A 2083 24.43 21.80 -42.60
CA CYS A 2083 25.78 22.31 -42.41
C CYS A 2083 26.76 21.20 -42.67
N GLY A 2084 26.66 20.12 -41.91
CA GLY A 2084 27.55 18.99 -42.08
C GLY A 2084 28.07 18.57 -40.73
N TYR A 2085 28.87 17.51 -40.70
CA TYR A 2085 29.44 17.04 -39.44
C TYR A 2085 30.90 17.42 -39.41
N PRO A 2086 31.37 18.00 -38.29
CA PRO A 2086 32.76 18.43 -38.21
C PRO A 2086 33.68 17.26 -37.96
N THR A 2087 34.95 17.36 -38.35
CA THR A 2087 35.89 16.25 -38.20
C THR A 2087 36.10 15.82 -36.75
N ARG A 2088 36.29 16.78 -35.85
CA ARG A 2088 36.50 16.46 -34.45
C ARG A 2088 35.16 16.36 -33.71
N ILE A 2089 34.62 15.17 -33.60
CA ILE A 2089 33.33 15.00 -32.94
C ILE A 2089 33.47 14.45 -31.53
N LEU A 2090 34.59 13.79 -31.24
CA LEU A 2090 34.78 13.19 -29.93
C LEU A 2090 35.17 14.21 -28.88
N GLY A 2091 34.86 13.94 -27.63
CA GLY A 2091 35.21 14.85 -26.56
C GLY A 2091 34.01 15.31 -25.78
N ASN A 2092 34.00 15.11 -24.46
CA ASN A 2092 32.85 15.46 -23.66
C ASN A 2092 32.66 16.96 -23.61
N PHE A 2093 31.43 17.41 -23.81
CA PHE A 2093 31.13 18.83 -23.79
C PHE A 2093 31.58 19.52 -22.53
N LEU A 2094 31.31 18.92 -21.38
CA LEU A 2094 31.64 19.57 -20.11
C LEU A 2094 33.07 19.37 -19.65
N THR A 2095 33.94 18.83 -20.51
CA THR A 2095 35.34 18.68 -20.15
C THR A 2095 36.21 19.54 -21.02
N LYS A 2096 35.61 20.53 -21.67
CA LYS A 2096 36.37 21.36 -22.61
C LYS A 2096 37.17 22.45 -21.91
N LYS A 2097 36.49 23.34 -21.20
CA LYS A 2097 37.18 24.45 -20.56
C LYS A 2097 37.13 24.31 -19.09
N TYR A 2098 38.01 25.02 -18.41
CA TYR A 2098 38.11 24.80 -17.00
C TYR A 2098 37.71 26.02 -16.20
N ASN A 2099 36.67 26.67 -16.69
CA ASN A 2099 35.93 27.65 -15.92
C ASN A 2099 34.89 26.96 -15.07
N HIS A 2100 34.28 27.71 -14.16
CA HIS A 2100 33.34 27.08 -13.26
C HIS A 2100 32.06 26.56 -13.89
N LEU A 2101 31.57 27.20 -14.96
CA LEU A 2101 30.32 26.76 -15.52
C LEU A 2101 30.49 25.38 -16.12
N ASN A 2102 31.56 25.17 -16.87
CA ASN A 2102 31.82 23.85 -17.42
C ASN A 2102 31.88 22.84 -16.29
N LEU A 2103 32.58 23.18 -15.21
CA LEU A 2103 32.69 22.29 -14.05
C LEU A 2103 31.31 21.91 -13.56
N PHE A 2104 30.47 22.89 -13.27
CA PHE A 2104 29.16 22.60 -12.70
C PHE A 2104 28.30 21.78 -13.65
N LEU A 2105 28.29 22.14 -14.92
CA LEU A 2105 27.49 21.40 -15.88
C LEU A 2105 27.94 19.96 -16.00
N PHE A 2106 29.26 19.73 -16.01
CA PHE A 2106 29.77 18.38 -16.17
C PHE A 2106 29.37 17.54 -14.98
N GLN A 2107 29.49 18.14 -13.80
CA GLN A 2107 29.14 17.45 -12.57
C GLN A 2107 27.71 16.97 -12.60
N GLY A 2108 26.74 17.86 -12.63
CA GLY A 2108 25.34 17.45 -12.57
C GLY A 2108 24.89 16.61 -13.75
N PHE A 2109 25.45 16.90 -14.91
CA PHE A 2109 25.10 16.14 -16.09
C PHE A 2109 25.52 14.70 -15.89
N ARG A 2110 26.73 14.46 -15.39
CA ARG A 2110 27.20 13.10 -15.15
C ARG A 2110 26.41 12.50 -14.01
N LEU A 2111 26.04 13.34 -13.04
CA LEU A 2111 25.34 12.85 -11.84
C LEU A 2111 24.11 12.00 -12.14
N VAL A 2112 23.45 12.27 -13.26
CA VAL A 2112 22.26 11.51 -13.63
C VAL A 2112 22.53 10.01 -13.53
N PRO A 2113 21.75 9.29 -12.71
CA PRO A 2113 21.97 7.86 -12.47
C PRO A 2113 22.58 7.03 -13.58
N PHE A 2114 21.85 6.77 -14.65
CA PHE A 2114 22.38 5.89 -15.68
C PHE A 2114 22.99 6.58 -16.89
N LEU A 2115 23.10 7.91 -16.85
CA LEU A 2115 23.60 8.61 -18.02
C LEU A 2115 25.04 8.23 -18.31
N VAL A 2116 25.89 8.24 -17.31
CA VAL A 2116 27.29 7.91 -17.50
C VAL A 2116 27.50 6.58 -18.19
N GLU A 2117 26.87 5.53 -17.67
CA GLU A 2117 27.06 4.21 -18.25
C GLU A 2117 26.46 4.09 -19.64
N LEU A 2118 25.30 4.70 -19.86
CA LEU A 2118 24.68 4.66 -21.18
C LEU A 2118 25.60 5.31 -22.19
N ARG A 2119 26.11 6.49 -21.85
CA ARG A 2119 27.02 7.19 -22.75
C ARG A 2119 28.16 6.28 -23.13
N ALA A 2120 28.82 5.67 -22.16
CA ALA A 2120 29.96 4.81 -22.44
C ALA A 2120 29.61 3.67 -23.38
N VAL A 2121 28.64 2.84 -23.00
CA VAL A 2121 28.30 1.69 -23.84
C VAL A 2121 27.92 2.15 -25.22
N MET A 2122 26.99 3.10 -25.32
CA MET A 2122 26.54 3.60 -26.61
C MET A 2122 27.71 4.03 -27.47
N ASP A 2123 28.52 4.95 -26.97
CA ASP A 2123 29.66 5.44 -27.73
C ASP A 2123 30.53 4.28 -28.20
N TRP A 2124 30.82 3.33 -27.34
CA TRP A 2124 31.64 2.19 -27.71
C TRP A 2124 31.10 1.48 -28.94
N VAL A 2125 29.79 1.23 -28.94
CA VAL A 2125 29.14 0.51 -30.04
C VAL A 2125 29.25 1.20 -31.39
N TRP A 2126 29.18 2.52 -31.42
CA TRP A 2126 29.34 3.26 -32.66
C TRP A 2126 30.79 3.59 -33.01
N THR A 2127 31.52 4.24 -32.10
CA THR A 2127 32.91 4.61 -32.34
C THR A 2127 33.73 3.39 -32.72
N ASP A 2128 34.64 3.54 -33.66
CA ASP A 2128 35.49 2.44 -34.06
C ASP A 2128 36.62 2.28 -33.07
N THR A 2129 36.61 1.18 -32.33
CA THR A 2129 37.65 0.93 -31.33
C THR A 2129 38.26 -0.43 -31.53
N THR A 2130 39.40 -0.68 -30.91
CA THR A 2130 39.99 -2.02 -30.97
C THR A 2130 39.74 -2.65 -29.63
N LEU A 2131 39.50 -1.81 -28.62
CA LEU A 2131 39.36 -2.32 -27.26
C LEU A 2131 37.98 -2.73 -26.85
N SER A 2132 37.80 -2.92 -25.55
CA SER A 2132 36.51 -3.36 -25.04
C SER A 2132 35.74 -2.23 -24.41
N LEU A 2133 34.58 -2.55 -23.86
CA LEU A 2133 33.76 -1.55 -23.21
C LEU A 2133 34.38 -1.19 -21.86
N SER A 2134 34.91 -2.18 -21.16
CA SER A 2134 35.55 -1.90 -19.88
C SER A 2134 36.67 -0.91 -20.10
N SER A 2135 37.48 -1.15 -21.12
CA SER A 2135 38.57 -0.25 -21.43
C SER A 2135 38.08 1.14 -21.75
N TRP A 2136 36.94 1.22 -22.40
CA TRP A 2136 36.38 2.49 -22.84
C TRP A 2136 35.93 3.24 -21.61
N MET A 2137 35.26 2.53 -20.70
CA MET A 2137 34.79 3.16 -19.49
C MET A 2137 35.95 3.62 -18.63
N CYS A 2138 37.06 2.91 -18.66
CA CYS A 2138 38.23 3.35 -17.91
C CYS A 2138 38.68 4.71 -18.40
N VAL A 2139 38.85 4.89 -19.71
CA VAL A 2139 39.35 6.18 -20.18
C VAL A 2139 38.34 7.29 -19.94
N GLU A 2140 37.06 6.96 -19.91
CA GLU A 2140 36.06 7.96 -19.63
C GLU A 2140 36.11 8.38 -18.17
N ASP A 2141 36.26 7.42 -17.27
CA ASP A 2141 36.37 7.76 -15.87
C ASP A 2141 37.60 8.62 -15.64
N ILE A 2142 38.74 8.18 -16.15
CA ILE A 2142 39.96 8.93 -15.94
C ILE A 2142 39.74 10.35 -16.42
N TYR A 2143 39.24 10.52 -17.63
CA TYR A 2143 39.03 11.86 -18.17
C TYR A 2143 38.11 12.69 -17.32
N ALA A 2144 37.01 12.11 -16.87
CA ALA A 2144 36.05 12.85 -16.06
C ALA A 2144 36.72 13.36 -14.81
N ASN A 2145 37.38 12.48 -14.07
CA ASN A 2145 38.06 12.89 -12.86
C ASN A 2145 39.12 13.93 -13.16
N ILE A 2146 39.91 13.72 -14.20
CA ILE A 2146 40.98 14.66 -14.55
C ILE A 2146 40.39 16.03 -14.85
N PHE A 2147 39.29 16.09 -15.59
CA PHE A 2147 38.65 17.37 -15.87
C PHE A 2147 38.25 18.07 -14.58
N ILE A 2148 37.56 17.37 -13.69
CA ILE A 2148 37.11 17.98 -12.45
C ILE A 2148 38.30 18.56 -11.69
N ILE A 2149 39.38 17.79 -11.60
CA ILE A 2149 40.59 18.29 -10.94
C ILE A 2149 41.12 19.53 -11.66
N LYS A 2150 41.21 19.50 -12.98
CA LYS A 2150 41.70 20.65 -13.74
C LYS A 2150 40.88 21.90 -13.50
N CYS A 2151 39.57 21.79 -13.52
CA CYS A 2151 38.73 22.93 -13.25
C CYS A 2151 39.05 23.53 -11.89
N SER A 2152 39.17 22.69 -10.87
CA SER A 2152 39.51 23.16 -9.54
C SER A 2152 40.89 23.82 -9.50
N ARG A 2153 41.86 23.24 -10.20
CA ARG A 2153 43.20 23.80 -10.22
C ARG A 2153 43.16 25.16 -10.88
N GLU A 2154 42.41 25.26 -11.97
CA GLU A 2154 42.33 26.51 -12.71
C GLU A 2154 41.70 27.60 -11.87
N THR A 2155 40.64 27.27 -11.16
CA THR A 2155 39.97 28.26 -10.33
C THR A 2155 40.85 28.67 -9.17
N GLU A 2156 41.70 27.78 -8.68
CA GLU A 2156 42.60 28.18 -7.62
C GLU A 2156 43.71 29.07 -8.14
N LYS A 2157 44.04 28.97 -9.41
CA LYS A 2157 45.03 29.86 -9.98
C LYS A 2157 44.39 31.20 -10.26
N LYS A 2158 43.13 31.18 -10.66
CA LYS A 2158 42.42 32.41 -10.96
C LYS A 2158 42.19 33.19 -9.69
N TYR A 2159 41.68 32.52 -8.66
CA TYR A 2159 41.43 33.18 -7.37
C TYR A 2159 41.99 32.37 -6.20
N PRO A 2160 43.15 32.79 -5.67
CA PRO A 2160 43.72 32.11 -4.50
C PRO A 2160 43.58 32.85 -3.17
N GLN A 2161 43.65 32.13 -2.06
CA GLN A 2161 43.60 32.76 -0.75
C GLN A 2161 45.01 32.72 -0.18
N PRO A 2162 45.28 33.42 0.94
CA PRO A 2162 46.61 33.38 1.58
C PRO A 2162 46.84 32.28 2.64
N LYS A 2163 48.10 32.07 3.04
CA LYS A 2163 48.45 31.02 4.02
C LYS A 2163 48.06 31.42 5.45
N GLY A 2164 47.95 30.45 6.37
CA GLY A 2164 47.48 30.79 7.69
C GLY A 2164 46.35 31.79 7.68
N GLN A 2165 45.44 31.63 6.73
CA GLN A 2165 44.36 32.59 6.63
C GLN A 2165 43.01 31.95 6.62
N LYS A 2166 42.26 32.07 7.72
CA LYS A 2166 40.87 31.61 7.77
C LYS A 2166 40.23 31.48 6.41
N LYS A 2167 39.67 30.30 6.13
CA LYS A 2167 39.01 30.06 4.84
C LYS A 2167 37.95 31.11 4.57
N LYS A 2168 37.49 31.84 5.59
CA LYS A 2168 36.48 32.92 5.49
C LYS A 2168 35.12 32.49 5.97
N LYS A 2169 34.77 32.92 7.17
CA LYS A 2169 33.46 32.63 7.74
C LYS A 2169 32.32 32.53 6.76
N ILE A 2170 32.24 33.45 5.82
CA ILE A 2170 31.17 33.44 4.84
C ILE A 2170 31.16 32.22 3.94
N VAL A 2171 32.32 31.84 3.41
CA VAL A 2171 32.39 30.64 2.58
C VAL A 2171 31.81 29.48 3.35
N LYS A 2172 32.24 29.30 4.59
CA LYS A 2172 31.76 28.20 5.41
C LYS A 2172 30.26 28.26 5.57
N TYR A 2173 29.77 29.43 5.94
CA TYR A 2173 28.34 29.58 6.17
C TYR A 2173 27.53 29.22 4.94
N GLY A 2174 28.01 29.62 3.78
CA GLY A 2174 27.31 29.33 2.54
C GLY A 2174 27.22 27.85 2.25
N MET A 2175 28.35 27.20 2.05
CA MET A 2175 28.36 25.78 1.71
C MET A 2175 27.64 24.98 2.77
N GLY A 2176 28.02 25.16 4.02
CA GLY A 2176 27.38 24.44 5.11
C GLY A 2176 25.88 24.63 5.10
N GLY A 2177 25.44 25.88 4.99
CA GLY A 2177 24.02 26.16 4.96
C GLY A 2177 23.30 25.41 3.86
N LEU A 2178 23.84 25.47 2.65
CA LEU A 2178 23.24 24.76 1.53
C LEU A 2178 23.10 23.28 1.82
N ILE A 2179 24.15 22.67 2.35
CA ILE A 2179 24.10 21.25 2.66
C ILE A 2179 23.01 20.97 3.67
N ILE A 2180 22.97 21.74 4.75
CA ILE A 2180 21.93 21.55 5.75
C ILE A 2180 20.54 21.67 5.14
N LEU A 2181 20.31 22.70 4.33
CA LEU A 2181 19.01 22.90 3.69
C LEU A 2181 18.64 21.76 2.78
N PHE A 2182 19.63 21.21 2.09
CA PHE A 2182 19.39 20.07 1.21
C PHE A 2182 18.96 18.89 2.06
N LEU A 2183 19.63 18.68 3.19
CA LEU A 2183 19.25 17.60 4.09
C LEU A 2183 17.88 17.82 4.69
N ILE A 2184 17.52 19.08 4.94
CA ILE A 2184 16.20 19.39 5.46
C ILE A 2184 15.18 18.98 4.42
N ALA A 2185 15.46 19.29 3.17
CA ALA A 2185 14.53 18.95 2.09
C ALA A 2185 14.49 17.47 1.74
N ILE A 2186 15.32 16.65 2.39
CA ILE A 2186 15.26 15.22 2.16
C ILE A 2186 14.22 14.67 3.12
N ILE A 2187 14.19 15.17 4.33
CA ILE A 2187 13.28 14.61 5.31
C ILE A 2187 12.00 15.41 5.53
N TRP A 2188 12.15 16.68 5.88
CA TRP A 2188 10.99 17.51 6.19
C TRP A 2188 10.13 17.89 5.00
N PHE A 2189 10.74 18.44 3.96
CA PHE A 2189 9.97 18.86 2.80
C PHE A 2189 9.01 17.82 2.22
N PRO A 2190 9.45 16.56 2.03
CA PRO A 2190 8.46 15.60 1.54
C PRO A 2190 7.28 15.50 2.48
N LEU A 2191 7.53 15.38 3.78
CA LEU A 2191 6.44 15.32 4.75
C LEU A 2191 5.51 16.50 4.60
N LEU A 2192 6.07 17.71 4.49
CA LEU A 2192 5.25 18.90 4.31
C LEU A 2192 4.37 18.77 3.09
N PHE A 2193 4.97 18.54 1.93
CA PHE A 2193 4.20 18.38 0.70
C PHE A 2193 3.10 17.35 0.87
N MET A 2194 3.47 16.17 1.35
CA MET A 2194 2.50 15.10 1.53
C MET A 2194 1.32 15.56 2.34
N SER A 2195 1.57 16.04 3.55
CA SER A 2195 0.50 16.48 4.42
C SER A 2195 -0.35 17.55 3.76
N LEU A 2196 0.28 18.54 3.14
CA LEU A 2196 -0.45 19.63 2.48
C LEU A 2196 -1.49 19.12 1.50
N VAL A 2197 -1.07 18.21 0.62
CA VAL A 2197 -1.98 17.65 -0.38
C VAL A 2197 -3.11 16.88 0.30
N ARG A 2198 -2.77 16.06 1.29
CA ARG A 2198 -3.78 15.28 1.99
C ARG A 2198 -4.81 16.16 2.66
N SER A 2199 -4.38 17.29 3.21
CA SER A 2199 -5.29 18.20 3.88
C SER A 2199 -6.34 18.77 2.94
N VAL A 2200 -5.96 18.99 1.68
CA VAL A 2200 -6.90 19.52 0.70
C VAL A 2200 -8.07 18.58 0.51
N VAL A 2201 -9.27 19.06 0.79
CA VAL A 2201 -10.47 18.25 0.58
C VAL A 2201 -10.93 18.41 -0.86
N GLY A 2202 -10.65 17.39 -1.67
CA GLY A 2202 -10.72 17.48 -3.12
C GLY A 2202 -12.04 17.87 -3.74
N VAL A 2203 -13.00 16.96 -3.77
CA VAL A 2203 -14.25 17.28 -4.46
C VAL A 2203 -15.51 17.19 -3.61
N VAL A 2204 -16.47 18.07 -3.88
CA VAL A 2204 -17.72 18.12 -3.12
C VAL A 2204 -18.47 16.82 -2.93
N ASN A 2205 -18.83 16.51 -1.68
CA ASN A 2205 -19.64 15.34 -1.41
C ASN A 2205 -20.93 15.75 -0.74
N GLN A 2206 -22.04 15.70 -1.48
CA GLN A 2206 -23.33 16.11 -0.94
C GLN A 2206 -24.29 14.95 -0.82
N PRO A 2207 -24.99 14.83 0.32
CA PRO A 2207 -25.98 13.77 0.48
C PRO A 2207 -26.98 13.78 -0.66
N ILE A 2208 -27.06 12.69 -1.40
CA ILE A 2208 -27.99 12.60 -2.52
C ILE A 2208 -29.40 12.61 -1.95
N ASP A 2209 -29.64 11.80 -0.92
CA ASP A 2209 -30.96 11.72 -0.35
C ASP A 2209 -30.97 12.00 1.14
N VAL A 2210 -32.11 12.43 1.65
CA VAL A 2210 -32.24 12.63 3.09
C VAL A 2210 -33.19 11.55 3.60
N THR A 2211 -32.63 10.44 4.03
CA THR A 2211 -33.45 9.34 4.50
C THR A 2211 -33.66 9.43 6.00
N VAL A 2212 -34.73 10.09 6.41
CA VAL A 2212 -35.01 10.14 7.83
C VAL A 2212 -36.01 9.08 8.22
N THR A 2213 -35.52 8.00 8.81
CA THR A 2213 -36.40 6.96 9.28
C THR A 2213 -36.55 7.19 10.77
N LEU A 2214 -37.70 7.72 11.17
CA LEU A 2214 -37.92 8.02 12.57
C LEU A 2214 -38.37 6.77 13.28
N LYS A 2215 -37.51 5.76 13.34
CA LYS A 2215 -37.83 4.51 14.01
C LYS A 2215 -38.50 4.78 15.35
N LEU A 2216 -39.80 4.57 15.44
CA LEU A 2216 -40.53 4.88 16.66
C LEU A 2216 -40.87 3.63 17.46
N GLY A 2217 -41.84 2.87 16.97
CA GLY A 2217 -42.24 1.65 17.65
C GLY A 2217 -41.06 0.76 17.96
N GLY A 2218 -40.87 0.43 19.22
CA GLY A 2218 -39.79 -0.45 19.59
C GLY A 2218 -39.89 -1.78 18.85
N TYR A 2219 -41.09 -2.35 18.83
CA TYR A 2219 -41.30 -3.61 18.13
C TYR A 2219 -41.16 -3.42 16.63
N GLU A 2220 -41.95 -2.52 16.05
CA GLU A 2220 -41.88 -2.27 14.62
C GLU A 2220 -41.55 -0.82 14.31
N PRO A 2221 -40.27 -0.52 14.07
CA PRO A 2221 -39.83 0.84 13.77
C PRO A 2221 -40.36 1.33 12.43
N LEU A 2222 -41.01 2.49 12.40
CA LEU A 2222 -41.58 2.97 11.15
C LEU A 2222 -41.25 4.43 10.87
N PHE A 2223 -42.26 5.22 10.49
CA PHE A 2223 -42.06 6.64 10.17
C PHE A 2223 -40.92 6.82 9.18
N THR A 2224 -41.02 6.21 8.00
CA THR A 2224 -39.95 6.28 7.02
C THR A 2224 -40.20 7.32 5.94
N MET A 2225 -41.05 8.30 6.21
CA MET A 2225 -41.29 9.35 5.24
C MET A 2225 -39.99 10.10 5.03
N SER A 2226 -39.47 10.06 3.80
CA SER A 2226 -38.18 10.68 3.53
C SER A 2226 -38.12 11.20 2.10
N ALA A 2227 -37.03 11.88 1.75
CA ALA A 2227 -36.93 12.46 0.41
C ALA A 2227 -35.66 12.08 -0.35
N GLN A 2228 -35.51 12.63 -1.55
CA GLN A 2228 -34.35 12.31 -2.38
C GLN A 2228 -33.78 13.56 -3.05
N GLN A 2229 -32.92 13.38 -4.05
CA GLN A 2229 -32.32 14.51 -4.77
C GLN A 2229 -33.25 15.63 -5.26
N PRO A 2230 -34.42 15.31 -5.88
CA PRO A 2230 -35.27 16.44 -6.27
C PRO A 2230 -35.57 17.40 -5.13
N SER A 2231 -35.93 16.88 -3.96
CA SER A 2231 -36.23 17.72 -2.82
C SER A 2231 -34.96 18.30 -2.22
N ILE A 2232 -33.89 17.53 -2.23
CA ILE A 2232 -32.62 18.00 -1.69
C ILE A 2232 -32.08 19.18 -2.51
N ILE A 2233 -31.79 20.29 -1.86
CA ILE A 2233 -31.31 21.47 -2.58
C ILE A 2233 -29.86 21.80 -2.29
N PRO A 2234 -28.96 21.58 -3.26
CA PRO A 2234 -27.57 22.00 -3.03
C PRO A 2234 -27.54 23.50 -2.83
N PHE A 2235 -27.23 23.94 -1.62
CA PHE A 2235 -27.27 25.38 -1.33
C PHE A 2235 -26.33 26.18 -2.21
N THR A 2236 -26.84 27.27 -2.77
CA THR A 2236 -26.03 28.11 -3.64
C THR A 2236 -25.12 29.03 -2.85
N ALA A 2237 -24.37 29.86 -3.55
CA ALA A 2237 -23.49 30.81 -2.88
C ALA A 2237 -24.30 31.77 -2.04
N GLN A 2238 -25.36 32.33 -2.62
CA GLN A 2238 -26.23 33.25 -1.88
C GLN A 2238 -26.86 32.56 -0.70
N ALA A 2239 -27.36 31.35 -0.91
CA ALA A 2239 -27.96 30.59 0.19
C ALA A 2239 -26.96 30.37 1.29
N TYR A 2240 -25.72 30.04 0.93
CA TYR A 2240 -24.68 29.84 1.93
C TYR A 2240 -24.45 31.09 2.75
N GLU A 2241 -24.40 32.24 2.10
CA GLU A 2241 -24.24 33.50 2.82
C GLU A 2241 -25.34 33.66 3.84
N GLU A 2242 -26.58 33.40 3.45
CA GLU A 2242 -27.70 33.48 4.38
C GLU A 2242 -27.47 32.67 5.64
N LEU A 2243 -27.17 31.38 5.48
CA LEU A 2243 -26.95 30.52 6.64
C LEU A 2243 -25.81 31.03 7.51
N SER A 2244 -24.71 31.42 6.87
CA SER A 2244 -23.56 31.92 7.60
C SER A 2244 -23.93 33.15 8.42
N ARG A 2245 -24.69 34.06 7.82
CA ARG A 2245 -25.10 35.28 8.51
C ARG A 2245 -26.09 35.01 9.62
N GLN A 2246 -26.96 34.01 9.44
CA GLN A 2246 -27.91 33.65 10.47
C GLN A 2246 -27.16 33.27 11.72
N PHE A 2247 -26.10 32.49 11.56
CA PHE A 2247 -25.34 32.04 12.72
C PHE A 2247 -24.02 32.77 12.88
N ASP A 2248 -23.92 33.96 12.31
CA ASP A 2248 -22.71 34.77 12.47
C ASP A 2248 -22.33 35.14 13.90
N PRO A 2249 -23.30 35.56 14.76
CA PRO A 2249 -22.92 35.83 16.15
C PRO A 2249 -22.06 34.74 16.78
N GLN A 2250 -22.49 33.49 16.71
CA GLN A 2250 -21.68 32.39 17.22
C GLN A 2250 -20.54 32.14 16.26
N PRO A 2251 -19.29 32.35 16.72
CA PRO A 2251 -18.15 32.21 15.82
C PRO A 2251 -18.07 30.83 15.20
N LEU A 2252 -18.05 29.79 16.02
CA LEU A 2252 -17.92 28.43 15.51
C LEU A 2252 -19.09 27.97 14.66
N ALA A 2253 -20.29 28.46 14.93
CA ALA A 2253 -21.43 28.13 14.10
C ALA A 2253 -21.19 28.65 12.70
N MET A 2254 -20.91 29.94 12.60
CA MET A 2254 -20.62 30.52 11.30
C MET A 2254 -19.43 29.82 10.67
N GLN A 2255 -18.39 29.56 11.46
CA GLN A 2255 -17.21 28.87 10.96
C GLN A 2255 -17.58 27.61 10.20
N PHE A 2256 -18.36 26.73 10.83
CA PHE A 2256 -18.79 25.51 10.17
C PHE A 2256 -19.35 25.80 8.78
N ILE A 2257 -20.37 26.64 8.73
CA ILE A 2257 -21.00 26.98 7.44
C ILE A 2257 -20.00 27.58 6.46
N SER A 2258 -19.28 28.63 6.88
CA SER A 2258 -18.35 29.30 5.99
C SER A 2258 -17.22 28.39 5.49
N GLN A 2259 -16.69 27.54 6.35
CA GLN A 2259 -15.59 26.66 5.97
C GLN A 2259 -16.06 25.68 4.92
N TYR A 2260 -17.25 25.12 5.11
CA TYR A 2260 -17.80 24.23 4.09
C TYR A 2260 -18.00 25.04 2.82
N SER A 2261 -17.49 24.53 1.71
CA SER A 2261 -17.57 25.28 0.45
C SER A 2261 -18.99 25.48 -0.04
N PRO A 2262 -19.23 26.57 -0.78
CA PRO A 2262 -20.56 26.78 -1.38
C PRO A 2262 -20.93 25.56 -2.19
N GLU A 2263 -22.22 25.34 -2.44
CA GLU A 2263 -22.67 24.12 -3.13
C GLU A 2263 -22.11 22.94 -2.37
N ASP A 2264 -21.96 23.09 -1.06
CA ASP A 2264 -21.51 21.98 -0.23
C ASP A 2264 -22.68 21.72 0.68
N ILE A 2265 -22.97 22.68 1.57
CA ILE A 2265 -24.12 22.54 2.44
C ILE A 2265 -25.36 22.22 1.63
N VAL A 2266 -25.94 21.05 1.85
CA VAL A 2266 -27.12 20.64 1.11
C VAL A 2266 -28.37 20.84 1.97
N THR A 2267 -29.53 20.98 1.34
CA THR A 2267 -30.75 21.21 2.11
C THR A 2267 -31.53 19.92 2.33
N ALA A 2268 -31.77 19.59 3.59
CA ALA A 2268 -32.53 18.39 3.91
C ALA A 2268 -34.03 18.65 3.85
N GLN A 2269 -34.60 18.70 2.66
CA GLN A 2269 -36.04 18.87 2.55
C GLN A 2269 -36.74 17.54 2.65
N ILE A 2270 -36.69 16.90 3.81
CA ILE A 2270 -37.29 15.59 3.99
C ILE A 2270 -38.81 15.63 3.88
N GLU A 2271 -39.38 14.70 3.11
CA GLU A 2271 -40.82 14.64 2.96
C GLU A 2271 -41.49 14.19 4.26
N GLY A 2272 -42.64 14.77 4.56
CA GLY A 2272 -43.34 14.42 5.78
C GLY A 2272 -44.66 13.73 5.56
N SER A 2273 -45.24 13.89 4.37
CA SER A 2273 -46.57 13.32 4.16
C SER A 2273 -46.49 11.81 4.16
N SER A 2274 -47.61 11.15 4.39
CA SER A 2274 -47.55 9.70 4.54
C SER A 2274 -48.24 8.81 3.54
N GLY A 2275 -49.04 7.89 4.07
CA GLY A 2275 -49.69 6.92 3.21
C GLY A 2275 -49.02 5.62 3.54
N ALA A 2276 -47.70 5.67 3.76
CA ALA A 2276 -46.99 4.49 4.18
C ALA A 2276 -47.54 4.20 5.56
N LEU A 2277 -48.38 3.18 5.68
CA LEU A 2277 -49.04 2.89 6.96
C LEU A 2277 -48.15 2.46 8.12
N TRP A 2278 -48.55 2.81 9.33
CA TRP A 2278 -47.80 2.36 10.51
C TRP A 2278 -48.11 0.89 10.67
N ARG A 2279 -47.10 0.08 10.96
CA ARG A 2279 -47.33 -1.37 11.01
C ARG A 2279 -46.97 -2.06 12.31
N ILE A 2280 -47.77 -1.86 13.36
CA ILE A 2280 -47.57 -2.55 14.63
C ILE A 2280 -48.95 -3.17 14.86
N SER A 2281 -49.12 -4.13 15.78
CA SER A 2281 -50.48 -4.76 15.87
C SER A 2281 -50.95 -5.31 17.22
N PRO A 2282 -52.19 -5.84 17.31
CA PRO A 2282 -52.55 -6.48 18.60
C PRO A 2282 -51.38 -7.20 19.33
N PRO A 2283 -50.57 -8.02 18.63
CA PRO A 2283 -49.39 -8.53 19.34
C PRO A 2283 -48.49 -7.34 19.67
N SER A 2284 -47.88 -6.72 18.66
CA SER A 2284 -46.96 -5.59 18.88
C SER A 2284 -47.65 -4.30 19.32
N ARG A 2285 -48.45 -3.70 18.44
CA ARG A 2285 -49.18 -2.47 18.76
C ARG A 2285 -50.06 -2.48 19.95
N ALA A 2286 -50.84 -3.55 20.21
CA ALA A 2286 -51.59 -3.34 21.43
C ALA A 2286 -50.63 -3.15 22.60
N GLN A 2287 -49.46 -3.78 22.54
CA GLN A 2287 -48.45 -3.60 23.58
C GLN A 2287 -47.83 -2.23 23.46
N MET A 2288 -47.68 -1.73 22.24
CA MET A 2288 -47.15 -0.40 22.04
C MET A 2288 -48.15 0.60 22.58
N LYS A 2289 -49.41 0.22 22.35
CA LYS A 2289 -50.51 1.01 22.84
C LYS A 2289 -50.32 1.10 24.33
N ARG A 2290 -50.27 -0.01 24.94
CA ARG A 2290 -50.21 -0.14 26.39
C ARG A 2290 -49.06 0.67 26.95
N GLU A 2291 -47.89 0.58 26.33
CA GLU A 2291 -46.77 1.39 26.78
C GLU A 2291 -47.18 2.84 26.88
N LEU A 2292 -47.69 3.41 25.79
CA LEU A 2292 -48.13 4.79 25.79
C LEU A 2292 -49.31 4.98 26.72
N TYR A 2293 -50.15 3.96 26.84
CA TYR A 2293 -51.31 4.03 27.71
C TYR A 2293 -50.84 4.00 29.15
N ASN A 2294 -50.12 2.96 29.51
CA ASN A 2294 -49.67 2.80 30.89
C ASN A 2294 -48.24 2.25 30.96
N GLY A 2295 -48.03 1.03 30.48
CA GLY A 2295 -46.71 0.42 30.49
C GLY A 2295 -45.57 1.39 30.71
N THR A 2296 -44.92 1.29 31.87
CA THR A 2296 -43.83 2.19 32.19
C THR A 2296 -42.52 1.80 31.50
N ALA A 2297 -42.35 2.24 30.25
CA ALA A 2297 -41.14 1.93 29.50
C ALA A 2297 -40.72 3.13 28.67
N ASP A 2298 -39.54 3.09 28.09
CA ASP A 2298 -39.05 4.22 27.30
C ASP A 2298 -38.83 3.84 25.86
N ILE A 2299 -39.84 4.07 25.02
CA ILE A 2299 -39.74 3.70 23.61
C ILE A 2299 -38.56 4.36 22.93
N THR A 2300 -37.74 3.56 22.26
CA THR A 2300 -36.58 4.10 21.57
C THR A 2300 -37.00 4.83 20.31
N LEU A 2301 -36.97 6.16 20.35
CA LEU A 2301 -37.39 6.93 19.20
C LEU A 2301 -36.19 7.31 18.37
N ARG A 2302 -35.51 6.31 17.81
CA ARG A 2302 -34.33 6.58 17.02
C ARG A 2302 -34.69 7.30 15.74
N PHE A 2303 -34.36 8.58 15.67
CA PHE A 2303 -34.62 9.33 14.46
C PHE A 2303 -33.36 9.20 13.63
N THR A 2304 -33.26 8.12 12.86
CA THR A 2304 -32.05 7.91 12.08
C THR A 2304 -32.03 8.87 10.90
N TRP A 2305 -30.97 9.65 10.79
CA TRP A 2305 -30.90 10.63 9.72
C TRP A 2305 -29.89 10.19 8.68
N ASN A 2306 -30.17 9.08 8.00
CA ASN A 2306 -29.24 8.53 7.01
C ASN A 2306 -29.06 9.43 5.80
N PHE A 2307 -27.81 9.74 5.46
CA PHE A 2307 -27.55 10.64 4.34
C PHE A 2307 -26.72 9.99 3.27
N GLN A 2308 -27.34 9.11 2.51
CA GLN A 2308 -26.63 8.40 1.46
C GLN A 2308 -26.22 9.36 0.37
N ARG A 2309 -24.92 9.55 0.17
CA ARG A 2309 -24.46 10.40 -0.91
C ARG A 2309 -24.13 9.54 -2.11
N ASP A 2310 -22.90 9.63 -2.60
CA ASP A 2310 -22.49 8.83 -3.73
C ASP A 2310 -21.09 8.31 -3.53
N LEU A 2311 -20.52 7.69 -4.56
CA LEU A 2311 -19.15 7.21 -4.49
C LEU A 2311 -18.42 7.66 -5.73
N ALA A 2312 -19.17 8.23 -6.67
CA ALA A 2312 -18.57 8.72 -7.91
C ALA A 2312 -17.72 9.93 -7.62
N LYS A 2313 -18.19 10.80 -6.74
CA LYS A 2313 -17.43 11.99 -6.36
C LYS A 2313 -16.64 11.70 -5.10
N GLY A 2314 -16.52 10.44 -4.73
CA GLY A 2314 -15.85 10.09 -3.50
C GLY A 2314 -16.91 9.89 -2.46
N GLY A 2315 -16.51 9.58 -1.23
CA GLY A 2315 -17.47 9.34 -0.18
C GLY A 2315 -17.46 7.89 0.22
N THR A 2316 -16.45 7.50 1.02
CA THR A 2316 -16.33 6.12 1.45
C THR A 2316 -17.65 5.63 2.02
N VAL A 2317 -17.89 5.90 3.29
CA VAL A 2317 -19.16 5.53 3.89
C VAL A 2317 -20.10 6.70 3.67
N GLU A 2318 -20.48 6.94 2.42
CA GLU A 2318 -21.36 8.06 2.08
C GLU A 2318 -22.51 8.20 3.04
N TYR A 2319 -23.25 7.12 3.26
CA TYR A 2319 -24.38 7.15 4.21
C TYR A 2319 -23.96 7.67 5.57
N ALA A 2320 -24.30 8.92 5.86
CA ALA A 2320 -23.97 9.51 7.14
C ALA A 2320 -25.18 9.39 8.03
N ASN A 2321 -25.13 8.50 9.02
CA ASN A 2321 -26.32 8.25 9.84
C ASN A 2321 -26.16 8.47 11.32
N GLU A 2322 -27.21 8.99 11.97
CA GLU A 2322 -27.18 9.14 13.41
C GLU A 2322 -28.58 8.96 13.95
N LYS A 2323 -28.75 7.97 14.81
CA LYS A 2323 -30.05 7.73 15.41
C LYS A 2323 -30.28 8.70 16.55
N HIS A 2324 -31.01 9.79 16.28
CA HIS A 2324 -31.31 10.75 17.32
C HIS A 2324 -32.43 10.19 18.16
N MET A 2325 -32.07 9.46 19.22
CA MET A 2325 -33.07 8.79 20.03
C MET A 2325 -33.79 9.66 21.05
N LEU A 2326 -35.09 9.44 21.22
CA LEU A 2326 -35.84 10.17 22.23
C LEU A 2326 -36.54 9.16 23.11
N ALA A 2327 -35.90 8.75 24.20
CA ALA A 2327 -36.51 7.81 25.13
C ALA A 2327 -37.87 8.34 25.56
N LEU A 2328 -38.94 7.66 25.17
CA LEU A 2328 -40.27 8.16 25.46
C LEU A 2328 -40.67 7.94 26.91
N ALA A 2329 -40.58 8.99 27.71
CA ALA A 2329 -40.96 8.89 29.13
C ALA A 2329 -42.35 8.30 29.26
N PRO A 2330 -42.50 7.28 30.11
CA PRO A 2330 -43.80 6.61 30.27
C PRO A 2330 -44.93 7.59 30.48
N ASN A 2331 -45.94 7.54 29.61
CA ASN A 2331 -47.10 8.45 29.72
C ASN A 2331 -46.73 9.89 29.97
N SER A 2332 -45.91 10.46 29.10
CA SER A 2332 -45.56 11.88 29.22
C SER A 2332 -46.60 12.63 28.42
N THR A 2333 -46.45 13.93 28.25
CA THR A 2333 -47.38 14.66 27.40
C THR A 2333 -47.37 14.03 26.02
N ALA A 2334 -46.17 13.82 25.47
CA ALA A 2334 -46.04 13.20 24.16
C ALA A 2334 -46.64 11.81 24.13
N ARG A 2335 -46.35 11.00 25.14
CA ARG A 2335 -46.85 9.63 25.16
C ARG A 2335 -48.32 9.51 25.49
N ARG A 2336 -48.91 10.53 26.12
CA ARG A 2336 -50.33 10.51 26.39
C ARG A 2336 -51.04 10.92 25.12
N GLN A 2337 -50.39 11.74 24.31
CA GLN A 2337 -50.97 12.08 23.03
C GLN A 2337 -50.91 10.83 22.20
N LEU A 2338 -49.82 10.09 22.29
CA LEU A 2338 -49.69 8.84 21.56
C LEU A 2338 -50.62 7.77 22.10
N ALA A 2339 -50.99 7.86 23.38
CA ALA A 2339 -51.95 6.92 23.92
C ALA A 2339 -53.25 7.09 23.20
N SER A 2340 -53.75 8.33 23.16
CA SER A 2340 -55.00 8.60 22.47
C SER A 2340 -54.88 8.40 20.97
N LEU A 2341 -53.69 8.64 20.41
CA LEU A 2341 -53.48 8.40 19.00
C LEU A 2341 -53.75 6.94 18.72
N LEU A 2342 -53.14 6.06 19.50
CA LEU A 2342 -53.29 4.63 19.27
C LEU A 2342 -54.56 4.07 19.88
N GLU A 2343 -55.32 4.88 20.60
CA GLU A 2343 -56.59 4.41 21.16
C GLU A 2343 -57.61 4.35 20.05
N GLY A 2344 -57.75 5.44 19.30
CA GLY A 2344 -58.71 5.46 18.22
C GLY A 2344 -58.79 6.79 17.51
N THR A 2345 -58.46 7.87 18.22
CA THR A 2345 -58.56 9.20 17.62
C THR A 2345 -57.29 9.52 16.83
N SER A 2346 -57.42 10.39 15.84
CA SER A 2346 -56.28 10.73 15.00
C SER A 2346 -55.90 12.18 15.10
N ASP A 2347 -56.31 12.85 16.18
CA ASP A 2347 -56.07 14.28 16.28
C ASP A 2347 -55.18 14.67 17.45
N GLN A 2348 -54.01 14.05 17.55
CA GLN A 2348 -53.10 14.36 18.64
C GLN A 2348 -51.74 14.78 18.13
N SER A 2349 -51.36 16.02 18.41
CA SER A 2349 -50.07 16.52 17.97
C SER A 2349 -49.00 16.15 18.98
N VAL A 2350 -48.30 15.05 18.74
CA VAL A 2350 -47.30 14.57 19.69
C VAL A 2350 -46.07 15.48 19.79
N VAL A 2351 -45.92 16.16 20.92
CA VAL A 2351 -44.80 17.09 21.09
C VAL A 2351 -43.46 16.40 21.30
N ILE A 2352 -42.62 16.38 20.27
CA ILE A 2352 -41.28 15.83 20.44
C ILE A 2352 -40.35 17.00 20.67
N PRO A 2353 -39.81 17.11 21.90
CA PRO A 2353 -38.98 18.28 22.24
C PRO A 2353 -37.82 18.56 21.31
N ASN A 2354 -37.96 19.53 20.40
CA ASN A 2354 -36.86 19.93 19.51
C ASN A 2354 -35.93 18.82 19.06
N LEU A 2355 -36.41 17.90 18.23
CA LEU A 2355 -35.55 16.79 17.86
C LEU A 2355 -35.39 16.56 16.35
N PHE A 2356 -35.41 17.64 15.57
CA PHE A 2356 -35.16 17.48 14.13
C PHE A 2356 -33.98 18.32 13.69
N PRO A 2357 -32.77 17.76 13.73
CA PRO A 2357 -31.55 18.51 13.39
C PRO A 2357 -31.62 19.42 12.18
N LYS A 2358 -31.60 20.71 12.40
CA LYS A 2358 -31.71 21.66 11.30
C LYS A 2358 -30.38 22.05 10.68
N TYR A 2359 -29.28 21.56 11.24
CA TYR A 2359 -27.96 21.83 10.69
C TYR A 2359 -27.09 20.65 11.02
N ILE A 2360 -26.67 19.87 10.04
CA ILE A 2360 -25.91 18.65 10.32
C ILE A 2360 -24.54 18.61 9.65
N ARG A 2361 -23.45 18.66 10.41
CA ARG A 2361 -22.14 18.50 9.78
C ARG A 2361 -21.89 17.04 9.43
N ALA A 2362 -22.40 16.60 8.29
CA ALA A 2362 -22.21 15.22 7.88
C ALA A 2362 -21.00 15.16 6.98
N PRO A 2363 -20.14 14.15 7.18
CA PRO A 2363 -19.01 14.01 6.27
C PRO A 2363 -19.13 12.78 5.41
N ASN A 2364 -18.00 12.25 4.96
CA ASN A 2364 -17.98 11.06 4.13
C ASN A 2364 -17.88 9.83 5.01
N GLY A 2365 -18.08 10.01 6.32
CA GLY A 2365 -18.08 8.89 7.24
C GLY A 2365 -19.52 8.58 7.56
N PRO A 2366 -19.76 7.60 8.43
CA PRO A 2366 -21.14 7.19 8.72
C PRO A 2366 -21.79 7.92 9.88
N GLU A 2367 -21.64 9.23 9.97
CA GLU A 2367 -22.17 9.97 11.11
C GLU A 2367 -22.95 11.22 10.75
N ALA A 2368 -24.21 11.28 11.15
CA ALA A 2368 -24.97 12.49 10.90
C ALA A 2368 -24.93 13.36 12.15
N ASN A 2369 -23.74 13.76 12.56
CA ASN A 2369 -23.60 14.60 13.74
C ASN A 2369 -23.95 16.03 13.40
N PRO A 2370 -24.87 16.63 14.17
CA PRO A 2370 -25.29 18.00 13.87
C PRO A 2370 -24.27 19.06 14.25
N VAL A 2371 -24.30 20.23 13.65
CA VAL A 2371 -23.30 21.18 14.08
C VAL A 2371 -23.57 21.73 15.48
N LYS A 2372 -22.61 21.59 16.39
CA LYS A 2372 -22.77 22.17 17.71
C LYS A 2372 -22.60 23.66 17.56
N GLN A 2373 -23.23 24.47 18.43
CA GLN A 2373 -23.22 25.94 18.32
C GLN A 2373 -24.23 26.40 17.26
N LEU A 2374 -24.32 25.70 16.13
CA LEU A 2374 -25.36 26.01 15.15
C LEU A 2374 -26.59 25.71 15.95
N GLN A 2375 -26.60 24.53 16.56
CA GLN A 2375 -27.69 24.18 17.45
C GLN A 2375 -26.98 23.99 18.78
N PRO A 2376 -26.94 25.04 19.61
CA PRO A 2376 -26.21 24.94 20.88
C PRO A 2376 -26.60 23.72 21.70
N ASN A 2377 -27.86 23.61 22.06
CA ASN A 2377 -28.32 22.48 22.86
C ASN A 2377 -28.23 21.21 22.04
N GLU A 2378 -28.42 21.33 20.73
CA GLU A 2378 -28.33 20.16 19.84
C GLU A 2378 -29.11 18.96 20.34
N GLU A 2379 -30.33 19.17 20.83
CA GLU A 2379 -31.19 18.11 21.35
C GLU A 2379 -32.33 18.95 21.83
N ALA A 2380 -32.05 20.24 22.02
CA ALA A 2380 -33.08 21.16 22.48
C ALA A 2380 -32.97 22.39 21.61
N ASP A 2381 -32.09 22.33 20.61
CA ASP A 2381 -31.94 23.46 19.69
C ASP A 2381 -31.99 22.95 18.27
N TYR A 2382 -32.45 21.72 18.09
CA TYR A 2382 -32.59 21.16 16.76
C TYR A 2382 -33.72 21.89 16.06
N LEU A 2383 -34.90 21.28 16.04
CA LEU A 2383 -36.08 21.93 15.48
C LEU A 2383 -37.28 21.21 16.06
N GLY A 2384 -38.19 21.96 16.67
CA GLY A 2384 -39.35 21.36 17.29
C GLY A 2384 -40.15 20.52 16.31
N VAL A 2385 -40.18 19.21 16.52
CA VAL A 2385 -40.86 18.33 15.58
C VAL A 2385 -42.14 17.77 16.22
N ARG A 2386 -43.18 17.57 15.42
CA ARG A 2386 -44.42 17.01 15.93
C ARG A 2386 -44.77 15.76 15.14
N ILE A 2387 -45.62 14.90 15.69
CA ILE A 2387 -46.07 13.72 14.94
C ILE A 2387 -47.59 13.62 14.96
N GLN A 2388 -48.17 13.14 13.86
CA GLN A 2388 -49.61 12.96 13.80
C GLN A 2388 -50.00 11.70 13.07
N LEU A 2389 -50.48 10.71 13.80
CA LEU A 2389 -50.97 9.51 13.14
C LEU A 2389 -52.35 9.84 12.64
N ARG A 2390 -52.59 9.57 11.36
CA ARG A 2390 -53.89 9.87 10.79
C ARG A 2390 -54.62 8.59 10.47
N ARG A 2391 -55.20 7.97 11.50
CA ARG A 2391 -55.98 6.76 11.28
C ARG A 2391 -57.40 7.14 10.91
N GLU A 2392 -57.63 7.39 9.62
CA GLU A 2392 -58.95 7.76 9.15
C GLU A 2392 -59.70 6.55 8.61
N GLN A 2393 -60.22 5.71 9.51
CA GLN A 2393 -60.94 4.50 9.09
C GLN A 2393 -61.83 4.71 7.87
N GLY A 2394 -61.51 4.03 6.77
CA GLY A 2394 -62.30 4.17 5.57
C GLY A 2394 -61.89 3.16 4.51
N PHE A 2400 -58.18 1.03 9.35
CA PHE A 2400 -58.04 2.30 10.06
C PHE A 2400 -57.35 3.32 9.19
N LEU A 2401 -56.84 2.91 8.04
CA LEU A 2401 -56.12 3.80 7.13
C LEU A 2401 -55.11 4.57 7.93
N GLU A 2402 -54.31 3.88 8.73
CA GLU A 2402 -53.33 4.53 9.58
C GLU A 2402 -52.22 5.21 8.81
N TRP A 2403 -52.30 6.52 8.63
CA TRP A 2403 -51.18 7.21 7.97
C TRP A 2403 -50.32 7.78 9.07
N TRP A 2404 -49.26 8.49 8.70
CA TRP A 2404 -48.35 9.06 9.70
C TRP A 2404 -47.65 10.30 9.17
N VAL A 2405 -48.19 11.48 9.48
CA VAL A 2405 -47.60 12.71 9.00
C VAL A 2405 -46.61 13.27 10.02
N ILE A 2406 -45.41 13.62 9.56
CA ILE A 2406 -44.44 14.24 10.45
C ILE A 2406 -44.63 15.73 10.38
N GLU A 2407 -45.27 16.29 11.39
CA GLU A 2407 -45.49 17.73 11.41
C GLU A 2407 -44.36 18.44 12.10
N LEU A 2408 -44.54 19.72 12.37
CA LEU A 2408 -43.54 20.48 13.09
C LEU A 2408 -44.32 21.13 14.21
N GLN A 2409 -43.63 21.54 15.27
CA GLN A 2409 -44.33 22.27 16.32
C GLN A 2409 -44.90 23.54 15.71
N GLU A 2410 -44.23 24.07 14.71
CA GLU A 2410 -44.77 25.23 13.99
C GLU A 2410 -44.89 24.85 12.53
N CYS A 2411 -45.78 23.91 12.22
CA CYS A 2411 -45.92 23.43 10.84
C CYS A 2411 -46.57 24.43 9.91
N ARG A 2412 -45.82 24.92 8.93
CA ARG A 2412 -46.39 25.81 7.93
C ARG A 2412 -46.63 24.93 6.72
N THR A 2413 -45.56 24.35 6.20
CA THR A 2413 -45.69 23.42 5.08
C THR A 2413 -44.82 22.25 5.46
N ASP A 2414 -44.43 22.20 6.73
CA ASP A 2414 -43.54 21.14 7.18
C ASP A 2414 -44.30 19.98 7.78
N CYS A 2415 -45.45 19.66 7.21
CA CYS A 2415 -46.21 18.51 7.64
C CYS A 2415 -46.07 17.60 6.46
N ASN A 2416 -45.59 18.16 5.36
CA ASN A 2416 -45.44 17.38 4.15
C ASN A 2416 -44.05 17.60 3.59
N LEU A 2417 -43.38 18.65 4.03
CA LEU A 2417 -42.05 18.97 3.52
C LEU A 2417 -41.23 19.68 4.56
N LEU A 2418 -40.60 18.94 5.46
CA LEU A 2418 -39.79 19.52 6.52
C LEU A 2418 -38.46 20.00 5.98
N PRO A 2419 -38.16 21.30 6.10
CA PRO A 2419 -36.95 21.85 5.51
C PRO A 2419 -35.78 22.03 6.48
N MET A 2420 -34.97 21.01 6.65
CA MET A 2420 -33.79 21.14 7.50
C MET A 2420 -32.57 21.38 6.62
N VAL A 2421 -31.38 21.26 7.19
CA VAL A 2421 -30.18 21.46 6.38
C VAL A 2421 -29.06 20.49 6.78
N ILE A 2422 -28.24 20.12 5.82
CA ILE A 2422 -27.11 19.23 6.09
C ILE A 2422 -25.85 19.93 5.66
N PHE A 2423 -25.06 20.39 6.62
CA PHE A 2423 -23.79 21.00 6.30
C PHE A 2423 -22.88 19.91 5.78
N SER A 2424 -22.79 19.77 4.46
CA SER A 2424 -22.02 18.65 3.91
C SER A 2424 -20.53 18.89 3.84
N ASP A 2425 -19.76 17.80 3.84
CA ASP A 2425 -18.31 17.91 3.81
C ASP A 2425 -17.76 17.22 2.58
N LYS A 2426 -16.77 17.82 1.92
CA LYS A 2426 -16.19 17.25 0.73
C LYS A 2426 -15.25 16.09 1.02
N VAL A 2427 -15.04 15.20 0.05
CA VAL A 2427 -14.08 14.13 0.24
C VAL A 2427 -12.70 14.66 -0.11
N SER A 2428 -11.64 14.01 0.39
CA SER A 2428 -10.28 14.52 0.15
C SER A 2428 -9.51 14.06 -1.11
N PRO A 2429 -9.57 12.75 -1.47
CA PRO A 2429 -8.77 12.40 -2.66
C PRO A 2429 -9.53 11.79 -3.84
N PRO A 2430 -10.03 12.61 -4.77
CA PRO A 2430 -10.67 12.02 -5.95
C PRO A 2430 -9.99 12.46 -7.25
N SER A 2431 -8.67 12.53 -7.27
CA SER A 2431 -7.97 13.01 -8.46
C SER A 2431 -7.66 11.90 -9.46
N LEU A 2432 -7.29 12.26 -10.68
CA LEU A 2432 -7.05 11.25 -11.72
C LEU A 2432 -5.61 11.11 -12.18
N GLY A 2433 -5.38 10.48 -13.34
CA GLY A 2433 -4.04 10.22 -13.82
C GLY A 2433 -3.52 9.00 -13.09
N PHE A 2434 -3.63 7.82 -13.72
CA PHE A 2434 -3.26 6.56 -13.05
C PHE A 2434 -3.93 6.56 -11.72
N LEU A 2435 -3.14 6.45 -10.67
CA LEU A 2435 -3.70 6.56 -9.36
C LEU A 2435 -2.96 7.73 -8.79
N ALA A 2436 -3.65 8.85 -8.62
CA ALA A 2436 -3.01 10.01 -8.00
C ALA A 2436 -2.61 9.56 -6.62
N GLY A 2437 -3.42 8.70 -6.01
CA GLY A 2437 -3.06 8.16 -4.72
C GLY A 2437 -1.80 7.33 -4.75
N TYR A 2438 -1.61 6.46 -5.75
CA TYR A 2438 -0.43 5.59 -5.70
C TYR A 2438 0.43 5.13 -6.88
N GLY A 2439 -0.04 5.13 -8.13
CA GLY A 2439 0.84 4.62 -9.17
C GLY A 2439 1.97 5.59 -9.42
N ILE A 2440 1.63 6.80 -9.85
CA ILE A 2440 2.63 7.82 -10.08
C ILE A 2440 3.31 8.20 -8.78
N MET A 2441 2.56 8.22 -7.69
CA MET A 2441 3.14 8.56 -6.39
C MET A 2441 4.23 7.59 -5.98
N GLY A 2442 3.96 6.29 -6.09
CA GLY A 2442 4.94 5.29 -5.73
C GLY A 2442 6.17 5.38 -6.62
N LEU A 2443 5.95 5.62 -7.91
CA LEU A 2443 7.07 5.77 -8.83
C LEU A 2443 7.93 6.95 -8.42
N TYR A 2444 7.29 8.08 -8.09
CA TYR A 2444 8.02 9.26 -7.66
C TYR A 2444 8.90 8.94 -6.46
N VAL A 2445 8.34 8.29 -5.45
CA VAL A 2445 9.11 7.93 -4.27
C VAL A 2445 10.31 7.10 -4.65
N SER A 2446 10.10 6.06 -5.46
CA SER A 2446 11.19 5.22 -5.90
C SER A 2446 12.29 6.02 -6.59
N ILE A 2447 11.90 6.92 -7.49
CA ILE A 2447 12.88 7.75 -8.18
C ILE A 2447 13.69 8.54 -7.15
N VAL A 2448 13.03 9.24 -6.25
CA VAL A 2448 13.72 10.02 -5.23
C VAL A 2448 14.75 9.17 -4.49
N LEU A 2449 14.36 7.99 -4.03
CA LEU A 2449 15.29 7.11 -3.32
C LEU A 2449 16.51 6.78 -4.18
N VAL A 2450 16.29 6.37 -5.42
CA VAL A 2450 17.41 5.98 -6.27
C VAL A 2450 18.27 7.18 -6.60
N ILE A 2451 17.65 8.35 -6.77
CA ILE A 2451 18.45 9.54 -7.00
C ILE A 2451 19.19 9.82 -5.71
N GLY A 2452 18.57 9.48 -4.59
CA GLY A 2452 19.23 9.63 -3.31
C GLY A 2452 20.54 8.88 -3.32
N LYS A 2453 20.48 7.60 -3.69
CA LYS A 2453 21.68 6.79 -3.70
C LYS A 2453 22.69 7.31 -4.72
N PHE A 2454 22.21 7.75 -5.87
CA PHE A 2454 23.11 8.32 -6.86
C PHE A 2454 23.91 9.49 -6.28
N VAL A 2455 23.23 10.40 -5.59
CA VAL A 2455 23.92 11.56 -5.03
C VAL A 2455 24.82 11.15 -3.86
N HIS A 2456 24.42 10.15 -3.09
CA HIS A 2456 25.26 9.66 -2.00
C HIS A 2456 26.54 9.09 -2.58
N GLY A 2457 26.45 8.52 -3.78
CA GLY A 2457 27.61 7.95 -4.44
C GLY A 2457 28.80 8.88 -4.55
N PHE A 2458 28.62 10.17 -4.28
CA PHE A 2458 29.75 11.09 -4.25
C PHE A 2458 30.19 11.32 -2.82
N PHE A 2459 29.31 11.87 -2.02
CA PHE A 2459 29.68 12.23 -0.64
C PHE A 2459 29.66 11.10 0.39
N SER A 2460 30.00 9.88 -0.01
CA SER A 2460 30.09 8.80 0.94
C SER A 2460 31.49 8.26 1.03
N GLU A 2461 32.09 7.92 -0.11
CA GLU A 2461 33.40 7.33 -0.07
C GLU A 2461 34.44 8.21 -0.75
N ILE A 2462 34.32 9.52 -0.56
CA ILE A 2462 35.29 10.41 -1.16
C ILE A 2462 36.64 10.22 -0.50
N SER A 2463 36.66 9.65 0.71
CA SER A 2463 37.90 9.47 1.45
C SER A 2463 38.66 8.21 1.09
N HIS A 2464 38.11 7.39 0.23
CA HIS A 2464 38.77 6.14 -0.13
C HIS A 2464 39.60 6.32 -1.39
N SER A 2465 39.69 7.56 -1.86
CA SER A 2465 40.43 7.84 -3.07
C SER A 2465 41.50 8.89 -2.84
N ILE A 2466 41.48 9.53 -1.67
CA ILE A 2466 42.43 10.59 -1.40
C ILE A 2466 43.85 10.08 -1.54
N MET A 2467 44.00 8.84 -1.99
CA MET A 2467 45.32 8.28 -2.18
C MET A 2467 45.65 8.19 -3.65
N PHE A 2468 44.74 8.76 -4.46
CA PHE A 2468 44.96 8.87 -5.91
C PHE A 2468 44.10 9.99 -6.48
N GLU A 2469 43.64 10.90 -5.64
CA GLU A 2469 42.77 11.96 -6.12
C GLU A 2469 43.29 13.34 -5.77
N GLU A 2470 44.26 13.41 -4.87
CA GLU A 2470 44.82 14.70 -4.47
C GLU A 2470 46.05 15.03 -5.31
N LEU A 2471 46.10 14.49 -6.52
CA LEU A 2471 47.24 14.76 -7.39
C LEU A 2471 47.23 16.24 -7.80
N PRO A 2472 48.42 16.90 -7.87
CA PRO A 2472 48.31 18.30 -8.31
C PRO A 2472 47.97 18.54 -9.77
N CYS A 2473 48.98 18.78 -10.60
CA CYS A 2473 48.74 19.09 -12.00
C CYS A 2473 48.21 17.91 -12.81
N VAL A 2474 47.01 18.03 -13.37
CA VAL A 2474 46.52 16.95 -14.21
C VAL A 2474 46.66 17.20 -15.70
N ASP A 2475 47.49 18.16 -16.08
CA ASP A 2475 47.64 18.51 -17.49
C ASP A 2475 48.22 17.40 -18.33
N ARG A 2476 49.17 16.66 -17.80
CA ARG A 2476 49.79 15.61 -18.57
C ARG A 2476 48.85 14.44 -18.78
N ILE A 2477 47.95 14.21 -17.84
CA ILE A 2477 47.00 13.13 -17.98
C ILE A 2477 45.88 13.49 -18.95
N LEU A 2478 45.46 14.75 -18.99
CA LEU A 2478 44.44 15.08 -19.99
C LEU A 2478 45.02 15.05 -21.38
N LYS A 2479 46.31 15.31 -21.53
CA LYS A 2479 46.93 15.19 -22.84
C LYS A 2479 46.81 13.76 -23.28
N LEU A 2480 47.15 12.82 -22.40
CA LEU A 2480 47.04 11.40 -22.74
C LEU A 2480 45.62 11.08 -23.13
N CYS A 2481 44.66 11.50 -22.33
CA CYS A 2481 43.27 11.17 -22.61
C CYS A 2481 42.83 11.74 -23.94
N GLN A 2482 43.22 12.98 -24.23
CA GLN A 2482 42.82 13.61 -25.48
C GLN A 2482 43.55 13.04 -26.67
N ASP A 2483 44.71 12.44 -26.44
CA ASP A 2483 45.42 11.80 -27.53
C ASP A 2483 44.74 10.51 -27.90
N ILE A 2484 44.14 9.84 -26.94
CA ILE A 2484 43.38 8.64 -27.24
C ILE A 2484 42.21 9.04 -28.11
N PHE A 2485 41.54 10.14 -27.76
CA PHE A 2485 40.41 10.60 -28.54
C PHE A 2485 40.83 10.99 -29.95
N LEU A 2486 41.94 11.70 -30.07
CA LEU A 2486 42.43 12.12 -31.39
C LEU A 2486 42.77 10.93 -32.24
N VAL A 2487 43.29 9.89 -31.62
CA VAL A 2487 43.74 8.74 -32.39
C VAL A 2487 42.57 7.84 -32.78
N ARG A 2488 41.41 8.10 -32.22
CA ARG A 2488 40.23 7.33 -32.58
C ARG A 2488 39.50 8.03 -33.70
N GLU A 2489 39.67 9.35 -33.81
CA GLU A 2489 39.05 10.09 -34.89
C GLU A 2489 39.79 9.86 -36.19
N THR A 2490 41.12 9.79 -36.11
CA THR A 2490 41.92 9.53 -37.30
C THR A 2490 41.95 8.03 -37.60
N ARG A 2491 41.27 7.24 -36.78
CA ARG A 2491 41.20 5.78 -36.98
C ARG A 2491 42.54 5.09 -37.07
N GLU A 2492 43.50 5.52 -36.26
CA GLU A 2492 44.77 4.81 -36.21
C GLU A 2492 44.63 4.06 -34.92
N LEU A 2493 43.84 3.02 -34.91
CA LEU A 2493 43.54 2.32 -33.67
C LEU A 2493 44.66 1.49 -33.08
N GLU A 2494 45.77 1.37 -33.77
CA GLU A 2494 46.91 0.66 -33.21
C GLU A 2494 47.45 1.50 -32.08
N LEU A 2495 47.52 2.80 -32.28
CA LEU A 2495 48.04 3.69 -31.26
C LEU A 2495 47.03 3.89 -30.13
N GLU A 2496 45.77 3.53 -30.36
CA GLU A 2496 44.79 3.61 -29.29
C GLU A 2496 45.17 2.60 -28.25
N GLU A 2497 45.48 1.38 -28.68
CA GLU A 2497 45.90 0.35 -27.74
C GLU A 2497 47.15 0.76 -27.00
N GLU A 2498 48.08 1.40 -27.70
CA GLU A 2498 49.34 1.79 -27.06
C GLU A 2498 49.17 2.90 -26.04
N LEU A 2499 48.34 3.90 -26.34
CA LEU A 2499 48.11 5.00 -25.41
C LEU A 2499 47.24 4.55 -24.26
N TYR A 2500 46.41 3.53 -24.46
CA TYR A 2500 45.61 3.00 -23.36
C TYR A 2500 46.53 2.32 -22.39
N ALA A 2501 47.58 1.68 -22.90
CA ALA A 2501 48.55 1.04 -22.03
C ALA A 2501 49.21 2.04 -21.12
N LYS A 2502 49.51 3.23 -21.62
CA LYS A 2502 50.07 4.25 -20.75
C LYS A 2502 49.06 4.63 -19.68
N LEU A 2503 47.82 4.87 -20.06
CA LEU A 2503 46.82 5.27 -19.09
C LEU A 2503 46.71 4.25 -17.97
N ILE A 2504 46.65 2.97 -18.31
CA ILE A 2504 46.46 1.99 -17.26
C ILE A 2504 47.69 1.82 -16.39
N PHE A 2505 48.89 2.04 -16.91
CA PHE A 2505 50.05 1.94 -16.04
C PHE A 2505 50.16 3.15 -15.13
N LEU A 2506 49.69 4.30 -15.56
CA LEU A 2506 49.72 5.47 -14.70
C LEU A 2506 48.84 5.16 -13.53
N TYR A 2507 47.73 4.50 -13.78
CA TYR A 2507 46.79 4.22 -12.71
C TYR A 2507 47.03 2.89 -12.04
N ARG A 2508 48.11 2.22 -12.40
CA ARG A 2508 48.46 0.96 -11.76
C ARG A 2508 49.57 1.18 -10.76
N SER A 2509 50.35 2.25 -10.96
CA SER A 2509 51.43 2.55 -10.04
C SER A 2509 51.26 3.94 -9.52
N PRO A 2510 50.86 4.06 -8.25
CA PRO A 2510 50.64 5.36 -7.64
C PRO A 2510 51.86 6.27 -7.61
N GLU A 2511 53.05 5.70 -7.54
CA GLU A 2511 54.28 6.48 -7.51
C GLU A 2511 54.55 7.20 -8.82
N THR A 2512 54.18 6.59 -9.94
CA THR A 2512 54.37 7.23 -11.23
C THR A 2512 53.34 8.31 -11.41
N MET A 2513 52.20 8.18 -10.75
CA MET A 2513 51.22 9.25 -10.82
C MET A 2513 51.81 10.45 -10.12
N ILE A 2514 52.41 10.26 -8.95
CA ILE A 2514 53.06 11.36 -8.26
C ILE A 2514 54.07 12.05 -9.16
N LYS A 2515 54.91 11.28 -9.84
CA LYS A 2515 55.89 11.86 -10.74
C LYS A 2515 55.24 12.63 -11.87
N TRP A 2516 54.27 12.02 -12.53
CA TRP A 2516 53.64 12.67 -13.68
C TRP A 2516 52.77 13.86 -13.34
N THR A 2517 52.24 13.90 -12.13
CA THR A 2517 51.37 15.00 -11.75
C THR A 2517 52.05 16.06 -10.92
N ARG A 2518 53.38 16.13 -11.00
CA ARG A 2518 54.11 17.14 -10.25
C ARG A 2518 53.75 18.51 -10.75
N GLU A 2519 53.61 19.46 -9.83
CA GLU A 2519 53.17 20.80 -10.21
C GLU A 2519 53.93 21.43 -11.36
N LYS A 2520 55.24 21.53 -11.22
CA LYS A 2520 56.02 22.17 -12.25
C LYS A 2520 56.52 21.16 -13.26
N GLU A 2521 57.44 20.31 -12.84
CA GLU A 2521 58.00 19.31 -13.74
C GLU A 2521 57.97 17.90 -13.13
N GLU B 570 -0.17 -43.81 90.80
CA GLU B 570 -1.32 -43.28 90.08
C GLU B 570 -1.69 -41.90 90.59
N LEU B 571 -1.26 -40.87 89.88
CA LEU B 571 -1.58 -39.50 90.27
C LEU B 571 -3.05 -39.26 90.08
N VAL B 572 -3.66 -39.90 89.08
CA VAL B 572 -5.07 -39.71 88.79
C VAL B 572 -5.97 -40.15 89.93
N LYS B 573 -5.50 -41.07 90.77
CA LYS B 573 -6.30 -41.48 91.91
C LYS B 573 -6.57 -40.29 92.82
N GLY B 574 -5.52 -39.56 93.18
CA GLY B 574 -5.68 -38.38 94.02
C GLY B 574 -6.29 -37.22 93.26
N VAL B 575 -6.07 -37.19 91.95
CA VAL B 575 -6.66 -36.15 91.12
C VAL B 575 -8.17 -36.29 91.10
N TYR B 576 -8.66 -37.52 91.02
CA TYR B 576 -10.10 -37.77 90.99
C TYR B 576 -10.70 -37.74 92.38
N ALA B 577 -9.86 -37.84 93.39
CA ALA B 577 -10.35 -37.73 94.76
C ALA B 577 -10.54 -36.24 95.03
N LYS B 578 -9.83 -35.42 94.27
CA LYS B 578 -9.97 -33.98 94.38
C LYS B 578 -11.04 -33.52 93.42
N TYR B 579 -11.18 -34.25 92.31
CA TYR B 579 -12.17 -33.88 91.31
C TYR B 579 -13.56 -34.29 91.72
N TRP B 580 -14.27 -33.39 92.39
CA TRP B 580 -15.64 -33.68 92.77
C TRP B 580 -16.45 -32.40 92.71
N ILE B 581 -15.80 -31.26 92.94
CA ILE B 581 -16.49 -29.97 92.88
C ILE B 581 -16.94 -29.69 91.46
N TYR B 582 -16.04 -29.83 90.50
CA TYR B 582 -16.36 -29.57 89.11
C TYR B 582 -17.20 -30.72 88.57
N VAL B 583 -17.00 -31.91 89.10
CA VAL B 583 -17.80 -33.05 88.68
C VAL B 583 -19.24 -32.80 89.07
N CYS B 584 -19.45 -32.25 90.27
CA CYS B 584 -20.79 -31.94 90.72
C CYS B 584 -21.37 -30.80 89.91
N ALA B 585 -20.55 -29.81 89.58
CA ALA B 585 -21.01 -28.66 88.81
C ALA B 585 -21.69 -29.08 87.52
N GLY B 586 -21.09 -30.01 86.78
CA GLY B 586 -21.69 -30.49 85.55
C GLY B 586 -23.00 -31.23 85.77
N MET B 587 -23.11 -31.93 86.89
CA MET B 587 -24.34 -32.65 87.20
C MET B 587 -25.40 -31.69 87.68
N PHE B 588 -24.99 -30.54 88.20
CA PHE B 588 -25.94 -29.55 88.65
C PHE B 588 -26.35 -28.73 87.46
N ILE B 589 -25.59 -28.84 86.38
CA ILE B 589 -25.94 -28.14 85.16
C ILE B 589 -27.05 -28.95 84.49
N VAL B 590 -27.02 -30.26 84.66
CA VAL B 590 -28.12 -31.07 84.13
C VAL B 590 -29.27 -31.10 85.12
N VAL B 591 -29.03 -30.70 86.36
CA VAL B 591 -30.12 -30.58 87.34
C VAL B 591 -30.80 -29.28 86.98
N SER B 592 -30.03 -28.34 86.44
CA SER B 592 -30.59 -27.07 86.00
C SER B 592 -31.40 -27.33 84.75
N PHE B 593 -32.42 -26.49 84.50
CA PHE B 593 -33.31 -26.67 83.35
C PHE B 593 -34.01 -28.01 83.39
N ALA B 594 -34.25 -28.52 84.60
CA ALA B 594 -34.90 -29.81 84.77
C ALA B 594 -35.46 -29.80 86.18
N GLY B 595 -36.30 -30.78 86.50
CA GLY B 595 -36.92 -30.82 87.82
C GLY B 595 -37.63 -29.52 88.11
N ARG B 596 -37.16 -28.80 89.12
CA ARG B 596 -37.74 -27.52 89.43
C ARG B 596 -36.93 -26.39 88.80
N LEU B 597 -37.55 -25.62 87.91
CA LEU B 597 -36.87 -24.49 87.29
C LEU B 597 -36.28 -23.57 88.33
N VAL B 598 -37.00 -23.34 89.43
CA VAL B 598 -36.48 -22.52 90.49
C VAL B 598 -35.64 -23.33 91.46
N VAL B 599 -36.28 -23.92 92.47
CA VAL B 599 -35.57 -24.69 93.51
C VAL B 599 -34.31 -25.46 93.09
N TYR B 600 -34.44 -26.41 92.17
CA TYR B 600 -33.29 -27.24 91.78
C TYR B 600 -32.07 -26.42 91.46
N LYS B 601 -32.21 -25.48 90.53
CA LYS B 601 -31.08 -24.65 90.14
C LYS B 601 -30.33 -24.04 91.32
N ILE B 602 -31.05 -23.36 92.21
CA ILE B 602 -30.41 -22.76 93.38
C ILE B 602 -29.83 -23.80 94.30
N VAL B 603 -30.70 -24.58 94.94
CA VAL B 603 -30.25 -25.60 95.89
C VAL B 603 -29.00 -26.35 95.46
N TYR B 604 -28.97 -26.84 94.23
CA TYR B 604 -27.82 -27.61 93.79
C TYR B 604 -26.72 -26.72 93.26
N MET B 605 -26.89 -26.19 92.06
CA MET B 605 -25.84 -25.39 91.44
C MET B 605 -25.44 -24.11 92.16
N PHE B 606 -26.41 -23.23 92.43
CA PHE B 606 -26.04 -21.93 93.00
C PHE B 606 -25.79 -21.90 94.49
N LEU B 607 -26.09 -22.98 95.21
CA LEU B 607 -25.76 -23.02 96.64
C LEU B 607 -24.40 -23.63 96.76
N PHE B 608 -23.98 -24.35 95.72
CA PHE B 608 -22.64 -24.90 95.72
C PHE B 608 -21.78 -23.74 95.27
N LEU B 609 -22.34 -22.87 94.42
CA LEU B 609 -21.61 -21.69 93.99
C LEU B 609 -21.58 -20.67 95.11
N LEU B 610 -22.54 -20.73 96.03
CA LEU B 610 -22.53 -19.83 97.17
C LEU B 610 -21.65 -20.39 98.28
N CYS B 611 -21.40 -21.70 98.23
CA CYS B 611 -20.51 -22.31 99.21
C CYS B 611 -19.10 -22.01 98.74
N LEU B 612 -18.95 -21.83 97.43
CA LEU B 612 -17.65 -21.45 96.89
C LEU B 612 -17.41 -20.08 97.48
N THR B 613 -18.38 -19.20 97.33
CA THR B 613 -18.26 -17.85 97.88
C THR B 613 -17.98 -17.86 99.37
N LEU B 614 -18.60 -18.76 100.11
CA LEU B 614 -18.36 -18.85 101.55
C LEU B 614 -16.87 -18.99 101.84
N PHE B 615 -16.21 -19.98 101.25
CA PHE B 615 -14.81 -20.16 101.58
C PHE B 615 -13.93 -19.01 101.07
N GLN B 616 -14.38 -18.35 100.01
CA GLN B 616 -13.64 -17.23 99.46
C GLN B 616 -13.78 -16.03 100.39
N VAL B 617 -14.96 -15.86 100.98
CA VAL B 617 -15.22 -14.71 101.84
C VAL B 617 -14.56 -14.83 103.21
N TYR B 618 -14.05 -16.01 103.52
CA TYR B 618 -13.33 -16.16 104.78
C TYR B 618 -11.94 -15.61 104.57
N TYR B 619 -11.47 -15.55 103.32
CA TYR B 619 -10.12 -15.05 102.99
C TYR B 619 -9.02 -15.76 103.73
N SER B 620 -9.25 -17.01 104.11
CA SER B 620 -8.26 -17.76 104.88
C SER B 620 -8.64 -19.22 104.79
N LEU B 621 -9.90 -19.49 104.45
CA LEU B 621 -10.36 -20.86 104.41
C LEU B 621 -10.70 -21.32 103.01
N TRP B 622 -9.98 -20.81 102.01
CA TRP B 622 -10.22 -21.21 100.64
C TRP B 622 -10.10 -22.72 100.52
N ARG B 623 -11.14 -23.38 100.00
CA ARG B 623 -11.16 -24.84 99.89
C ARG B 623 -10.85 -25.55 101.20
N LYS B 624 -11.35 -25.02 102.30
CA LYS B 624 -11.13 -25.64 103.60
C LYS B 624 -12.45 -25.75 104.31
N LEU B 625 -13.41 -24.90 103.93
CA LEU B 625 -14.73 -24.98 104.52
C LEU B 625 -15.30 -26.36 104.23
N LEU B 626 -15.56 -27.14 105.28
CA LEU B 626 -16.06 -28.48 105.08
C LEU B 626 -17.37 -28.68 105.80
N LYS B 627 -17.63 -27.84 106.80
CA LYS B 627 -18.87 -27.95 107.57
C LYS B 627 -20.08 -27.76 106.67
N ALA B 628 -20.16 -26.60 106.02
CA ALA B 628 -21.27 -26.34 105.11
C ALA B 628 -21.18 -27.23 103.89
N PHE B 629 -19.97 -27.47 103.39
CA PHE B 629 -19.79 -28.34 102.24
C PHE B 629 -20.14 -29.77 102.59
N TRP B 630 -20.04 -30.11 103.88
CA TRP B 630 -20.43 -31.44 104.32
C TRP B 630 -21.94 -31.56 104.27
N TRP B 631 -22.62 -30.57 104.80
CA TRP B 631 -24.08 -30.61 104.83
C TRP B 631 -24.71 -30.29 103.49
N LEU B 632 -23.91 -29.87 102.51
CA LEU B 632 -24.46 -29.64 101.17
C LEU B 632 -24.88 -31.01 100.70
N VAL B 633 -24.00 -31.99 100.87
CA VAL B 633 -24.33 -33.34 100.49
C VAL B 633 -25.56 -33.82 101.23
N VAL B 634 -25.59 -33.64 102.55
CA VAL B 634 -26.73 -34.11 103.35
C VAL B 634 -28.04 -33.49 102.88
N ALA B 635 -28.03 -32.20 102.52
CA ALA B 635 -29.22 -31.56 101.99
C ALA B 635 -29.66 -32.24 100.70
N TYR B 636 -28.71 -32.52 99.82
CA TYR B 636 -29.02 -33.18 98.56
C TYR B 636 -29.52 -34.62 98.75
N THR B 637 -28.96 -35.34 99.71
CA THR B 637 -29.45 -36.69 99.98
C THR B 637 -30.89 -36.63 100.44
N MET B 638 -31.20 -35.67 101.31
CA MET B 638 -32.56 -35.53 101.81
C MET B 638 -33.51 -35.32 100.66
N LEU B 639 -33.18 -34.40 99.76
CA LEU B 639 -34.02 -34.16 98.59
C LEU B 639 -34.30 -35.44 97.83
N VAL B 640 -33.26 -36.21 97.54
CA VAL B 640 -33.42 -37.45 96.80
C VAL B 640 -34.29 -38.45 97.57
N LEU B 641 -34.04 -38.61 98.86
CA LEU B 641 -34.84 -39.52 99.67
C LEU B 641 -36.32 -39.16 99.64
N ILE B 642 -36.62 -37.87 99.73
CA ILE B 642 -38.01 -37.43 99.68
C ILE B 642 -38.60 -37.70 98.31
N ALA B 643 -37.95 -37.21 97.26
CA ALA B 643 -38.51 -37.37 95.92
C ALA B 643 -37.53 -37.94 94.91
N VAL B 644 -36.69 -37.10 94.35
CA VAL B 644 -35.76 -37.55 93.30
C VAL B 644 -34.83 -38.67 93.73
N SER B 678 -42.17 -42.69 83.45
CA SER B 678 -41.04 -41.94 82.92
C SER B 678 -40.49 -41.00 83.98
N GLU B 679 -41.41 -40.23 84.56
CA GLU B 679 -41.03 -39.19 85.51
C GLU B 679 -40.69 -39.61 86.89
N LEU B 680 -41.35 -40.62 87.45
CA LEU B 680 -40.91 -41.08 88.76
C LEU B 680 -39.51 -41.53 88.46
N PHE B 681 -39.40 -42.47 87.54
CA PHE B 681 -38.09 -42.96 87.14
C PHE B 681 -37.17 -41.82 86.75
N SER B 682 -37.67 -40.81 86.03
CA SER B 682 -36.78 -39.75 85.56
C SER B 682 -36.18 -39.16 86.77
N SER B 683 -37.00 -38.56 87.61
CA SER B 683 -36.53 -37.97 88.83
C SER B 683 -35.46 -38.85 89.44
N ILE B 684 -35.82 -40.08 89.78
CA ILE B 684 -34.87 -40.95 90.44
C ILE B 684 -33.55 -40.92 89.70
N LEU B 685 -33.49 -41.59 88.55
CA LEU B 685 -32.24 -41.66 87.80
C LEU B 685 -31.48 -40.36 87.81
N VAL B 686 -32.12 -39.29 87.36
CA VAL B 686 -31.43 -38.02 87.23
C VAL B 686 -30.76 -37.58 88.54
N PRO B 687 -31.56 -37.25 89.59
CA PRO B 687 -30.74 -36.90 90.77
C PRO B 687 -29.92 -37.96 91.52
N GLY B 688 -30.12 -39.24 91.25
CA GLY B 688 -29.27 -40.25 91.85
C GLY B 688 -27.96 -39.96 91.19
N PHE B 689 -27.94 -39.90 89.87
CA PHE B 689 -26.74 -39.52 89.15
C PHE B 689 -25.93 -38.41 89.81
N PHE B 690 -26.57 -37.43 90.47
CA PHE B 690 -25.69 -36.45 91.08
C PHE B 690 -25.50 -36.80 92.54
N LEU B 691 -26.52 -37.43 93.14
CA LEU B 691 -26.41 -37.85 94.52
C LEU B 691 -25.38 -38.96 94.65
N LEU B 692 -25.26 -39.81 93.64
CA LEU B 692 -24.22 -40.83 93.68
C LEU B 692 -22.88 -40.17 93.93
N ALA B 693 -22.51 -39.22 93.08
CA ALA B 693 -21.25 -38.52 93.26
C ALA B 693 -21.15 -37.81 94.60
N CYS B 694 -22.22 -37.12 95.01
CA CYS B 694 -22.21 -36.37 96.28
C CYS B 694 -22.01 -37.29 97.48
N ILE B 695 -22.77 -38.37 97.54
CA ILE B 695 -22.67 -39.29 98.66
C ILE B 695 -21.29 -39.96 98.68
N LEU B 696 -20.64 -40.06 97.52
CA LEU B 696 -19.31 -40.65 97.46
C LEU B 696 -18.30 -39.77 98.15
N GLN B 697 -18.42 -38.45 98.02
CA GLN B 697 -17.53 -37.55 98.75
C GLN B 697 -17.74 -37.74 100.24
N LEU B 698 -18.99 -37.79 100.66
CA LEU B 698 -19.29 -37.96 102.08
C LEU B 698 -18.74 -39.27 102.61
N HIS B 699 -18.76 -40.32 101.78
CA HIS B 699 -18.20 -41.59 102.19
C HIS B 699 -16.70 -41.50 102.33
N TYR B 700 -16.02 -41.12 101.25
CA TYR B 700 -14.56 -41.07 101.26
C TYR B 700 -13.97 -39.92 100.47
N PHE B 701 -12.71 -39.62 100.70
CA PHE B 701 -12.01 -38.55 99.97
C PHE B 701 -12.74 -37.22 99.87
N HIS B 702 -13.23 -36.71 100.99
CA HIS B 702 -13.84 -35.38 100.98
C HIS B 702 -12.67 -34.44 101.14
N ARG B 703 -11.61 -34.92 101.78
CA ARG B 703 -10.42 -34.10 102.04
C ARG B 703 -9.66 -33.46 100.87
N PRO B 704 -9.23 -34.24 99.84
CA PRO B 704 -8.40 -33.61 98.80
C PRO B 704 -8.87 -32.26 98.29
N PHE B 705 -10.17 -32.09 98.04
CA PHE B 705 -10.66 -30.80 97.61
C PHE B 705 -11.03 -29.87 98.76
N MET B 706 -11.47 -30.42 99.89
CA MET B 706 -11.95 -29.58 100.99
C MET B 706 -11.12 -29.54 102.28
N GLN B 707 -10.28 -30.54 102.51
CA GLN B 707 -9.43 -30.55 103.71
C GLN B 707 -7.98 -30.93 103.42
N LEU B 708 -7.54 -30.77 102.16
CA LEU B 708 -6.15 -31.06 101.82
C LEU B 708 -5.56 -29.88 101.08
N THR B 709 -6.24 -29.39 100.05
CA THR B 709 -5.78 -28.20 99.36
C THR B 709 -6.13 -27.04 100.26
N ASP B 710 -5.27 -26.74 101.22
CA ASP B 710 -5.60 -25.71 102.19
C ASP B 710 -4.67 -24.52 102.20
N MET B 711 -4.93 -23.58 103.10
CA MET B 711 -4.10 -22.39 103.21
C MET B 711 -3.30 -22.43 104.50
N GLU B 712 -3.92 -22.89 105.57
CA GLU B 712 -3.25 -22.93 106.88
C GLU B 712 -2.49 -21.65 107.21
N LEU B 789 9.27 -33.73 80.71
CA LEU B 789 9.89 -34.56 79.69
C LEU B 789 11.27 -34.03 79.31
N GLU B 790 11.31 -33.06 78.41
CA GLU B 790 12.58 -32.50 77.96
C GLU B 790 12.58 -30.97 77.92
N LEU B 791 13.33 -30.38 77.01
CA LEU B 791 13.44 -28.92 76.95
C LEU B 791 12.13 -28.22 76.60
N ALA B 792 11.47 -28.68 75.54
CA ALA B 792 10.20 -28.06 75.12
C ALA B 792 9.17 -28.12 76.22
N ALA B 793 9.03 -29.26 76.87
CA ALA B 793 8.09 -29.39 77.98
C ALA B 793 8.49 -28.48 79.12
N GLY B 794 9.80 -28.35 79.35
CA GLY B 794 10.28 -27.45 80.38
C GLY B 794 9.83 -26.03 80.12
N PHE B 795 9.96 -25.57 78.88
CA PHE B 795 9.51 -24.23 78.52
C PHE B 795 8.01 -24.13 78.76
N SER B 796 7.26 -25.14 78.33
CA SER B 796 5.82 -25.13 78.48
C SER B 796 5.37 -24.90 79.92
N ASP B 797 5.93 -25.63 80.88
CA ASP B 797 5.47 -25.49 82.25
C ASP B 797 5.86 -24.15 82.84
N VAL B 798 7.00 -23.61 82.43
CA VAL B 798 7.40 -22.30 82.90
C VAL B 798 6.35 -21.31 82.43
N LEU B 799 6.02 -21.36 81.14
CA LEU B 799 5.01 -20.47 80.61
C LEU B 799 3.69 -20.63 81.35
N SER B 800 3.27 -21.84 81.66
CA SER B 800 2.05 -21.97 82.46
C SER B 800 2.17 -21.06 83.67
N ARG B 801 3.21 -21.27 84.47
CA ARG B 801 3.34 -20.50 85.70
C ARG B 801 3.50 -18.98 85.55
N VAL B 802 4.18 -18.47 84.52
CA VAL B 802 4.26 -17.00 84.35
C VAL B 802 2.87 -16.41 84.08
N GLN B 803 2.11 -17.11 83.26
CA GLN B 803 0.77 -16.66 82.97
C GLN B 803 0.01 -16.65 84.28
N VAL B 804 0.10 -17.74 85.03
CA VAL B 804 -0.71 -17.78 86.25
C VAL B 804 -0.26 -16.69 87.22
N PHE B 805 1.02 -16.33 87.19
CA PHE B 805 1.50 -15.25 88.04
C PHE B 805 0.78 -13.96 87.66
N LEU B 806 0.57 -13.77 86.37
CA LEU B 806 -0.17 -12.59 85.91
C LEU B 806 -1.63 -12.76 86.22
N ARG B 807 -2.08 -14.00 86.34
CA ARG B 807 -3.46 -14.26 86.70
C ARG B 807 -3.68 -13.95 88.17
N ARG B 808 -2.65 -14.17 88.97
CA ARG B 808 -2.75 -13.85 90.39
C ARG B 808 -2.37 -12.39 90.59
N LEU B 809 -1.97 -11.73 89.51
CA LEU B 809 -1.66 -10.31 89.61
C LEU B 809 -2.93 -9.54 89.35
N LEU B 810 -2.90 -8.24 89.54
CA LEU B 810 -4.07 -7.40 89.29
C LEU B 810 -4.51 -7.50 87.84
N GLU B 811 -3.58 -7.86 86.95
CA GLU B 811 -3.91 -8.00 85.54
C GLU B 811 -5.15 -8.86 85.36
N LEU B 812 -5.21 -9.99 86.07
CA LEU B 812 -6.39 -10.82 85.99
C LEU B 812 -7.29 -10.64 87.20
N HIS B 813 -6.72 -10.48 88.39
CA HIS B 813 -7.60 -10.40 89.58
C HIS B 813 -8.79 -9.49 89.42
N VAL B 814 -8.69 -8.52 88.55
CA VAL B 814 -9.66 -7.44 88.48
C VAL B 814 -10.04 -7.03 87.07
N PHE B 815 -9.07 -6.57 86.29
CA PHE B 815 -9.38 -6.04 84.95
C PHE B 815 -10.30 -6.94 84.13
N LYS B 816 -9.87 -8.16 83.87
CA LYS B 816 -10.66 -9.08 83.05
C LYS B 816 -12.04 -9.34 83.62
N LEU B 817 -12.13 -9.45 84.94
CA LEU B 817 -13.40 -9.70 85.58
C LEU B 817 -14.37 -8.58 85.31
N VAL B 818 -13.96 -7.35 85.60
CA VAL B 818 -14.85 -6.22 85.43
C VAL B 818 -15.15 -5.96 83.96
N ALA B 819 -14.23 -6.30 83.06
CA ALA B 819 -14.52 -6.15 81.64
C ALA B 819 -15.75 -6.96 81.29
N LEU B 820 -15.74 -8.23 81.64
CA LEU B 820 -16.87 -9.09 81.34
C LEU B 820 -18.10 -8.64 82.09
N TYR B 821 -17.92 -8.13 83.31
CA TYR B 821 -19.05 -7.65 84.07
C TYR B 821 -19.76 -6.52 83.36
N THR B 822 -19.02 -5.51 82.93
CA THR B 822 -19.62 -4.38 82.24
C THR B 822 -20.34 -4.83 80.97
N VAL B 823 -19.71 -5.72 80.21
CA VAL B 823 -20.35 -6.22 79.00
C VAL B 823 -21.67 -6.90 79.33
N TRP B 824 -21.68 -7.72 80.37
CA TRP B 824 -22.90 -8.46 80.70
C TRP B 824 -23.82 -7.76 81.69
N VAL B 825 -23.66 -6.46 81.87
CA VAL B 825 -24.57 -5.72 82.73
C VAL B 825 -25.04 -4.50 81.96
N ALA B 826 -24.11 -3.65 81.55
CA ALA B 826 -24.48 -2.43 80.84
C ALA B 826 -24.93 -2.75 79.43
N LEU B 827 -24.09 -3.45 78.68
CA LEU B 827 -24.43 -3.77 77.31
C LEU B 827 -25.44 -4.91 77.23
N LYS B 828 -25.68 -5.59 78.34
CA LYS B 828 -26.69 -6.64 78.35
C LYS B 828 -27.90 -6.21 79.15
N GLU B 829 -28.44 -7.12 79.96
CA GLU B 829 -29.63 -6.81 80.75
C GLU B 829 -29.40 -5.64 81.66
N VAL B 830 -30.04 -4.52 81.36
CA VAL B 830 -29.82 -3.33 82.15
C VAL B 830 -30.79 -3.23 83.31
N SER B 831 -31.02 -2.01 83.80
CA SER B 831 -31.98 -1.76 84.88
C SER B 831 -31.71 -2.28 86.29
N VAL B 832 -31.81 -3.58 86.53
CA VAL B 832 -31.64 -4.11 87.89
C VAL B 832 -30.29 -4.75 88.16
N MET B 833 -29.44 -4.78 87.14
CA MET B 833 -28.10 -5.33 87.35
C MET B 833 -27.14 -4.21 87.74
N ASN B 834 -27.68 -3.07 88.14
CA ASN B 834 -26.84 -1.97 88.61
C ASN B 834 -26.13 -2.33 89.90
N LEU B 835 -26.72 -3.25 90.67
CA LEU B 835 -26.10 -3.68 91.91
C LEU B 835 -24.90 -4.56 91.62
N LEU B 836 -24.80 -5.05 90.39
CA LEU B 836 -23.67 -5.90 90.02
C LEU B 836 -22.61 -5.10 89.29
N LEU B 837 -22.78 -3.79 89.22
CA LEU B 837 -21.81 -2.97 88.51
C LEU B 837 -21.62 -1.57 89.04
N VAL B 838 -22.58 -0.69 88.81
CA VAL B 838 -22.38 0.70 89.19
C VAL B 838 -22.42 1.02 90.69
N VAL B 839 -22.77 0.06 91.52
CA VAL B 839 -22.71 0.30 92.95
C VAL B 839 -21.57 -0.54 93.48
N LEU B 840 -21.11 -1.48 92.67
CA LEU B 840 -20.00 -2.32 93.08
C LEU B 840 -18.74 -1.81 92.47
N TRP B 841 -18.45 -2.24 91.25
CA TRP B 841 -17.21 -1.86 90.59
C TRP B 841 -16.96 -0.38 90.34
N ALA B 842 -18.00 0.43 90.28
CA ALA B 842 -17.80 1.87 90.12
C ALA B 842 -17.21 2.52 91.36
N PHE B 843 -17.20 1.81 92.48
CA PHE B 843 -16.60 2.35 93.69
C PHE B 843 -15.44 1.45 94.11
N ALA B 844 -15.45 0.21 93.65
CA ALA B 844 -14.38 -0.71 94.01
C ALA B 844 -13.14 -0.45 93.17
N LEU B 845 -13.33 -0.02 91.93
CA LEU B 845 -12.18 0.31 91.10
C LEU B 845 -11.37 1.47 91.71
N PRO B 846 -11.98 2.65 91.97
CA PRO B 846 -11.13 3.68 92.58
C PRO B 846 -10.52 3.26 93.90
N TYR B 847 -11.32 2.75 94.83
CA TYR B 847 -10.82 2.37 96.13
C TYR B 847 -10.68 0.87 96.21
N PRO B 848 -9.46 0.35 96.04
CA PRO B 848 -9.27 -1.10 95.98
C PRO B 848 -9.32 -1.80 97.32
N ARG B 849 -9.62 -1.08 98.41
CA ARG B 849 -9.73 -1.70 99.71
C ARG B 849 -10.79 -2.79 99.66
N PHE B 850 -11.92 -2.48 99.04
CA PHE B 850 -12.99 -3.45 98.96
C PHE B 850 -13.10 -4.10 97.60
N ARG B 851 -12.01 -4.19 96.87
CA ARG B 851 -12.05 -4.91 95.60
C ARG B 851 -12.39 -6.39 95.76
N PRO B 852 -11.77 -7.15 96.71
CA PRO B 852 -12.23 -8.57 96.79
C PRO B 852 -13.62 -8.76 97.43
N MET B 853 -13.92 -7.88 98.39
CA MET B 853 -15.23 -7.94 99.03
C MET B 853 -16.27 -7.71 97.96
N ALA B 854 -16.03 -6.72 97.11
CA ALA B 854 -16.95 -6.45 96.02
C ALA B 854 -17.16 -7.68 95.19
N SER B 855 -16.09 -8.36 94.77
CA SER B 855 -16.21 -9.61 94.02
C SER B 855 -17.06 -10.70 94.69
N CYS B 856 -16.84 -10.92 95.98
CA CYS B 856 -17.67 -11.90 96.68
C CYS B 856 -19.16 -11.48 96.69
N LEU B 857 -19.40 -10.20 96.96
CA LEU B 857 -20.77 -9.73 97.01
C LEU B 857 -21.38 -9.90 95.64
N SER B 858 -20.58 -9.72 94.59
CA SER B 858 -21.04 -9.86 93.22
C SER B 858 -21.47 -11.28 92.94
N THR B 859 -20.63 -12.23 93.30
CA THR B 859 -21.06 -13.62 93.16
C THR B 859 -22.42 -13.73 93.82
N VAL B 860 -22.51 -13.35 95.10
CA VAL B 860 -23.79 -13.55 95.80
C VAL B 860 -24.97 -12.94 95.06
N TRP B 861 -24.83 -11.71 94.61
CA TRP B 861 -25.92 -11.00 93.96
C TRP B 861 -26.32 -11.56 92.62
N THR B 862 -25.38 -12.03 91.81
CA THR B 862 -25.88 -12.60 90.55
C THR B 862 -26.47 -13.95 90.81
N CYS B 863 -26.01 -14.62 91.87
CA CYS B 863 -26.67 -15.87 92.22
C CYS B 863 -28.13 -15.50 92.50
N VAL B 864 -28.33 -14.47 93.31
CA VAL B 864 -29.69 -14.01 93.61
C VAL B 864 -30.48 -13.67 92.34
N ILE B 865 -29.84 -13.00 91.39
CA ILE B 865 -30.48 -12.61 90.15
C ILE B 865 -30.94 -13.82 89.36
N ILE B 866 -30.09 -14.83 89.19
CA ILE B 866 -30.56 -16.02 88.52
C ILE B 866 -31.69 -16.69 89.31
N VAL B 867 -31.59 -16.77 90.63
CA VAL B 867 -32.70 -17.31 91.42
C VAL B 867 -34.00 -16.62 91.05
N CYS B 868 -33.97 -15.29 91.03
CA CYS B 868 -35.17 -14.53 90.70
C CYS B 868 -35.68 -14.79 89.28
N LYS B 869 -34.80 -14.77 88.29
CA LYS B 869 -35.27 -14.91 86.91
C LYS B 869 -35.66 -16.35 86.60
N MET B 870 -35.43 -17.23 87.57
CA MET B 870 -35.72 -18.65 87.36
C MET B 870 -37.20 -18.78 87.09
N LEU B 871 -38.01 -18.14 87.92
CA LEU B 871 -39.46 -18.16 87.71
C LEU B 871 -39.87 -17.09 86.71
N TYR B 872 -39.10 -16.93 85.63
CA TYR B 872 -39.40 -15.93 84.59
C TYR B 872 -40.16 -14.70 85.08
N GLN B 873 -41.30 -14.41 84.46
CA GLN B 873 -42.14 -13.29 84.89
C GLN B 873 -43.55 -13.44 84.33
N LEU B 874 -43.76 -14.47 83.52
CA LEU B 874 -45.07 -14.67 82.91
C LEU B 874 -46.18 -15.26 83.79
N LYS B 875 -45.95 -15.43 85.09
CA LYS B 875 -47.03 -15.92 85.93
C LYS B 875 -48.05 -14.82 86.13
N VAL B 876 -49.29 -15.02 85.67
CA VAL B 876 -50.36 -14.01 85.79
C VAL B 876 -49.89 -12.57 85.72
N VAL B 877 -49.38 -12.16 84.57
CA VAL B 877 -48.90 -10.79 84.43
C VAL B 877 -50.06 -9.83 84.39
N ASN B 878 -50.07 -8.85 85.29
CA ASN B 878 -51.11 -7.85 85.28
C ASN B 878 -50.46 -6.48 85.18
N PRO B 879 -50.07 -6.07 83.96
CA PRO B 879 -49.35 -4.81 83.82
C PRO B 879 -50.32 -3.64 83.70
N ASN B 915 -42.22 -1.45 92.27
CA ASN B 915 -42.88 -2.02 91.10
C ASN B 915 -42.11 -1.71 89.83
N TRP B 916 -41.88 -0.44 89.58
CA TRP B 916 -41.17 -0.05 88.37
C TRP B 916 -39.69 0.15 88.64
N PHE B 917 -38.85 -0.62 87.95
CA PHE B 917 -37.42 -0.47 88.09
C PHE B 917 -36.88 -0.74 86.72
N GLY B 918 -37.58 -0.30 85.70
CA GLY B 918 -37.16 -0.61 84.35
C GLY B 918 -37.43 -2.08 84.13
N VAL B 919 -38.63 -2.54 84.47
CA VAL B 919 -38.96 -3.96 84.33
C VAL B 919 -38.85 -4.45 82.90
N ARG B 920 -37.83 -5.26 82.63
CA ARG B 920 -37.66 -5.81 81.30
C ARG B 920 -38.36 -7.14 81.24
N LYS B 921 -38.53 -7.81 82.39
CA LYS B 921 -39.19 -9.13 82.49
C LYS B 921 -38.42 -10.30 81.86
N GLY B 922 -38.23 -11.36 82.64
CA GLY B 922 -37.50 -12.51 82.14
C GLY B 922 -38.31 -13.45 81.29
N PHE B 923 -38.68 -13.01 80.09
CA PHE B 923 -39.51 -13.84 79.23
C PHE B 923 -38.80 -15.06 78.60
N PRO B 924 -37.62 -14.88 77.99
CA PRO B 924 -37.00 -16.11 77.48
C PRO B 924 -36.61 -17.06 78.59
N ASN B 925 -36.39 -18.33 78.27
CA ASN B 925 -35.86 -19.22 79.29
C ASN B 925 -34.34 -19.28 79.11
N LEU B 926 -33.89 -20.13 78.19
CA LEU B 926 -32.46 -20.29 77.93
C LEU B 926 -31.71 -18.99 77.73
N GLY B 927 -32.04 -18.24 76.68
CA GLY B 927 -31.34 -17.00 76.39
C GLY B 927 -31.26 -16.07 77.58
N TYR B 928 -32.35 -15.96 78.33
CA TYR B 928 -32.38 -15.07 79.49
C TYR B 928 -31.45 -15.53 80.60
N ILE B 929 -31.51 -16.80 80.98
CA ILE B 929 -30.53 -17.26 81.99
C ILE B 929 -29.09 -17.29 81.46
N GLN B 930 -28.91 -17.16 80.15
CA GLN B 930 -27.57 -17.29 79.54
C GLN B 930 -26.40 -16.31 79.72
N ASN B 931 -26.51 -15.22 80.48
CA ASN B 931 -25.29 -14.42 80.67
C ASN B 931 -24.83 -14.20 82.11
N HIS B 932 -25.78 -14.06 83.03
CA HIS B 932 -25.42 -13.80 84.42
C HIS B 932 -24.58 -14.97 84.94
N LEU B 933 -24.93 -16.17 84.50
CA LEU B 933 -24.17 -17.35 84.92
C LEU B 933 -22.77 -17.30 84.34
N GLN B 934 -22.60 -16.71 83.17
CA GLN B 934 -21.26 -16.61 82.62
C GLN B 934 -20.31 -15.81 83.52
N VAL B 935 -20.76 -14.69 84.07
CA VAL B 935 -19.93 -13.91 84.98
C VAL B 935 -19.79 -14.58 86.35
N LEU B 936 -20.78 -15.36 86.74
CA LEU B 936 -20.69 -16.09 87.99
C LEU B 936 -19.55 -17.07 87.86
N LEU B 937 -19.50 -17.77 86.74
CA LEU B 937 -18.43 -18.72 86.50
C LEU B 937 -17.09 -18.01 86.38
N LEU B 938 -17.08 -16.83 85.78
CA LEU B 938 -15.84 -16.07 85.65
C LEU B 938 -15.26 -15.70 87.02
N LEU B 939 -16.12 -15.31 87.96
CA LEU B 939 -15.65 -15.01 89.30
C LEU B 939 -15.00 -16.26 89.83
N VAL B 940 -15.71 -17.39 89.73
CA VAL B 940 -15.18 -18.65 90.20
C VAL B 940 -13.81 -18.94 89.59
N PHE B 941 -13.66 -18.76 88.28
CA PHE B 941 -12.40 -19.06 87.61
C PHE B 941 -11.27 -18.19 88.14
N GLU B 942 -11.54 -16.91 88.33
CA GLU B 942 -10.53 -16.02 88.87
C GLU B 942 -10.16 -16.44 90.27
N ALA B 943 -11.16 -16.76 91.10
CA ALA B 943 -10.89 -17.23 92.44
C ALA B 943 -10.04 -18.50 92.41
N ILE B 944 -10.34 -19.43 91.51
CA ILE B 944 -9.54 -20.65 91.38
C ILE B 944 -8.08 -20.31 91.15
N VAL B 945 -7.80 -19.50 90.13
CA VAL B 945 -6.39 -19.21 89.82
C VAL B 945 -5.74 -18.41 90.94
N TYR B 946 -6.54 -17.67 91.71
CA TYR B 946 -5.98 -16.93 92.82
C TYR B 946 -5.59 -17.87 93.93
N ARG B 947 -6.54 -18.66 94.42
CA ARG B 947 -6.26 -19.59 95.50
C ARG B 947 -5.23 -20.64 95.12
N ARG B 948 -5.11 -20.95 93.84
CA ARG B 948 -4.09 -21.89 93.39
C ARG B 948 -2.74 -21.34 93.76
N GLN B 949 -2.44 -20.14 93.29
CA GLN B 949 -1.14 -19.56 93.58
C GLN B 949 -1.04 -19.00 94.99
N GLU B 950 -2.16 -18.88 95.69
CA GLU B 950 -2.11 -18.45 97.07
C GLU B 950 -1.48 -19.57 97.87
N HIS B 951 -1.89 -20.80 97.59
CA HIS B 951 -1.27 -21.93 98.26
C HIS B 951 0.05 -22.35 97.62
N TYR B 952 0.31 -21.89 96.40
CA TYR B 952 1.61 -22.19 95.79
C TYR B 952 2.64 -21.27 96.40
N ARG B 953 2.20 -20.16 96.97
CA ARG B 953 3.12 -19.27 97.64
C ARG B 953 3.15 -19.59 99.14
N ARG B 954 2.04 -20.12 99.65
CA ARG B 954 2.00 -20.52 101.06
C ARG B 954 2.95 -21.68 101.23
N GLN B 955 2.76 -22.71 100.42
CA GLN B 955 3.66 -23.85 100.47
C GLN B 955 4.48 -23.83 99.20
N HIS B 956 4.66 -25.00 98.58
CA HIS B 956 5.38 -25.10 97.30
C HIS B 956 6.41 -24.01 97.02
N GLY B 970 13.91 -5.81 85.38
CA GLY B 970 14.76 -5.16 86.35
C GLY B 970 14.56 -3.67 86.35
N THR B 971 14.22 -3.10 87.52
CA THR B 971 13.95 -1.67 87.61
C THR B 971 15.11 -0.79 87.19
N ARG B 972 15.12 -0.31 85.95
CA ARG B 972 16.18 0.56 85.43
C ARG B 972 17.59 -0.03 85.32
N GLN B 973 17.81 -1.24 85.81
CA GLN B 973 19.12 -1.85 85.73
C GLN B 973 19.17 -2.72 84.50
N GLN B 974 18.06 -3.41 84.22
CA GLN B 974 17.99 -4.23 83.04
C GLN B 974 17.82 -3.32 81.85
N LEU B 975 17.23 -2.15 82.08
CA LEU B 975 17.03 -1.17 81.01
C LEU B 975 18.22 -1.02 80.09
N ASP B 976 19.35 -0.60 80.63
CA ASP B 976 20.51 -0.34 79.78
C ASP B 976 21.32 -1.57 79.39
N GLN B 977 20.82 -2.76 79.70
CA GLN B 977 21.51 -3.98 79.32
C GLN B 977 21.35 -4.21 77.84
N ASP B 978 20.18 -4.70 77.43
CA ASP B 978 19.93 -4.93 76.02
C ASP B 978 18.45 -4.90 75.71
N LEU B 979 18.07 -5.51 74.59
CA LEU B 979 16.68 -5.50 74.17
C LEU B 979 15.84 -6.29 75.13
N LEU B 980 16.34 -7.44 75.58
CA LEU B 980 15.62 -8.23 76.55
C LEU B 980 15.42 -7.42 77.82
N GLY B 981 16.45 -6.69 78.23
CA GLY B 981 16.33 -5.86 79.40
C GLY B 981 15.26 -4.80 79.28
N CYS B 982 15.25 -4.08 78.17
CA CYS B 982 14.21 -3.09 77.93
C CYS B 982 12.84 -3.73 78.00
N LEU B 983 12.67 -4.83 77.29
CA LEU B 983 11.40 -5.54 77.28
C LEU B 983 10.96 -5.86 78.69
N LYS B 984 11.81 -6.56 79.43
CA LYS B 984 11.48 -6.95 80.78
C LYS B 984 11.03 -5.77 81.61
N TYR B 985 11.83 -4.70 81.60
CA TYR B 985 11.50 -3.54 82.40
C TYR B 985 10.08 -3.09 82.15
N PHE B 986 9.70 -2.92 80.90
CA PHE B 986 8.37 -2.39 80.57
C PHE B 986 7.23 -3.37 80.74
N ILE B 987 7.51 -4.66 80.69
CA ILE B 987 6.44 -5.64 80.76
C ILE B 987 6.02 -5.51 82.21
N ASN B 988 7.00 -5.33 83.08
CA ASN B 988 6.71 -5.19 84.51
C ASN B 988 6.29 -3.80 84.91
N PHE B 989 6.77 -2.77 84.21
CA PHE B 989 6.50 -1.40 84.64
C PHE B 989 5.97 -0.47 83.57
N PHE B 990 4.92 -0.88 82.86
CA PHE B 990 4.32 0.01 81.88
C PHE B 990 3.48 1.05 82.60
N PHE B 991 2.29 0.64 83.02
CA PHE B 991 1.38 1.53 83.72
C PHE B 991 2.04 2.27 84.87
N TYR B 992 3.14 1.73 85.38
CA TYR B 992 3.86 2.42 86.43
C TYR B 992 4.17 3.84 86.00
N LYS B 993 4.69 3.98 84.78
CA LYS B 993 5.06 5.31 84.29
C LYS B 993 4.12 5.83 83.21
N PHE B 994 3.77 4.98 82.25
CA PHE B 994 2.94 5.44 81.13
C PHE B 994 1.48 5.65 81.47
N GLY B 995 1.01 5.06 82.56
CA GLY B 995 -0.39 5.17 82.94
C GLY B 995 -1.09 6.52 82.83
N LEU B 996 -0.39 7.60 83.15
CA LEU B 996 -0.99 8.92 83.10
C LEU B 996 -1.24 9.29 81.67
N GLU B 997 -0.25 9.09 80.82
CA GLU B 997 -0.41 9.39 79.40
C GLU B 997 -1.47 8.47 78.84
N ILE B 998 -1.57 7.28 79.41
CA ILE B 998 -2.58 6.32 78.97
C ILE B 998 -3.97 6.88 79.26
N CYS B 999 -4.24 7.20 80.51
CA CYS B 999 -5.53 7.77 80.86
C CYS B 999 -5.91 8.95 79.98
N PHE B 1000 -4.96 9.84 79.71
CA PHE B 1000 -5.24 10.98 78.86
C PHE B 1000 -5.75 10.52 77.51
N LEU B 1001 -5.15 9.46 76.96
CA LEU B 1001 -5.57 8.96 75.67
C LEU B 1001 -6.82 8.12 75.76
N MET B 1002 -7.10 7.56 76.94
CA MET B 1002 -8.35 6.83 77.12
C MET B 1002 -9.51 7.80 77.19
N ALA B 1003 -9.27 8.99 77.69
CA ALA B 1003 -10.32 10.00 77.70
C ALA B 1003 -10.66 10.42 76.29
N VAL B 1004 -9.64 10.51 75.44
CA VAL B 1004 -9.88 10.84 74.05
C VAL B 1004 -10.68 9.73 73.40
N ASN B 1005 -10.40 8.48 73.74
CA ASN B 1005 -11.18 7.37 73.20
C ASN B 1005 -12.64 7.53 73.53
N VAL B 1006 -12.96 7.79 74.80
CA VAL B 1006 -14.34 7.98 75.20
C VAL B 1006 -14.96 9.12 74.41
N ILE B 1007 -14.28 10.25 74.33
CA ILE B 1007 -14.78 11.39 73.54
C ILE B 1007 -15.15 10.98 72.13
N GLY B 1008 -14.29 10.23 71.46
CA GLY B 1008 -14.55 9.82 70.09
C GLY B 1008 -15.62 8.78 69.89
N GLN B 1009 -15.78 7.88 70.85
CA GLN B 1009 -16.81 6.86 70.75
C GLN B 1009 -18.06 7.30 71.47
N ARG B 1010 -18.40 8.57 71.35
CA ARG B 1010 -19.57 9.10 72.02
C ARG B 1010 -19.99 10.39 71.34
N MET B 1011 -19.14 11.41 71.41
CA MET B 1011 -19.44 12.73 70.81
C MET B 1011 -20.76 13.33 71.22
N ASN B 1012 -21.16 13.12 72.47
CA ASN B 1012 -22.41 13.66 72.98
C ASN B 1012 -22.15 14.89 73.81
N PHE B 1013 -23.08 15.21 74.71
CA PHE B 1013 -22.86 16.33 75.61
C PHE B 1013 -22.30 15.75 76.89
N LEU B 1014 -22.55 14.47 77.10
CA LEU B 1014 -22.05 13.84 78.31
C LEU B 1014 -20.52 13.79 78.32
N VAL B 1015 -19.92 13.64 77.15
CA VAL B 1015 -18.47 13.58 77.08
C VAL B 1015 -17.81 14.95 77.09
N THR B 1016 -18.58 16.02 77.10
CA THR B 1016 -17.95 17.32 77.23
C THR B 1016 -17.44 17.38 78.65
N LEU B 1017 -18.11 16.69 79.57
CA LEU B 1017 -17.64 16.65 80.95
C LEU B 1017 -16.31 15.92 81.03
N HIS B 1018 -16.20 14.79 80.35
CA HIS B 1018 -14.93 14.06 80.33
C HIS B 1018 -13.86 14.95 79.74
N GLY B 1019 -14.17 15.62 78.64
CA GLY B 1019 -13.21 16.48 77.99
C GLY B 1019 -12.81 17.69 78.80
N CYS B 1020 -13.73 18.21 79.60
CA CYS B 1020 -13.43 19.35 80.44
C CYS B 1020 -12.46 18.92 81.51
N TRP B 1021 -12.68 17.74 82.06
CA TRP B 1021 -11.76 17.22 83.06
C TRP B 1021 -10.41 16.95 82.43
N LEU B 1022 -10.40 16.49 81.19
CA LEU B 1022 -9.14 16.26 80.49
C LEU B 1022 -8.35 17.55 80.43
N VAL B 1023 -8.99 18.63 80.00
CA VAL B 1023 -8.32 19.92 79.97
C VAL B 1023 -7.79 20.27 81.35
N ALA B 1024 -8.61 20.14 82.38
CA ALA B 1024 -8.19 20.45 83.75
C ALA B 1024 -6.91 19.73 84.15
N ILE B 1025 -6.88 18.41 83.99
CA ILE B 1025 -5.71 17.64 84.39
C ILE B 1025 -4.53 17.79 83.42
N LEU B 1026 -4.77 18.34 82.24
CA LEU B 1026 -3.68 18.56 81.31
C LEU B 1026 -3.11 19.96 81.49
N THR B 1027 -3.87 20.84 82.13
CA THR B 1027 -3.35 22.17 82.41
C THR B 1027 -2.71 22.17 83.78
N ARG B 1028 -2.59 20.98 84.37
CA ARG B 1028 -1.94 20.86 85.66
C ARG B 1028 -0.48 20.54 85.42
N ARG B 1029 -0.09 20.29 84.17
CA ARG B 1029 1.30 20.02 83.80
C ARG B 1029 2.11 19.12 84.72
N HIS B 1030 2.82 19.71 85.68
CA HIS B 1030 3.62 18.94 86.62
C HIS B 1030 2.84 17.78 87.23
N ARG B 1031 3.39 16.57 87.15
CA ARG B 1031 2.68 15.39 87.64
C ARG B 1031 2.27 15.41 89.10
N GLN B 1032 2.89 16.27 89.90
CA GLN B 1032 2.56 16.37 91.31
C GLN B 1032 1.21 17.05 91.50
N ALA B 1033 0.92 18.04 90.66
CA ALA B 1033 -0.36 18.74 90.75
C ALA B 1033 -1.47 17.88 90.18
N ILE B 1034 -1.16 17.05 89.19
CA ILE B 1034 -2.16 16.16 88.64
C ILE B 1034 -2.49 15.10 89.67
N ALA B 1035 -1.54 14.79 90.54
CA ALA B 1035 -1.75 13.76 91.54
C ALA B 1035 -2.74 14.16 92.63
N ARG B 1036 -2.86 15.45 92.92
CA ARG B 1036 -3.83 15.88 93.92
C ARG B 1036 -5.18 16.17 93.29
N LEU B 1037 -5.25 16.12 91.97
CA LEU B 1037 -6.53 16.30 91.29
C LEU B 1037 -7.04 14.92 90.95
N TRP B 1038 -6.20 13.91 91.13
CA TRP B 1038 -6.57 12.55 90.82
C TRP B 1038 -7.68 11.89 91.67
N PRO B 1039 -7.70 12.11 93.00
CA PRO B 1039 -8.82 11.50 93.71
C PRO B 1039 -10.17 12.05 93.24
N ASN B 1040 -10.21 13.32 92.89
CA ASN B 1040 -11.44 13.94 92.41
C ASN B 1040 -11.77 13.51 90.99
N TYR B 1041 -10.75 13.25 90.19
CA TYR B 1041 -10.99 12.77 88.83
C TYR B 1041 -11.58 11.39 88.90
N CYS B 1042 -10.99 10.52 89.71
CA CYS B 1042 -11.51 9.18 89.85
C CYS B 1042 -12.92 9.19 90.41
N LEU B 1043 -13.19 10.10 91.34
CA LEU B 1043 -14.53 10.23 91.88
C LEU B 1043 -15.49 10.59 90.76
N PHE B 1044 -15.17 11.61 89.99
CA PHE B 1044 -16.02 12.02 88.88
C PHE B 1044 -16.32 10.82 87.99
N LEU B 1045 -15.30 10.08 87.59
CA LEU B 1045 -15.50 8.95 86.70
C LEU B 1045 -16.46 7.93 87.28
N ALA B 1046 -16.26 7.59 88.55
CA ALA B 1046 -17.12 6.62 89.20
C ALA B 1046 -18.57 7.08 89.25
N LEU B 1047 -18.79 8.31 89.69
CA LEU B 1047 -20.13 8.85 89.77
C LEU B 1047 -20.78 8.93 88.40
N PHE B 1048 -19.98 9.24 87.39
CA PHE B 1048 -20.49 9.34 86.04
C PHE B 1048 -20.98 8.00 85.52
N LEU B 1049 -20.26 6.93 85.80
CA LEU B 1049 -20.73 5.60 85.41
C LEU B 1049 -22.07 5.33 86.04
N LEU B 1050 -22.21 5.64 87.33
CA LEU B 1050 -23.47 5.43 88.02
C LEU B 1050 -24.58 6.24 87.38
N TYR B 1051 -24.34 7.52 87.13
CA TYR B 1051 -25.34 8.36 86.48
C TYR B 1051 -25.72 7.78 85.12
N GLN B 1052 -24.72 7.37 84.34
CA GLN B 1052 -24.99 6.85 83.01
C GLN B 1052 -25.96 5.68 83.06
N TYR B 1053 -25.79 4.79 84.03
CA TYR B 1053 -26.74 3.69 84.18
C TYR B 1053 -28.11 4.26 84.53
N LEU B 1054 -28.17 5.05 85.60
CA LEU B 1054 -29.45 5.62 86.03
C LEU B 1054 -30.09 6.46 84.93
N LEU B 1055 -29.36 6.69 83.85
CA LEU B 1055 -29.92 7.44 82.75
C LEU B 1055 -30.39 6.43 81.71
N CYS B 1056 -29.72 5.29 81.66
CA CYS B 1056 -30.14 4.24 80.74
C CYS B 1056 -31.24 3.39 81.34
N LEU B 1057 -31.36 3.39 82.67
CA LEU B 1057 -32.43 2.65 83.32
C LEU B 1057 -33.55 3.61 83.68
N GLY B 1058 -33.39 4.31 84.78
CA GLY B 1058 -34.41 5.27 85.20
C GLY B 1058 -34.63 6.29 84.10
N SER B 1096 -25.16 0.25 77.64
CA SER B 1096 -24.70 0.88 76.41
C SER B 1096 -23.21 0.64 76.19
N THR B 1097 -22.71 1.03 75.03
CA THR B 1097 -21.28 0.89 74.74
C THR B 1097 -20.52 2.04 75.33
N ASN B 1098 -21.19 3.17 75.51
CA ASN B 1098 -20.56 4.32 76.11
C ASN B 1098 -20.23 4.01 77.56
N LEU B 1099 -21.04 3.19 78.19
CA LEU B 1099 -20.77 2.81 79.57
C LEU B 1099 -19.47 2.02 79.65
N ILE B 1100 -19.22 1.14 78.67
CA ILE B 1100 -17.96 0.38 78.66
C ILE B 1100 -16.75 1.29 78.47
N SER B 1101 -16.90 2.35 77.68
CA SER B 1101 -15.81 3.28 77.47
C SER B 1101 -15.49 4.05 78.74
N ASP B 1102 -16.51 4.50 79.47
CA ASP B 1102 -16.28 5.18 80.73
C ASP B 1102 -15.75 4.22 81.77
N PHE B 1103 -16.09 2.94 81.66
CA PHE B 1103 -15.54 1.96 82.57
C PHE B 1103 -14.04 1.81 82.29
N LEU B 1104 -13.66 1.76 81.02
CA LEU B 1104 -12.25 1.59 80.69
C LEU B 1104 -11.45 2.75 81.24
N LEU B 1105 -11.96 3.96 81.05
CA LEU B 1105 -11.28 5.13 81.58
C LEU B 1105 -11.20 5.05 83.09
N LEU B 1106 -12.29 4.67 83.76
CA LEU B 1106 -12.28 4.53 85.20
C LEU B 1106 -11.24 3.53 85.61
N LEU B 1107 -11.32 2.32 85.08
CA LEU B 1107 -10.35 1.29 85.40
C LEU B 1107 -8.92 1.79 85.27
N CYS B 1108 -8.58 2.37 84.14
CA CYS B 1108 -7.22 2.84 83.93
C CYS B 1108 -6.82 3.92 84.92
N ALA B 1109 -7.62 4.96 85.04
CA ALA B 1109 -7.28 6.05 85.95
C ALA B 1109 -7.29 5.61 87.40
N SER B 1110 -8.06 4.59 87.73
CA SER B 1110 -8.08 4.08 89.09
C SER B 1110 -6.77 3.39 89.36
N GLN B 1111 -6.29 2.63 88.40
CA GLN B 1111 -4.99 1.98 88.57
C GLN B 1111 -3.87 3.00 88.64
N GLN B 1112 -4.02 4.13 87.96
CA GLN B 1112 -3.02 5.19 88.05
C GLN B 1112 -3.12 5.95 89.34
N TRP B 1113 -4.28 5.88 90.00
CA TRP B 1113 -4.39 6.52 91.30
C TRP B 1113 -3.74 5.61 92.30
N GLN B 1114 -3.72 4.31 91.99
CA GLN B 1114 -3.06 3.35 92.87
C GLN B 1114 -1.59 3.23 92.54
N VAL B 1115 -1.08 4.11 91.68
CA VAL B 1115 0.34 4.11 91.38
C VAL B 1115 0.84 5.51 91.72
N PHE B 1116 0.16 6.53 91.21
CA PHE B 1116 0.53 7.93 91.46
C PHE B 1116 1.01 8.21 92.87
N SER B 1117 0.14 8.01 93.84
CA SER B 1117 0.51 8.32 95.22
C SER B 1117 0.80 7.07 96.01
N ALA B 1118 1.26 6.02 95.35
CA ALA B 1118 1.51 4.77 96.04
C ALA B 1118 2.83 4.16 95.64
N GLU B 1119 2.86 3.50 94.49
CA GLU B 1119 4.08 2.83 94.06
C GLU B 1119 5.20 3.81 93.73
N ARG B 1120 4.85 5.01 93.30
CA ARG B 1120 5.86 6.02 93.00
C ARG B 1120 6.36 6.68 94.27
N THR B 1121 5.52 6.73 95.29
CA THR B 1121 5.92 7.32 96.56
C THR B 1121 6.40 6.27 97.55
N TYR B 1154 23.38 -2.30 70.55
CA TYR B 1154 22.29 -2.54 69.62
C TYR B 1154 20.98 -1.97 70.14
N LEU B 1155 20.85 -1.87 71.47
CA LEU B 1155 19.66 -1.27 72.04
C LEU B 1155 19.89 0.23 72.09
N ASP B 1156 21.12 0.64 71.86
CA ASP B 1156 21.43 2.07 71.83
C ASP B 1156 20.91 2.63 70.54
N MET B 1157 20.81 1.80 69.51
CA MET B 1157 20.25 2.24 68.25
C MET B 1157 18.77 2.48 68.44
N LEU B 1158 18.11 1.61 69.17
CA LEU B 1158 16.70 1.82 69.47
C LEU B 1158 16.58 3.11 70.24
N LYS B 1159 17.44 3.32 71.24
CA LYS B 1159 17.38 4.52 72.05
C LYS B 1159 17.67 5.78 71.25
N VAL B 1160 18.39 5.54 70.13
CA VAL B 1160 18.73 6.63 69.19
C VAL B 1160 17.49 7.16 68.54
N ALA B 1161 16.66 6.27 68.13
CA ALA B 1161 15.38 6.57 67.50
C ALA B 1161 14.45 7.35 68.44
N VAL B 1162 14.03 6.74 69.53
CA VAL B 1162 13.16 7.42 70.48
C VAL B 1162 13.83 8.65 71.07
N PHE B 1163 15.14 8.58 71.27
CA PHE B 1163 15.80 9.69 71.94
C PHE B 1163 16.61 10.62 71.09
N ARG B 1164 16.09 11.04 69.94
CA ARG B 1164 16.77 12.04 69.11
C ARG B 1164 15.82 12.49 68.03
N TYR B 1165 15.26 11.53 67.30
CA TYR B 1165 14.41 11.91 66.19
C TYR B 1165 12.89 11.80 66.40
N LEU B 1166 12.44 11.44 67.60
CA LEU B 1166 11.01 11.38 67.86
C LEU B 1166 10.37 12.75 67.74
N PHE B 1167 11.06 13.80 68.17
CA PHE B 1167 10.55 15.17 68.03
C PHE B 1167 10.09 15.35 66.63
N TRP B 1168 10.81 14.76 65.72
CA TRP B 1168 10.50 14.94 64.34
C TRP B 1168 9.45 14.01 63.77
N LEU B 1169 9.33 12.78 64.26
CA LEU B 1169 8.24 11.94 63.77
C LEU B 1169 6.92 12.56 64.20
N VAL B 1170 6.90 13.22 65.34
CA VAL B 1170 5.69 13.90 65.72
C VAL B 1170 5.37 14.98 64.71
N LEU B 1171 6.37 15.75 64.27
CA LEU B 1171 6.14 16.77 63.26
C LEU B 1171 5.54 16.18 61.99
N VAL B 1172 5.94 14.98 61.61
CA VAL B 1172 5.34 14.29 60.47
C VAL B 1172 3.87 14.02 60.72
N VAL B 1173 3.55 13.47 61.89
CA VAL B 1173 2.17 13.21 62.22
C VAL B 1173 1.38 14.50 62.23
N VAL B 1174 1.90 15.56 62.85
CA VAL B 1174 1.23 16.85 62.84
C VAL B 1174 0.84 17.25 61.41
N PHE B 1175 1.77 17.13 60.47
CA PHE B 1175 1.45 17.44 59.08
C PHE B 1175 0.35 16.55 58.55
N VAL B 1176 0.50 15.25 58.67
CA VAL B 1176 -0.47 14.34 58.08
C VAL B 1176 -1.85 14.32 58.77
N THR B 1177 -1.93 14.71 60.04
CA THR B 1177 -3.24 14.77 60.67
C THR B 1177 -4.04 15.85 60.01
N GLY B 1178 -3.39 16.95 59.67
CA GLY B 1178 -4.08 18.00 58.94
C GLY B 1178 -4.48 17.51 57.57
N ALA B 1179 -3.52 17.00 56.81
CA ALA B 1179 -3.79 16.55 55.44
C ALA B 1179 -4.98 15.63 55.33
N THR B 1180 -5.01 14.58 56.13
CA THR B 1180 -6.09 13.60 56.05
C THR B 1180 -7.46 14.22 56.32
N ARG B 1181 -7.64 14.83 57.48
CA ARG B 1181 -8.93 15.40 57.82
C ARG B 1181 -9.05 16.82 57.28
N ILE B 1182 -9.56 16.95 56.06
CA ILE B 1182 -9.70 18.27 55.43
C ILE B 1182 -10.69 19.15 56.19
N SER B 1183 -10.18 20.09 56.97
CA SER B 1183 -11.04 20.97 57.75
C SER B 1183 -10.31 22.27 58.02
N ILE B 1184 -10.73 22.99 59.05
CA ILE B 1184 -10.01 24.19 59.42
C ILE B 1184 -9.00 23.80 60.50
N PHE B 1185 -9.33 22.78 61.28
CA PHE B 1185 -8.39 22.29 62.29
C PHE B 1185 -7.21 21.70 61.56
N GLY B 1186 -7.48 21.15 60.39
CA GLY B 1186 -6.41 20.56 59.61
C GLY B 1186 -5.44 21.59 59.09
N LEU B 1187 -5.95 22.75 58.69
CA LEU B 1187 -5.07 23.81 58.24
C LEU B 1187 -4.19 24.21 59.41
N GLY B 1188 -4.76 24.27 60.60
CA GLY B 1188 -3.99 24.60 61.78
C GLY B 1188 -2.90 23.59 62.05
N TYR B 1189 -3.20 22.30 61.89
CA TYR B 1189 -2.17 21.27 62.05
C TYR B 1189 -1.07 21.47 61.03
N LEU B 1190 -1.44 21.72 59.79
CA LEU B 1190 -0.46 21.97 58.76
C LEU B 1190 0.46 23.10 59.18
N LEU B 1191 -0.11 24.18 59.70
CA LEU B 1191 0.68 25.34 60.09
C LEU B 1191 1.60 24.98 61.24
N ALA B 1192 1.09 24.27 62.23
CA ALA B 1192 1.90 23.85 63.37
C ALA B 1192 3.09 23.05 62.88
N CYS B 1193 2.88 22.19 61.88
CA CYS B 1193 4.03 21.48 61.33
C CYS B 1193 5.01 22.45 60.67
N PHE B 1194 4.56 23.22 59.68
CA PHE B 1194 5.43 24.18 58.99
C PHE B 1194 6.32 24.94 59.95
N TYR B 1195 5.78 25.42 61.03
CA TYR B 1195 6.48 26.25 62.02
C TYR B 1195 7.53 25.43 62.72
N LEU B 1196 7.11 24.37 63.40
CA LEU B 1196 8.04 23.56 64.16
C LEU B 1196 8.98 22.76 63.30
N LEU B 1197 8.97 23.00 62.00
CA LEU B 1197 9.92 22.35 61.12
C LEU B 1197 10.95 23.41 60.91
N LEU B 1198 10.51 24.65 60.75
CA LEU B 1198 11.44 25.75 60.61
C LEU B 1198 12.06 26.01 61.95
N PHE B 1199 11.32 26.68 62.82
CA PHE B 1199 11.80 26.91 64.17
C PHE B 1199 11.55 25.63 64.92
N GLY B 1200 12.47 24.70 64.83
CA GLY B 1200 12.28 23.41 65.47
C GLY B 1200 13.58 22.84 65.94
N THR B 1201 14.61 22.90 65.09
CA THR B 1201 15.93 22.42 65.49
C THR B 1201 16.41 23.24 66.66
N ALA B 1202 15.99 24.49 66.73
CA ALA B 1202 16.34 25.33 67.86
C ALA B 1202 15.74 24.74 69.12
N LEU B 1203 14.43 24.55 69.14
CA LEU B 1203 13.78 24.06 70.36
C LEU B 1203 13.81 22.55 70.51
N LEU B 1204 14.69 21.88 69.78
CA LEU B 1204 14.83 20.46 69.97
C LEU B 1204 15.93 20.33 70.99
N GLN B 1205 16.80 21.34 71.06
CA GLN B 1205 17.90 21.32 72.02
C GLN B 1205 17.73 22.38 73.10
N ARG B 1206 16.75 23.27 72.92
CA ARG B 1206 16.49 24.28 73.95
C ARG B 1206 15.22 23.99 74.73
N ASP B 1207 14.37 23.07 74.25
CA ASP B 1207 13.16 22.70 74.98
C ASP B 1207 13.29 21.32 75.61
N THR B 1208 14.50 20.77 75.60
CA THR B 1208 14.71 19.45 76.17
C THR B 1208 14.26 19.40 77.63
N ARG B 1209 14.41 20.49 78.36
CA ARG B 1209 13.91 20.54 79.72
C ARG B 1209 13.64 22.00 79.99
N ALA B 1210 14.33 22.87 79.27
CA ALA B 1210 14.15 24.30 79.41
C ALA B 1210 12.84 24.73 78.79
N ARG B 1211 11.78 24.73 79.57
CA ARG B 1211 10.48 25.19 79.09
C ARG B 1211 9.98 24.55 77.81
N LEU B 1212 9.37 23.38 77.91
CA LEU B 1212 8.79 22.73 76.75
C LEU B 1212 7.37 23.23 76.59
N VAL B 1213 7.17 24.55 76.71
CA VAL B 1213 5.85 25.13 76.59
C VAL B 1213 5.39 25.17 75.16
N LEU B 1214 6.31 25.02 74.22
CA LEU B 1214 5.94 25.00 72.82
C LEU B 1214 5.31 23.67 72.54
N TRP B 1215 5.88 22.63 73.11
CA TRP B 1215 5.29 21.32 72.93
C TRP B 1215 3.99 21.25 73.68
N ASP B 1216 3.91 21.92 74.83
CA ASP B 1216 2.69 21.87 75.58
C ASP B 1216 1.58 22.65 74.91
N CYS B 1217 1.94 23.70 74.18
CA CYS B 1217 0.94 24.46 73.46
C CYS B 1217 0.44 23.67 72.27
N LEU B 1218 1.31 22.87 71.66
CA LEU B 1218 0.88 22.03 70.57
C LEU B 1218 -0.02 20.94 71.11
N ILE B 1219 0.25 20.48 72.31
CA ILE B 1219 -0.62 19.49 72.95
C ILE B 1219 -1.99 20.11 73.16
N LEU B 1220 -2.03 21.36 73.62
CA LEU B 1220 -3.30 22.03 73.85
C LEU B 1220 -4.06 22.24 72.55
N TYR B 1221 -3.36 22.52 71.46
CA TYR B 1221 -4.03 22.65 70.19
C TYR B 1221 -4.74 21.34 69.86
N ASN B 1222 -4.00 20.24 69.94
CA ASN B 1222 -4.59 18.95 69.66
C ASN B 1222 -5.79 18.68 70.55
N VAL B 1223 -5.65 18.92 71.85
CA VAL B 1223 -6.77 18.74 72.77
C VAL B 1223 -7.99 19.53 72.31
N THR B 1224 -7.82 20.81 72.04
CA THR B 1224 -8.96 21.63 71.65
C THR B 1224 -9.62 21.16 70.37
N VAL B 1225 -8.84 20.64 69.42
CA VAL B 1225 -9.43 20.10 68.20
C VAL B 1225 -10.36 18.96 68.56
N ILE B 1226 -9.88 18.01 69.36
CA ILE B 1226 -10.70 16.87 69.76
C ILE B 1226 -11.91 17.32 70.56
N ILE B 1227 -11.72 18.26 71.48
CA ILE B 1227 -12.82 18.72 72.33
C ILE B 1227 -13.86 19.57 71.58
N SER B 1228 -13.46 20.22 70.50
CA SER B 1228 -14.42 21.00 69.71
C SER B 1228 -15.13 20.08 68.74
N LYS B 1229 -14.49 18.98 68.39
CA LYS B 1229 -15.15 18.02 67.52
C LYS B 1229 -16.14 17.22 68.33
N ASN B 1230 -16.01 17.22 69.65
CA ASN B 1230 -16.98 16.56 70.51
C ASN B 1230 -18.27 17.35 70.44
N MET B 1231 -18.16 18.66 70.48
CA MET B 1231 -19.34 19.50 70.34
C MET B 1231 -19.55 19.78 68.87
N LEU B 1232 -19.98 18.77 68.13
CA LEU B 1232 -20.16 18.92 66.69
C LEU B 1232 -21.31 19.84 66.32
N SER B 1233 -22.53 19.32 66.37
CA SER B 1233 -23.71 20.10 66.01
C SER B 1233 -24.75 20.01 67.09
N ALA B 1283 -13.79 13.33 58.21
CA ALA B 1283 -13.74 14.01 59.50
C ALA B 1283 -13.79 13.02 60.65
N GLY B 1284 -12.91 13.18 61.63
CA GLY B 1284 -12.89 12.29 62.78
C GLY B 1284 -11.72 12.61 63.70
N ILE B 1285 -11.78 12.10 64.93
CA ILE B 1285 -10.71 12.35 65.88
C ILE B 1285 -9.64 11.28 65.84
N ILE B 1286 -9.79 10.29 64.95
CA ILE B 1286 -8.83 9.20 64.87
C ILE B 1286 -7.42 9.72 64.68
N TRP B 1287 -7.23 10.58 63.68
CA TRP B 1287 -5.89 11.06 63.41
C TRP B 1287 -5.43 12.00 64.49
N ASP B 1288 -6.33 12.79 65.04
CA ASP B 1288 -5.96 13.68 66.13
C ASP B 1288 -5.57 12.91 67.38
N SER B 1289 -6.06 11.69 67.54
CA SER B 1289 -5.65 10.88 68.68
C SER B 1289 -4.29 10.28 68.44
N VAL B 1290 -3.97 9.96 67.20
CA VAL B 1290 -2.63 9.47 66.89
C VAL B 1290 -1.68 10.60 67.21
N CYS B 1291 -2.03 11.81 66.80
CA CYS B 1291 -1.20 12.96 67.11
C CYS B 1291 -1.05 13.15 68.60
N PHE B 1292 -2.14 13.05 69.35
CA PHE B 1292 -2.06 13.18 70.80
C PHE B 1292 -1.07 12.20 71.38
N PHE B 1293 -1.13 10.94 70.96
CA PHE B 1293 -0.18 9.95 71.43
C PHE B 1293 1.24 10.40 71.17
N PHE B 1294 1.54 10.77 69.93
CA PHE B 1294 2.90 11.16 69.59
C PHE B 1294 3.33 12.42 70.32
N LEU B 1295 2.45 13.39 70.43
CA LEU B 1295 2.76 14.62 71.13
C LEU B 1295 3.07 14.33 72.57
N LEU B 1296 2.24 13.52 73.22
CA LEU B 1296 2.46 13.16 74.60
C LEU B 1296 3.76 12.40 74.74
N LEU B 1297 4.05 11.50 73.81
CA LEU B 1297 5.29 10.74 73.85
C LEU B 1297 6.50 11.66 73.85
N GLN B 1298 6.56 12.59 72.91
CA GLN B 1298 7.70 13.48 72.83
C GLN B 1298 7.78 14.42 74.03
N ARG B 1299 6.66 14.97 74.47
CA ARG B 1299 6.66 15.83 75.65
C ARG B 1299 7.28 15.09 76.79
N ARG B 1300 6.92 13.82 76.91
CA ARG B 1300 7.48 12.99 77.95
C ARG B 1300 8.96 12.77 77.74
N VAL B 1301 9.37 12.39 76.53
CA VAL B 1301 10.78 12.07 76.32
C VAL B 1301 11.73 13.25 76.41
N PHE B 1302 11.23 14.45 76.66
CA PHE B 1302 12.10 15.60 76.91
C PHE B 1302 12.61 15.40 78.32
N LEU B 1303 13.53 14.47 78.51
CA LEU B 1303 14.04 14.16 79.83
C LEU B 1303 15.17 15.08 80.19
N SER B 1304 15.59 15.03 81.44
CA SER B 1304 16.73 15.82 81.86
C SER B 1304 17.89 14.83 81.97
N HIS B 1305 17.76 13.68 81.32
CA HIS B 1305 18.79 12.66 81.40
C HIS B 1305 19.11 12.11 80.02
N TYR B 1306 18.22 11.29 79.47
CA TYR B 1306 18.49 10.69 78.17
C TYR B 1306 18.42 11.74 77.07
N TYR B 1307 17.49 12.67 77.18
CA TYR B 1307 17.42 13.75 76.20
C TYR B 1307 18.46 14.79 76.49
N LEU B 1308 18.95 14.86 77.72
CA LEU B 1308 20.01 15.80 78.01
C LEU B 1308 21.27 15.36 77.26
N HIS B 1309 21.41 14.07 77.04
CA HIS B 1309 22.56 13.57 76.29
C HIS B 1309 22.57 14.11 74.87
N VAL B 1310 21.43 14.03 74.20
CA VAL B 1310 21.37 14.56 72.86
C VAL B 1310 21.33 16.08 72.85
N ARG B 1311 20.85 16.69 73.93
CA ARG B 1311 20.87 18.13 74.00
C ARG B 1311 22.32 18.55 73.86
N ALA B 1312 23.21 17.89 74.60
CA ALA B 1312 24.62 18.22 74.52
C ALA B 1312 25.16 18.05 73.11
N ASP B 1313 24.88 16.91 72.48
CA ASP B 1313 25.36 16.66 71.12
C ASP B 1313 24.96 17.79 70.20
N LEU B 1314 23.68 18.12 70.15
CA LEU B 1314 23.21 19.12 69.21
C LEU B 1314 23.49 20.56 69.59
N GLN B 1315 23.77 20.81 70.87
CA GLN B 1315 24.11 22.16 71.27
C GLN B 1315 25.49 22.46 70.72
N ALA B 1316 26.37 21.48 70.80
CA ALA B 1316 27.73 21.73 70.35
C ALA B 1316 27.94 21.41 68.88
N THR B 1317 26.89 20.98 68.19
CA THR B 1317 27.01 20.77 66.75
C THR B 1317 27.07 22.15 66.17
N ALA B 1318 26.26 23.05 66.73
CA ALA B 1318 26.27 24.42 66.26
C ALA B 1318 27.53 25.15 66.70
N LEU B 1319 28.13 24.69 67.79
CA LEU B 1319 29.36 25.30 68.27
C LEU B 1319 30.51 24.95 67.35
N LEU B 1320 30.46 23.76 66.76
CA LEU B 1320 31.52 23.34 65.85
C LEU B 1320 31.07 23.41 64.40
N ALA B 1321 30.08 24.25 64.11
CA ALA B 1321 29.61 24.40 62.75
C ALA B 1321 30.52 25.32 61.97
N SER B 1322 31.18 26.23 62.67
CA SER B 1322 32.14 27.12 62.00
C SER B 1322 33.36 26.31 61.61
N ARG B 1323 33.67 25.29 62.40
CA ARG B 1323 34.78 24.41 62.07
C ARG B 1323 34.38 23.55 60.91
N GLY B 1324 33.09 23.24 60.81
CA GLY B 1324 32.62 22.48 59.67
C GLY B 1324 32.77 23.29 58.40
N PHE B 1325 32.46 24.58 58.48
CA PHE B 1325 32.59 25.46 57.32
C PHE B 1325 34.05 25.58 56.94
N ALA B 1326 34.93 25.66 57.94
CA ALA B 1326 36.34 25.77 57.66
C ALA B 1326 36.81 24.52 56.93
N LEU B 1327 36.46 23.35 57.47
CA LEU B 1327 36.85 22.10 56.86
C LEU B 1327 36.33 22.02 55.43
N TYR B 1328 35.07 22.38 55.23
CA TYR B 1328 34.48 22.35 53.90
C TYR B 1328 35.26 23.22 52.95
N ASN B 1329 35.42 24.49 53.30
CA ASN B 1329 36.11 25.42 52.43
C ASN B 1329 37.50 24.94 52.08
N ALA B 1330 38.21 24.42 53.07
CA ALA B 1330 39.55 23.90 52.82
C ALA B 1330 39.53 22.80 51.78
N ALA B 1331 38.66 21.82 51.96
CA ALA B 1331 38.56 20.72 51.01
C ALA B 1331 38.20 21.20 49.61
N ASN B 1332 37.24 22.11 49.52
CA ASN B 1332 36.84 22.63 48.22
C ASN B 1332 38.00 23.35 47.56
N LEU B 1333 38.70 24.18 48.32
CA LEU B 1333 39.84 24.91 47.78
C LEU B 1333 40.91 23.96 47.31
N LYS B 1334 41.16 22.89 48.06
CA LYS B 1334 42.17 21.92 47.67
C LYS B 1334 41.82 21.32 46.32
N SER B 1335 40.55 20.92 46.16
CA SER B 1335 40.13 20.32 44.90
C SER B 1335 40.19 21.32 43.77
N ILE B 1336 39.85 22.58 44.04
CA ILE B 1336 39.89 23.60 43.00
C ILE B 1336 41.33 23.82 42.56
N ASP B 1337 42.25 23.83 43.50
CA ASP B 1337 43.65 24.01 43.16
C ASP B 1337 44.20 22.81 42.44
N PHE B 1338 43.67 21.63 42.74
CA PHE B 1338 44.09 20.44 42.04
C PHE B 1338 43.72 20.58 40.57
N HIS B 1339 42.48 21.01 40.31
CA HIS B 1339 42.04 21.19 38.94
C HIS B 1339 42.84 22.27 38.26
N ARG B 1340 43.16 23.33 38.99
CA ARG B 1340 43.96 24.40 38.42
C ARG B 1340 45.33 23.87 38.03
N ARG B 1341 45.93 23.04 38.86
CA ARG B 1341 47.22 22.43 38.52
C ARG B 1341 47.10 21.60 37.26
N ILE B 1342 46.06 20.79 37.16
CA ILE B 1342 45.85 19.98 35.98
C ILE B 1342 45.77 20.84 34.74
N GLU B 1343 45.01 21.92 34.81
CA GLU B 1343 44.86 22.80 33.65
C GLU B 1343 46.17 23.51 33.31
N GLU B 1344 46.95 23.85 34.33
CA GLU B 1344 48.25 24.47 34.08
C GLU B 1344 49.13 23.51 33.33
N LYS B 1345 49.15 22.25 33.75
CA LYS B 1345 49.95 21.25 33.09
C LYS B 1345 49.51 21.09 31.65
N SER B 1346 48.20 21.06 31.42
CA SER B 1346 47.68 20.90 30.08
C SER B 1346 48.10 22.04 29.16
N LEU B 1347 48.03 23.26 29.65
CA LEU B 1347 48.44 24.41 28.85
C LEU B 1347 49.92 24.35 28.55
N ALA B 1348 50.71 23.89 29.52
CA ALA B 1348 52.14 23.78 29.30
C ALA B 1348 52.45 22.68 28.31
N GLN B 1349 51.71 21.58 28.36
CA GLN B 1349 51.89 20.50 27.40
C GLN B 1349 51.60 21.04 26.02
N LEU B 1350 50.51 21.78 25.88
CA LEU B 1350 50.16 22.36 24.61
C LEU B 1350 51.28 23.23 24.07
N LYS B 1351 51.90 24.02 24.95
CA LYS B 1351 53.01 24.87 24.52
C LYS B 1351 54.23 24.06 24.11
N ARG B 1352 54.56 23.02 24.85
CA ARG B 1352 55.67 22.17 24.47
C ARG B 1352 55.45 21.61 23.08
N GLN B 1353 54.27 21.03 22.86
CA GLN B 1353 53.95 20.46 21.56
C GLN B 1353 53.97 21.51 20.48
N MET B 1354 53.37 22.67 20.75
CA MET B 1354 53.34 23.73 19.77
C MET B 1354 54.74 24.12 19.34
N GLU B 1355 55.68 24.11 20.28
CA GLU B 1355 57.05 24.48 19.97
C GLU B 1355 57.73 23.43 19.11
N ARG B 1356 57.43 22.16 19.34
CA ARG B 1356 58.00 21.11 18.49
C ARG B 1356 57.49 21.30 17.07
N ILE B 1357 56.19 21.49 16.92
CA ILE B 1357 55.62 21.69 15.60
C ILE B 1357 56.31 22.85 14.90
N ARG B 1358 56.49 23.96 15.61
CA ARG B 1358 57.11 25.13 15.01
C ARG B 1358 58.56 24.91 14.68
N ALA B 1359 59.30 24.27 15.59
CA ALA B 1359 60.72 24.04 15.37
C ALA B 1359 60.94 23.19 14.14
N LYS B 1360 60.06 22.23 13.89
CA LYS B 1360 60.18 21.42 12.70
C LYS B 1360 59.90 22.30 11.50
N GLN B 1361 58.77 22.98 11.51
CA GLN B 1361 58.40 23.83 10.39
C GLN B 1361 59.42 24.92 10.17
N GLU B 1362 60.52 24.87 10.92
CA GLU B 1362 61.58 25.84 10.75
C GLU B 1362 62.83 25.13 10.32
N LYS B 1363 62.93 23.85 10.66
CA LYS B 1363 64.07 23.05 10.22
C LYS B 1363 63.79 22.69 8.78
N HIS B 1364 62.50 22.65 8.42
CA HIS B 1364 62.11 22.34 7.07
C HIS B 1364 62.09 23.62 6.26
N ARG B 1365 61.88 24.76 6.92
CA ARG B 1365 61.91 26.03 6.24
C ARG B 1365 63.33 26.34 5.84
N GLN B 1366 64.25 26.14 6.77
CA GLN B 1366 65.66 26.36 6.45
C GLN B 1366 66.09 25.31 5.44
N GLY B 1367 65.54 24.10 5.53
CA GLY B 1367 65.85 23.07 4.56
C GLY B 1367 65.48 23.49 3.15
N ARG B 1368 64.36 24.19 3.02
CA ARG B 1368 63.96 24.70 1.71
C ARG B 1368 65.00 25.68 1.20
N VAL B 1369 65.41 26.61 2.06
CA VAL B 1369 66.43 27.57 1.67
C VAL B 1369 67.69 26.88 1.19
N ASP B 1370 68.18 25.92 1.96
CA ASP B 1370 69.39 25.19 1.58
C ASP B 1370 69.25 24.56 0.20
N ASP B 1408 50.48 32.14 -0.45
CA ASP B 1408 49.06 31.90 -0.68
C ASP B 1408 48.65 30.52 -0.22
N HIS B 1409 47.41 30.39 0.26
CA HIS B 1409 46.92 29.10 0.74
C HIS B 1409 47.18 27.99 -0.27
N ALA B 1410 46.79 28.21 -1.52
CA ALA B 1410 46.98 27.21 -2.56
C ALA B 1410 48.42 26.72 -2.63
N THR B 1411 49.36 27.64 -2.80
CA THR B 1411 50.76 27.24 -2.94
C THR B 1411 51.33 26.59 -1.69
N VAL B 1412 50.83 26.97 -0.52
CA VAL B 1412 51.38 26.45 0.73
C VAL B 1412 50.78 25.09 1.09
N ILE B 1413 49.63 24.75 0.51
CA ILE B 1413 49.07 23.42 0.76
C ILE B 1413 49.52 22.49 -0.35
N HIS B 1414 50.14 23.05 -1.38
CA HIS B 1414 50.66 22.23 -2.46
C HIS B 1414 52.16 22.42 -2.50
N SER B 1415 52.80 22.31 -1.34
CA SER B 1415 54.24 22.51 -1.27
C SER B 1415 54.95 21.31 -0.74
N GLY B 1416 54.19 20.28 -0.35
CA GLY B 1416 54.79 19.09 0.23
C GLY B 1416 55.83 18.44 -0.64
N ASP B 1417 56.94 18.02 -0.04
CA ASP B 1417 57.94 17.29 -0.80
C ASP B 1417 58.51 16.16 0.02
N TYR B 1418 59.46 15.43 -0.53
CA TYR B 1418 60.00 14.27 0.16
C TYR B 1418 60.86 14.63 1.34
N PHE B 1419 61.40 15.85 1.35
CA PHE B 1419 62.29 16.26 2.42
C PHE B 1419 61.61 16.35 3.78
N LEU B 1420 60.31 16.55 3.79
CA LEU B 1420 59.59 16.66 5.04
C LEU B 1420 59.54 15.31 5.73
N PHE B 1421 59.54 14.25 4.96
CA PHE B 1421 59.40 12.92 5.55
C PHE B 1421 60.71 12.23 5.82
N GLU B 1422 61.81 12.95 5.74
CA GLU B 1422 63.09 12.36 6.09
C GLU B 1422 63.09 12.17 7.58
N SER B 1423 63.81 11.16 8.07
CA SER B 1423 63.80 10.86 9.49
C SER B 1423 64.76 11.72 10.28
N ASP B 1424 64.48 13.01 10.38
CA ASP B 1424 65.35 13.92 11.10
C ASP B 1424 64.92 14.00 12.55
N SER B 1425 65.45 13.11 13.39
CA SER B 1425 65.09 13.07 14.83
C SER B 1425 63.61 13.34 15.10
N GLU B 1426 62.75 12.50 14.54
CA GLU B 1426 61.32 12.68 14.75
C GLU B 1426 60.89 11.98 16.04
N GLU B 1427 60.81 12.74 17.12
CA GLU B 1427 60.42 12.16 18.40
C GLU B 1427 58.95 12.41 18.69
N PHE B 1513 24.71 -20.04 44.73
CA PHE B 1513 23.26 -19.90 44.92
C PHE B 1513 22.82 -18.47 44.69
N LEU B 1514 21.58 -18.27 44.28
CA LEU B 1514 21.06 -16.93 44.06
C LEU B 1514 21.18 -16.07 45.31
N TRP B 1515 20.88 -16.65 46.47
CA TRP B 1515 21.01 -15.92 47.72
C TRP B 1515 22.44 -15.42 47.89
N MET B 1516 23.40 -16.33 47.81
CA MET B 1516 24.80 -15.97 47.98
C MET B 1516 25.24 -14.85 47.04
N LEU B 1517 24.76 -14.88 45.80
CA LEU B 1517 25.10 -13.83 44.83
C LEU B 1517 24.61 -12.49 45.32
N GLY B 1518 23.35 -12.43 45.75
CA GLY B 1518 22.79 -11.19 46.27
C GLY B 1518 23.58 -10.65 47.44
N GLN B 1519 24.03 -11.51 48.34
CA GLN B 1519 24.85 -11.07 49.47
C GLN B 1519 26.10 -10.36 49.00
N ALA B 1520 26.81 -10.97 48.06
CA ALA B 1520 28.03 -10.36 47.54
C ALA B 1520 27.73 -9.01 46.89
N LEU B 1521 26.66 -8.94 46.11
CA LEU B 1521 26.29 -7.70 45.46
C LEU B 1521 25.91 -6.61 46.45
N VAL B 1522 25.33 -6.99 47.58
CA VAL B 1522 25.00 -6.00 48.61
C VAL B 1522 26.29 -5.39 49.12
N ASP B 1523 27.30 -6.23 49.37
CA ASP B 1523 28.58 -5.72 49.83
C ASP B 1523 29.25 -4.87 48.76
N GLU B 1524 29.07 -5.24 47.50
CA GLU B 1524 29.62 -4.42 46.42
C GLU B 1524 28.95 -3.06 46.47
N LEU B 1525 27.64 -3.04 46.66
CA LEU B 1525 26.91 -1.80 46.75
C LEU B 1525 27.37 -0.93 47.89
N THR B 1526 27.56 -1.52 49.07
CA THR B 1526 28.07 -0.75 50.21
C THR B 1526 29.36 -0.06 49.83
N ARG B 1527 30.30 -0.79 49.22
CA ARG B 1527 31.56 -0.20 48.80
C ARG B 1527 31.34 1.00 47.90
N TRP B 1528 30.51 0.83 46.87
CA TRP B 1528 30.26 1.91 45.93
C TRP B 1528 29.66 3.13 46.61
N LEU B 1529 28.74 2.89 47.54
CA LEU B 1529 28.11 3.99 48.25
C LEU B 1529 29.12 4.68 49.16
N GLN B 1530 30.02 3.91 49.75
CA GLN B 1530 31.05 4.48 50.61
C GLN B 1530 32.02 5.31 49.80
N GLU B 1531 32.27 4.90 48.56
CA GLU B 1531 33.16 5.68 47.70
C GLU B 1531 32.54 7.02 47.40
N PHE B 1532 31.21 7.04 47.28
CA PHE B 1532 30.52 8.29 46.97
C PHE B 1532 30.53 9.21 48.17
N THR B 1533 30.33 8.64 49.36
CA THR B 1533 30.25 9.46 50.56
C THR B 1533 31.62 9.69 51.19
N ARG B 1534 32.66 9.08 50.64
CA ARG B 1534 34.02 9.19 51.21
C ARG B 1534 34.42 10.54 51.81
N HIS B 1535 34.38 11.60 51.01
CA HIS B 1535 34.77 12.92 51.49
C HIS B 1535 33.94 13.34 52.71
N HIS B 1536 32.64 13.18 52.62
CA HIS B 1536 31.76 13.57 53.72
C HIS B 1536 32.01 12.68 54.93
N GLY B 1537 32.29 11.39 54.70
CA GLY B 1537 32.58 10.49 55.78
C GLY B 1537 33.79 10.91 56.58
N THR B 1538 34.85 11.34 55.88
CA THR B 1538 36.05 11.80 56.56
C THR B 1538 35.86 13.15 57.20
N MET B 1539 34.92 13.94 56.68
CA MET B 1539 34.62 15.23 57.29
C MET B 1539 33.78 14.98 58.53
N SER B 1540 33.17 13.80 58.62
CA SER B 1540 32.37 13.46 59.79
C SER B 1540 33.19 12.59 60.73
N ASP B 1541 34.50 12.57 60.53
CA ASP B 1541 35.36 11.80 61.42
C ASP B 1541 36.23 12.80 62.13
N VAL B 1542 36.42 13.96 61.50
CA VAL B 1542 37.21 14.99 62.13
C VAL B 1542 36.27 15.91 62.88
N LEU B 1543 34.97 15.70 62.69
CA LEU B 1543 33.99 16.54 63.35
C LEU B 1543 32.93 15.73 64.03
N ARG B 1544 32.21 14.91 63.27
CA ARG B 1544 31.09 14.17 63.86
C ARG B 1544 31.47 12.97 64.71
N ALA B 1545 32.71 12.51 64.60
CA ALA B 1545 33.14 11.44 65.48
C ALA B 1545 33.22 12.04 66.87
N GLU B 1546 33.65 13.29 66.95
CA GLU B 1546 33.68 13.98 68.23
C GLU B 1546 32.45 14.87 68.40
N ARG B 1547 31.37 14.57 67.66
CA ARG B 1547 30.13 15.34 67.80
C ARG B 1547 28.96 14.46 68.18
N TYR B 1548 28.26 13.95 67.16
CA TYR B 1548 27.09 13.12 67.44
C TYR B 1548 27.50 11.84 68.15
N LEU B 1549 26.72 11.43 69.14
CA LEU B 1549 27.09 10.26 69.92
C LEU B 1549 25.87 9.46 70.35
N LEU B 1550 25.09 9.99 71.29
CA LEU B 1550 23.91 9.29 71.80
C LEU B 1550 24.17 7.82 72.08
N THR B 1551 24.97 7.53 73.09
CA THR B 1551 25.23 6.15 73.49
C THR B 1551 25.37 6.18 74.99
N GLN B 1552 25.80 7.33 75.51
CA GLN B 1552 25.96 7.47 76.95
C GLN B 1552 24.63 7.22 77.65
N GLU B 1553 24.60 6.24 78.54
CA GLU B 1553 23.34 5.89 79.20
C GLU B 1553 23.20 6.41 80.61
N LEU B 1554 22.53 5.65 81.47
CA LEU B 1554 22.35 6.02 82.87
C LEU B 1554 21.79 7.41 83.12
N LEU B 1555 22.41 8.15 84.02
CA LEU B 1555 21.88 9.48 84.39
C LEU B 1555 22.30 10.58 83.44
N GLN B 1556 23.01 11.57 83.96
CA GLN B 1556 23.41 12.70 83.14
C GLN B 1556 24.86 12.56 82.69
N GLY B 1557 25.45 13.65 82.21
CA GLY B 1557 26.84 13.62 81.80
C GLY B 1557 27.72 14.36 82.80
N GLY B 1558 28.75 13.70 83.31
CA GLY B 1558 29.64 14.32 84.28
C GLY B 1558 30.53 15.36 83.64
N GLU B 1559 31.53 14.93 82.88
CA GLU B 1559 32.36 15.89 82.16
C GLU B 1559 31.64 16.22 80.88
N VAL B 1560 30.73 17.19 80.93
CA VAL B 1560 29.92 17.52 79.76
C VAL B 1560 30.67 17.67 78.45
N HIS B 1561 31.52 18.68 78.35
CA HIS B 1561 32.19 18.93 77.08
C HIS B 1561 33.36 18.00 76.80
N ARG B 1562 33.99 17.50 77.85
CA ARG B 1562 35.11 16.60 77.67
C ARG B 1562 34.64 15.24 77.17
N GLY B 1563 33.37 14.93 77.40
CA GLY B 1563 32.83 13.66 76.95
C GLY B 1563 32.35 13.67 75.51
N VAL B 1564 32.54 14.78 74.80
CA VAL B 1564 32.16 14.84 73.40
C VAL B 1564 33.19 15.46 72.47
N LEU B 1565 33.33 16.77 72.49
CA LEU B 1565 34.24 17.43 71.56
C LEU B 1565 35.70 17.02 71.74
N ASP B 1566 36.09 16.77 72.98
CA ASP B 1566 37.45 16.33 73.23
C ASP B 1566 37.47 14.85 73.55
N GLN B 1567 37.09 14.02 72.58
CA GLN B 1567 37.01 12.58 72.85
C GLN B 1567 37.87 11.73 71.96
N LEU B 1568 37.76 10.41 72.09
CA LEU B 1568 38.57 9.47 71.29
C LEU B 1568 40.02 9.90 71.14
N ALA B 1645 44.43 19.13 56.21
CA ALA B 1645 43.33 19.62 57.02
C ALA B 1645 42.09 18.75 56.83
N SER B 1646 41.89 18.26 55.61
CA SER B 1646 40.76 17.40 55.34
C SER B 1646 40.90 16.13 56.14
N GLU B 1647 42.01 15.43 55.94
CA GLU B 1647 42.26 14.22 56.71
C GLU B 1647 43.24 14.53 57.81
N LEU B 1648 42.72 14.71 59.03
CA LEU B 1648 43.57 15.07 60.15
C LEU B 1648 44.28 13.86 60.74
N LEU B 1649 45.44 14.09 61.35
CA LEU B 1649 46.20 13.00 61.94
C LEU B 1649 45.96 12.93 63.44
N LEU B 1650 47.01 12.67 64.21
CA LEU B 1650 46.87 12.64 65.65
C LEU B 1650 47.09 14.03 66.22
N ASP B 1651 46.02 14.82 66.27
CA ASP B 1651 46.12 16.17 66.80
C ASP B 1651 45.28 16.27 68.06
N ARG B 1652 44.19 15.51 68.10
CA ARG B 1652 43.33 15.52 69.28
C ARG B 1652 43.65 14.37 70.21
N ARG B 1653 42.94 13.25 70.05
CA ARG B 1653 43.17 12.09 70.91
C ARG B 1653 43.38 10.85 70.07
N LEU B 1654 43.48 9.70 70.72
CA LEU B 1654 43.66 8.44 70.01
C LEU B 1654 42.36 7.71 69.86
N ARG B 1655 42.09 6.78 70.76
CA ARG B 1655 40.84 6.01 70.73
C ARG B 1655 40.50 5.66 72.14
N ILE B 1656 40.86 6.52 73.09
CA ILE B 1656 40.65 6.21 74.52
C ILE B 1656 39.26 5.71 74.91
N PRO B 1657 38.18 6.48 74.63
CA PRO B 1657 36.87 5.89 74.95
C PRO B 1657 36.32 5.07 73.81
N GLU B 1658 37.09 4.09 73.31
CA GLU B 1658 36.64 3.21 72.22
C GLU B 1658 36.21 3.88 70.93
N LEU B 1659 37.13 4.04 70.00
CA LEU B 1659 36.76 4.60 68.71
C LEU B 1659 35.78 3.65 68.06
N GLU B 1660 36.05 2.35 68.19
CA GLU B 1660 35.19 1.35 67.58
C GLU B 1660 33.94 1.03 68.38
N GLU B 1661 33.55 1.89 69.31
CA GLU B 1661 32.31 1.69 70.03
C GLU B 1661 31.21 1.78 69.00
N ALA B 1662 31.29 2.80 68.15
CA ALA B 1662 30.31 2.95 67.10
C ALA B 1662 30.49 1.84 66.08
N GLU B 1663 31.73 1.54 65.74
CA GLU B 1663 32.01 0.53 64.71
C GLU B 1663 31.77 -0.90 65.17
N LEU B 1664 31.34 -1.09 66.40
CA LEU B 1664 31.06 -2.41 66.91
C LEU B 1664 29.88 -3.00 66.19
N PHE B 1665 28.69 -2.51 66.52
CA PHE B 1665 27.47 -3.03 65.91
C PHE B 1665 27.40 -2.65 64.43
N ALA B 1666 28.02 -1.53 64.06
CA ALA B 1666 28.01 -1.10 62.67
C ALA B 1666 28.64 -2.15 61.77
N GLU B 1667 29.83 -2.61 62.13
CA GLU B 1667 30.49 -3.62 61.33
C GLU B 1667 29.98 -5.00 61.71
N GLY B 1668 29.34 -5.11 62.87
CA GLY B 1668 28.77 -6.37 63.27
C GLY B 1668 27.77 -6.81 62.23
N GLN B 1669 26.89 -5.91 61.83
CA GLN B 1669 25.96 -6.23 60.76
C GLN B 1669 26.45 -5.58 59.49
N GLY B 1670 27.45 -6.17 58.87
CA GLY B 1670 27.98 -5.65 57.62
C GLY B 1670 27.06 -5.95 56.46
N ARG B 1671 26.11 -6.83 56.68
CA ARG B 1671 25.13 -7.13 55.65
C ARG B 1671 23.84 -6.46 56.06
N ALA B 1672 22.93 -6.23 55.13
CA ALA B 1672 21.63 -5.60 55.41
C ALA B 1672 21.67 -4.22 56.09
N LEU B 1673 21.83 -4.18 57.42
CA LEU B 1673 21.93 -2.91 58.13
C LEU B 1673 22.93 -1.96 57.49
N ARG B 1674 24.12 -2.45 57.17
CA ARG B 1674 25.14 -1.59 56.59
C ARG B 1674 24.79 -1.08 55.22
N LEU B 1675 23.98 -1.81 54.46
CA LEU B 1675 23.54 -1.31 53.17
C LEU B 1675 22.75 -0.03 53.40
N LEU B 1676 21.79 -0.08 54.32
CA LEU B 1676 20.99 1.09 54.63
C LEU B 1676 21.80 2.19 55.27
N ARG B 1677 22.83 1.84 56.01
CA ARG B 1677 23.70 2.84 56.61
C ARG B 1677 24.44 3.57 55.51
N ALA B 1678 24.91 2.84 54.51
CA ALA B 1678 25.60 3.45 53.41
C ALA B 1678 24.65 4.32 52.59
N VAL B 1679 23.42 3.85 52.41
CA VAL B 1679 22.42 4.65 51.70
C VAL B 1679 22.24 6.00 52.39
N TYR B 1680 22.07 5.98 53.70
CA TYR B 1680 21.86 7.24 54.42
C TYR B 1680 23.04 8.17 54.26
N GLN B 1681 24.24 7.65 54.39
CA GLN B 1681 25.42 8.48 54.27
C GLN B 1681 25.48 9.13 52.90
N CYS B 1682 25.10 8.40 51.86
CA CYS B 1682 25.07 8.98 50.53
C CYS B 1682 24.10 10.14 50.45
N VAL B 1683 22.87 9.94 50.95
CA VAL B 1683 21.87 11.01 50.85
C VAL B 1683 22.12 12.15 51.82
N ALA B 1684 22.97 11.93 52.81
CA ALA B 1684 23.32 13.01 53.72
C ALA B 1684 24.36 13.85 53.03
N ALA B 1685 25.26 13.19 52.31
CA ALA B 1685 26.28 13.91 51.57
C ALA B 1685 25.65 14.65 50.42
N HIS B 1686 24.90 13.94 49.60
CA HIS B 1686 24.28 14.55 48.43
C HIS B 1686 22.83 14.87 48.70
N SER B 1687 22.59 15.75 49.66
CA SER B 1687 21.23 16.13 49.99
C SER B 1687 20.76 17.19 49.03
N GLU B 1688 21.69 17.99 48.51
CA GLU B 1688 21.34 18.99 47.52
C GLU B 1688 20.78 18.32 46.31
N LEU B 1689 21.43 17.25 45.88
CA LEU B 1689 20.98 16.54 44.70
C LEU B 1689 19.67 15.83 44.96
N LEU B 1690 19.46 15.37 46.19
CA LEU B 1690 18.19 14.72 46.53
C LEU B 1690 17.07 15.73 46.39
N CYS B 1691 17.26 16.94 46.88
CA CYS B 1691 16.24 17.97 46.75
C CYS B 1691 15.89 18.18 45.29
N TYR B 1692 16.90 18.32 44.45
CA TYR B 1692 16.66 18.57 43.03
C TYR B 1692 15.86 17.45 42.42
N PHE B 1693 16.20 16.22 42.73
CA PHE B 1693 15.47 15.09 42.21
C PHE B 1693 14.01 15.15 42.59
N ILE B 1694 13.74 15.41 43.86
CA ILE B 1694 12.36 15.46 44.32
C ILE B 1694 11.57 16.54 43.61
N ILE B 1695 12.15 17.73 43.44
CA ILE B 1695 11.40 18.81 42.81
C ILE B 1695 11.05 18.54 41.35
N ILE B 1696 11.93 17.88 40.61
CA ILE B 1696 11.60 17.56 39.22
C ILE B 1696 10.71 16.34 39.14
N LEU B 1697 10.65 15.55 40.21
CA LEU B 1697 9.77 14.41 40.24
C LEU B 1697 8.39 14.89 40.62
N ASN B 1698 8.32 16.03 41.30
CA ASN B 1698 7.02 16.59 41.61
C ASN B 1698 6.43 17.12 40.33
N HIS B 1699 7.26 17.66 39.45
CA HIS B 1699 6.75 18.10 38.16
C HIS B 1699 6.43 16.96 37.23
N MET B 1700 6.84 15.75 37.58
CA MET B 1700 6.49 14.61 36.76
C MET B 1700 5.23 13.94 37.28
N VAL B 1701 4.84 14.25 38.52
CA VAL B 1701 3.58 13.71 39.05
C VAL B 1701 2.44 14.72 39.03
N THR B 1702 2.76 16.00 39.11
CA THR B 1702 1.73 17.03 39.04
C THR B 1702 2.19 18.10 38.06
N ALA B 1703 1.28 18.95 37.58
CA ALA B 1703 1.68 19.91 36.55
C ALA B 1703 1.15 21.33 36.71
N SER B 1704 1.24 22.13 35.66
CA SER B 1704 0.78 23.55 35.68
C SER B 1704 1.44 24.45 36.71
N ALA B 1705 0.65 25.13 37.53
CA ALA B 1705 1.20 26.00 38.56
C ALA B 1705 1.90 25.17 39.60
N GLY B 1706 1.45 23.94 39.80
CA GLY B 1706 2.14 23.05 40.70
C GLY B 1706 3.43 22.79 39.98
N SER B 1707 4.56 22.93 40.66
CA SER B 1707 5.87 22.80 40.01
C SER B 1707 5.99 23.85 38.92
N LEU B 1708 6.80 23.60 37.90
CA LEU B 1708 7.05 24.59 36.84
C LEU B 1708 7.42 25.99 37.35
N VAL B 1709 7.85 26.11 38.59
CA VAL B 1709 8.25 27.37 39.16
C VAL B 1709 9.52 26.95 39.83
N LEU B 1710 9.42 25.95 40.68
CA LEU B 1710 10.61 25.42 41.32
C LEU B 1710 11.53 24.66 40.38
N PRO B 1711 10.99 23.77 39.51
CA PRO B 1711 11.92 23.16 38.56
C PRO B 1711 12.63 24.18 37.70
N VAL B 1712 11.92 25.20 37.22
CA VAL B 1712 12.56 26.25 36.45
C VAL B 1712 13.66 26.90 37.28
N LEU B 1713 13.36 27.24 38.52
CA LEU B 1713 14.35 27.87 39.39
C LEU B 1713 15.52 26.95 39.75
N VAL B 1714 15.30 25.64 39.77
CA VAL B 1714 16.39 24.73 40.04
C VAL B 1714 17.37 24.83 38.89
N PHE B 1715 16.85 24.79 37.67
CA PHE B 1715 17.73 24.83 36.50
C PHE B 1715 18.34 26.19 36.26
N LEU B 1716 17.64 27.27 36.59
CA LEU B 1716 18.14 28.61 36.27
C LEU B 1716 18.77 29.41 37.40
N TRP B 1717 18.56 29.00 38.63
CA TRP B 1717 19.09 29.76 39.76
C TRP B 1717 20.01 28.89 40.59
N ALA B 1718 19.51 27.77 41.08
CA ALA B 1718 20.32 26.95 41.96
C ALA B 1718 21.53 26.38 41.27
N MET B 1719 21.32 25.73 40.14
CA MET B 1719 22.42 25.09 39.45
C MET B 1719 23.28 26.06 38.67
N LEU B 1720 22.79 27.29 38.51
CA LEU B 1720 23.58 28.31 37.84
C LEU B 1720 23.96 29.32 38.89
N SER B 1721 24.81 28.93 39.83
CA SER B 1721 25.17 29.83 40.92
C SER B 1721 26.59 29.69 41.39
N ILE B 1722 27.03 30.60 42.25
CA ILE B 1722 28.35 30.50 42.83
C ILE B 1722 28.27 29.28 43.72
N PRO B 1723 29.23 28.34 43.59
CA PRO B 1723 29.17 27.08 44.32
C PRO B 1723 27.81 26.62 44.87
N ARG B 1724 27.65 26.67 46.19
CA ARG B 1724 26.40 26.23 46.79
C ARG B 1724 25.33 27.25 46.49
N PRO B 1725 24.19 26.81 45.91
CA PRO B 1725 23.10 27.71 45.50
C PRO B 1725 23.04 29.04 46.21
N SER B 1726 22.43 29.10 47.41
CA SER B 1726 22.40 30.32 48.21
C SER B 1726 21.74 29.94 49.51
N LYS B 1727 20.94 30.85 50.04
CA LYS B 1727 20.19 30.54 51.25
C LYS B 1727 18.81 30.94 50.85
N ARG B 1728 18.73 31.98 50.04
CA ARG B 1728 17.45 32.46 49.58
C ARG B 1728 16.80 31.45 48.65
N PHE B 1729 17.57 30.72 47.85
CA PHE B 1729 16.95 29.69 47.04
C PHE B 1729 16.26 28.68 47.92
N TRP B 1730 16.97 28.16 48.89
CA TRP B 1730 16.40 27.13 49.73
C TRP B 1730 15.22 27.67 50.50
N MET B 1731 15.31 28.91 50.93
CA MET B 1731 14.18 29.51 51.63
C MET B 1731 12.97 29.64 50.72
N THR B 1732 13.15 30.15 49.51
CA THR B 1732 12.04 30.28 48.58
C THR B 1732 11.48 28.94 48.18
N ALA B 1733 12.31 27.91 48.12
CA ALA B 1733 11.82 26.58 47.81
C ALA B 1733 10.90 26.12 48.91
N ILE B 1734 11.35 26.22 50.16
CA ILE B 1734 10.52 25.83 51.28
C ILE B 1734 9.23 26.65 51.27
N VAL B 1735 9.36 27.96 51.12
CA VAL B 1735 8.18 28.83 51.11
C VAL B 1735 7.19 28.45 50.02
N PHE B 1736 7.65 28.30 48.78
CA PHE B 1736 6.75 27.94 47.70
C PHE B 1736 6.06 26.62 47.97
N THR B 1737 6.81 25.62 48.43
CA THR B 1737 6.23 24.31 48.69
C THR B 1737 5.18 24.40 49.78
N GLU B 1738 5.42 25.22 50.80
CA GLU B 1738 4.45 25.39 51.86
C GLU B 1738 3.21 26.07 51.33
N ILE B 1739 3.40 27.16 50.58
CA ILE B 1739 2.27 27.88 50.00
C ILE B 1739 1.45 26.94 49.13
N ALA B 1740 2.12 26.18 48.28
CA ALA B 1740 1.42 25.24 47.42
C ALA B 1740 0.60 24.26 48.24
N VAL B 1741 1.17 23.74 49.31
CA VAL B 1741 0.44 22.83 50.18
C VAL B 1741 -0.78 23.52 50.76
N VAL B 1742 -0.60 24.71 51.30
CA VAL B 1742 -1.72 25.45 51.88
C VAL B 1742 -2.84 25.69 50.87
N VAL B 1743 -2.50 26.16 49.67
CA VAL B 1743 -3.55 26.46 48.70
C VAL B 1743 -4.18 25.22 48.08
N LYS B 1744 -3.45 24.10 48.07
CA LYS B 1744 -4.04 22.87 47.57
C LYS B 1744 -4.94 22.32 48.66
N TYR B 1745 -4.67 22.67 49.90
CA TYR B 1745 -5.52 22.24 51.00
C TYR B 1745 -6.78 23.07 50.99
N LEU B 1746 -6.66 24.32 50.57
CA LEU B 1746 -7.84 25.19 50.46
C LEU B 1746 -8.55 24.92 49.16
N PHE B 1747 -8.08 23.94 48.38
CA PHE B 1747 -8.72 23.57 47.12
C PHE B 1747 -9.07 24.76 46.24
N THR B 1779 -8.40 22.35 41.65
CA THR B 1779 -7.80 21.12 42.14
C THR B 1779 -8.56 20.59 43.34
N ASP B 1780 -8.90 19.30 43.32
CA ASP B 1780 -9.57 18.69 44.47
C ASP B 1780 -8.96 17.33 44.74
N GLY B 1781 -9.01 16.88 45.98
CA GLY B 1781 -8.36 15.63 46.33
C GLY B 1781 -6.88 15.82 46.10
N TYR B 1782 -6.31 16.87 46.70
CA TYR B 1782 -4.90 17.19 46.46
C TYR B 1782 -3.92 16.09 46.86
N ILE B 1783 -2.86 15.95 46.08
CA ILE B 1783 -1.85 14.96 46.40
C ILE B 1783 -0.75 15.62 47.22
N LYS B 1784 -0.04 14.83 48.00
CA LYS B 1784 1.01 15.40 48.82
C LYS B 1784 2.37 14.82 48.51
N TYR B 1785 2.96 15.23 47.39
CA TYR B 1785 4.32 14.82 47.07
C TYR B 1785 5.10 15.99 47.59
N ASP B 1786 4.39 17.01 48.05
CA ASP B 1786 5.04 18.17 48.62
C ASP B 1786 5.37 17.90 50.07
N LEU B 1787 4.98 16.74 50.58
CA LEU B 1787 5.37 16.39 51.93
C LEU B 1787 6.80 15.98 51.82
N VAL B 1788 7.07 15.00 50.97
CA VAL B 1788 8.44 14.54 50.78
C VAL B 1788 9.33 15.64 50.22
N GLN B 1789 8.75 16.65 49.57
CA GLN B 1789 9.54 17.76 49.08
C GLN B 1789 9.95 18.63 50.24
N LEU B 1790 8.97 19.09 51.03
CA LEU B 1790 9.27 19.98 52.13
C LEU B 1790 10.22 19.34 53.10
N MET B 1791 10.04 18.07 53.39
CA MET B 1791 10.88 17.39 54.36
C MET B 1791 12.28 17.14 53.84
N ALA B 1792 12.47 16.99 52.54
CA ALA B 1792 13.80 16.83 52.00
C ALA B 1792 14.49 18.17 51.98
N LEU B 1793 13.73 19.24 51.75
CA LEU B 1793 14.30 20.57 51.71
C LEU B 1793 14.65 21.05 53.10
N PHE B 1794 14.05 20.45 54.12
CA PHE B 1794 14.38 20.81 55.49
C PHE B 1794 15.48 19.89 55.99
N PHE B 1795 15.68 18.77 55.31
CA PHE B 1795 16.77 17.88 55.68
C PHE B 1795 18.04 18.50 55.19
N HIS B 1796 18.03 19.00 53.96
CA HIS B 1796 19.21 19.65 53.41
C HIS B 1796 19.55 20.86 54.24
N ARG B 1797 18.55 21.60 54.68
CA ARG B 1797 18.79 22.75 55.54
C ARG B 1797 19.55 22.32 56.78
N SER B 1798 19.17 21.20 57.38
CA SER B 1798 19.88 20.69 58.55
C SER B 1798 21.29 20.28 58.23
N GLN B 1799 21.50 19.67 57.06
CA GLN B 1799 22.84 19.27 56.67
C GLN B 1799 23.75 20.48 56.46
N LEU B 1800 23.21 21.55 55.89
CA LEU B 1800 24.02 22.73 55.66
C LEU B 1800 24.12 23.62 56.89
N LEU B 1801 23.28 23.37 57.89
CA LEU B 1801 23.38 24.13 59.13
C LEU B 1801 24.55 23.55 59.91
N CYS B 1802 24.70 22.24 59.85
CA CYS B 1802 25.80 21.59 60.54
C CYS B 1802 27.11 21.83 59.82
N TYR B 1803 27.05 22.09 58.51
CA TYR B 1803 28.25 22.36 57.72
C TYR B 1803 29.36 21.35 57.95
N ARG B 1940 17.22 45.48 38.93
CA ARG B 1940 18.40 45.31 38.08
C ARG B 1940 19.82 45.11 38.72
N PRO B 1941 19.94 44.93 40.06
CA PRO B 1941 21.33 44.77 40.52
C PRO B 1941 21.73 43.33 40.84
N LEU B 1942 20.95 42.67 41.68
CA LEU B 1942 21.27 41.29 42.09
C LEU B 1942 21.37 40.36 40.90
N ARG B 1943 20.45 40.50 39.96
CA ARG B 1943 20.48 39.67 38.75
C ARG B 1943 21.77 39.89 38.00
N ARG B 1944 22.18 41.15 37.88
CA ARG B 1944 23.42 41.46 37.18
C ARG B 1944 24.60 40.81 37.88
N PHE B 1945 24.61 40.82 39.21
CA PHE B 1945 25.69 40.20 39.95
C PHE B 1945 25.71 38.70 39.71
N PHE B 1946 24.54 38.07 39.68
CA PHE B 1946 24.48 36.63 39.43
C PHE B 1946 25.11 36.34 38.07
N HIS B 1947 24.70 37.09 37.05
CA HIS B 1947 25.21 36.84 35.72
C HIS B 1947 26.69 37.13 35.60
N ASP B 1948 27.15 38.17 36.28
CA ASP B 1948 28.58 38.47 36.26
C ASP B 1948 29.36 37.32 36.85
N ILE B 1949 28.87 36.79 37.97
CA ILE B 1949 29.59 35.70 38.62
C ILE B 1949 29.37 34.35 37.94
N LEU B 1950 28.56 34.32 36.88
CA LEU B 1950 28.37 33.09 36.14
C LEU B 1950 29.21 33.17 34.89
N HIS B 1951 29.69 34.36 34.58
CA HIS B 1951 30.51 34.55 33.38
C HIS B 1951 31.96 34.76 33.72
N THR B 1952 32.26 35.80 34.48
CA THR B 1952 33.65 36.09 34.84
C THR B 1952 34.17 35.09 35.86
N LYS B 1953 33.53 34.97 37.01
CA LYS B 1953 33.94 34.04 38.09
C LYS B 1953 35.40 33.69 38.34
N TYR B 1954 35.65 32.47 38.80
CA TYR B 1954 37.01 32.01 39.09
C TYR B 1954 36.93 30.50 39.28
N ARG B 1955 36.22 29.80 38.41
CA ARG B 1955 36.02 28.37 38.61
C ARG B 1955 36.97 27.47 37.83
N ALA B 1956 36.68 26.18 37.77
CA ALA B 1956 37.58 25.23 37.11
C ALA B 1956 37.32 25.09 35.61
N ALA B 1957 37.24 23.85 35.12
CA ALA B 1957 37.01 23.62 33.70
C ALA B 1957 36.79 22.16 33.40
N THR B 1958 35.61 21.82 32.91
CA THR B 1958 35.29 20.43 32.61
C THR B 1958 34.68 20.33 31.24
N ASP B 1959 34.75 19.14 30.63
CA ASP B 1959 34.13 18.93 29.34
C ASP B 1959 33.05 17.90 29.49
N VAL B 1960 31.82 18.36 29.68
CA VAL B 1960 30.71 17.43 29.85
C VAL B 1960 29.84 17.43 28.61
N TYR B 1961 30.39 17.82 27.47
CA TYR B 1961 29.62 17.80 26.23
C TYR B 1961 29.25 16.39 25.85
N ALA B 1962 30.19 15.46 25.98
CA ALA B 1962 29.91 14.07 25.67
C ALA B 1962 28.64 13.62 26.34
N LEU B 1963 28.54 13.86 27.65
CA LEU B 1963 27.37 13.43 28.39
C LEU B 1963 26.12 14.22 28.03
N MET B 1964 26.24 15.51 27.75
CA MET B 1964 25.09 16.30 27.33
C MET B 1964 24.54 15.76 26.03
N PHE B 1965 25.43 15.42 25.11
CA PHE B 1965 25.00 14.92 23.82
C PHE B 1965 24.38 13.55 23.97
N LEU B 1966 24.93 12.74 24.85
CA LEU B 1966 24.35 11.42 25.08
C LEU B 1966 22.96 11.54 25.65
N ALA B 1967 22.73 12.51 26.53
CA ALA B 1967 21.39 12.72 27.06
C ALA B 1967 20.45 13.09 25.94
N ASP B 1968 20.89 13.97 25.06
CA ASP B 1968 20.06 14.37 23.94
C ASP B 1968 19.85 13.25 22.94
N VAL B 1969 20.79 12.33 22.83
CA VAL B 1969 20.62 11.18 21.94
C VAL B 1969 19.53 10.29 22.52
N VAL B 1970 19.58 10.04 23.82
CA VAL B 1970 18.54 9.25 24.45
C VAL B 1970 17.19 9.93 24.25
N ASP B 1971 17.14 11.26 24.43
CA ASP B 1971 15.92 11.98 24.20
C ASP B 1971 15.41 11.78 22.79
N PHE B 1972 16.28 11.95 21.81
CA PHE B 1972 15.89 11.73 20.42
C PHE B 1972 15.34 10.33 20.27
N ILE B 1973 16.06 9.34 20.76
CA ILE B 1973 15.62 7.96 20.64
C ILE B 1973 14.21 7.77 21.17
N ILE B 1974 13.92 8.25 22.38
CA ILE B 1974 12.59 8.01 22.95
C ILE B 1974 11.50 8.81 22.26
N ILE B 1975 11.84 9.93 21.64
CA ILE B 1975 10.83 10.67 20.90
C ILE B 1975 10.58 9.96 19.57
N ILE B 1976 11.63 9.46 18.93
CA ILE B 1976 11.45 8.69 17.70
C ILE B 1976 10.58 7.49 18.02
N PHE B 1977 10.94 6.73 19.06
CA PHE B 1977 10.16 5.57 19.46
C PHE B 1977 8.75 5.98 19.84
N GLY B 1978 8.61 7.16 20.43
CA GLY B 1978 7.31 7.64 20.82
C GLY B 1978 6.57 8.36 19.72
N PHE B 1979 6.37 7.71 18.58
CA PHE B 1979 5.56 8.32 17.53
C PHE B 1979 4.15 8.41 18.06
N TRP B 1980 3.73 7.40 18.82
CA TRP B 1980 2.40 7.42 19.44
C TRP B 1980 2.26 8.63 20.35
N GLN B 1999 -2.77 14.55 14.83
CA GLN B 1999 -2.15 15.58 15.65
C GLN B 1999 -0.89 15.04 16.30
N VAL B 2000 -0.96 13.82 16.82
CA VAL B 2000 0.23 13.19 17.41
C VAL B 2000 1.42 13.02 16.45
N PRO B 2001 1.19 12.54 15.19
CA PRO B 2001 2.36 12.49 14.31
C PRO B 2001 2.97 13.87 14.14
N GLU B 2002 2.15 14.89 13.90
CA GLU B 2002 2.66 16.24 13.75
C GLU B 2002 3.45 16.70 14.96
N ALA B 2003 2.95 16.40 16.16
CA ALA B 2003 3.66 16.79 17.37
C ALA B 2003 5.00 16.10 17.48
N PHE B 2004 5.04 14.81 17.19
CA PHE B 2004 6.28 14.05 17.28
C PHE B 2004 7.27 14.53 16.21
N LEU B 2005 6.76 14.97 15.07
CA LEU B 2005 7.63 15.47 14.02
C LEU B 2005 8.21 16.82 14.39
N VAL B 2006 7.43 17.65 15.08
CA VAL B 2006 7.96 18.94 15.52
C VAL B 2006 9.01 18.72 16.61
N MET B 2007 8.77 17.75 17.48
CA MET B 2007 9.72 17.46 18.54
C MET B 2007 11.00 16.90 17.94
N LEU B 2008 10.89 16.21 16.82
CA LEU B 2008 12.08 15.70 16.15
C LEU B 2008 12.90 16.87 15.69
N LEU B 2009 12.30 17.72 14.86
CA LEU B 2009 13.00 18.89 14.37
C LEU B 2009 13.62 19.63 15.53
N ILE B 2010 12.95 19.64 16.66
CA ILE B 2010 13.44 20.40 17.80
C ILE B 2010 14.69 19.76 18.40
N GLN B 2011 14.59 18.52 18.85
CA GLN B 2011 15.78 17.85 19.35
C GLN B 2011 16.93 18.10 18.43
N PHE B 2012 16.71 17.97 17.13
CA PHE B 2012 17.80 18.13 16.18
C PHE B 2012 18.36 19.54 16.22
N SER B 2013 17.51 20.54 16.07
CA SER B 2013 17.97 21.91 16.06
C SER B 2013 18.73 22.24 17.33
N THR B 2014 18.26 21.77 18.48
CA THR B 2014 18.91 22.11 19.73
C THR B 2014 20.28 21.47 19.82
N MET B 2015 20.41 20.24 19.34
CA MET B 2015 21.71 19.57 19.34
C MET B 2015 22.69 20.32 18.45
N VAL B 2016 22.23 20.85 17.33
CA VAL B 2016 23.09 21.61 16.45
C VAL B 2016 23.56 22.88 17.13
N VAL B 2017 22.64 23.59 17.78
CA VAL B 2017 23.01 24.81 18.48
C VAL B 2017 23.99 24.49 19.59
N ASP B 2018 23.78 23.39 20.30
CA ASP B 2018 24.71 23.01 21.35
C ASP B 2018 26.11 22.80 20.80
N ARG B 2019 26.21 22.11 19.67
CA ARG B 2019 27.51 21.87 19.05
C ARG B 2019 28.18 23.19 18.72
N ALA B 2020 27.41 24.13 18.20
CA ALA B 2020 27.96 25.44 17.88
C ALA B 2020 28.59 26.08 19.10
N LEU B 2021 27.85 26.17 20.19
CA LEU B 2021 28.35 26.83 21.38
C LEU B 2021 29.53 26.10 22.01
N TYR B 2022 29.58 24.79 21.84
CA TYR B 2022 30.68 24.02 22.38
C TYR B 2022 31.93 24.28 21.57
N LEU B 2023 31.82 24.27 20.25
CA LEU B 2023 32.97 24.47 19.40
C LEU B 2023 33.44 25.91 19.41
N ARG B 2024 32.54 26.83 19.75
CA ARG B 2024 32.91 28.23 19.83
C ARG B 2024 33.20 28.61 21.26
N LYS B 2025 33.17 27.63 22.16
CA LYS B 2025 33.44 27.86 23.58
C LYS B 2025 32.76 29.09 24.15
N THR B 2026 31.45 29.18 24.01
CA THR B 2026 30.72 30.35 24.47
C THR B 2026 29.95 30.08 25.74
N VAL B 2027 30.42 30.61 26.86
CA VAL B 2027 29.71 30.42 28.13
C VAL B 2027 28.49 31.30 28.15
N LEU B 2028 28.59 32.49 27.57
CA LEU B 2028 27.46 33.40 27.53
C LEU B 2028 26.41 32.84 26.60
N GLY B 2029 26.85 32.23 25.52
CA GLY B 2029 25.91 31.64 24.57
C GLY B 2029 25.20 30.47 25.20
N LYS B 2030 25.94 29.68 25.97
CA LYS B 2030 25.33 28.54 26.64
C LYS B 2030 24.36 29.02 27.70
N LEU B 2031 24.69 30.11 28.39
CA LEU B 2031 23.76 30.66 29.37
C LEU B 2031 22.47 31.00 28.68
N ALA B 2032 22.55 31.77 27.60
CA ALA B 2032 21.35 32.17 26.89
C ALA B 2032 20.56 30.96 26.42
N PHE B 2033 21.24 30.01 25.80
CA PHE B 2033 20.57 28.83 25.31
C PHE B 2033 19.87 28.10 26.44
N GLN B 2034 20.56 27.87 27.54
CA GLN B 2034 19.97 27.19 28.68
C GLN B 2034 18.72 27.92 29.14
N VAL B 2035 18.80 29.22 29.37
CA VAL B 2035 17.65 29.98 29.83
C VAL B 2035 16.48 29.77 28.89
N ALA B 2036 16.70 30.05 27.61
CA ALA B 2036 15.64 29.89 26.63
C ALA B 2036 15.08 28.49 26.63
N LEU B 2037 15.94 27.49 26.53
CA LEU B 2037 15.49 26.11 26.46
C LEU B 2037 14.70 25.68 27.69
N VAL B 2038 15.17 26.04 28.88
CA VAL B 2038 14.45 25.69 30.10
C VAL B 2038 13.03 26.21 29.98
N LEU B 2039 12.88 27.49 29.75
CA LEU B 2039 11.56 28.09 29.66
C LEU B 2039 10.72 27.46 28.56
N ALA B 2040 11.31 27.25 27.39
CA ALA B 2040 10.55 26.71 26.26
C ALA B 2040 10.09 25.27 26.45
N ILE B 2041 10.93 24.45 27.05
CA ILE B 2041 10.58 23.05 27.25
C ILE B 2041 9.52 22.98 28.32
N HIS B 2042 9.61 23.86 29.32
CA HIS B 2042 8.61 23.89 30.36
C HIS B 2042 7.29 24.46 29.85
N LEU B 2043 7.33 25.27 28.80
CA LEU B 2043 6.11 25.81 28.22
C LEU B 2043 5.52 24.79 27.28
N TRP B 2044 6.34 23.87 26.80
CA TRP B 2044 5.83 22.81 25.94
C TRP B 2044 5.06 21.80 26.75
N MET B 2045 5.19 21.85 28.07
CA MET B 2045 4.41 20.97 28.93
C MET B 2045 2.97 21.46 28.91
N PHE B 2046 2.77 22.74 28.62
CA PHE B 2046 1.42 23.29 28.52
C PHE B 2046 0.79 22.96 27.18
N PHE B 2047 1.61 22.70 26.17
CA PHE B 2047 1.08 22.32 24.87
C PHE B 2047 1.03 20.81 24.77
N ILE B 2048 0.42 20.15 25.75
CA ILE B 2048 0.30 18.69 25.74
C ILE B 2048 -0.67 18.25 24.66
N LEU B 2049 -1.67 19.07 24.37
CA LEU B 2049 -2.65 18.76 23.33
C LEU B 2049 -1.95 18.54 21.99
N PRO B 2050 -2.08 17.34 21.42
CA PRO B 2050 -1.37 17.05 20.17
C PRO B 2050 -2.20 17.38 18.94
N ASN B 2060 1.63 10.87 30.13
CA ASN B 2060 2.30 10.04 29.15
C ASN B 2060 3.66 9.62 29.65
N VAL B 2061 3.90 8.32 29.74
CA VAL B 2061 5.18 7.82 30.22
C VAL B 2061 6.33 8.25 29.33
N VAL B 2062 6.13 8.23 28.02
CA VAL B 2062 7.16 8.67 27.10
C VAL B 2062 7.53 10.11 27.37
N ALA B 2063 6.54 10.97 27.57
CA ALA B 2063 6.81 12.38 27.82
C ALA B 2063 7.43 12.60 29.18
N GLN B 2064 7.08 11.77 30.15
CA GLN B 2064 7.67 11.89 31.46
C GLN B 2064 9.14 11.55 31.38
N LEU B 2065 9.46 10.52 30.61
CA LEU B 2065 10.85 10.14 30.44
C LEU B 2065 11.60 11.17 29.64
N TRP B 2066 10.96 11.74 28.62
CA TRP B 2066 11.62 12.78 27.85
C TRP B 2066 11.93 13.96 28.75
N TYR B 2067 11.01 14.32 29.64
CA TYR B 2067 11.27 15.40 30.57
C TYR B 2067 12.43 15.03 31.45
N PHE B 2068 12.43 13.82 32.00
CA PHE B 2068 13.50 13.38 32.88
C PHE B 2068 14.87 13.45 32.22
N VAL B 2069 15.01 12.94 31.01
CA VAL B 2069 16.32 12.94 30.39
C VAL B 2069 16.71 14.35 29.98
N LYS B 2070 15.73 15.18 29.64
CA LYS B 2070 16.05 16.57 29.35
C LYS B 2070 16.47 17.28 30.61
N CYS B 2071 15.97 16.85 31.77
CA CYS B 2071 16.41 17.44 33.02
C CYS B 2071 17.86 17.13 33.28
N ILE B 2072 18.28 15.92 32.94
CA ILE B 2072 19.68 15.56 33.08
C ILE B 2072 20.52 16.41 32.15
N TYR B 2073 20.04 16.63 30.93
CA TYR B 2073 20.75 17.50 30.00
C TYR B 2073 20.88 18.91 30.56
N PHE B 2074 19.81 19.41 31.19
CA PHE B 2074 19.85 20.75 31.76
C PHE B 2074 20.78 20.83 32.94
N ALA B 2075 20.94 19.72 33.67
CA ALA B 2075 21.82 19.71 34.81
C ALA B 2075 23.28 19.68 34.39
N LEU B 2076 23.58 18.91 33.35
CA LEU B 2076 24.95 18.83 32.86
C LEU B 2076 25.29 20.09 32.08
N SER B 2077 24.29 20.73 31.49
CA SER B 2077 24.52 21.96 30.77
C SER B 2077 24.79 23.06 31.75
N ALA B 2078 24.02 23.09 32.83
CA ALA B 2078 24.22 24.10 33.86
C ALA B 2078 25.61 23.95 34.42
N TYR B 2079 26.08 22.71 34.53
CA TYR B 2079 27.43 22.49 35.03
C TYR B 2079 28.46 23.11 34.09
N GLN B 2080 28.33 22.89 32.78
CA GLN B 2080 29.25 23.50 31.83
C GLN B 2080 29.34 25.01 32.00
N ILE B 2081 28.20 25.66 32.16
CA ILE B 2081 28.20 27.11 32.29
C ILE B 2081 28.89 27.54 33.58
N ARG B 2082 28.56 26.90 34.69
CA ARG B 2082 29.14 27.30 35.96
C ARG B 2082 30.58 26.82 36.17
N CYS B 2083 31.08 25.96 35.30
CA CYS B 2083 32.47 25.55 35.40
C CYS B 2083 33.30 26.33 34.42
N GLY B 2084 32.97 26.20 33.14
CA GLY B 2084 33.70 26.89 32.10
C GLY B 2084 34.03 25.93 30.99
N TYR B 2085 34.66 26.42 29.93
CA TYR B 2085 35.05 25.56 28.83
C TYR B 2085 36.54 25.34 28.89
N PRO B 2086 36.98 24.08 28.76
CA PRO B 2086 38.41 23.78 28.85
C PRO B 2086 39.12 24.14 27.57
N THR B 2087 40.42 24.42 27.63
CA THR B 2087 41.17 24.83 26.44
C THR B 2087 41.18 23.79 25.33
N ARG B 2088 41.43 22.54 25.68
CA ARG B 2088 41.46 21.47 24.68
C ARG B 2088 40.07 20.88 24.47
N ILE B 2089 39.34 21.40 23.48
CA ILE B 2089 38.00 20.91 23.24
C ILE B 2089 37.93 19.95 22.06
N LEU B 2090 38.90 20.03 21.17
CA LEU B 2090 38.89 19.19 19.98
C LEU B 2090 39.33 17.77 20.27
N GLY B 2091 38.86 16.82 19.48
CA GLY B 2091 39.24 15.43 19.67
C GLY B 2091 38.06 14.53 19.90
N ASN B 2092 37.91 13.50 19.08
CA ASN B 2092 36.75 12.63 19.19
C ASN B 2092 36.77 11.84 20.48
N PHE B 2093 35.65 11.80 21.18
CA PHE B 2093 35.55 11.08 22.44
C PHE B 2093 35.98 9.63 22.32
N LEU B 2094 35.53 8.94 21.30
CA LEU B 2094 35.82 7.53 21.17
C LEU B 2094 37.17 7.22 20.53
N THR B 2095 38.02 8.21 20.34
CA THR B 2095 39.35 7.96 19.80
C THR B 2095 40.41 8.30 20.81
N LYS B 2096 40.03 8.37 22.09
CA LYS B 2096 40.97 8.76 23.12
C LYS B 2096 41.86 7.61 23.57
N LYS B 2097 41.25 6.55 24.10
CA LYS B 2097 42.03 5.43 24.62
C LYS B 2097 41.84 4.24 23.79
N TYR B 2098 42.75 3.30 23.92
CA TYR B 2098 42.68 2.17 23.03
C TYR B 2098 42.39 0.88 23.75
N ASN B 2099 41.51 0.99 24.73
CA ASN B 2099 40.85 -0.16 25.31
C ASN B 2099 39.65 -0.54 24.48
N HIS B 2100 39.07 -1.70 24.78
CA HIS B 2100 37.97 -2.18 23.97
C HIS B 2100 36.69 -1.35 24.05
N LEU B 2101 36.40 -0.74 25.19
CA LEU B 2101 35.15 -0.03 25.32
C LEU B 2101 35.18 1.17 24.39
N ASN B 2102 36.27 1.93 24.40
CA ASN B 2102 36.39 3.06 23.49
C ASN B 2102 36.19 2.57 22.07
N LEU B 2103 36.84 1.46 21.71
CA LEU B 2103 36.71 0.90 20.37
C LEU B 2103 35.25 0.67 20.03
N PHE B 2104 34.54 -0.06 20.87
CA PHE B 2104 33.16 -0.40 20.57
C PHE B 2104 32.28 0.83 20.47
N LEU B 2105 32.43 1.76 21.40
CA LEU B 2105 31.62 2.97 21.38
C LEU B 2105 31.87 3.78 20.13
N PHE B 2106 33.13 3.89 19.72
CA PHE B 2106 33.45 4.70 18.55
C PHE B 2106 32.83 4.09 17.32
N GLN B 2107 32.68 2.78 17.20
CA GLN B 2107 31.92 2.26 16.02
C GLN B 2107 30.49 2.85 15.96
N GLY B 2108 30.02 3.39 17.09
CA GLY B 2108 28.68 3.94 17.18
C GLY B 2108 28.10 4.84 16.08
N PHE B 2109 28.81 5.86 15.65
CA PHE B 2109 28.23 6.77 14.65
C PHE B 2109 28.11 6.11 13.28
N ARG B 2110 29.07 5.26 12.95
CA ARG B 2110 29.04 4.56 11.67
C ARG B 2110 27.72 3.82 11.51
N LEU B 2111 27.10 3.47 12.64
CA LEU B 2111 25.84 2.75 12.59
C LEU B 2111 24.69 3.67 12.19
N VAL B 2112 24.72 4.91 12.67
CA VAL B 2112 23.70 5.88 12.30
C VAL B 2112 24.21 6.73 11.16
N PRO B 2113 23.79 6.43 9.92
CA PRO B 2113 24.32 7.12 8.73
C PRO B 2113 24.67 8.59 8.90
N PHE B 2114 23.68 9.47 8.96
CA PHE B 2114 23.93 10.92 9.02
C PHE B 2114 24.98 11.42 10.00
N LEU B 2115 25.17 10.74 11.13
CA LEU B 2115 26.10 11.23 12.16
C LEU B 2115 27.49 11.66 11.68
N VAL B 2116 28.27 10.74 11.09
CA VAL B 2116 29.62 11.07 10.66
C VAL B 2116 29.69 12.33 9.82
N GLU B 2117 28.87 12.41 8.79
CA GLU B 2117 28.92 13.56 7.90
C GLU B 2117 28.44 14.83 8.58
N LEU B 2118 27.40 14.73 9.41
CA LEU B 2118 26.91 15.90 10.13
C LEU B 2118 28.00 16.45 11.02
N ARG B 2119 28.65 15.57 11.77
CA ARG B 2119 29.72 15.99 12.66
C ARG B 2119 30.75 16.77 11.87
N ALA B 2120 31.22 16.22 10.77
CA ALA B 2120 32.24 16.88 9.97
C ALA B 2120 31.82 18.26 9.52
N VAL B 2121 30.71 18.36 8.78
CA VAL B 2121 30.29 19.65 8.27
C VAL B 2121 30.10 20.63 9.41
N MET B 2122 29.33 20.25 10.42
CA MET B 2122 29.08 21.12 11.56
C MET B 2122 30.37 21.65 12.14
N ASP B 2123 31.26 20.75 12.55
CA ASP B 2123 32.52 21.17 13.13
C ASP B 2123 33.25 22.15 12.24
N TRP B 2124 33.32 21.86 10.94
CA TRP B 2124 33.99 22.76 10.01
C TRP B 2124 33.47 24.16 10.10
N VAL B 2125 32.15 24.30 10.10
CA VAL B 2125 31.50 25.62 10.15
C VAL B 2125 31.83 26.45 11.37
N TRP B 2126 31.96 25.82 12.52
CA TRP B 2126 32.34 26.53 13.74
C TRP B 2126 33.85 26.65 13.95
N THR B 2127 34.57 25.54 13.94
CA THR B 2127 36.01 25.56 14.13
C THR B 2127 36.69 26.49 13.13
N ASP B 2128 37.69 27.22 13.57
CA ASP B 2128 38.40 28.11 12.67
C ASP B 2128 39.40 27.32 11.86
N THR B 2129 39.17 27.22 10.55
CA THR B 2129 40.06 26.48 9.69
C THR B 2129 40.48 27.32 8.51
N THR B 2130 41.52 26.90 7.80
CA THR B 2130 41.91 27.61 6.59
C THR B 2130 41.46 26.77 5.44
N LEU B 2131 41.25 25.47 5.69
CA LEU B 2131 40.91 24.54 4.62
C LEU B 2131 39.46 24.40 4.30
N SER B 2132 39.14 23.36 3.54
CA SER B 2132 37.75 23.15 3.14
C SER B 2132 37.10 22.04 3.92
N LEU B 2133 35.86 21.74 3.58
CA LEU B 2133 35.14 20.68 4.25
C LEU B 2133 35.68 19.33 3.80
N SER B 2134 35.99 19.20 2.52
CA SER B 2134 36.55 17.96 2.02
C SER B 2134 37.82 17.65 2.79
N SER B 2135 38.67 18.65 2.94
CA SER B 2135 39.91 18.46 3.68
C SER B 2135 39.65 18.06 5.10
N TRP B 2136 38.60 18.59 5.68
CA TRP B 2136 38.27 18.34 7.09
C TRP B 2136 37.83 16.91 7.19
N MET B 2137 36.98 16.47 6.27
CA MET B 2137 36.50 15.11 6.29
C MET B 2137 37.63 14.12 6.06
N CYS B 2138 38.63 14.50 5.29
CA CYS B 2138 39.78 13.63 5.10
C CYS B 2138 40.46 13.37 6.43
N VAL B 2139 40.77 14.41 7.19
CA VAL B 2139 41.49 14.18 8.44
C VAL B 2139 40.64 13.43 9.44
N GLU B 2140 39.33 13.57 9.35
CA GLU B 2140 38.46 12.83 10.24
C GLU B 2140 38.43 11.37 9.89
N ASP B 2141 38.36 11.05 8.60
CA ASP B 2141 38.39 9.67 8.19
C ASP B 2141 39.71 9.03 8.60
N ILE B 2142 40.82 9.69 8.28
CA ILE B 2142 42.11 9.13 8.61
C ILE B 2142 42.14 8.84 10.10
N TYR B 2143 41.78 9.81 10.93
CA TYR B 2143 41.82 9.62 12.37
C TYR B 2143 40.96 8.46 12.82
N ALA B 2144 39.75 8.37 12.29
CA ALA B 2144 38.84 7.31 12.69
C ALA B 2144 39.46 5.97 12.41
N ASN B 2145 39.91 5.77 11.18
CA ASN B 2145 40.53 4.50 10.82
C ASN B 2145 41.76 4.24 11.68
N ILE B 2146 42.60 5.24 11.87
CA ILE B 2146 43.81 5.07 12.66
C ILE B 2146 43.47 4.66 14.09
N PHE B 2147 42.45 5.28 14.68
CA PHE B 2147 42.04 4.88 16.02
C PHE B 2147 41.63 3.42 16.06
N ILE B 2148 40.76 3.00 15.14
CA ILE B 2148 40.29 1.62 15.15
C ILE B 2148 41.49 0.67 15.06
N ILE B 2149 42.43 0.95 14.17
CA ILE B 2149 43.63 0.14 14.08
C ILE B 2149 44.40 0.13 15.39
N LYS B 2150 44.60 1.31 16.00
CA LYS B 2150 45.32 1.38 17.27
C LYS B 2150 44.67 0.56 18.36
N CYS B 2151 43.37 0.64 18.50
CA CYS B 2151 42.68 -0.16 19.49
C CYS B 2151 42.96 -1.63 19.28
N SER B 2152 42.86 -2.10 18.04
CA SER B 2152 43.15 -3.50 17.74
C SER B 2152 44.60 -3.86 18.04
N ARG B 2153 45.54 -2.98 17.73
CA ARG B 2153 46.94 -3.25 17.99
C ARG B 2153 47.16 -3.35 19.48
N GLU B 2154 46.53 -2.45 20.23
CA GLU B 2154 46.70 -2.43 21.67
C GLU B 2154 46.16 -3.69 22.30
N THR B 2155 45.00 -4.13 21.85
CA THR B 2155 44.41 -5.34 22.41
C THR B 2155 45.23 -6.56 22.04
N GLU B 2156 45.89 -6.55 20.90
CA GLU B 2156 46.75 -7.67 20.57
C GLU B 2156 48.02 -7.68 21.40
N LYS B 2157 48.44 -6.52 21.87
CA LYS B 2157 49.60 -6.49 22.75
C LYS B 2157 49.19 -6.89 24.14
N LYS B 2158 47.98 -6.53 24.53
CA LYS B 2158 47.48 -6.88 25.86
C LYS B 2158 47.25 -8.36 25.94
N TYR B 2159 46.57 -8.93 24.95
CA TYR B 2159 46.36 -10.37 24.92
C TYR B 2159 46.59 -10.98 23.54
N PRO B 2160 47.71 -11.72 23.38
CA PRO B 2160 47.99 -12.39 22.11
C PRO B 2160 47.75 -13.89 22.10
N GLN B 2161 47.90 -14.54 20.94
CA GLN B 2161 47.74 -15.98 20.85
C GLN B 2161 49.09 -16.49 20.40
N PRO B 2162 49.30 -17.82 20.34
CA PRO B 2162 50.57 -18.36 19.82
C PRO B 2162 50.59 -18.69 18.31
N LYS B 2163 51.78 -18.93 17.75
CA LYS B 2163 51.92 -19.24 16.32
C LYS B 2163 51.47 -20.66 16.02
N GLY B 2164 51.11 -20.97 14.76
CA GLY B 2164 50.57 -22.29 14.50
C GLY B 2164 49.62 -22.76 15.56
N GLN B 2165 48.75 -21.88 16.00
CA GLN B 2165 47.85 -22.26 17.07
C GLN B 2165 46.41 -21.96 16.76
N LYS B 2166 45.61 -23.00 16.45
CA LYS B 2166 44.17 -22.84 16.28
C LYS B 2166 43.64 -21.61 16.97
N LYS B 2167 42.97 -20.74 16.22
CA LYS B 2167 42.44 -19.50 16.77
C LYS B 2167 41.51 -19.73 17.95
N LYS B 2168 41.11 -20.99 18.20
CA LYS B 2168 40.22 -21.39 19.31
C LYS B 2168 38.77 -21.57 18.94
N LYS B 2169 38.38 -22.82 18.73
CA LYS B 2169 36.99 -23.16 18.44
C LYS B 2169 35.94 -22.24 19.02
N ILE B 2170 36.09 -21.88 20.28
CA ILE B 2170 35.12 -21.02 20.94
C ILE B 2170 35.01 -19.63 20.33
N VAL B 2171 36.15 -19.00 20.06
CA VAL B 2171 36.12 -17.69 19.43
C VAL B 2171 35.31 -17.78 18.17
N LYS B 2172 35.59 -18.77 17.33
CA LYS B 2172 34.89 -18.91 16.07
C LYS B 2172 33.41 -19.07 16.30
N TYR B 2173 33.06 -19.97 17.21
CA TYR B 2173 31.65 -20.25 17.46
C TYR B 2173 30.91 -19.00 17.90
N GLY B 2174 31.55 -18.18 18.72
CA GLY B 2174 30.93 -16.97 19.20
C GLY B 2174 30.65 -15.98 18.10
N MET B 2175 31.69 -15.48 17.45
CA MET B 2175 31.52 -14.49 16.38
C MET B 2175 30.60 -15.00 15.30
N GLY B 2176 30.89 -16.18 14.78
CA GLY B 2176 30.05 -16.75 13.74
C GLY B 2176 28.60 -16.83 14.18
N GLY B 2177 28.36 -17.37 15.37
CA GLY B 2177 27.00 -17.46 15.87
C GLY B 2177 26.29 -16.13 15.89
N LEU B 2178 26.93 -15.11 16.43
CA LEU B 2178 26.35 -13.79 16.48
C LEU B 2178 25.97 -13.31 15.10
N ILE B 2179 26.87 -13.47 14.13
CA ILE B 2179 26.59 -13.03 12.77
C ILE B 2179 25.38 -13.76 12.23
N ILE B 2180 25.35 -15.08 12.36
CA ILE B 2180 24.21 -15.85 11.89
C ILE B 2180 22.92 -15.36 12.54
N LEU B 2181 22.91 -15.17 13.85
CA LEU B 2181 21.72 -14.72 14.55
C LEU B 2181 21.27 -13.35 14.08
N PHE B 2182 22.23 -12.48 13.77
CA PHE B 2182 21.90 -11.16 13.28
C PHE B 2182 21.24 -11.30 11.93
N LEU B 2183 21.76 -12.19 11.08
CA LEU B 2183 21.15 -12.42 9.78
C LEU B 2183 19.77 -13.05 9.92
N ILE B 2184 19.58 -13.89 10.93
CA ILE B 2184 18.27 -14.49 11.17
C ILE B 2184 17.30 -13.37 11.49
N ALA B 2185 17.74 -12.44 12.33
CA ALA B 2185 16.87 -11.32 12.72
C ALA B 2185 16.65 -10.29 11.62
N ILE B 2186 17.29 -10.44 10.48
CA ILE B 2186 17.04 -9.55 9.36
C ILE B 2186 15.85 -10.09 8.61
N ILE B 2187 15.79 -11.40 8.45
CA ILE B 2187 14.72 -11.96 7.64
C ILE B 2187 13.56 -12.54 8.43
N TRP B 2188 13.85 -13.47 9.34
CA TRP B 2188 12.81 -14.16 10.09
C TRP B 2188 12.12 -13.30 11.14
N PHE B 2189 12.90 -12.67 12.01
CA PHE B 2189 12.30 -11.87 13.08
C PHE B 2189 11.26 -10.84 12.63
N PRO B 2190 11.53 -10.05 11.57
CA PRO B 2190 10.46 -9.15 11.15
C PRO B 2190 9.19 -9.90 10.81
N LEU B 2191 9.31 -10.97 10.03
CA LEU B 2191 8.14 -11.77 9.70
C LEU B 2191 7.41 -12.23 10.94
N LEU B 2192 8.14 -12.73 11.93
CA LEU B 2192 7.52 -13.17 13.17
C LEU B 2192 6.74 -12.04 13.82
N PHE B 2193 7.41 -10.92 14.07
CA PHE B 2193 6.73 -9.77 14.68
C PHE B 2193 5.49 -9.39 13.90
N MET B 2194 5.64 -9.23 12.58
CA MET B 2194 4.51 -8.84 11.74
C MET B 2194 3.34 -9.77 11.95
N SER B 2195 3.55 -11.07 11.72
CA SER B 2195 2.48 -12.03 11.87
C SER B 2195 1.86 -11.97 13.25
N LEU B 2196 2.68 -11.94 14.29
CA LEU B 2196 2.18 -11.91 15.66
C LEU B 2196 1.17 -10.79 15.88
N VAL B 2197 1.53 -9.57 15.47
CA VAL B 2197 0.64 -8.42 15.63
C VAL B 2197 -0.65 -8.63 14.83
N ARG B 2198 -0.52 -9.09 13.59
CA ARG B 2198 -1.69 -9.29 12.75
C ARG B 2198 -2.64 -10.31 13.34
N SER B 2199 -2.10 -11.35 13.98
CA SER B 2199 -2.93 -12.38 14.58
C SER B 2199 -3.79 -11.83 15.71
N VAL B 2200 -3.27 -10.86 16.45
CA VAL B 2200 -4.04 -10.27 17.54
C VAL B 2200 -5.31 -9.62 17.04
N VAL B 2201 -6.45 -10.10 17.51
CA VAL B 2201 -7.73 -9.50 17.12
C VAL B 2201 -8.02 -8.32 18.04
N GLY B 2202 -7.82 -7.13 17.52
CA GLY B 2202 -7.75 -5.91 18.31
C GLY B 2202 -8.93 -5.56 19.18
N VAL B 2203 -10.01 -5.07 18.58
CA VAL B 2203 -11.14 -4.62 19.39
C VAL B 2203 -12.47 -5.31 19.13
N VAL B 2204 -13.26 -5.50 20.18
CA VAL B 2204 -14.56 -6.18 20.05
C VAL B 2204 -15.50 -5.70 18.97
N ASN B 2205 -16.01 -6.62 18.17
CA ASN B 2205 -17.01 -6.27 17.17
C ASN B 2205 -18.28 -7.04 17.41
N GLN B 2206 -19.31 -6.37 17.91
CA GLN B 2206 -20.56 -7.04 18.24
C GLN B 2206 -21.69 -6.55 17.33
N PRO B 2207 -22.50 -7.48 16.81
CA PRO B 2207 -23.64 -7.08 15.99
C PRO B 2207 -24.53 -6.10 16.72
N ILE B 2208 -24.69 -4.91 16.16
CA ILE B 2208 -25.52 -3.90 16.79
C ILE B 2208 -26.97 -4.38 16.76
N ASP B 2209 -27.41 -4.87 15.61
CA ASP B 2209 -28.77 -5.33 15.48
C ASP B 2209 -28.88 -6.75 15.00
N VAL B 2210 -29.99 -7.40 15.31
CA VAL B 2210 -30.21 -8.74 14.80
C VAL B 2210 -31.35 -8.64 13.79
N THR B 2211 -31.00 -8.47 12.53
CA THR B 2211 -32.01 -8.33 11.50
C THR B 2211 -32.34 -9.66 10.88
N VAL B 2212 -33.34 -10.35 11.43
CA VAL B 2212 -33.74 -11.61 10.83
C VAL B 2212 -34.91 -11.41 9.90
N THR B 2213 -34.64 -11.38 8.60
CA THR B 2213 -35.70 -11.28 7.63
C THR B 2213 -35.94 -12.68 7.14
N LEU B 2214 -37.04 -13.28 7.59
CA LEU B 2214 -37.34 -14.65 7.19
C LEU B 2214 -38.03 -14.64 5.85
N LYS B 2215 -37.33 -14.19 4.82
CA LYS B 2215 -37.89 -14.15 3.47
C LYS B 2215 -38.63 -15.45 3.17
N LEU B 2216 -39.95 -15.40 3.16
CA LEU B 2216 -40.74 -16.62 2.95
C LEU B 2216 -41.32 -16.68 1.56
N GLY B 2217 -42.34 -15.88 1.31
CA GLY B 2217 -42.98 -15.87 0.00
C GLY B 2217 -41.97 -15.69 -1.11
N GLY B 2218 -41.95 -16.62 -2.05
CA GLY B 2218 -41.04 -16.52 -3.17
C GLY B 2218 -41.26 -15.22 -3.92
N TYR B 2219 -42.53 -14.91 -4.19
CA TYR B 2219 -42.86 -13.67 -4.89
C TYR B 2219 -42.56 -12.46 -4.03
N GLU B 2220 -43.15 -12.40 -2.84
CA GLU B 2220 -42.91 -11.29 -1.94
C GLU B 2220 -42.35 -11.74 -0.60
N PRO B 2221 -41.02 -11.69 -0.45
CA PRO B 2221 -40.37 -12.11 0.79
C PRO B 2221 -40.70 -11.18 1.95
N LEU B 2222 -41.17 -11.73 3.07
CA LEU B 2222 -41.55 -10.88 4.20
C LEU B 2222 -40.99 -11.37 5.52
N PHE B 2223 -41.83 -11.42 6.55
CA PHE B 2223 -41.40 -11.84 7.88
C PHE B 2223 -40.16 -11.09 8.34
N THR B 2224 -40.24 -9.77 8.41
CA THR B 2224 -39.09 -8.96 8.77
C THR B 2224 -39.09 -8.52 10.22
N MET B 2225 -39.80 -9.24 11.07
CA MET B 2225 -39.80 -8.93 12.49
C MET B 2225 -38.39 -9.11 13.02
N SER B 2226 -37.78 -8.04 13.49
CA SER B 2226 -36.39 -8.12 13.92
C SER B 2226 -36.12 -7.14 15.06
N ALA B 2227 -34.93 -7.19 15.64
CA ALA B 2227 -34.62 -6.31 16.76
C ALA B 2227 -33.35 -5.47 16.60
N GLN B 2228 -33.02 -4.69 17.63
CA GLN B 2228 -31.85 -3.82 17.56
C GLN B 2228 -31.05 -3.88 18.86
N GLN B 2229 -30.13 -2.92 19.04
CA GLN B 2229 -29.31 -2.85 20.27
C GLN B 2229 -30.02 -2.98 21.62
N PRO B 2230 -31.16 -2.27 21.85
CA PRO B 2230 -31.80 -2.49 23.15
C PRO B 2230 -32.07 -3.96 23.47
N SER B 2231 -32.60 -4.72 22.51
CA SER B 2231 -32.88 -6.12 22.72
C SER B 2231 -31.59 -6.93 22.71
N ILE B 2232 -30.65 -6.56 21.87
CA ILE B 2232 -29.38 -7.27 21.80
C ILE B 2232 -28.60 -7.14 23.11
N ILE B 2233 -28.22 -8.27 23.70
CA ILE B 2233 -27.50 -8.22 24.98
C ILE B 2233 -26.06 -8.65 24.87
N PRO B 2234 -25.11 -7.70 25.00
CA PRO B 2234 -23.71 -8.12 25.02
C PRO B 2234 -23.47 -9.04 26.19
N PHE B 2235 -23.21 -10.32 25.93
CA PHE B 2235 -23.07 -11.27 27.02
C PHE B 2235 -21.95 -10.91 27.98
N THR B 2236 -22.25 -10.97 29.27
CA THR B 2236 -21.25 -10.64 30.28
C THR B 2236 -20.29 -11.78 30.53
N ALA B 2237 -19.36 -11.59 31.45
CA ALA B 2237 -18.42 -12.65 31.78
C ALA B 2237 -19.16 -13.86 32.33
N GLN B 2238 -20.07 -13.62 33.27
CA GLN B 2238 -20.86 -14.71 33.86
C GLN B 2238 -21.69 -15.39 32.79
N ALA B 2239 -22.34 -14.61 31.93
CA ALA B 2239 -23.14 -15.18 30.87
C ALA B 2239 -22.28 -16.03 29.96
N TYR B 2240 -21.08 -15.57 29.63
CA TYR B 2240 -20.17 -16.34 28.80
C TYR B 2240 -19.84 -17.68 29.44
N GLU B 2241 -19.56 -17.67 30.73
CA GLU B 2241 -19.28 -18.93 31.43
C GLU B 2241 -20.44 -19.89 31.26
N GLU B 2242 -21.66 -19.40 31.43
CA GLU B 2242 -22.84 -20.25 31.25
C GLU B 2242 -22.84 -20.94 29.89
N LEU B 2243 -22.72 -20.17 28.81
CA LEU B 2243 -22.73 -20.75 27.47
C LEU B 2243 -21.62 -21.76 27.29
N SER B 2244 -20.42 -21.41 27.74
CA SER B 2244 -19.28 -22.31 27.63
C SER B 2244 -19.54 -23.62 28.34
N ARG B 2245 -20.10 -23.55 29.55
CA ARG B 2245 -20.39 -24.75 30.32
C ARG B 2245 -21.51 -25.57 29.72
N GLN B 2246 -22.49 -24.91 29.10
CA GLN B 2246 -23.58 -25.62 28.44
C GLN B 2246 -23.01 -26.53 27.37
N PHE B 2247 -22.05 -26.00 26.61
CA PHE B 2247 -21.48 -26.80 25.53
C PHE B 2247 -20.09 -27.30 25.85
N ASP B 2248 -19.76 -27.41 27.13
CA ASP B 2248 -18.46 -27.94 27.54
C ASP B 2248 -18.16 -29.38 27.09
N PRO B 2249 -19.15 -30.32 27.20
CA PRO B 2249 -18.86 -31.67 26.68
C PRO B 2249 -18.22 -31.68 25.31
N GLN B 2250 -18.82 -30.99 24.34
CA GLN B 2250 -18.23 -30.90 23.00
C GLN B 2250 -17.06 -29.94 23.06
N PRO B 2251 -15.84 -30.46 22.80
CA PRO B 2251 -14.65 -29.61 22.94
C PRO B 2251 -14.71 -28.39 22.05
N LEU B 2252 -14.92 -28.59 20.75
CA LEU B 2252 -14.94 -27.47 19.81
C LEU B 2252 -16.08 -26.49 20.04
N ALA B 2253 -17.22 -26.97 20.52
CA ALA B 2253 -18.32 -26.07 20.84
C ALA B 2253 -17.88 -25.12 21.93
N MET B 2254 -17.41 -25.66 23.03
CA MET B 2254 -16.92 -24.84 24.12
C MET B 2254 -15.79 -23.95 23.63
N GLN B 2255 -14.88 -24.52 22.83
CA GLN B 2255 -13.76 -23.74 22.30
C GLN B 2255 -14.24 -22.46 21.65
N PHE B 2256 -15.19 -22.56 20.72
CA PHE B 2256 -15.74 -21.37 20.07
C PHE B 2256 -16.12 -20.31 21.10
N ILE B 2257 -17.01 -20.68 22.01
CA ILE B 2257 -17.45 -19.73 23.04
C ILE B 2257 -16.30 -19.18 23.86
N SER B 2258 -15.48 -20.06 24.43
CA SER B 2258 -14.38 -19.62 25.27
C SER B 2258 -13.35 -18.76 24.56
N GLN B 2259 -13.03 -19.09 23.31
CA GLN B 2259 -12.04 -18.32 22.56
C GLN B 2259 -12.55 -16.92 22.31
N TYR B 2260 -13.81 -16.80 21.95
CA TYR B 2260 -14.39 -15.48 21.78
C TYR B 2260 -14.36 -14.76 23.12
N SER B 2261 -13.83 -13.55 23.14
CA SER B 2261 -13.69 -12.84 24.41
C SER B 2261 -15.02 -12.50 25.07
N PRO B 2262 -15.03 -12.40 26.40
CA PRO B 2262 -16.25 -11.98 27.09
C PRO B 2262 -16.72 -10.66 26.52
N GLU B 2263 -18.00 -10.32 26.67
CA GLU B 2263 -18.56 -9.13 26.04
C GLU B 2263 -18.25 -9.20 24.56
N ASP B 2264 -18.20 -10.40 24.03
CA ASP B 2264 -17.99 -10.59 22.59
C ASP B 2264 -19.26 -11.23 22.13
N ILE B 2265 -19.49 -12.47 22.55
CA ILE B 2265 -20.72 -13.17 22.21
C ILE B 2265 -21.92 -12.29 22.55
N VAL B 2266 -22.68 -11.90 21.53
CA VAL B 2266 -23.83 -11.04 21.74
C VAL B 2266 -25.11 -11.87 21.71
N THR B 2267 -26.18 -11.39 22.34
CA THR B 2267 -27.42 -12.16 22.38
C THR B 2267 -28.39 -11.71 21.29
N ALA B 2268 -28.79 -12.64 20.43
CA ALA B 2268 -29.75 -12.32 19.38
C ALA B 2268 -31.17 -12.39 19.90
N GLN B 2269 -31.62 -11.37 20.61
CA GLN B 2269 -33.01 -11.35 21.06
C GLN B 2269 -33.90 -10.77 19.99
N ILE B 2270 -34.05 -11.47 18.87
CA ILE B 2270 -34.84 -10.97 17.76
C ILE B 2270 -36.33 -10.88 18.10
N GLU B 2271 -36.95 -9.74 17.78
CA GLU B 2271 -38.37 -9.57 18.04
C GLU B 2271 -39.21 -10.47 17.15
N GLY B 2272 -40.29 -11.01 17.69
CA GLY B 2272 -41.14 -11.90 16.91
C GLY B 2272 -42.52 -11.35 16.67
N SER B 2273 -42.92 -10.37 17.46
CA SER B 2273 -44.24 -9.78 17.31
C SER B 2273 -44.38 -9.09 15.98
N SER B 2274 -45.59 -9.06 15.44
CA SER B 2274 -45.75 -8.52 14.09
C SER B 2274 -46.31 -7.13 13.90
N GLY B 2275 -47.55 -7.06 13.44
CA GLY B 2275 -48.13 -5.77 13.13
C GLY B 2275 -47.71 -5.44 11.72
N ALA B 2276 -46.47 -5.76 11.36
CA ALA B 2276 -46.04 -5.58 9.98
C ALA B 2276 -46.81 -6.60 9.16
N LEU B 2277 -47.66 -6.13 8.25
CA LEU B 2277 -48.51 -7.05 7.49
C LEU B 2277 -47.82 -7.88 6.42
N TRP B 2278 -48.24 -9.13 6.27
CA TRP B 2278 -47.69 -9.97 5.20
C TRP B 2278 -48.25 -9.43 3.90
N ARG B 2279 -47.43 -9.25 2.89
CA ARG B 2279 -47.93 -8.59 1.67
C ARG B 2279 -47.86 -9.41 0.40
N ILE B 2280 -48.88 -10.23 0.18
CA ILE B 2280 -48.92 -11.02 -1.05
C ILE B 2280 -50.27 -10.81 -1.78
N SER B 2281 -50.37 -11.19 -3.06
CA SER B 2281 -51.56 -10.88 -3.88
C SER B 2281 -52.37 -11.93 -4.59
N PRO B 2282 -53.65 -11.67 -4.86
CA PRO B 2282 -54.33 -12.65 -5.71
C PRO B 2282 -53.40 -13.00 -6.91
N PRO B 2283 -52.56 -12.04 -7.42
CA PRO B 2283 -51.59 -12.54 -8.40
C PRO B 2283 -50.61 -13.40 -7.59
N SER B 2284 -49.67 -12.80 -6.84
CA SER B 2284 -48.70 -13.55 -6.01
C SER B 2284 -49.31 -14.46 -4.95
N ARG B 2285 -49.87 -13.90 -3.90
CA ARG B 2285 -50.54 -14.69 -2.85
C ARG B 2285 -51.50 -15.74 -3.31
N ALA B 2286 -52.44 -15.44 -4.24
CA ALA B 2286 -53.25 -16.60 -4.53
C ALA B 2286 -52.39 -17.71 -5.09
N GLN B 2287 -51.32 -17.36 -5.81
CA GLN B 2287 -50.40 -18.35 -6.34
C GLN B 2287 -49.58 -18.95 -5.21
N MET B 2288 -49.24 -18.13 -4.21
CA MET B 2288 -48.51 -18.62 -3.05
C MET B 2288 -49.40 -19.57 -2.30
N LYS B 2289 -50.68 -19.19 -2.29
CA LYS B 2289 -51.69 -20.00 -1.68
C LYS B 2289 -51.63 -21.33 -2.35
N ARG B 2290 -51.79 -21.30 -3.61
CA ARG B 2290 -51.88 -22.50 -4.44
C ARG B 2290 -50.68 -23.40 -4.21
N GLU B 2291 -49.49 -22.82 -4.19
CA GLU B 2291 -48.30 -23.62 -3.91
C GLU B 2291 -48.50 -24.43 -2.65
N LEU B 2292 -48.83 -23.75 -1.55
CA LEU B 2292 -49.06 -24.44 -0.28
C LEU B 2292 -50.28 -25.33 -0.37
N TYR B 2293 -51.26 -24.93 -1.16
CA TYR B 2293 -52.48 -25.71 -1.34
C TYR B 2293 -52.15 -26.95 -2.14
N ASN B 2294 -51.62 -26.75 -3.34
CA ASN B 2294 -51.33 -27.87 -4.22
C ASN B 2294 -50.00 -27.67 -4.96
N GLY B 2295 -49.93 -26.65 -5.81
CA GLY B 2295 -48.72 -26.36 -6.56
C GLY B 2295 -47.47 -27.05 -6.04
N THR B 2296 -46.95 -28.00 -6.80
CA THR B 2296 -45.78 -28.74 -6.38
C THR B 2296 -44.49 -27.94 -6.59
N ALA B 2297 -44.14 -27.09 -5.64
CA ALA B 2297 -42.92 -26.29 -5.74
C ALA B 2297 -42.26 -26.17 -4.37
N ASP B 2298 -41.05 -25.65 -4.32
CA ASP B 2298 -40.34 -25.53 -3.06
C ASP B 2298 -40.04 -24.09 -2.72
N ILE B 2299 -40.93 -23.47 -1.94
CA ILE B 2299 -40.75 -22.07 -1.59
C ILE B 2299 -39.44 -21.81 -0.88
N THR B 2300 -38.68 -20.85 -1.38
CA THR B 2300 -37.40 -20.52 -0.78
C THR B 2300 -37.60 -19.79 0.52
N LEU B 2301 -37.38 -20.47 1.64
CA LEU B 2301 -37.57 -19.86 2.94
C LEU B 2301 -36.26 -19.34 3.46
N ARG B 2302 -35.69 -18.37 2.76
CA ARG B 2302 -34.41 -17.81 3.17
C ARG B 2302 -34.54 -17.06 4.48
N PHE B 2303 -34.03 -17.64 5.55
CA PHE B 2303 -34.07 -16.95 6.83
C PHE B 2303 -32.77 -16.18 6.91
N THR B 2304 -32.76 -14.98 6.35
CA THR B 2304 -31.53 -14.20 6.34
C THR B 2304 -31.26 -13.65 7.74
N TRP B 2305 -30.09 -13.96 8.28
CA TRP B 2305 -29.78 -13.51 9.63
C TRP B 2305 -28.76 -12.40 9.59
N ASN B 2306 -29.14 -11.26 9.01
CA ASN B 2306 -28.21 -10.14 8.87
C ASN B 2306 -27.79 -9.53 10.20
N PHE B 2307 -26.49 -9.40 10.41
CA PHE B 2307 -26.00 -8.88 11.69
C PHE B 2307 -25.18 -7.62 11.52
N GLN B 2308 -25.85 -6.52 11.23
CA GLN B 2308 -25.15 -5.27 11.02
C GLN B 2308 -24.52 -4.80 12.30
N ARG B 2309 -23.19 -4.73 12.34
CA ARG B 2309 -22.51 -4.22 13.52
C ARG B 2309 -22.20 -2.74 13.32
N ASP B 2310 -20.93 -2.38 13.42
CA ASP B 2310 -20.54 -0.99 13.21
C ASP B 2310 -19.26 -0.93 12.43
N LEU B 2311 -18.69 0.27 12.32
CA LEU B 2311 -17.42 0.44 11.62
C LEU B 2311 -16.52 1.28 12.50
N ALA B 2312 -17.10 1.83 13.58
CA ALA B 2312 -16.32 2.66 14.50
C ALA B 2312 -15.33 1.80 15.25
N LYS B 2313 -15.75 0.59 15.64
CA LYS B 2313 -14.86 -0.32 16.34
C LYS B 2313 -14.24 -1.28 15.35
N GLY B 2314 -14.34 -0.97 14.06
CA GLY B 2314 -13.84 -1.87 13.04
C GLY B 2314 -15.01 -2.67 12.54
N GLY B 2315 -14.76 -3.58 11.63
CA GLY B 2315 -15.84 -4.38 11.07
C GLY B 2315 -16.08 -4.00 9.62
N THR B 2316 -15.22 -4.50 8.74
CA THR B 2316 -15.34 -4.19 7.32
C THR B 2316 -16.75 -4.43 6.84
N VAL B 2317 -17.07 -5.67 6.49
CA VAL B 2317 -18.43 -5.99 6.11
C VAL B 2317 -19.17 -6.38 7.38
N GLU B 2318 -19.40 -5.41 8.25
CA GLU B 2318 -20.07 -5.66 9.52
C GLU B 2318 -21.26 -6.57 9.38
N TYR B 2319 -22.17 -6.23 8.47
CA TYR B 2319 -23.36 -7.04 8.21
C TYR B 2319 -23.00 -8.48 7.93
N ALA B 2320 -23.18 -9.36 8.92
CA ALA B 2320 -22.88 -10.77 8.74
C ALA B 2320 -24.18 -11.47 8.41
N ASN B 2321 -24.35 -11.88 7.15
CA ASN B 2321 -25.63 -12.46 6.75
C ASN B 2321 -25.58 -13.86 6.18
N GLU B 2322 -26.59 -14.67 6.49
CA GLU B 2322 -26.67 -16.02 5.91
C GLU B 2322 -28.12 -16.37 5.73
N LYS B 2323 -28.51 -16.62 4.48
CA LYS B 2323 -29.88 -17.03 4.22
C LYS B 2323 -30.07 -18.48 4.54
N HIS B 2324 -30.61 -18.79 5.71
CA HIS B 2324 -30.86 -20.17 6.09
C HIS B 2324 -32.12 -20.62 5.38
N MET B 2325 -31.97 -21.18 4.18
CA MET B 2325 -33.12 -21.54 3.38
C MET B 2325 -33.79 -22.85 3.75
N LEU B 2326 -35.12 -22.87 3.70
CA LEU B 2326 -35.85 -24.12 3.96
C LEU B 2326 -36.76 -24.37 2.78
N ALA B 2327 -36.29 -25.12 1.79
CA ALA B 2327 -37.11 -25.45 0.65
C ALA B 2327 -38.42 -26.07 1.12
N LEU B 2328 -39.53 -25.39 0.91
CA LEU B 2328 -40.80 -25.88 1.42
C LEU B 2328 -41.35 -27.03 0.59
N ALA B 2329 -41.18 -28.25 1.08
CA ALA B 2329 -41.70 -29.42 0.37
C ALA B 2329 -43.17 -29.24 0.04
N PRO B 2330 -43.54 -29.46 -1.23
CA PRO B 2330 -44.93 -29.26 -1.65
C PRO B 2330 -45.93 -29.93 -0.73
N ASN B 2331 -46.85 -29.15 -0.18
CA ASN B 2331 -47.87 -29.68 0.74
C ASN B 2331 -47.32 -30.62 1.80
N SER B 2332 -46.35 -30.15 2.57
CA SER B 2332 -45.82 -30.96 3.67
C SER B 2332 -46.66 -30.63 4.87
N THR B 2333 -46.30 -31.13 6.04
CA THR B 2333 -47.04 -30.75 7.25
C THR B 2333 -47.00 -29.23 7.38
N ALA B 2334 -45.80 -28.67 7.27
CA ALA B 2334 -45.64 -27.22 7.35
C ALA B 2334 -46.43 -26.50 6.27
N ARG B 2335 -46.35 -26.98 5.04
CA ARG B 2335 -47.04 -26.31 3.95
C ARG B 2335 -48.54 -26.53 3.93
N ARG B 2336 -49.03 -27.57 4.60
CA ARG B 2336 -50.46 -27.78 4.69
C ARG B 2336 -50.98 -26.89 5.78
N GLN B 2337 -50.15 -26.60 6.76
CA GLN B 2337 -50.55 -25.66 7.79
C GLN B 2337 -50.61 -24.31 7.11
N LEU B 2338 -49.64 -24.03 6.24
CA LEU B 2338 -49.63 -22.78 5.51
C LEU B 2338 -50.75 -22.71 4.50
N ALA B 2339 -51.22 -23.86 4.01
CA ALA B 2339 -52.35 -23.86 3.10
C ALA B 2339 -53.53 -23.31 3.83
N SER B 2340 -53.85 -23.88 4.99
CA SER B 2340 -54.98 -23.41 5.77
C SER B 2340 -54.75 -22.01 6.32
N LEU B 2341 -53.50 -21.66 6.59
CA LEU B 2341 -53.20 -20.30 7.03
C LEU B 2341 -53.65 -19.34 5.97
N LEU B 2342 -53.25 -19.58 4.73
CA LEU B 2342 -53.58 -18.68 3.65
C LEU B 2342 -54.97 -18.92 3.07
N GLU B 2343 -55.66 -19.94 3.54
CA GLU B 2343 -57.03 -20.19 3.10
C GLU B 2343 -57.95 -19.19 3.75
N GLY B 2344 -57.86 -19.07 5.07
CA GLY B 2344 -58.71 -18.13 5.79
C GLY B 2344 -58.52 -18.19 7.29
N THR B 2345 -58.11 -19.33 7.81
CA THR B 2345 -57.96 -19.47 9.25
C THR B 2345 -56.60 -18.97 9.71
N SER B 2346 -56.51 -18.53 10.96
CA SER B 2346 -55.25 -17.98 11.45
C SER B 2346 -54.68 -18.79 12.60
N ASP B 2347 -55.09 -20.05 12.70
CA ASP B 2347 -54.65 -20.86 13.83
C ASP B 2347 -53.82 -22.07 13.44
N GLN B 2348 -52.76 -21.85 12.67
CA GLN B 2348 -51.93 -22.96 12.24
C GLN B 2348 -50.48 -22.74 12.61
N SER B 2349 -49.95 -23.59 13.48
CA SER B 2349 -48.57 -23.48 13.91
C SER B 2349 -47.66 -24.17 12.91
N VAL B 2350 -47.10 -23.43 11.97
CA VAL B 2350 -46.27 -24.02 10.93
C VAL B 2350 -44.94 -24.57 11.43
N VAL B 2351 -44.79 -25.88 11.45
CA VAL B 2351 -43.58 -26.49 11.96
C VAL B 2351 -42.38 -26.34 11.05
N ILE B 2352 -41.45 -25.45 11.39
CA ILE B 2352 -40.23 -25.33 10.60
C ILE B 2352 -39.17 -26.12 11.33
N PRO B 2353 -38.72 -27.25 10.75
CA PRO B 2353 -37.77 -28.13 11.43
C PRO B 2353 -36.50 -27.47 11.92
N ASN B 2354 -36.42 -27.15 13.22
CA ASN B 2354 -35.20 -26.59 13.82
C ASN B 2354 -34.39 -25.65 12.93
N LEU B 2355 -34.93 -24.48 12.62
CA LEU B 2355 -34.22 -23.60 11.71
C LEU B 2355 -33.95 -22.19 12.22
N PHE B 2356 -33.75 -22.04 13.53
CA PHE B 2356 -33.39 -20.72 14.07
C PHE B 2356 -32.07 -20.76 14.80
N PRO B 2357 -30.95 -20.51 14.09
CA PRO B 2357 -29.62 -20.62 14.68
C PRO B 2357 -29.45 -20.00 16.06
N LYS B 2358 -29.26 -20.85 17.06
CA LYS B 2358 -29.13 -20.37 18.44
C LYS B 2358 -27.71 -20.02 18.84
N TYR B 2359 -26.75 -20.27 17.96
CA TYR B 2359 -25.35 -19.94 18.23
C TYR B 2359 -24.70 -19.65 16.91
N ILE B 2360 -24.31 -18.40 16.65
CA ILE B 2360 -23.76 -18.05 15.35
C ILE B 2360 -22.36 -17.46 15.40
N ARG B 2361 -21.35 -18.15 14.89
CA ARG B 2361 -20.02 -17.53 14.84
C ARG B 2361 -19.95 -16.51 13.71
N ALA B 2362 -20.41 -15.30 13.98
CA ALA B 2362 -20.39 -14.27 12.97
C ALA B 2362 -19.13 -13.46 13.15
N PRO B 2363 -18.44 -13.13 12.04
CA PRO B 2363 -17.27 -12.28 12.16
C PRO B 2363 -17.48 -10.91 11.55
N ASN B 2364 -16.40 -10.28 11.14
CA ASN B 2364 -16.49 -8.96 10.51
C ASN B 2364 -16.65 -9.12 9.02
N GLY B 2365 -16.94 -10.34 8.57
CA GLY B 2365 -17.18 -10.57 7.16
C GLY B 2365 -18.67 -10.70 6.98
N PRO B 2366 -19.13 -10.97 5.76
CA PRO B 2366 -20.57 -11.00 5.51
C PRO B 2366 -21.22 -12.37 5.67
N GLU B 2367 -20.88 -13.10 6.73
CA GLU B 2367 -21.41 -14.44 6.88
C GLU B 2367 -21.96 -14.74 8.26
N ALA B 2368 -23.23 -15.12 8.34
CA ALA B 2368 -23.78 -15.51 9.63
C ALA B 2368 -23.73 -17.01 9.76
N ASN B 2369 -22.53 -17.58 9.69
CA ASN B 2369 -22.39 -19.03 9.81
C ASN B 2369 -22.49 -19.44 11.26
N PRO B 2370 -23.37 -20.40 11.56
CA PRO B 2370 -23.56 -20.81 12.94
C PRO B 2370 -22.44 -21.67 13.49
N VAL B 2371 -22.24 -21.73 14.79
CA VAL B 2371 -21.16 -22.60 15.22
C VAL B 2371 -21.48 -24.07 15.05
N LYS B 2372 -20.64 -24.79 14.32
CA LYS B 2372 -20.83 -26.24 14.20
C LYS B 2372 -20.43 -26.85 15.53
N GLN B 2373 -21.01 -28.00 15.90
CA GLN B 2373 -20.78 -28.63 17.21
C GLN B 2373 -21.61 -27.94 18.29
N LEU B 2374 -21.70 -26.61 18.26
CA LEU B 2374 -22.59 -25.91 19.19
C LEU B 2374 -23.92 -26.44 18.74
N GLN B 2375 -24.16 -26.38 17.44
CA GLN B 2375 -25.36 -26.97 16.90
C GLN B 2375 -24.81 -28.04 15.96
N PRO B 2376 -24.69 -29.28 16.44
CA PRO B 2376 -24.10 -30.34 15.62
C PRO B 2376 -24.73 -30.45 14.24
N ASN B 2377 -26.03 -30.70 14.18
CA ASN B 2377 -26.72 -30.82 12.90
C ASN B 2377 -26.73 -29.48 12.20
N GLU B 2378 -26.79 -28.40 12.97
CA GLU B 2378 -26.79 -27.04 12.40
C GLU B 2378 -27.77 -26.88 11.26
N GLU B 2379 -28.99 -27.40 11.41
CA GLU B 2379 -30.04 -27.32 10.39
C GLU B 2379 -31.09 -28.15 11.07
N ALA B 2380 -30.64 -28.96 12.03
CA ALA B 2380 -31.56 -29.80 12.77
C ALA B 2380 -31.20 -29.66 14.23
N ASP B 2381 -30.25 -28.77 14.53
CA ASP B 2381 -29.85 -28.54 15.90
C ASP B 2381 -29.84 -27.05 16.17
N TYR B 2382 -30.46 -26.28 15.28
CA TYR B 2382 -30.56 -24.84 15.49
C TYR B 2382 -31.50 -24.60 16.64
N LEU B 2383 -32.75 -24.26 16.33
CA LEU B 2383 -33.78 -24.09 17.36
C LEU B 2383 -35.12 -24.23 16.67
N GLY B 2384 -35.96 -25.13 17.16
CA GLY B 2384 -37.25 -25.35 16.55
C GLY B 2384 -38.06 -24.09 16.44
N VAL B 2385 -38.30 -23.62 15.22
CA VAL B 2385 -39.01 -22.36 15.05
C VAL B 2385 -40.41 -22.62 14.48
N ARG B 2386 -41.40 -21.83 14.87
CA ARG B 2386 -42.74 -21.98 14.35
C ARG B 2386 -43.20 -20.67 13.74
N ILE B 2387 -44.21 -20.72 12.87
CA ILE B 2387 -44.76 -19.47 12.31
C ILE B 2387 -46.27 -19.43 12.47
N GLN B 2388 -46.81 -18.23 12.68
CA GLN B 2388 -48.25 -18.09 12.82
C GLN B 2388 -48.75 -16.82 12.16
N LEU B 2389 -49.44 -16.96 11.04
CA LEU B 2389 -50.03 -15.80 10.42
C LEU B 2389 -51.30 -15.51 11.18
N ARG B 2390 -51.46 -14.26 11.61
CA ARG B 2390 -52.65 -13.92 12.37
C ARG B 2390 -53.52 -12.99 11.56
N ARG B 2391 -54.27 -13.57 10.63
CA ARG B 2391 -55.19 -12.79 9.83
C ARG B 2391 -56.51 -12.64 10.58
N GLU B 2392 -56.58 -11.64 11.47
CA GLU B 2392 -57.79 -11.40 12.23
C GLU B 2392 -58.65 -10.33 11.59
N GLN B 2393 -59.37 -10.69 10.52
CA GLN B 2393 -60.21 -9.72 9.81
C GLN B 2393 -60.95 -8.76 10.74
N GLY B 2394 -60.63 -7.47 10.65
CA GLY B 2394 -61.28 -6.48 11.49
C GLY B 2394 -60.93 -5.08 11.06
N PHE B 2400 -58.02 -8.25 6.24
CA PHE B 2400 -57.76 -9.49 6.96
C PHE B 2400 -56.85 -9.25 8.14
N LEU B 2401 -56.31 -8.04 8.27
CA LEU B 2401 -55.39 -7.70 9.35
C LEU B 2401 -54.36 -8.79 9.45
N GLU B 2402 -53.74 -9.15 8.32
CA GLU B 2402 -52.75 -10.22 8.30
C GLU B 2402 -51.50 -9.89 9.06
N TRP B 2403 -51.37 -10.38 10.29
CA TRP B 2403 -50.11 -10.16 11.00
C TRP B 2403 -49.27 -11.40 10.81
N TRP B 2404 -48.09 -11.45 11.42
CA TRP B 2404 -47.21 -12.59 11.27
C TRP B 2404 -46.29 -12.76 12.47
N VAL B 2405 -46.68 -13.60 13.41
CA VAL B 2405 -45.87 -13.81 14.61
C VAL B 2405 -44.91 -14.98 14.42
N ILE B 2406 -43.64 -14.76 14.73
CA ILE B 2406 -42.67 -15.85 14.66
C ILE B 2406 -42.64 -16.53 16.01
N GLU B 2407 -43.28 -17.69 16.10
CA GLU B 2407 -43.29 -18.42 17.36
C GLU B 2407 -42.13 -19.37 17.43
N LEU B 2408 -42.15 -20.24 18.44
CA LEU B 2408 -41.12 -21.24 18.56
C LEU B 2408 -41.89 -22.53 18.71
N GLN B 2409 -41.25 -23.67 18.43
CA GLN B 2409 -41.92 -24.94 18.65
C GLN B 2409 -42.25 -25.03 20.12
N GLU B 2410 -41.42 -24.43 20.97
CA GLU B 2410 -41.72 -24.38 22.40
C GLU B 2410 -41.76 -22.91 22.80
N CYS B 2411 -42.75 -22.18 22.30
CA CYS B 2411 -42.83 -20.75 22.59
C CYS B 2411 -43.24 -20.43 24.01
N ARG B 2412 -42.35 -19.82 24.78
CA ARG B 2412 -42.69 -19.40 26.13
C ARG B 2412 -42.94 -17.92 26.01
N THR B 2413 -41.93 -17.18 25.58
CA THR B 2413 -42.09 -15.74 25.35
C THR B 2413 -41.43 -15.50 24.02
N ASP B 2414 -41.17 -16.57 23.29
CA ASP B 2414 -40.49 -16.45 22.01
C ASP B 2414 -41.46 -16.39 20.86
N CYS B 2415 -42.58 -15.72 21.07
CA CYS B 2415 -43.54 -15.53 20.00
C CYS B 2415 -43.43 -14.06 19.76
N ASN B 2416 -42.77 -13.38 20.70
CA ASN B 2416 -42.63 -11.94 20.61
C ASN B 2416 -41.18 -11.57 20.82
N LEU B 2417 -40.40 -12.48 21.39
CA LEU B 2417 -39.01 -12.19 21.68
C LEU B 2417 -38.18 -13.47 21.65
N LEU B 2418 -37.76 -13.87 20.46
CA LEU B 2418 -36.97 -15.10 20.31
C LEU B 2418 -35.54 -14.87 20.76
N PRO B 2419 -35.07 -15.63 21.76
CA PRO B 2419 -33.74 -15.40 22.31
C PRO B 2419 -32.65 -16.33 21.79
N MET B 2420 -32.01 -15.98 20.69
CA MET B 2420 -30.91 -16.79 20.19
C MET B 2420 -29.60 -16.14 20.62
N VAL B 2421 -28.49 -16.59 20.05
CA VAL B 2421 -27.20 -16.01 20.39
C VAL B 2421 -26.28 -15.88 19.19
N ILE B 2422 -25.43 -14.85 19.19
CA ILE B 2422 -24.48 -14.66 18.11
C ILE B 2422 -23.09 -14.65 18.70
N PHE B 2423 -22.34 -15.72 18.49
CA PHE B 2423 -20.97 -15.75 18.96
C PHE B 2423 -20.19 -14.75 18.13
N SER B 2424 -20.00 -13.54 18.63
CA SER B 2424 -19.35 -12.52 17.82
C SER B 2424 -17.84 -12.59 17.79
N ASP B 2425 -17.24 -12.05 16.73
CA ASP B 2425 -15.79 -12.09 16.59
C ASP B 2425 -15.24 -10.67 16.51
N LYS B 2426 -14.12 -10.42 17.17
CA LYS B 2426 -13.52 -9.09 17.17
C LYS B 2426 -12.79 -8.78 15.86
N VAL B 2427 -12.62 -7.49 15.56
CA VAL B 2427 -11.85 -7.13 14.37
C VAL B 2427 -10.38 -7.10 14.76
N SER B 2428 -9.47 -7.22 13.79
CA SER B 2428 -8.04 -7.28 14.10
C SER B 2428 -7.23 -5.97 14.19
N PRO B 2429 -7.45 -5.00 13.26
CA PRO B 2429 -6.61 -3.80 13.41
C PRO B 2429 -7.34 -2.46 13.59
N PRO B 2430 -7.63 -2.07 14.83
CA PRO B 2430 -8.24 -0.74 15.02
C PRO B 2430 -7.39 0.16 15.92
N SER B 2431 -6.07 0.14 15.76
CA SER B 2431 -5.20 0.93 16.64
C SER B 2431 -4.97 2.34 16.11
N LEU B 2432 -4.44 3.23 16.96
CA LEU B 2432 -4.26 4.63 16.56
C LEU B 2432 -2.82 5.09 16.42
N GLY B 2433 -2.58 6.41 16.41
CA GLY B 2433 -1.25 6.94 16.19
C GLY B 2433 -0.98 6.92 14.71
N PHE B 2434 -1.21 8.04 14.01
CA PHE B 2434 -1.08 8.09 12.55
C PHE B 2434 -1.86 6.94 12.02
N LEU B 2435 -1.19 6.07 11.28
CA LEU B 2435 -1.85 4.88 10.82
C LEU B 2435 -1.00 3.81 11.41
N ALA B 2436 -1.53 3.11 12.40
CA ALA B 2436 -0.79 1.99 12.99
C ALA B 2436 -0.59 1.01 11.87
N GLY B 2437 -1.56 0.91 10.97
CA GLY B 2437 -1.41 0.06 9.81
C GLY B 2437 -0.28 0.49 8.90
N TYR B 2438 -0.13 1.78 8.62
CA TYR B 2438 0.90 2.17 7.64
C TYR B 2438 1.79 3.42 7.68
N GLY B 2439 1.44 4.51 8.37
CA GLY B 2439 2.33 5.65 8.28
C GLY B 2439 3.61 5.38 9.04
N ILE B 2440 3.48 5.15 10.34
CA ILE B 2440 4.64 4.84 11.17
C ILE B 2440 5.25 3.52 10.74
N MET B 2441 4.40 2.57 10.35
CA MET B 2441 4.91 1.27 9.91
C MET B 2441 5.81 1.39 8.70
N GLY B 2442 5.37 2.13 7.69
CA GLY B 2442 6.16 2.31 6.49
C GLY B 2442 7.46 3.04 6.79
N LEU B 2443 7.40 4.03 7.66
CA LEU B 2443 8.60 4.74 8.05
C LEU B 2443 9.58 3.79 8.72
N TYR B 2444 9.08 2.96 9.62
CA TYR B 2444 9.93 1.99 10.30
C TYR B 2444 10.65 1.10 9.30
N VAL B 2445 9.91 0.56 8.34
CA VAL B 2445 10.51 -0.30 7.33
C VAL B 2445 11.61 0.45 6.59
N SER B 2446 11.32 1.66 6.14
CA SER B 2446 12.32 2.45 5.44
C SER B 2446 13.58 2.65 6.27
N ILE B 2447 13.40 2.99 7.55
CA ILE B 2447 14.56 3.15 8.43
C ILE B 2447 15.37 1.88 8.47
N VAL B 2448 14.74 0.75 8.74
CA VAL B 2448 15.44 -0.52 8.79
C VAL B 2448 16.27 -0.76 7.53
N LEU B 2449 15.68 -0.57 6.36
CA LEU B 2449 16.40 -0.75 5.11
C LEU B 2449 17.62 0.15 5.02
N VAL B 2450 17.46 1.43 5.32
CA VAL B 2450 18.58 2.36 5.21
C VAL B 2450 19.63 2.04 6.26
N ILE B 2451 19.22 1.61 7.44
CA ILE B 2451 20.20 1.21 8.44
C ILE B 2451 20.84 -0.05 7.92
N GLY B 2452 20.08 -0.85 7.18
CA GLY B 2452 20.65 -2.05 6.58
C GLY B 2452 21.82 -1.66 5.72
N LYS B 2453 21.62 -0.71 4.81
CA LYS B 2453 22.68 -0.30 3.92
C LYS B 2453 23.84 0.31 4.69
N PHE B 2454 23.54 1.09 5.72
CA PHE B 2454 24.60 1.66 6.54
C PHE B 2454 25.51 0.57 7.11
N VAL B 2455 24.90 -0.47 7.66
CA VAL B 2455 25.70 -1.54 8.27
C VAL B 2455 26.42 -2.36 7.20
N HIS B 2456 25.81 -2.53 6.03
CA HIS B 2456 26.47 -3.23 4.94
C HIS B 2456 27.70 -2.46 4.52
N GLY B 2457 27.64 -1.13 4.62
CA GLY B 2457 28.76 -0.28 4.27
C GLY B 2457 30.07 -0.65 4.91
N PHE B 2458 30.06 -1.53 5.91
CA PHE B 2458 31.30 -2.01 6.49
C PHE B 2458 31.64 -3.38 5.91
N PHE B 2459 30.79 -4.35 6.15
CA PHE B 2459 31.07 -5.72 5.71
C PHE B 2459 30.80 -6.04 4.25
N SER B 2460 31.00 -5.10 3.34
CA SER B 2460 30.84 -5.39 1.93
C SER B 2460 32.13 -5.21 1.19
N GLU B 2461 32.77 -4.06 1.36
CA GLU B 2461 33.98 -3.81 0.61
C GLU B 2461 35.19 -3.66 1.51
N ILE B 2462 35.25 -4.47 2.56
CA ILE B 2462 36.38 -4.40 3.46
C ILE B 2462 37.63 -4.90 2.74
N SER B 2463 37.46 -5.65 1.66
CA SER B 2463 38.58 -6.21 0.94
C SER B 2463 39.18 -5.29 -0.09
N HIS B 2464 38.60 -4.12 -0.30
CA HIS B 2464 39.10 -3.19 -1.29
C HIS B 2464 40.06 -2.21 -0.66
N SER B 2465 40.37 -2.40 0.60
CA SER B 2465 41.25 -1.50 1.31
C SER B 2465 42.44 -2.24 1.92
N ILE B 2466 42.36 -3.57 2.01
CA ILE B 2466 43.42 -4.33 2.72
C ILE B 2466 44.80 -3.75 2.49
N MET B 2467 44.96 -3.06 1.38
CA MET B 2467 46.21 -2.41 1.08
C MET B 2467 46.62 -1.35 2.07
N PHE B 2468 45.66 -0.72 2.72
CA PHE B 2468 45.96 0.38 3.63
C PHE B 2468 45.10 0.27 4.86
N GLU B 2469 44.84 -0.96 5.28
CA GLU B 2469 44.05 -1.18 6.49
C GLU B 2469 44.79 -2.14 7.40
N GLU B 2470 45.74 -2.87 6.85
CA GLU B 2470 46.51 -3.83 7.63
C GLU B 2470 47.83 -3.24 8.09
N LEU B 2471 47.90 -1.91 8.16
CA LEU B 2471 49.13 -1.25 8.58
C LEU B 2471 49.44 -1.63 10.02
N PRO B 2472 50.71 -1.97 10.30
CA PRO B 2472 51.10 -2.39 11.66
C PRO B 2472 50.93 -1.29 12.70
N CYS B 2473 51.94 -0.46 12.89
CA CYS B 2473 51.88 0.60 13.89
C CYS B 2473 51.26 1.90 13.36
N VAL B 2474 50.14 2.33 13.93
CA VAL B 2474 49.57 3.61 13.51
C VAL B 2474 49.89 4.77 14.43
N ASP B 2475 50.88 4.61 15.29
CA ASP B 2475 51.21 5.65 16.25
C ASP B 2475 51.69 6.95 15.62
N ARG B 2476 52.47 6.84 14.57
CA ARG B 2476 53.00 8.03 13.94
C ARG B 2476 51.93 8.80 13.20
N ILE B 2477 50.92 8.10 12.70
CA ILE B 2477 49.83 8.77 12.00
C ILE B 2477 48.87 9.44 12.98
N LEU B 2478 48.64 8.86 14.14
CA LEU B 2478 47.78 9.55 15.09
C LEU B 2478 48.47 10.77 15.65
N LYS B 2479 49.80 10.76 15.71
CA LYS B 2479 50.50 11.95 16.15
C LYS B 2479 50.22 13.05 15.16
N LEU B 2480 50.35 12.76 13.87
CA LEU B 2480 50.06 13.75 12.84
C LEU B 2480 48.65 14.26 13.00
N CYS B 2481 47.69 13.36 13.13
CA CYS B 2481 46.30 13.77 13.23
C CYS B 2481 46.07 14.65 14.44
N GLN B 2482 46.66 14.28 15.57
CA GLN B 2482 46.46 15.06 16.79
C GLN B 2482 47.21 16.38 16.75
N ASP B 2483 48.24 16.47 15.94
CA ASP B 2483 48.96 17.72 15.81
C ASP B 2483 48.13 18.70 14.99
N ILE B 2484 47.35 18.19 14.05
CA ILE B 2484 46.45 19.06 13.30
C ILE B 2484 45.44 19.62 14.27
N PHE B 2485 44.91 18.78 15.15
CA PHE B 2485 43.93 19.23 16.12
C PHE B 2485 44.53 20.25 17.07
N LEU B 2486 45.74 20.00 17.55
CA LEU B 2486 46.40 20.93 18.47
C LEU B 2486 46.64 22.26 17.81
N VAL B 2487 46.95 22.24 16.53
CA VAL B 2487 47.30 23.48 15.84
C VAL B 2487 46.05 24.27 15.46
N ARG B 2488 44.89 23.65 15.61
CA ARG B 2488 43.65 24.37 15.33
C ARG B 2488 43.13 24.99 16.59
N GLU B 2489 43.50 24.42 17.75
CA GLU B 2489 43.09 25.00 19.02
C GLU B 2489 43.91 26.23 19.32
N THR B 2490 45.20 26.20 18.99
CA THR B 2490 46.06 27.36 19.22
C THR B 2490 45.90 28.36 18.08
N ARG B 2491 45.04 28.05 17.12
CA ARG B 2491 44.77 28.94 15.99
C ARG B 2491 46.00 29.35 15.20
N GLU B 2492 46.94 28.44 15.01
CA GLU B 2492 48.08 28.73 14.16
C GLU B 2492 47.72 27.99 12.92
N LEU B 2493 46.79 28.52 12.16
CA LEU B 2493 46.28 27.78 11.01
C LEU B 2493 47.21 27.67 9.81
N GLU B 2494 48.35 28.33 9.86
CA GLU B 2494 49.32 28.18 8.79
C GLU B 2494 49.88 26.78 8.86
N LEU B 2495 50.14 26.30 10.06
CA LEU B 2495 50.69 24.97 10.23
C LEU B 2495 49.63 23.91 10.03
N GLU B 2496 48.36 24.28 10.05
CA GLU B 2496 47.30 23.33 9.77
C GLU B 2496 47.44 22.92 8.32
N GLU B 2497 47.60 23.90 7.44
CA GLU B 2497 47.78 23.60 6.03
C GLU B 2497 49.01 22.74 5.80
N GLU B 2498 50.09 23.02 6.53
CA GLU B 2498 51.32 22.26 6.34
C GLU B 2498 51.22 20.82 6.82
N LEU B 2499 50.58 20.60 7.96
CA LEU B 2499 50.42 19.25 8.49
C LEU B 2499 49.40 18.47 7.69
N TYR B 2500 48.45 19.17 7.05
CA TYR B 2500 47.49 18.48 6.20
C TYR B 2500 48.21 17.97 4.98
N ALA B 2501 49.20 18.72 4.52
CA ALA B 2501 49.98 18.28 3.37
C ALA B 2501 50.69 16.98 3.67
N LYS B 2502 51.21 16.82 4.89
CA LYS B 2502 51.83 15.56 5.23
C LYS B 2502 50.79 14.44 5.21
N LEU B 2503 49.64 14.67 5.80
CA LEU B 2503 48.62 13.63 5.84
C LEU B 2503 48.26 13.18 4.44
N ILE B 2504 48.05 14.11 3.53
CA ILE B 2504 47.63 13.69 2.21
C ILE B 2504 48.74 13.00 1.43
N PHE B 2505 50.00 13.33 1.66
CA PHE B 2505 51.05 12.61 0.96
C PHE B 2505 51.25 11.23 1.52
N LEU B 2506 50.99 11.04 2.80
CA LEU B 2506 51.11 9.71 3.38
C LEU B 2506 50.10 8.85 2.70
N TYR B 2507 48.92 9.40 2.44
CA TYR B 2507 47.86 8.62 1.85
C TYR B 2507 47.85 8.68 0.33
N ARG B 2508 48.85 9.34 -0.25
CA ARG B 2508 48.95 9.41 -1.70
C ARG B 2508 49.99 8.42 -2.18
N SER B 2509 50.93 8.06 -1.32
CA SER B 2509 51.95 7.11 -1.68
C SER B 2509 51.94 5.95 -0.72
N PRO B 2510 51.44 4.80 -1.17
CA PRO B 2510 51.36 3.63 -0.31
C PRO B 2510 52.70 3.15 0.23
N GLU B 2511 53.78 3.36 -0.50
CA GLU B 2511 55.10 2.93 -0.04
C GLU B 2511 55.59 3.71 1.16
N THR B 2512 55.23 4.99 1.25
CA THR B 2512 55.63 5.78 2.40
C THR B 2512 54.80 5.42 3.58
N MET B 2513 53.59 4.91 3.35
CA MET B 2513 52.79 4.45 4.47
C MET B 2513 53.48 3.25 5.05
N ILE B 2514 53.93 2.32 4.21
CA ILE B 2514 54.67 1.17 4.71
C ILE B 2514 55.85 1.61 5.56
N LYS B 2515 56.63 2.57 5.09
CA LYS B 2515 57.76 3.06 5.87
C LYS B 2515 57.34 3.66 7.18
N TRP B 2516 56.35 4.54 7.15
CA TRP B 2516 55.92 5.22 8.37
C TRP B 2516 55.21 4.34 9.37
N THR B 2517 54.58 3.27 8.91
CA THR B 2517 53.85 2.41 9.82
C THR B 2517 54.60 1.15 10.19
N ARG B 2518 55.93 1.17 10.07
CA ARG B 2518 56.73 0.02 10.45
C ARG B 2518 56.62 -0.23 11.92
N GLU B 2519 56.53 -1.49 12.32
CA GLU B 2519 56.33 -1.84 13.72
C GLU B 2519 57.27 -1.15 14.69
N LYS B 2520 58.56 -1.33 14.49
CA LYS B 2520 59.52 -0.75 15.41
C LYS B 2520 59.96 0.62 14.94
N GLU B 2521 60.70 0.67 13.85
CA GLU B 2521 61.19 1.94 13.33
C GLU B 2521 60.90 2.11 11.85
N CYS C 226 30.10 42.87 -5.39
CA CYS C 226 31.52 43.18 -5.34
C CYS C 226 32.31 42.04 -4.69
N CYS C 227 33.14 42.37 -3.71
CA CYS C 227 33.93 41.36 -3.03
C CYS C 227 33.03 40.32 -2.39
N GLU C 228 31.98 40.78 -1.72
CA GLU C 228 31.04 39.85 -1.08
C GLU C 228 30.43 38.91 -2.11
N SER C 229 29.99 39.45 -3.23
CA SER C 229 29.40 38.62 -4.28
C SER C 229 30.38 37.59 -4.81
N SER C 230 31.63 38.01 -5.02
CA SER C 230 32.65 37.08 -5.49
C SER C 230 32.84 35.96 -4.49
N ASP C 231 32.90 36.30 -3.21
CA ASP C 231 33.06 35.29 -2.16
C ASP C 231 31.89 34.32 -2.18
N CYS C 232 30.68 34.84 -2.34
CA CYS C 232 29.50 33.99 -2.40
C CYS C 232 29.60 33.03 -3.58
N LEU C 233 29.96 33.58 -4.73
CA LEU C 233 30.11 32.77 -5.92
C LEU C 233 31.00 31.64 -5.50
N GLU C 234 32.20 31.95 -5.03
CA GLU C 234 33.15 30.91 -4.59
C GLU C 234 32.52 29.94 -3.60
N ILE C 235 31.70 30.42 -2.69
CA ILE C 235 31.02 29.55 -1.74
C ILE C 235 30.24 28.44 -2.43
N CYS C 236 29.21 28.84 -3.19
CA CYS C 236 28.36 27.84 -3.83
C CYS C 236 29.17 27.05 -4.82
N MET C 237 30.29 27.64 -5.24
CA MET C 237 31.12 27.00 -6.22
C MET C 237 31.83 25.80 -5.64
N GLU C 238 32.47 25.97 -4.49
CA GLU C 238 33.09 24.83 -3.84
C GLU C 238 32.00 23.91 -3.31
N CYS C 239 30.79 24.45 -3.12
CA CYS C 239 29.69 23.58 -2.68
C CYS C 239 29.28 22.61 -3.79
N CYS C 240 29.35 23.06 -5.04
CA CYS C 240 29.02 22.18 -6.15
C CYS C 240 30.26 21.38 -6.51
N GLY C 241 31.42 21.83 -6.03
CA GLY C 241 32.62 21.05 -6.22
C GLY C 241 32.19 19.75 -5.58
N ILE C 242 31.48 19.84 -4.46
CA ILE C 242 30.96 18.63 -3.86
C ILE C 242 29.66 18.33 -4.68
N CYS C 243 29.78 17.59 -5.78
CA CYS C 243 28.61 17.23 -6.59
C CYS C 243 29.15 16.12 -7.44
N PHE C 244 30.47 16.01 -7.47
CA PHE C 244 31.12 14.95 -8.19
C PHE C 244 32.45 15.15 -7.55
N PRO C 245 32.86 14.23 -6.68
CA PRO C 245 34.09 14.38 -5.91
C PRO C 245 34.74 15.75 -5.71
N SER C 246 34.27 16.56 -4.77
CA SER C 246 34.92 17.81 -4.38
C SER C 246 36.41 17.81 -4.68
N GLU D 570 -14.72 -57.05 -81.81
CA GLU D 570 -15.72 -56.68 -80.81
C GLU D 570 -15.93 -57.80 -79.82
N LEU D 571 -15.29 -57.69 -78.66
CA LEU D 571 -15.44 -58.71 -77.63
C LEU D 571 -16.84 -58.66 -77.08
N VAL D 572 -17.44 -57.46 -77.02
CA VAL D 572 -18.77 -57.31 -76.49
C VAL D 572 -19.83 -58.06 -77.27
N LYS D 573 -19.58 -58.34 -78.54
CA LYS D 573 -20.53 -59.13 -79.33
C LYS D 573 -20.71 -60.49 -78.69
N GLY D 574 -19.60 -61.18 -78.43
CA GLY D 574 -19.66 -62.50 -77.80
C GLY D 574 -20.02 -62.40 -76.33
N VAL D 575 -19.69 -61.27 -75.71
CA VAL D 575 -20.03 -61.07 -74.29
C VAL D 575 -21.54 -60.98 -74.17
N TYR D 576 -22.20 -60.30 -75.10
CA TYR D 576 -23.65 -60.14 -75.03
C TYR D 576 -24.36 -61.35 -75.59
N ALA D 577 -23.65 -62.19 -76.32
CA ALA D 577 -24.23 -63.44 -76.81
C ALA D 577 -24.23 -64.39 -75.64
N LYS D 578 -23.34 -64.16 -74.68
CA LYS D 578 -23.28 -64.97 -73.48
C LYS D 578 -24.18 -64.35 -72.45
N TYR D 579 -24.33 -63.03 -72.49
CA TYR D 579 -25.16 -62.34 -71.52
C TYR D 579 -26.63 -62.48 -71.83
N TRP D 580 -27.25 -63.50 -71.27
CA TRP D 580 -28.68 -63.68 -71.47
C TRP D 580 -29.28 -64.26 -70.21
N ILE D 581 -28.50 -65.02 -69.45
CA ILE D 581 -28.99 -65.61 -68.20
C ILE D 581 -29.27 -64.51 -67.19
N TYR D 582 -28.31 -63.62 -67.00
CA TYR D 582 -28.47 -62.53 -66.05
C TYR D 582 -29.41 -61.49 -66.62
N VAL D 583 -29.43 -61.36 -67.94
CA VAL D 583 -30.34 -60.42 -68.57
C VAL D 583 -31.77 -60.88 -68.30
N CYS D 584 -32.00 -62.19 -68.38
CA CYS D 584 -33.32 -62.73 -68.10
C CYS D 584 -33.65 -62.59 -66.63
N ALA D 585 -32.67 -62.80 -65.76
CA ALA D 585 -32.89 -62.70 -64.32
C ALA D 585 -33.50 -61.37 -63.94
N GLY D 586 -32.98 -60.26 -64.47
CA GLY D 586 -33.52 -58.96 -64.18
C GLY D 586 -34.94 -58.77 -64.70
N MET D 587 -35.26 -59.39 -65.83
CA MET D 587 -36.59 -59.30 -66.38
C MET D 587 -37.55 -60.19 -65.61
N PHE D 588 -37.02 -61.21 -64.96
CA PHE D 588 -37.86 -62.09 -64.17
C PHE D 588 -38.03 -61.46 -62.82
N ILE D 589 -37.20 -60.47 -62.51
CA ILE D 589 -37.34 -59.75 -61.25
C ILE D 589 -38.48 -58.77 -61.43
N VAL D 590 -38.67 -58.26 -62.64
CA VAL D 590 -39.81 -57.39 -62.88
C VAL D 590 -41.05 -58.23 -63.19
N VAL D 591 -40.86 -59.52 -63.50
CA VAL D 591 -42.01 -60.40 -63.70
C VAL D 591 -42.46 -60.73 -62.29
N SER D 592 -41.51 -60.73 -61.35
CA SER D 592 -41.84 -60.98 -59.95
C SER D 592 -42.56 -59.76 -59.42
N PHE D 593 -43.42 -59.96 -58.41
CA PHE D 593 -44.23 -58.87 -57.85
C PHE D 593 -45.11 -58.23 -58.90
N ALA D 594 -45.53 -59.02 -59.89
CA ALA D 594 -46.37 -58.54 -60.97
C ALA D 594 -47.05 -59.75 -61.55
N GLY D 595 -48.05 -59.55 -62.40
CA GLY D 595 -48.78 -60.66 -62.97
C GLY D 595 -49.32 -61.56 -61.89
N ARG D 596 -48.85 -62.80 -61.84
CA ARG D 596 -49.26 -63.69 -60.78
C ARG D 596 -48.24 -63.71 -59.66
N LEU D 597 -48.66 -63.33 -58.46
CA LEU D 597 -47.77 -63.34 -57.31
C LEU D 597 -47.15 -64.72 -57.13
N VAL D 598 -47.93 -65.77 -57.34
CA VAL D 598 -47.39 -67.12 -57.24
C VAL D 598 -46.77 -67.56 -58.56
N VAL D 599 -47.57 -68.13 -59.46
CA VAL D 599 -47.08 -68.65 -60.74
C VAL D 599 -45.92 -67.92 -61.40
N TYR D 600 -46.10 -66.64 -61.75
CA TYR D 600 -45.05 -65.90 -62.46
C TYR D 600 -43.70 -66.04 -61.81
N LYS D 601 -43.61 -65.70 -60.53
CA LYS D 601 -42.35 -65.78 -59.82
C LYS D 601 -41.63 -67.12 -60.00
N ILE D 602 -42.32 -68.22 -59.74
CA ILE D 602 -41.71 -69.54 -59.90
C ILE D 602 -41.37 -69.82 -61.34
N VAL D 603 -42.40 -69.97 -62.18
CA VAL D 603 -42.19 -70.29 -63.59
C VAL D 603 -41.02 -69.57 -64.24
N TYR D 604 -40.96 -68.26 -64.05
CA TYR D 604 -39.89 -67.50 -64.70
C TYR D 604 -38.64 -67.49 -63.87
N MET D 605 -38.62 -66.71 -62.79
CA MET D 605 -37.41 -66.57 -61.98
C MET D 605 -36.90 -67.84 -61.31
N PHE D 606 -37.74 -68.49 -60.53
CA PHE D 606 -37.25 -69.64 -59.76
C PHE D 606 -37.13 -70.96 -60.50
N LEU D 607 -37.65 -71.05 -61.72
CA LEU D 607 -37.46 -72.26 -62.50
C LEU D 607 -36.21 -72.07 -63.32
N PHE D 608 -35.82 -70.82 -63.51
CA PHE D 608 -34.57 -70.55 -64.21
C PHE D 608 -33.52 -70.74 -63.14
N LEU D 609 -33.86 -70.44 -61.89
CA LEU D 609 -32.93 -70.66 -60.78
C LEU D 609 -32.85 -72.14 -60.46
N LEU D 610 -33.89 -72.90 -60.80
CA LEU D 610 -33.86 -74.33 -60.60
C LEU D 610 -33.18 -75.01 -61.77
N CYS D 611 -33.12 -74.34 -62.91
CA CYS D 611 -32.41 -74.88 -64.05
C CYS D 611 -30.94 -74.63 -63.80
N LEU D 612 -30.64 -73.58 -63.04
CA LEU D 612 -29.27 -73.32 -62.68
C LEU D 612 -28.88 -74.51 -61.84
N THR D 613 -29.70 -74.82 -60.83
CA THR D 613 -29.43 -75.96 -59.98
C THR D 613 -29.29 -77.26 -60.76
N LEU D 614 -30.10 -77.45 -61.78
CA LEU D 614 -30.01 -78.65 -62.60
C LEU D 614 -28.59 -78.84 -63.12
N PHE D 615 -28.03 -77.83 -63.79
CA PHE D 615 -26.70 -78.05 -64.35
C PHE D 615 -25.62 -78.18 -63.26
N GLN D 616 -25.87 -77.59 -62.10
CA GLN D 616 -24.93 -77.68 -61.01
C GLN D 616 -24.98 -79.07 -60.41
N VAL D 617 -26.17 -79.65 -60.35
CA VAL D 617 -26.34 -80.97 -59.73
C VAL D 617 -25.83 -82.11 -60.63
N TYR D 618 -25.52 -81.80 -61.88
CA TYR D 618 -24.95 -82.82 -62.74
C TYR D 618 -23.48 -82.92 -62.41
N TYR D 619 -22.90 -81.87 -61.83
CA TYR D 619 -21.47 -81.83 -61.46
C TYR D 619 -20.55 -82.14 -62.62
N SER D 620 -20.99 -81.84 -63.84
CA SER D 620 -20.20 -82.14 -65.03
C SER D 620 -20.78 -81.33 -66.16
N LEU D 621 -22.02 -80.90 -66.01
CA LEU D 621 -22.67 -80.18 -67.09
C LEU D 621 -22.95 -78.74 -66.74
N TRP D 622 -22.07 -78.13 -65.94
CA TRP D 622 -22.25 -76.73 -65.57
C TRP D 622 -22.34 -75.89 -66.83
N ARG D 623 -23.41 -75.10 -66.96
CA ARG D 623 -23.63 -74.28 -68.15
C ARG D 623 -23.55 -75.06 -69.45
N LYS D 624 -24.07 -76.28 -69.45
CA LYS D 624 -24.05 -77.09 -70.65
C LYS D 624 -25.43 -77.65 -70.86
N LEU D 625 -26.22 -77.73 -69.79
CA LEU D 625 -27.58 -78.20 -69.92
C LEU D 625 -28.32 -77.27 -70.87
N LEU D 626 -28.78 -77.79 -71.99
CA LEU D 626 -29.45 -76.94 -72.97
C LEU D 626 -30.84 -77.46 -73.26
N LYS D 627 -31.06 -78.74 -72.99
CA LYS D 627 -32.37 -79.34 -73.24
C LYS D 627 -33.45 -78.65 -72.44
N ALA D 628 -33.31 -78.66 -71.11
CA ALA D 628 -34.28 -78.00 -70.25
C ALA D 628 -34.21 -76.49 -70.45
N PHE D 629 -33.01 -75.95 -70.60
CA PHE D 629 -32.85 -74.52 -70.81
C PHE D 629 -33.44 -74.12 -72.16
N TRP D 630 -33.51 -75.06 -73.09
CA TRP D 630 -34.12 -74.79 -74.38
C TRP D 630 -35.62 -74.67 -74.20
N TRP D 631 -36.20 -75.63 -73.49
CA TRP D 631 -37.64 -75.61 -73.29
C TRP D 631 -38.10 -74.60 -72.25
N LEU D 632 -37.16 -73.97 -71.55
CA LEU D 632 -37.55 -72.92 -70.62
C LEU D 632 -38.12 -71.83 -71.48
N VAL D 633 -37.40 -71.50 -72.55
CA VAL D 633 -37.89 -70.49 -73.46
C VAL D 633 -39.24 -70.89 -74.03
N VAL D 634 -39.37 -72.13 -74.51
CA VAL D 634 -40.62 -72.57 -75.11
C VAL D 634 -41.79 -72.47 -74.12
N ALA D 635 -41.55 -72.79 -72.86
CA ALA D 635 -42.58 -72.64 -71.84
C ALA D 635 -43.00 -71.18 -71.72
N TYR D 636 -42.03 -70.28 -71.70
CA TYR D 636 -42.32 -68.86 -71.59
C TYR D 636 -43.03 -68.31 -72.83
N THR D 637 -42.67 -68.79 -74.01
CA THR D 637 -43.37 -68.35 -75.22
C THR D 637 -44.82 -68.77 -75.13
N MET D 638 -45.07 -70.00 -74.69
CA MET D 638 -46.43 -70.50 -74.58
C MET D 638 -47.24 -69.59 -73.68
N LEU D 639 -46.70 -69.26 -72.51
CA LEU D 639 -47.38 -68.37 -71.58
C LEU D 639 -47.77 -67.07 -72.26
N VAL D 640 -46.84 -66.45 -72.95
CA VAL D 640 -47.11 -65.19 -73.64
C VAL D 640 -48.18 -65.35 -74.72
N LEU D 641 -48.07 -66.39 -75.53
CA LEU D 641 -49.07 -66.65 -76.56
C LEU D 641 -50.47 -66.78 -75.99
N ILE D 642 -50.59 -67.50 -74.88
CA ILE D 642 -51.89 -67.66 -74.24
C ILE D 642 -52.39 -66.34 -73.69
N ALA D 643 -51.58 -65.66 -72.88
CA ALA D 643 -52.03 -64.42 -72.26
C ALA D 643 -51.06 -63.27 -72.43
N VAL D 644 -50.05 -63.20 -71.57
CA VAL D 644 -49.11 -62.09 -71.61
C VAL D 644 -48.40 -61.90 -72.94
N SER D 678 -55.28 -50.94 -70.10
CA SER D 678 -54.01 -50.86 -69.39
C SER D 678 -53.43 -52.24 -69.20
N GLU D 679 -54.28 -53.12 -68.67
CA GLU D 679 -53.84 -54.46 -68.30
C GLU D 679 -53.69 -55.46 -69.40
N LEU D 680 -54.53 -55.44 -70.42
CA LEU D 680 -54.29 -56.35 -71.53
C LEU D 680 -52.94 -55.88 -72.00
N PHE D 681 -52.89 -54.60 -72.39
CA PHE D 681 -51.64 -54.03 -72.83
C PHE D 681 -50.53 -54.27 -71.82
N SER D 682 -50.80 -54.14 -70.52
CA SER D 682 -49.74 -54.26 -69.53
C SER D 682 -49.17 -55.61 -69.72
N SER D 683 -49.96 -56.63 -69.48
CA SER D 683 -49.52 -58.00 -69.65
C SER D 683 -48.65 -58.09 -70.88
N ILE D 684 -49.22 -57.76 -72.05
CA ILE D 684 -48.47 -57.92 -73.27
C ILE D 684 -47.10 -57.30 -73.11
N LEU D 685 -47.03 -55.97 -73.13
CA LEU D 685 -45.74 -55.29 -73.04
C LEU D 685 -44.81 -55.95 -72.06
N VAL D 686 -45.24 -56.08 -70.81
CA VAL D 686 -44.36 -56.62 -69.78
C VAL D 686 -43.76 -57.97 -70.15
N PRO D 687 -44.59 -59.04 -70.26
CA PRO D 687 -43.84 -60.23 -70.67
C PRO D 687 -43.26 -60.36 -72.08
N GLY D 688 -43.61 -59.50 -73.01
CA GLY D 688 -42.98 -59.52 -74.32
C GLY D 688 -41.58 -59.10 -73.97
N PHE D 689 -41.44 -57.99 -73.28
CA PHE D 689 -40.14 -57.56 -72.81
C PHE D 689 -39.23 -58.69 -72.31
N PHE D 690 -39.78 -59.75 -71.69
CA PHE D 690 -38.83 -60.77 -71.30
C PHE D 690 -38.83 -61.86 -72.35
N LEU D 691 -39.97 -62.06 -73.00
CA LEU D 691 -40.05 -63.05 -74.06
C LEU D 691 -39.21 -62.62 -75.25
N LEU D 692 -39.12 -61.32 -75.49
CA LEU D 692 -38.25 -60.86 -76.57
C LEU D 692 -36.86 -61.41 -76.36
N ALA D 693 -36.28 -61.15 -75.19
CA ALA D 693 -34.95 -61.66 -74.89
C ALA D 693 -34.88 -63.18 -74.96
N CYS D 694 -35.86 -63.87 -74.39
CA CYS D 694 -35.86 -65.33 -74.37
C CYS D 694 -35.90 -65.93 -75.76
N ILE D 695 -36.82 -65.44 -76.60
CA ILE D 695 -36.95 -65.95 -77.95
C ILE D 695 -35.69 -65.65 -78.77
N LEU D 696 -34.96 -64.60 -78.40
CA LEU D 696 -33.73 -64.26 -79.10
C LEU D 696 -32.67 -65.31 -78.85
N GLN D 697 -32.59 -65.85 -77.64
CA GLN D 697 -31.64 -66.94 -77.39
C GLN D 697 -32.01 -68.13 -78.23
N LEU D 698 -33.29 -68.47 -78.26
CA LEU D 698 -33.74 -69.61 -79.06
C LEU D 698 -33.44 -69.42 -80.53
N HIS D 699 -33.53 -68.18 -81.01
CA HIS D 699 -33.20 -67.90 -82.41
C HIS D 699 -31.72 -68.08 -82.65
N TYR D 700 -30.90 -67.34 -81.91
CA TYR D 700 -29.45 -67.39 -82.12
C TYR D 700 -28.63 -67.26 -80.85
N PHE D 701 -27.36 -67.64 -80.92
CA PHE D 701 -26.45 -67.54 -79.78
C PHE D 701 -26.98 -68.11 -78.47
N HIS D 702 -27.48 -69.34 -78.49
CA HIS D 702 -27.90 -69.97 -77.24
C HIS D 702 -26.62 -70.58 -76.71
N ARG D 703 -25.71 -70.91 -77.62
CA ARG D 703 -24.44 -71.54 -77.25
C ARG D 703 -23.49 -70.85 -76.26
N PRO D 704 -23.09 -69.58 -76.50
CA PRO D 704 -22.08 -69.00 -75.59
C PRO D 704 -22.30 -69.21 -74.10
N PHE D 705 -23.53 -69.08 -73.62
CA PHE D 705 -23.80 -69.34 -72.21
C PHE D 705 -24.13 -70.80 -71.92
N MET D 706 -24.74 -71.49 -72.87
CA MET D 706 -25.19 -72.87 -72.60
C MET D 706 -24.48 -74.02 -73.35
N GLN D 707 -23.82 -73.74 -74.46
CA GLN D 707 -23.09 -74.77 -75.19
C GLN D 707 -21.69 -74.33 -75.62
N LEU D 708 -21.13 -73.32 -74.95
CA LEU D 708 -19.77 -72.89 -75.26
C LEU D 708 -18.95 -72.84 -73.99
N THR D 709 -19.46 -72.19 -72.97
CA THR D 709 -18.76 -72.18 -71.68
C THR D 709 -19.03 -73.54 -71.07
N ASP D 710 -18.22 -74.52 -71.43
CA ASP D 710 -18.49 -75.88 -70.96
C ASP D 710 -17.40 -76.49 -70.10
N MET D 711 -17.60 -77.74 -69.70
CA MET D 711 -16.62 -78.42 -68.88
C MET D 711 -15.95 -79.53 -69.67
N GLU D 712 -16.73 -80.23 -70.50
CA GLU D 712 -16.19 -81.34 -71.29
C GLU D 712 -15.28 -82.27 -70.48
N LEU D 789 -3.05 -53.35 -69.87
CA LEU D 789 -2.47 -52.06 -70.19
C LEU D 789 -1.00 -52.00 -69.79
N GLU D 790 -0.74 -51.71 -68.52
CA GLU D 790 0.64 -51.60 -68.04
C GLU D 790 0.86 -52.32 -66.71
N LEU D 791 1.77 -51.84 -65.89
CA LEU D 791 2.09 -52.50 -64.63
C LEU D 791 0.94 -52.54 -63.64
N ALA D 792 0.31 -51.39 -63.40
CA ALA D 792 -0.80 -51.32 -62.45
C ALA D 792 -1.93 -52.25 -62.86
N ALA D 793 -2.30 -52.24 -64.13
CA ALA D 793 -3.34 -53.13 -64.62
C ALA D 793 -2.91 -54.57 -64.46
N GLY D 794 -1.63 -54.85 -64.69
CA GLY D 794 -1.12 -56.20 -64.50
C GLY D 794 -1.33 -56.67 -63.09
N PHE D 795 -1.03 -55.82 -62.12
CA PHE D 795 -1.24 -56.18 -60.71
C PHE D 795 -2.73 -56.42 -60.49
N SER D 796 -3.57 -55.53 -61.02
CA SER D 796 -5.00 -55.67 -60.83
C SER D 796 -5.54 -57.02 -61.26
N ASP D 797 -5.18 -57.49 -62.45
CA ASP D 797 -5.75 -58.75 -62.93
C ASP D 797 -5.22 -59.94 -62.14
N VAL D 798 -3.98 -59.86 -61.67
CA VAL D 798 -3.43 -60.92 -60.84
C VAL D 798 -4.28 -61.00 -59.59
N LEU D 799 -4.50 -59.86 -58.94
CA LEU D 799 -5.32 -59.82 -57.75
C LEU D 799 -6.71 -60.37 -58.02
N SER D 800 -7.32 -60.05 -59.15
CA SER D 800 -8.62 -60.66 -59.43
C SER D 800 -8.48 -62.18 -59.27
N ARG D 801 -7.55 -62.76 -60.01
CA ARG D 801 -7.43 -64.22 -59.97
C ARG D 801 -7.04 -64.83 -58.63
N VAL D 802 -6.20 -64.21 -57.81
CA VAL D 802 -5.89 -64.78 -56.47
C VAL D 802 -7.15 -64.85 -55.61
N GLN D 803 -7.93 -63.77 -55.67
CA GLN D 803 -9.16 -63.74 -54.91
C GLN D 803 -10.03 -64.88 -55.42
N VAL D 804 -10.16 -64.99 -56.73
CA VAL D 804 -11.08 -66.02 -57.22
C VAL D 804 -10.56 -67.40 -56.84
N PHE D 805 -9.25 -67.56 -56.75
CA PHE D 805 -8.69 -68.84 -56.31
C PHE D 805 -9.18 -69.15 -54.90
N LEU D 806 -9.24 -68.12 -54.06
CA LEU D 806 -9.76 -68.30 -52.71
C LEU D 806 -11.25 -68.48 -52.76
N ARG D 807 -11.88 -67.96 -53.81
CA ARG D 807 -13.32 -68.13 -53.96
C ARG D 807 -13.62 -69.56 -54.37
N ARG D 808 -12.71 -70.16 -55.14
CA ARG D 808 -12.89 -71.54 -55.54
C ARG D 808 -12.32 -72.45 -54.46
N LEU D 809 -11.74 -71.85 -53.43
CA LEU D 809 -11.23 -72.64 -52.31
C LEU D 809 -12.35 -72.79 -51.32
N LEU D 810 -12.14 -73.61 -50.29
CA LEU D 810 -13.16 -73.79 -49.26
C LEU D 810 -13.47 -72.48 -48.55
N GLU D 811 -12.53 -71.54 -48.59
CA GLU D 811 -12.75 -70.24 -47.97
C GLU D 811 -14.08 -69.65 -48.41
N LEU D 812 -14.36 -69.70 -49.70
CA LEU D 812 -15.65 -69.21 -50.18
C LEU D 812 -16.61 -70.34 -50.46
N HIS D 813 -16.14 -71.47 -51.00
CA HIS D 813 -17.09 -72.53 -51.36
C HIS D 813 -18.12 -72.84 -50.30
N VAL D 814 -17.80 -72.56 -49.06
CA VAL D 814 -18.60 -73.03 -47.94
C VAL D 814 -18.79 -72.02 -46.83
N PHE D 815 -17.69 -71.57 -46.22
CA PHE D 815 -17.80 -70.67 -45.07
C PHE D 815 -18.76 -69.50 -45.27
N LYS D 816 -18.49 -68.67 -46.27
CA LYS D 816 -19.33 -67.50 -46.52
C LYS D 816 -20.78 -67.85 -46.79
N LEU D 817 -21.00 -68.94 -47.51
CA LEU D 817 -22.34 -69.37 -47.82
C LEU D 817 -23.11 -69.69 -46.56
N VAL D 818 -22.56 -70.56 -45.73
CA VAL D 818 -23.26 -70.96 -44.52
C VAL D 818 -23.38 -69.80 -43.52
N ALA D 819 -22.44 -68.87 -43.54
CA ALA D 819 -22.58 -67.70 -42.67
C ALA D 819 -23.88 -66.98 -42.97
N LEU D 820 -24.09 -66.66 -44.24
CA LEU D 820 -25.30 -65.97 -44.63
C LEU D 820 -26.51 -66.84 -44.41
N TYR D 821 -26.37 -68.14 -44.60
CA TYR D 821 -27.48 -69.04 -44.37
C TYR D 821 -27.95 -68.98 -42.93
N THR D 822 -27.04 -69.12 -41.99
CA THR D 822 -27.41 -69.06 -40.58
C THR D 822 -28.06 -67.74 -40.21
N VAL D 823 -27.50 -66.64 -40.71
CA VAL D 823 -28.09 -65.34 -40.43
C VAL D 823 -29.53 -65.28 -40.96
N TRP D 824 -29.75 -65.78 -42.17
CA TRP D 824 -31.09 -65.69 -42.75
C TRP D 824 -31.98 -66.88 -42.48
N VAL D 825 -31.66 -67.68 -41.49
CA VAL D 825 -32.51 -68.80 -41.12
C VAL D 825 -32.74 -68.73 -39.61
N ALA D 826 -31.66 -68.80 -38.84
CA ALA D 826 -31.79 -68.79 -37.40
C ALA D 826 -32.15 -67.41 -36.90
N LEU D 827 -31.35 -66.42 -37.28
CA LEU D 827 -31.61 -65.06 -36.83
C LEU D 827 -32.76 -64.42 -37.59
N LYS D 828 -33.20 -65.05 -38.67
CA LYS D 828 -34.34 -64.52 -39.40
C LYS D 828 -35.55 -65.42 -39.22
N GLU D 829 -36.29 -65.67 -40.29
CA GLU D 829 -37.49 -66.49 -40.22
C GLU D 829 -37.17 -67.88 -39.70
N VAL D 830 -37.61 -68.17 -38.49
CA VAL D 830 -37.30 -69.45 -37.89
C VAL D 830 -38.34 -70.50 -38.21
N SER D 831 -38.43 -71.53 -37.35
CA SER D 831 -39.44 -72.58 -37.51
C SER D 831 -39.38 -73.55 -38.70
N VAL D 832 -39.68 -73.10 -39.90
CA VAL D 832 -39.72 -74.02 -41.05
C VAL D 832 -38.51 -73.96 -41.96
N MET D 833 -37.58 -73.06 -41.65
CA MET D 833 -36.36 -72.98 -42.43
C MET D 833 -35.29 -73.88 -41.84
N ASN D 834 -35.69 -74.79 -40.96
CA ASN D 834 -34.74 -75.74 -40.39
C ASN D 834 -34.22 -76.69 -41.45
N LEU D 835 -34.99 -76.89 -42.51
CA LEU D 835 -34.57 -77.77 -43.59
C LEU D 835 -33.48 -77.09 -44.41
N LEU D 836 -33.34 -75.78 -44.24
CA LEU D 836 -32.32 -75.05 -44.98
C LEU D 836 -31.09 -74.80 -44.12
N LEU D 837 -31.06 -75.40 -42.94
CA LEU D 837 -29.93 -75.19 -42.05
C LEU D 837 -29.58 -76.36 -41.15
N VAL D 838 -30.38 -76.59 -40.12
CA VAL D 838 -30.01 -77.61 -39.15
C VAL D 838 -30.15 -79.06 -39.60
N VAL D 839 -30.71 -79.30 -40.77
CA VAL D 839 -30.74 -80.67 -41.28
C VAL D 839 -29.79 -80.73 -42.45
N LEU D 840 -29.39 -79.55 -42.93
CA LEU D 840 -28.47 -79.50 -44.04
C LEU D 840 -27.09 -79.23 -43.52
N TRP D 841 -26.76 -77.96 -43.34
CA TRP D 841 -25.42 -77.58 -42.91
C TRP D 841 -24.94 -78.10 -41.57
N ALA D 842 -25.84 -78.44 -40.66
CA ALA D 842 -25.42 -79.02 -39.39
C ALA D 842 -24.85 -80.42 -39.54
N PHE D 843 -25.05 -81.05 -40.69
CA PHE D 843 -24.49 -82.37 -40.92
C PHE D 843 -23.51 -82.30 -42.09
N ALA D 844 -23.66 -81.28 -42.94
CA ALA D 844 -22.77 -81.14 -44.07
C ALA D 844 -21.44 -80.55 -43.66
N LEU D 845 -21.45 -79.69 -42.65
CA LEU D 845 -20.20 -79.15 -42.15
C LEU D 845 -19.28 -80.25 -41.61
N PRO D 846 -19.74 -81.06 -40.61
CA PRO D 846 -18.81 -82.11 -40.18
C PRO D 846 -18.39 -83.05 -41.28
N TYR D 847 -19.34 -83.59 -42.04
CA TYR D 847 -19.01 -84.54 -43.09
C TYR D 847 -19.10 -83.86 -44.43
N PRO D 848 -17.95 -83.46 -44.99
CA PRO D 848 -17.98 -82.69 -46.24
C PRO D 848 -18.24 -83.51 -47.49
N ARG D 849 -18.53 -84.79 -47.35
CA ARG D 849 -18.86 -85.62 -48.50
C ARG D 849 -20.05 -85.04 -49.23
N PHE D 850 -21.06 -84.65 -48.47
CA PHE D 850 -22.25 -84.08 -49.08
C PHE D 850 -22.33 -82.58 -48.96
N ARG D 851 -21.20 -81.91 -48.86
CA ARG D 851 -21.23 -80.45 -48.85
C ARG D 851 -21.80 -79.85 -50.14
N PRO D 852 -21.38 -80.31 -51.36
CA PRO D 852 -22.05 -79.67 -52.52
C PRO D 852 -23.50 -80.12 -52.76
N MET D 853 -23.76 -81.38 -52.43
CA MET D 853 -25.11 -81.90 -52.57
C MET D 853 -26.01 -81.08 -51.67
N ALA D 854 -25.55 -80.83 -50.45
CA ALA D 854 -26.32 -80.02 -49.53
C ALA D 854 -26.63 -78.68 -50.14
N SER D 855 -25.63 -77.99 -50.71
CA SER D 855 -25.86 -76.71 -51.39
C SER D 855 -26.92 -76.75 -52.50
N CYS D 856 -26.85 -77.77 -53.36
CA CYS D 856 -27.88 -77.88 -54.39
C CYS D 856 -29.29 -78.08 -53.78
N LEU D 857 -29.36 -78.96 -52.79
CA LEU D 857 -30.65 -79.22 -52.17
C LEU D 857 -31.15 -77.94 -51.54
N SER D 858 -30.24 -77.12 -51.01
CA SER D 858 -30.59 -75.86 -50.38
C SER D 858 -31.19 -74.92 -51.38
N THR D 859 -30.54 -74.76 -52.52
CA THR D 859 -31.15 -73.96 -53.57
C THR D 859 -32.57 -74.46 -53.75
N VAL D 860 -32.72 -75.75 -54.05
CA VAL D 860 -34.06 -76.26 -54.33
C VAL D 860 -35.08 -75.91 -53.24
N TRP D 861 -34.72 -76.13 -51.99
CA TRP D 861 -35.63 -75.90 -50.89
C TRP D 861 -35.98 -74.47 -50.65
N THR D 862 -35.06 -73.53 -50.80
CA THR D 862 -35.51 -72.16 -50.60
C THR D 862 -36.31 -71.71 -51.79
N CYS D 863 -36.06 -72.30 -52.96
CA CYS D 863 -36.91 -71.97 -54.09
C CYS D 863 -38.32 -72.39 -53.64
N VAL D 864 -38.45 -73.61 -53.13
CA VAL D 864 -39.75 -74.09 -52.65
C VAL D 864 -40.36 -73.15 -51.61
N ILE D 865 -39.55 -72.67 -50.68
CA ILE D 865 -40.01 -71.77 -49.63
C ILE D 865 -40.57 -70.48 -50.20
N ILE D 866 -39.86 -69.85 -51.13
CA ILE D 866 -40.44 -68.65 -51.74
C ILE D 866 -41.72 -69.00 -52.50
N VAL D 867 -41.75 -70.12 -53.23
CA VAL D 867 -42.99 -70.53 -53.90
C VAL D 867 -44.14 -70.54 -52.89
N CYS D 868 -43.92 -71.18 -51.75
CA CYS D 868 -44.96 -71.26 -50.74
C CYS D 868 -45.37 -69.90 -50.18
N LYS D 869 -44.41 -69.06 -49.82
CA LYS D 869 -44.77 -67.79 -49.20
C LYS D 869 -45.34 -66.81 -50.22
N MET D 870 -45.33 -67.21 -51.48
CA MET D 870 -45.79 -66.31 -52.54
C MET D 870 -47.25 -66.01 -52.26
N LEU D 871 -48.03 -67.04 -51.99
CA LEU D 871 -49.44 -66.83 -51.66
C LEU D 871 -49.60 -66.49 -50.18
N TYR D 872 -48.73 -65.64 -49.65
CA TYR D 872 -48.78 -65.24 -48.23
C TYR D 872 -49.39 -66.27 -47.28
N GLN D 873 -50.42 -65.87 -46.54
CA GLN D 873 -51.12 -66.79 -45.64
C GLN D 873 -52.48 -66.23 -45.26
N LEU D 874 -52.77 -65.01 -45.71
CA LEU D 874 -54.03 -64.36 -45.37
C LEU D 874 -55.29 -64.83 -46.10
N LYS D 875 -55.21 -65.88 -46.92
CA LYS D 875 -56.42 -66.35 -47.56
C LYS D 875 -57.28 -67.08 -46.55
N VAL D 876 -58.49 -66.56 -46.29
CA VAL D 876 -59.41 -67.17 -45.31
C VAL D 876 -58.73 -67.83 -44.11
N VAL D 877 -58.06 -67.02 -43.29
CA VAL D 877 -57.38 -67.58 -42.13
C VAL D 877 -58.39 -68.02 -41.09
N ASN D 878 -58.33 -69.29 -40.70
CA ASN D 878 -59.21 -69.77 -39.65
C ASN D 878 -58.36 -70.37 -38.55
N PRO D 879 -57.80 -69.52 -37.67
CA PRO D 879 -56.91 -70.03 -36.63
C PRO D 879 -57.68 -70.50 -35.40
N ASN D 915 -50.16 -79.07 -39.11
CA ASN D 915 -50.79 -77.77 -38.91
C ASN D 915 -49.86 -76.84 -38.17
N TRP D 916 -49.42 -77.25 -36.98
CA TRP D 916 -48.56 -76.40 -36.19
C TRP D 916 -47.11 -76.74 -36.40
N PHE D 917 -46.33 -75.77 -36.87
CA PHE D 917 -44.91 -75.97 -37.05
C PHE D 917 -44.29 -74.65 -36.71
N GLY D 918 -44.82 -73.99 -35.70
CA GLY D 918 -44.33 -72.66 -35.39
C GLY D 918 -44.79 -71.73 -36.49
N VAL D 919 -46.07 -71.79 -36.84
CA VAL D 919 -46.59 -70.96 -37.94
C VAL D 919 -46.42 -69.48 -37.68
N ARG D 920 -45.51 -68.86 -38.41
CA ARG D 920 -45.30 -67.42 -38.26
C ARG D 920 -46.18 -66.70 -39.26
N LYS D 921 -46.54 -67.38 -40.36
CA LYS D 921 -47.40 -66.79 -41.43
C LYS D 921 -46.75 -65.67 -42.26
N GLY D 922 -46.79 -65.82 -43.57
CA GLY D 922 -46.19 -64.82 -44.43
C GLY D 922 -47.05 -63.60 -44.68
N PHE D 923 -47.24 -62.78 -43.66
CA PHE D 923 -48.10 -61.62 -43.80
C PHE D 923 -47.52 -60.48 -44.67
N PRO D 924 -46.28 -60.05 -44.41
CA PRO D 924 -45.80 -58.99 -45.32
C PRO D 924 -45.65 -59.48 -46.75
N ASN D 925 -45.59 -58.58 -47.71
CA ASN D 925 -45.29 -59.03 -49.07
C ASN D 925 -43.79 -58.85 -49.28
N LEU D 926 -43.38 -57.63 -49.64
CA LEU D 926 -41.97 -57.34 -49.90
C LEU D 926 -41.03 -57.82 -48.81
N GLY D 927 -41.15 -57.27 -47.60
CA GLY D 927 -40.25 -57.64 -46.52
C GLY D 927 -40.14 -59.13 -46.31
N TYR D 928 -41.27 -59.84 -46.40
CA TYR D 928 -41.28 -61.29 -46.20
C TYR D 928 -40.53 -62.02 -47.29
N ILE D 929 -40.80 -61.72 -48.55
CA ILE D 929 -40.00 -62.38 -49.60
C ILE D 929 -38.54 -61.91 -49.63
N GLN D 930 -38.22 -60.84 -48.91
CA GLN D 930 -36.87 -60.27 -48.94
C GLN D 930 -35.58 -60.91 -48.39
N ASN D 931 -35.60 -62.11 -47.81
CA ASN D 931 -34.30 -62.67 -47.43
C ASN D 931 -33.95 -64.04 -48.02
N HIS D 932 -34.95 -64.91 -48.19
CA HIS D 932 -34.68 -66.24 -48.72
C HIS D 932 -34.07 -66.12 -50.09
N LEU D 933 -34.55 -65.14 -50.87
CA LEU D 933 -34.01 -64.92 -52.20
C LEU D 933 -32.57 -64.45 -52.12
N GLN D 934 -32.21 -63.72 -51.07
CA GLN D 934 -30.83 -63.30 -50.94
C GLN D 934 -29.85 -64.49 -50.86
N VAL D 935 -30.19 -65.53 -50.09
CA VAL D 935 -29.34 -66.72 -50.03
C VAL D 935 -29.42 -67.56 -51.28
N LEU D 936 -30.54 -67.52 -51.97
CA LEU D 936 -30.67 -68.24 -53.22
C LEU D 936 -29.68 -67.65 -54.19
N LEU D 937 -29.63 -66.32 -54.24
CA LEU D 937 -28.70 -65.65 -55.12
C LEU D 937 -27.26 -65.90 -54.70
N LEU D 938 -27.02 -65.97 -53.39
CA LEU D 938 -25.68 -66.25 -52.89
C LEU D 938 -25.18 -67.61 -53.34
N LEU D 939 -26.06 -68.63 -53.32
CA LEU D 939 -25.67 -69.94 -53.80
C LEU D 939 -25.26 -69.78 -55.25
N VAL D 940 -26.11 -69.14 -56.04
CA VAL D 940 -25.81 -68.92 -57.43
C VAL D 940 -24.45 -68.26 -57.62
N PHE D 941 -24.16 -67.21 -56.84
CA PHE D 941 -22.90 -66.50 -57.00
C PHE D 941 -21.71 -67.38 -56.70
N GLU D 942 -21.81 -68.19 -55.65
CA GLU D 942 -20.74 -69.11 -55.33
C GLU D 942 -20.56 -70.12 -56.44
N ALA D 943 -21.66 -70.66 -56.93
CA ALA D 943 -21.58 -71.59 -58.05
C ALA D 943 -20.93 -70.94 -59.25
N ILE D 944 -21.28 -69.69 -59.56
CA ILE D 944 -20.66 -68.99 -60.68
C ILE D 944 -19.15 -68.96 -60.52
N VAL D 945 -18.66 -68.48 -59.38
CA VAL D 945 -17.20 -68.37 -59.22
C VAL D 945 -16.54 -69.74 -59.20
N TYR D 946 -17.30 -70.76 -58.80
CA TYR D 946 -16.74 -72.11 -58.80
C TYR D 946 -16.59 -72.60 -60.23
N ARG D 947 -17.68 -72.63 -60.97
CA ARG D 947 -17.64 -73.12 -62.34
C ARG D 947 -16.74 -72.27 -63.24
N ARG D 948 -16.56 -71.00 -62.89
CA ARG D 948 -15.65 -70.15 -63.65
C ARG D 948 -14.27 -70.76 -63.60
N GLN D 949 -13.75 -70.95 -62.39
CA GLN D 949 -12.42 -71.49 -62.26
C GLN D 949 -12.37 -72.99 -62.48
N GLU D 950 -13.52 -73.65 -62.54
CA GLU D 950 -13.53 -75.07 -62.84
C GLU D 950 -13.14 -75.21 -64.29
N HIS D 951 -13.70 -74.35 -65.15
CA HIS D 951 -13.32 -74.37 -66.56
C HIS D 951 -12.02 -73.62 -66.82
N TYR D 952 -11.58 -72.79 -65.88
CA TYR D 952 -10.29 -72.12 -66.05
C TYR D 952 -9.19 -73.11 -65.74
N ARG D 953 -9.52 -74.16 -65.00
CA ARG D 953 -8.55 -75.19 -64.72
C ARG D 953 -8.70 -76.32 -65.72
N ARG D 954 -9.92 -76.50 -66.25
CA ARG D 954 -10.14 -77.52 -67.26
C ARG D 954 -9.39 -77.10 -68.50
N GLN D 955 -9.65 -75.88 -68.96
CA GLN D 955 -8.93 -75.37 -70.11
C GLN D 955 -8.01 -74.28 -69.62
N HIS D 956 -7.95 -73.16 -70.34
CA HIS D 956 -7.13 -72.01 -69.93
C HIS D 956 -5.93 -72.32 -69.03
N GLY D 970 5.14 -71.30 -49.05
CA GLY D 970 5.98 -72.48 -49.12
C GLY D 970 6.00 -73.22 -47.81
N THR D 971 5.65 -74.50 -47.84
CA THR D 971 5.58 -75.30 -46.61
C THR D 971 6.89 -75.39 -45.85
N ARG D 972 7.08 -74.54 -44.83
CA ARG D 972 8.30 -74.53 -44.01
C ARG D 972 9.62 -74.15 -44.71
N GLN D 973 9.60 -73.97 -46.01
CA GLN D 973 10.82 -73.61 -46.72
C GLN D 973 10.85 -72.12 -46.87
N GLN D 974 9.68 -71.52 -47.14
CA GLN D 974 9.60 -70.09 -47.25
C GLN D 974 9.67 -69.51 -45.86
N LEU D 975 9.24 -70.29 -44.87
CA LEU D 975 9.28 -69.84 -43.49
C LEU D 975 10.56 -69.12 -43.10
N ASP D 976 11.69 -69.80 -43.20
CA ASP D 976 12.94 -69.21 -42.76
C ASP D 976 13.59 -68.26 -43.77
N GLN D 977 12.90 -67.94 -44.85
CA GLN D 977 13.45 -67.01 -45.83
C GLN D 977 13.39 -65.60 -45.28
N ASP D 978 12.20 -65.00 -45.29
CA ASP D 978 12.05 -63.65 -44.76
C ASP D 978 10.63 -63.39 -44.33
N LEU D 979 10.26 -62.11 -44.24
CA LEU D 979 8.93 -61.75 -43.78
C LEU D 979 7.90 -62.18 -44.78
N LEU D 980 8.19 -62.01 -46.06
CA LEU D 980 7.27 -62.46 -47.10
C LEU D 980 7.08 -63.95 -46.99
N GLY D 981 8.16 -64.68 -46.75
CA GLY D 981 8.06 -66.11 -46.59
C GLY D 981 7.17 -66.52 -45.44
N CYS D 982 7.36 -65.92 -44.28
CA CYS D 982 6.51 -66.20 -43.13
C CYS D 982 5.06 -65.93 -43.48
N LEU D 983 4.79 -64.76 -44.05
CA LEU D 983 3.44 -64.41 -44.43
C LEU D 983 2.84 -65.46 -45.32
N LYS D 984 3.51 -65.76 -46.42
CA LYS D 984 3.00 -66.73 -47.36
C LYS D 984 2.65 -68.03 -46.69
N TYR D 985 3.59 -68.56 -45.91
CA TYR D 985 3.37 -69.84 -45.24
C TYR D 985 2.06 -69.84 -44.50
N PHE D 986 1.82 -68.82 -43.67
CA PHE D 986 0.62 -68.80 -42.84
C PHE D 986 -0.67 -68.45 -43.56
N ILE D 987 -0.57 -67.76 -44.69
CA ILE D 987 -1.77 -67.34 -45.37
C ILE D 987 -2.30 -68.65 -45.91
N ASN D 988 -1.39 -69.51 -46.34
CA ASN D 988 -1.78 -70.81 -46.87
C ASN D 988 -2.03 -71.85 -45.81
N PHE D 989 -1.35 -71.76 -44.67
CA PHE D 989 -1.46 -72.81 -43.66
C PHE D 989 -1.75 -72.33 -42.25
N PHE D 990 -2.78 -71.51 -42.07
CA PHE D 990 -3.15 -71.10 -40.73
C PHE D 990 -3.89 -72.23 -40.04
N PHE D 991 -5.16 -72.39 -40.40
CA PHE D 991 -5.99 -73.43 -39.82
C PHE D 991 -5.33 -74.80 -39.87
N TYR D 992 -4.38 -74.98 -40.77
CA TYR D 992 -3.66 -76.24 -40.81
C TYR D 992 -3.11 -76.57 -39.43
N LYS D 993 -2.47 -75.59 -38.81
CA LYS D 993 -1.87 -75.82 -37.50
C LYS D 993 -2.62 -75.14 -36.37
N PHE D 994 -3.01 -73.88 -36.56
CA PHE D 994 -3.65 -73.14 -35.48
C PHE D 994 -5.10 -73.52 -35.21
N GLY D 995 -5.74 -74.18 -36.16
CA GLY D 995 -7.14 -74.55 -36.02
C GLY D 995 -7.62 -75.12 -34.69
N LEU D 996 -6.80 -75.94 -34.06
CA LEU D 996 -7.20 -76.55 -32.79
C LEU D 996 -7.26 -75.49 -31.72
N GLU D 997 -6.24 -74.65 -31.66
CA GLU D 997 -6.22 -73.56 -30.68
C GLU D 997 -7.35 -72.63 -31.01
N ILE D 998 -7.68 -72.53 -32.29
CA ILE D 998 -8.77 -71.67 -32.73
C ILE D 998 -10.09 -72.17 -32.16
N CYS D 999 -10.41 -73.43 -32.44
CA CYS D 999 -11.64 -74.01 -31.92
C CYS D 999 -11.76 -73.82 -30.40
N PHE D 1000 -10.67 -74.04 -29.68
CA PHE D 1000 -10.71 -73.86 -28.23
C PHE D 1000 -11.15 -72.44 -27.88
N LEU D 1001 -10.66 -71.46 -28.62
CA LEU D 1001 -11.03 -70.09 -28.35
C LEU D 1001 -12.39 -69.74 -28.90
N MET D 1002 -12.86 -70.48 -29.89
CA MET D 1002 -14.21 -70.26 -30.41
C MET D 1002 -15.22 -70.80 -29.41
N ALA D 1003 -14.86 -71.84 -28.67
CA ALA D 1003 -15.75 -72.34 -27.64
C ALA D 1003 -15.89 -71.32 -26.52
N VAL D 1004 -14.80 -70.64 -26.21
CA VAL D 1004 -14.86 -69.58 -25.21
C VAL D 1004 -15.75 -68.46 -25.70
N ASN D 1005 -15.69 -68.13 -26.99
CA ASN D 1005 -16.57 -67.12 -27.54
C ASN D 1005 -18.02 -67.48 -27.32
N VAL D 1006 -18.40 -68.71 -27.67
CA VAL D 1006 -19.77 -69.13 -27.45
C VAL D 1006 -20.15 -69.01 -25.99
N ILE D 1007 -19.31 -69.50 -25.10
CA ILE D 1007 -19.57 -69.39 -23.67
C ILE D 1007 -19.86 -67.95 -23.26
N GLY D 1008 -19.06 -67.00 -23.72
CA GLY D 1008 -19.25 -65.61 -23.35
C GLY D 1008 -20.44 -64.91 -23.96
N GLN D 1009 -20.82 -65.31 -25.17
CA GLN D 1009 -21.97 -64.71 -25.82
C GLN D 1009 -23.20 -65.53 -25.58
N ARG D 1010 -23.34 -66.06 -24.37
CA ARG D 1010 -24.48 -66.90 -24.06
C ARG D 1010 -24.65 -66.95 -22.55
N MET D 1011 -23.67 -67.52 -21.84
CA MET D 1011 -23.71 -67.64 -20.39
C MET D 1011 -24.97 -68.29 -19.85
N ASN D 1012 -25.50 -69.27 -20.56
CA ASN D 1012 -26.71 -69.97 -20.13
C ASN D 1012 -26.34 -71.31 -19.54
N PHE D 1013 -27.29 -72.23 -19.55
CA PHE D 1013 -27.00 -73.57 -19.06
C PHE D 1013 -26.64 -74.40 -20.27
N LEU D 1014 -27.10 -73.96 -21.44
CA LEU D 1014 -26.81 -74.69 -22.65
C LEU D 1014 -25.31 -74.69 -22.96
N VAL D 1015 -24.63 -73.60 -22.62
CA VAL D 1015 -23.21 -73.52 -22.88
C VAL D 1015 -22.36 -74.21 -21.83
N THR D 1016 -22.96 -74.75 -20.79
CA THR D 1016 -22.16 -75.51 -19.84
C THR D 1016 -21.78 -76.78 -20.58
N LEU D 1017 -22.62 -77.23 -21.49
CA LEU D 1017 -22.29 -78.40 -22.29
C LEU D 1017 -21.10 -78.13 -23.17
N HIS D 1018 -21.09 -76.97 -23.83
CA HIS D 1018 -19.94 -76.60 -24.66
C HIS D 1018 -18.70 -76.54 -23.80
N GLY D 1019 -18.81 -75.91 -22.63
CA GLY D 1019 -17.68 -75.79 -21.74
C GLY D 1019 -17.19 -77.09 -21.17
N CYS D 1020 -18.09 -78.04 -20.96
CA CYS D 1020 -17.71 -79.34 -20.44
C CYS D 1020 -16.91 -80.07 -21.50
N TRP D 1021 -17.35 -79.95 -22.75
CA TRP D 1021 -16.61 -80.56 -23.83
C TRP D 1021 -15.26 -79.89 -23.99
N LEU D 1022 -15.20 -78.58 -23.77
CA LEU D 1022 -13.93 -77.87 -23.84
C LEU D 1022 -12.96 -78.47 -22.85
N VAL D 1023 -13.40 -78.63 -21.60
CA VAL D 1023 -12.55 -79.25 -20.60
C VAL D 1023 -12.09 -80.63 -21.07
N ALA D 1024 -13.02 -81.45 -21.54
CA ALA D 1024 -12.68 -82.79 -22.01
C ALA D 1024 -11.56 -82.78 -23.05
N ILE D 1025 -11.71 -81.99 -24.11
CA ILE D 1025 -10.70 -81.97 -25.15
C ILE D 1025 -9.44 -81.21 -24.76
N LEU D 1026 -9.49 -80.45 -23.67
CA LEU D 1026 -8.29 -79.77 -23.21
C LEU D 1026 -7.54 -80.62 -22.20
N THR D 1027 -8.22 -81.60 -21.62
CA THR D 1027 -7.54 -82.52 -20.71
C THR D 1027 -7.03 -83.70 -21.50
N ARG D 1028 -7.14 -83.63 -22.82
CA ARG D 1028 -6.64 -84.70 -23.66
C ARG D 1028 -5.22 -84.34 -24.08
N ARG D 1029 -4.76 -83.13 -23.73
CA ARG D 1029 -3.39 -82.68 -24.02
C ARG D 1029 -2.81 -83.04 -25.38
N HIS D 1030 -2.12 -84.17 -25.47
CA HIS D 1030 -1.52 -84.60 -26.73
C HIS D 1030 -2.51 -84.55 -27.88
N ARG D 1031 -2.14 -83.89 -28.96
CA ARG D 1031 -3.06 -83.72 -30.09
C ARG D 1031 -3.59 -85.00 -30.73
N GLN D 1032 -2.93 -86.12 -30.49
CA GLN D 1032 -3.37 -87.39 -31.04
C GLN D 1032 -4.61 -87.89 -30.31
N ALA D 1033 -4.68 -87.65 -29.01
CA ALA D 1033 -5.85 -88.06 -28.24
C ALA D 1033 -7.02 -87.13 -28.49
N ILE D 1034 -6.74 -85.88 -28.78
CA ILE D 1034 -7.81 -84.94 -29.09
C ILE D 1034 -8.38 -85.31 -30.45
N ALA D 1035 -7.56 -85.91 -31.31
CA ALA D 1035 -8.02 -86.27 -32.65
C ALA D 1035 -9.03 -87.41 -32.67
N ARG D 1036 -8.98 -88.30 -31.69
CA ARG D 1036 -9.97 -89.37 -31.63
C ARG D 1036 -11.20 -88.96 -30.86
N LEU D 1037 -11.16 -87.78 -30.23
CA LEU D 1037 -12.33 -87.28 -29.54
C LEU D 1037 -13.01 -86.30 -30.46
N TRP D 1038 -12.34 -85.96 -31.55
CA TRP D 1038 -12.88 -85.01 -32.52
C TRP D 1038 -14.13 -85.41 -33.29
N PRO D 1039 -14.24 -86.67 -33.75
CA PRO D 1039 -15.51 -86.98 -34.43
C PRO D 1039 -16.71 -86.84 -33.50
N ASN D 1040 -16.53 -87.17 -32.23
CA ASN D 1040 -17.62 -87.06 -31.27
C ASN D 1040 -17.87 -85.61 -30.88
N TYR D 1041 -16.83 -84.78 -30.88
CA TYR D 1041 -17.01 -83.36 -30.59
C TYR D 1041 -17.80 -82.73 -31.71
N CYS D 1042 -17.42 -83.01 -32.94
CA CYS D 1042 -18.14 -82.46 -34.08
C CYS D 1042 -19.57 -82.95 -34.10
N LEU D 1043 -19.79 -84.21 -33.72
CA LEU D 1043 -21.15 -84.72 -33.65
C LEU D 1043 -21.94 -83.92 -32.64
N PHE D 1044 -21.40 -83.77 -31.43
CA PHE D 1044 -22.08 -83.00 -30.40
C PHE D 1044 -22.47 -81.64 -30.94
N LEU D 1045 -21.53 -80.92 -31.55
CA LEU D 1045 -21.82 -79.59 -32.05
C LEU D 1045 -22.96 -79.59 -33.04
N ALA D 1046 -22.93 -80.51 -33.99
CA ALA D 1046 -23.98 -80.58 -34.99
C ALA D 1046 -25.34 -80.85 -34.37
N LEU D 1047 -25.42 -81.85 -33.50
CA LEU D 1047 -26.67 -82.17 -32.85
C LEU D 1047 -27.18 -81.02 -31.99
N PHE D 1048 -26.25 -80.30 -31.37
CA PHE D 1048 -26.62 -79.17 -30.53
C PHE D 1048 -27.25 -78.06 -31.35
N LEU D 1049 -26.72 -77.78 -32.53
CA LEU D 1049 -27.33 -76.77 -33.39
C LEU D 1049 -28.76 -77.17 -33.70
N LEU D 1050 -28.96 -78.44 -34.05
CA LEU D 1050 -30.30 -78.94 -34.34
C LEU D 1050 -31.22 -78.78 -33.15
N TYR D 1051 -30.78 -79.19 -31.97
CA TYR D 1051 -31.58 -79.03 -30.77
C TYR D 1051 -31.91 -77.57 -30.53
N GLN D 1052 -30.92 -76.70 -30.67
CA GLN D 1052 -31.14 -75.28 -30.43
C GLN D 1052 -32.27 -74.74 -31.29
N TYR D 1053 -32.32 -75.14 -32.55
CA TYR D 1053 -33.43 -74.72 -33.40
C TYR D 1053 -34.72 -75.29 -32.85
N LEU D 1054 -34.77 -76.61 -32.69
CA LEU D 1054 -35.98 -77.26 -32.19
C LEU D 1054 -36.40 -76.72 -30.83
N LEU D 1055 -35.55 -75.90 -30.22
CA LEU D 1055 -35.89 -75.31 -28.94
C LEU D 1055 -36.41 -73.91 -29.22
N CYS D 1056 -35.91 -73.30 -30.29
CA CYS D 1056 -36.38 -71.98 -30.67
C CYS D 1056 -37.65 -72.07 -31.50
N LEU D 1057 -37.88 -73.22 -32.13
CA LEU D 1057 -39.11 -73.42 -32.90
C LEU D 1057 -40.10 -74.19 -32.07
N GLY D 1058 -39.95 -75.51 -32.03
CA GLY D 1058 -40.84 -76.33 -31.23
C GLY D 1058 -40.82 -75.89 -29.79
N SER D 1096 -31.78 -67.34 -33.42
CA SER D 1096 -31.13 -66.59 -32.37
C SER D 1096 -29.67 -66.30 -32.71
N THR D 1097 -29.01 -65.48 -31.89
CA THR D 1097 -27.60 -65.16 -32.12
C THR D 1097 -26.74 -66.26 -31.55
N ASN D 1098 -27.25 -66.97 -30.56
CA ASN D 1098 -26.52 -68.06 -29.97
C ASN D 1098 -26.36 -69.16 -31.00
N LEU D 1099 -27.34 -69.31 -31.88
CA LEU D 1099 -27.25 -70.31 -32.93
C LEU D 1099 -26.09 -69.99 -33.86
N ILE D 1100 -25.89 -68.72 -34.18
CA ILE D 1100 -24.76 -68.34 -35.03
C ILE D 1100 -23.42 -68.63 -34.36
N SER D 1101 -23.34 -68.47 -33.05
CA SER D 1101 -22.11 -68.76 -32.34
C SER D 1101 -21.80 -70.25 -32.35
N ASP D 1102 -22.81 -71.09 -32.15
CA ASP D 1102 -22.60 -72.53 -32.22
C ASP D 1102 -22.30 -72.96 -33.64
N PHE D 1103 -22.81 -72.23 -34.63
CA PHE D 1103 -22.50 -72.53 -36.01
C PHE D 1103 -21.01 -72.22 -36.25
N LEU D 1104 -20.53 -71.10 -35.75
CA LEU D 1104 -19.14 -70.73 -35.97
C LEU D 1104 -18.23 -71.80 -35.38
N LEU D 1105 -18.54 -72.23 -34.16
CA LEU D 1105 -17.75 -73.28 -33.54
C LEU D 1105 -17.82 -74.55 -34.36
N LEU D 1106 -19.00 -74.92 -34.82
CA LEU D 1106 -19.15 -76.13 -35.64
C LEU D 1106 -18.30 -75.98 -36.88
N LEU D 1107 -18.51 -74.92 -37.64
CA LEU D 1107 -17.73 -74.69 -38.85
C LEU D 1107 -16.25 -74.84 -38.61
N CYS D 1108 -15.72 -74.14 -37.60
CA CYS D 1108 -14.29 -74.20 -37.33
C CYS D 1108 -13.83 -75.61 -36.96
N ALA D 1109 -14.48 -76.22 -35.99
CA ALA D 1109 -14.07 -77.55 -35.56
C ALA D 1109 -14.27 -78.59 -36.65
N SER D 1110 -15.22 -78.37 -37.55
CA SER D 1110 -15.43 -79.29 -38.65
C SER D 1110 -14.26 -79.20 -39.60
N GLN D 1111 -13.81 -77.98 -39.87
CA GLN D 1111 -12.65 -77.81 -40.72
C GLN D 1111 -11.40 -78.40 -40.08
N GLN D 1112 -11.32 -78.37 -38.74
CA GLN D 1112 -10.19 -78.97 -38.06
C GLN D 1112 -10.30 -80.47 -38.03
N TRP D 1113 -11.50 -81.01 -38.20
CA TRP D 1113 -11.64 -82.45 -38.27
C TRP D 1113 -11.22 -82.87 -39.65
N GLN D 1114 -11.36 -81.96 -40.62
CA GLN D 1114 -10.93 -82.24 -41.98
C GLN D 1114 -9.47 -81.91 -42.17
N VAL D 1115 -8.76 -81.60 -41.09
CA VAL D 1115 -7.34 -81.35 -41.17
C VAL D 1115 -6.67 -82.34 -40.23
N PHE D 1116 -7.14 -82.41 -38.99
CA PHE D 1116 -6.60 -83.32 -37.98
C PHE D 1116 -6.21 -84.68 -38.51
N SER D 1117 -7.19 -85.42 -39.01
CA SER D 1117 -6.90 -86.77 -39.49
C SER D 1117 -6.87 -86.85 -40.99
N ALA D 1118 -6.51 -85.75 -41.65
CA ALA D 1118 -6.51 -85.73 -43.09
C ALA D 1118 -5.26 -85.09 -43.65
N GLU D 1119 -5.22 -83.77 -43.65
CA GLU D 1119 -4.08 -83.07 -44.22
C GLU D 1119 -2.80 -83.27 -43.42
N ARG D 1120 -2.94 -83.49 -42.12
CA ARG D 1120 -1.77 -83.74 -41.28
C ARG D 1120 -1.29 -85.17 -41.42
N THR D 1121 -2.21 -86.08 -41.74
CA THR D 1121 -1.84 -87.47 -41.92
C THR D 1121 -1.61 -87.82 -43.38
N TYR D 1154 16.32 -60.25 -40.42
CA TYR D 1154 15.30 -59.31 -39.98
C TYR D 1154 14.05 -60.04 -39.53
N LEU D 1155 13.81 -61.23 -40.08
CA LEU D 1155 12.67 -62.02 -39.63
C LEU D 1155 13.11 -62.81 -38.41
N ASP D 1156 14.41 -62.82 -38.15
CA ASP D 1156 14.91 -63.51 -36.98
C ASP D 1156 14.60 -62.66 -35.77
N MET D 1157 14.48 -61.35 -35.97
CA MET D 1157 14.10 -60.47 -34.88
C MET D 1157 12.66 -60.75 -34.51
N LEU D 1158 11.82 -60.96 -35.51
CA LEU D 1158 10.43 -61.31 -35.23
C LEU D 1158 10.43 -62.63 -34.47
N LYS D 1159 11.22 -63.59 -34.94
CA LYS D 1159 11.27 -64.90 -34.29
C LYS D 1159 11.80 -64.83 -32.87
N VAL D 1160 12.58 -63.74 -32.65
CA VAL D 1160 13.16 -63.47 -31.32
C VAL D 1160 12.07 -63.16 -30.34
N ALA D 1161 11.16 -62.35 -30.76
CA ALA D 1161 10.00 -61.96 -29.98
C ALA D 1161 9.11 -63.15 -29.60
N VAL D 1162 8.51 -63.79 -30.60
CA VAL D 1162 7.67 -64.94 -30.31
C VAL D 1162 8.45 -66.07 -29.67
N PHE D 1163 9.71 -66.21 -30.06
CA PHE D 1163 10.46 -67.35 -29.55
C PHE D 1163 11.48 -67.08 -28.48
N ARG D 1164 11.13 -66.29 -27.47
CA ARG D 1164 12.02 -66.07 -26.32
C ARG D 1164 11.24 -65.36 -25.25
N TYR D 1165 10.62 -64.24 -25.61
CA TYR D 1165 9.94 -63.46 -24.60
C TYR D 1165 8.40 -63.58 -24.54
N LEU D 1166 7.80 -64.44 -25.35
CA LEU D 1166 6.36 -64.62 -25.29
C LEU D 1166 5.94 -65.20 -23.96
N PHE D 1167 6.73 -66.09 -23.38
CA PHE D 1167 6.44 -66.65 -22.05
C PHE D 1167 6.14 -65.52 -21.14
N TRP D 1168 6.85 -64.44 -21.31
CA TRP D 1168 6.69 -63.33 -20.44
C TRP D 1168 5.57 -62.36 -20.78
N LEU D 1169 5.23 -62.19 -22.03
CA LEU D 1169 4.08 -61.33 -22.34
C LEU D 1169 2.83 -61.99 -21.80
N VAL D 1170 2.81 -63.32 -21.78
CA VAL D 1170 1.67 -63.98 -21.18
C VAL D 1170 1.61 -63.64 -19.70
N LEU D 1171 2.74 -63.65 -19.01
CA LEU D 1171 2.76 -63.26 -17.60
C LEU D 1171 2.19 -61.88 -17.39
N VAL D 1172 2.45 -60.95 -18.29
CA VAL D 1172 1.86 -59.62 -18.22
C VAL D 1172 0.35 -59.69 -18.32
N VAL D 1173 -0.15 -60.44 -19.31
CA VAL D 1173 -1.58 -60.58 -19.47
C VAL D 1173 -2.16 -61.23 -18.23
N VAL D 1174 -1.56 -62.29 -17.72
CA VAL D 1174 -2.03 -62.92 -16.49
C VAL D 1174 -2.23 -61.88 -15.38
N PHE D 1175 -1.24 -61.01 -15.18
CA PHE D 1175 -1.39 -59.95 -14.18
C PHE D 1175 -2.55 -59.04 -14.49
N VAL D 1176 -2.60 -58.50 -15.69
CA VAL D 1176 -3.64 -57.53 -16.02
C VAL D 1176 -5.06 -58.11 -16.13
N THR D 1177 -5.21 -59.40 -16.42
CA THR D 1177 -6.54 -59.98 -16.45
C THR D 1177 -7.11 -59.93 -15.06
N GLY D 1178 -6.28 -60.18 -14.06
CA GLY D 1178 -6.75 -60.08 -12.69
C GLY D 1178 -7.09 -58.64 -12.38
N ALA D 1179 -6.14 -57.73 -12.60
CA ALA D 1179 -6.35 -56.31 -12.28
C ALA D 1179 -7.65 -55.75 -12.80
N THR D 1180 -7.91 -55.92 -14.09
CA THR D 1180 -9.10 -55.36 -14.70
C THR D 1180 -10.39 -55.89 -14.07
N ARG D 1181 -10.58 -57.21 -14.08
CA ARG D 1181 -11.80 -57.78 -13.54
C ARG D 1181 -11.66 -58.00 -12.05
N ILE D 1182 -12.04 -57.01 -11.24
CA ILE D 1182 -11.93 -57.12 -9.80
C ILE D 1182 -12.84 -58.20 -9.23
N SER D 1183 -12.28 -59.36 -8.91
CA SER D 1183 -13.06 -60.46 -8.38
C SER D 1183 -12.18 -61.35 -7.53
N ILE D 1184 -12.58 -62.60 -7.35
CA ILE D 1184 -11.73 -63.53 -6.63
C ILE D 1184 -10.89 -64.26 -7.64
N PHE D 1185 -11.43 -64.44 -8.85
CA PHE D 1185 -10.67 -65.08 -9.92
C PHE D 1185 -9.53 -64.16 -10.27
N GLY D 1186 -9.77 -62.87 -10.13
CA GLY D 1186 -8.73 -61.91 -10.43
C GLY D 1186 -7.58 -61.98 -9.46
N LEU D 1187 -7.88 -62.21 -8.19
CA LEU D 1187 -6.81 -62.35 -7.21
C LEU D 1187 -5.99 -63.56 -7.58
N GLY D 1188 -6.66 -64.62 -8.02
CA GLY D 1188 -5.96 -65.81 -8.45
C GLY D 1188 -5.06 -65.54 -9.64
N TYR D 1189 -5.52 -64.77 -10.61
CA TYR D 1189 -4.67 -64.41 -11.73
C TYR D 1189 -3.46 -63.63 -11.26
N LEU D 1190 -3.68 -62.68 -10.36
CA LEU D 1190 -2.58 -61.90 -9.83
C LEU D 1190 -1.55 -62.84 -9.22
N LEU D 1191 -2.01 -63.82 -8.45
CA LEU D 1191 -1.09 -64.75 -7.79
C LEU D 1191 -0.34 -65.58 -8.81
N ALA D 1192 -1.04 -66.08 -9.82
CA ALA D 1192 -0.40 -66.85 -10.87
C ALA D 1192 0.70 -66.05 -11.53
N CYS D 1193 0.46 -64.75 -11.74
CA CYS D 1193 1.54 -63.94 -12.26
C CYS D 1193 2.70 -63.85 -11.27
N PHE D 1194 2.46 -63.36 -10.06
CA PHE D 1194 3.52 -63.25 -9.05
C PHE D 1194 4.42 -64.45 -9.02
N TYR D 1195 3.86 -65.64 -9.05
CA TYR D 1195 4.57 -66.91 -8.94
C TYR D 1195 5.43 -67.12 -10.17
N LEU D 1196 4.80 -67.18 -11.33
CA LEU D 1196 5.53 -67.45 -12.56
C LEU D 1196 6.42 -66.30 -12.98
N LEU D 1197 6.56 -65.30 -12.13
CA LEU D 1197 7.48 -64.22 -12.42
C LEU D 1197 8.67 -64.57 -11.59
N LEU D 1198 8.43 -65.04 -10.37
CA LEU D 1198 9.52 -65.47 -9.52
C LEU D 1198 10.05 -66.77 -10.07
N PHE D 1199 9.34 -67.85 -9.79
CA PHE D 1199 9.72 -69.14 -10.32
C PHE D 1199 9.22 -69.16 -11.75
N GLY D 1200 10.00 -68.61 -12.66
CA GLY D 1200 9.57 -68.53 -14.04
C GLY D 1200 10.73 -68.67 -14.99
N THR D 1201 11.82 -67.97 -14.69
CA THR D 1201 13.02 -68.08 -15.53
C THR D 1201 13.51 -69.51 -15.48
N ALA D 1202 13.26 -70.18 -14.37
CA ALA D 1202 13.63 -71.58 -14.27
C ALA D 1202 12.84 -72.39 -15.28
N LEU D 1203 11.52 -72.29 -15.23
CA LEU D 1203 10.70 -73.10 -16.13
C LEU D 1203 10.49 -72.49 -17.51
N LEU D 1204 11.33 -71.53 -17.87
CA LEU D 1204 11.25 -70.99 -19.21
C LEU D 1204 12.22 -71.82 -20.00
N GLN D 1205 13.21 -72.38 -19.33
CA GLN D 1205 14.21 -73.21 -20.00
C GLN D 1205 14.10 -74.68 -19.58
N ARG D 1206 13.28 -74.96 -18.57
CA ARG D 1206 13.07 -76.34 -18.17
C ARG D 1206 11.71 -76.88 -18.58
N ASP D 1207 10.79 -76.00 -18.98
CA ASP D 1207 9.47 -76.45 -19.45
C ASP D 1207 9.34 -76.31 -20.96
N THR D 1208 10.45 -76.03 -21.63
CA THR D 1208 10.42 -75.87 -23.08
C THR D 1208 9.84 -77.10 -23.75
N ARG D 1209 10.08 -78.29 -23.20
CA ARG D 1209 9.47 -79.50 -23.74
C ARG D 1209 9.39 -80.45 -22.57
N ALA D 1210 10.26 -80.25 -21.59
CA ALA D 1210 10.27 -81.08 -20.41
C ALA D 1210 9.11 -80.75 -19.51
N ARG D 1211 7.99 -81.42 -19.72
CA ARG D 1211 6.82 -81.23 -18.86
C ARG D 1211 6.35 -79.79 -18.70
N LEU D 1212 5.57 -79.30 -19.65
CA LEU D 1212 5.01 -77.96 -19.54
C LEU D 1212 3.69 -78.06 -18.79
N VAL D 1213 3.69 -78.81 -17.69
CA VAL D 1213 2.48 -79.01 -16.91
C VAL D 1213 2.16 -77.77 -16.09
N LEU D 1214 3.13 -76.88 -15.93
CA LEU D 1214 2.88 -75.65 -15.19
C LEU D 1214 2.10 -74.75 -16.09
N TRP D 1215 2.46 -74.72 -17.35
CA TRP D 1215 1.71 -73.93 -18.28
C TRP D 1215 0.34 -74.53 -18.49
N ASP D 1216 0.26 -75.85 -18.46
CA ASP D 1216 -1.02 -76.49 -18.66
C ASP D 1216 -1.94 -76.27 -17.48
N CYS D 1217 -1.37 -76.16 -16.29
CA CYS D 1217 -2.17 -75.90 -15.11
C CYS D 1217 -2.67 -74.48 -15.12
N LEU D 1218 -1.88 -73.57 -15.65
CA LEU D 1218 -2.32 -72.19 -15.77
C LEU D 1218 -3.42 -72.12 -16.81
N ILE D 1219 -3.33 -72.93 -17.84
CA ILE D 1219 -4.39 -72.99 -18.85
C ILE D 1219 -5.66 -73.48 -18.18
N LEU D 1220 -5.57 -74.49 -17.34
CA LEU D 1220 -6.74 -75.01 -16.66
C LEU D 1220 -7.34 -73.99 -15.71
N TYR D 1221 -6.52 -73.18 -15.06
CA TYR D 1221 -7.04 -72.13 -14.22
C TYR D 1221 -7.89 -71.20 -15.05
N ASN D 1222 -7.34 -70.73 -16.16
CA ASN D 1222 -8.08 -69.84 -17.03
C ASN D 1222 -9.38 -70.48 -17.49
N VAL D 1223 -9.33 -71.72 -17.94
CA VAL D 1223 -10.54 -72.42 -18.35
C VAL D 1223 -11.59 -72.41 -17.25
N THR D 1224 -11.20 -72.80 -16.04
CA THR D 1224 -12.18 -72.87 -14.96
C THR D 1224 -12.78 -71.52 -14.62
N VAL D 1225 -12.00 -70.44 -14.74
CA VAL D 1225 -12.55 -69.11 -14.51
C VAL D 1225 -13.66 -68.85 -15.50
N ILE D 1226 -13.40 -69.07 -16.78
CA ILE D 1226 -14.41 -68.86 -17.82
C ILE D 1226 -15.61 -69.77 -17.62
N ILE D 1227 -15.36 -71.04 -17.29
CA ILE D 1227 -16.46 -71.99 -17.14
C ILE D 1227 -17.30 -71.75 -15.87
N SER D 1228 -16.71 -71.13 -14.84
CA SER D 1228 -17.47 -70.84 -13.63
C SER D 1228 -18.21 -69.55 -13.81
N LYS D 1229 -17.72 -68.69 -14.69
CA LYS D 1229 -18.42 -67.46 -14.98
C LYS D 1229 -19.59 -67.76 -15.89
N ASN D 1230 -19.58 -68.91 -16.55
CA ASN D 1230 -20.71 -69.31 -17.38
C ASN D 1230 -21.86 -69.62 -16.45
N MET D 1231 -21.57 -70.32 -15.36
CA MET D 1231 -22.59 -70.61 -14.37
C MET D 1231 -22.63 -69.47 -13.38
N LEU D 1232 -23.13 -68.32 -13.80
CA LEU D 1232 -23.15 -67.14 -12.94
C LEU D 1232 -24.12 -67.27 -11.79
N SER D 1233 -25.41 -67.05 -12.05
CA SER D 1233 -26.42 -67.12 -11.00
C SER D 1233 -27.56 -68.01 -11.43
N ALA D 1283 -16.92 -57.05 -14.67
CA ALA D 1283 -16.89 -58.51 -14.73
C ALA D 1283 -17.19 -59.02 -16.13
N GLY D 1284 -16.38 -59.96 -16.62
CA GLY D 1284 -16.59 -60.50 -17.95
C GLY D 1284 -15.49 -61.47 -18.33
N ILE D 1285 -15.73 -62.28 -19.35
CA ILE D 1285 -14.72 -63.24 -19.78
C ILE D 1285 -13.82 -62.68 -20.86
N ILE D 1286 -14.03 -61.42 -21.25
CA ILE D 1286 -13.24 -60.81 -22.32
C ILE D 1286 -11.76 -60.91 -22.00
N TRP D 1287 -11.35 -60.47 -20.82
CA TRP D 1287 -9.94 -60.48 -20.51
C TRP D 1287 -9.44 -61.89 -20.31
N ASP D 1288 -10.27 -62.76 -19.74
CA ASP D 1288 -9.88 -64.15 -19.57
C ASP D 1288 -9.71 -64.85 -20.92
N SER D 1289 -10.38 -64.39 -21.96
CA SER D 1289 -10.20 -64.98 -23.28
C SER D 1289 -8.92 -64.48 -23.91
N VAL D 1290 -8.55 -63.24 -23.63
CA VAL D 1290 -7.27 -62.75 -24.12
C VAL D 1290 -6.19 -63.58 -23.48
N CYS D 1291 -6.33 -63.83 -22.18
CA CYS D 1291 -5.38 -64.67 -21.49
C CYS D 1291 -5.33 -66.06 -22.07
N PHE D 1292 -6.49 -66.66 -22.34
CA PHE D 1292 -6.53 -67.98 -22.97
C PHE D 1292 -5.75 -68.00 -24.25
N PHE D 1293 -5.95 -67.01 -25.11
CA PHE D 1293 -5.20 -66.93 -26.35
C PHE D 1293 -3.70 -66.95 -26.07
N PHE D 1294 -3.25 -66.05 -25.21
CA PHE D 1294 -1.82 -65.96 -24.94
C PHE D 1294 -1.28 -67.22 -24.29
N LEU D 1295 -2.02 -67.80 -23.36
CA LEU D 1295 -1.59 -69.02 -22.71
C LEU D 1295 -1.46 -70.12 -23.72
N LEU D 1296 -2.45 -70.27 -24.58
CA LEU D 1296 -2.41 -71.30 -25.60
C LEU D 1296 -1.26 -71.05 -26.55
N LEU D 1297 -1.02 -69.80 -26.91
CA LEU D 1297 0.09 -69.47 -27.79
C LEU D 1297 1.41 -69.93 -27.21
N GLN D 1298 1.69 -69.57 -25.96
CA GLN D 1298 2.95 -69.96 -25.36
C GLN D 1298 3.06 -71.46 -25.16
N ARG D 1299 1.99 -72.11 -24.70
CA ARG D 1299 2.01 -73.56 -24.55
C ARG D 1299 2.41 -74.19 -25.85
N ARG D 1300 1.86 -73.65 -26.93
CA ARG D 1300 2.20 -74.16 -28.24
C ARG D 1300 3.64 -73.88 -28.58
N VAL D 1301 4.11 -72.64 -28.38
CA VAL D 1301 5.47 -72.30 -28.79
C VAL D 1301 6.57 -72.98 -27.99
N PHE D 1302 6.22 -73.79 -26.99
CA PHE D 1302 7.22 -74.58 -26.28
C PHE D 1302 7.58 -75.71 -27.23
N LEU D 1303 8.32 -75.42 -28.28
CA LEU D 1303 8.66 -76.41 -29.28
C LEU D 1303 9.87 -77.19 -28.86
N SER D 1304 10.17 -78.26 -29.59
CA SER D 1304 11.38 -79.01 -29.31
C SER D 1304 12.36 -78.63 -30.40
N HIS D 1305 12.13 -77.49 -31.05
CA HIS D 1305 12.99 -77.05 -32.14
C HIS D 1305 13.34 -75.59 -31.98
N TYR D 1306 12.40 -74.70 -32.27
CA TYR D 1306 12.69 -73.27 -32.19
C TYR D 1306 12.88 -72.85 -30.75
N TYR D 1307 12.09 -73.40 -29.84
CA TYR D 1307 12.26 -73.07 -28.44
C TYR D 1307 13.41 -73.86 -27.86
N LEU D 1308 13.79 -74.96 -28.49
CA LEU D 1308 14.95 -75.68 -28.01
C LEU D 1308 16.19 -74.83 -28.23
N HIS D 1309 16.16 -73.99 -29.24
CA HIS D 1309 17.29 -73.10 -29.51
C HIS D 1309 17.51 -72.15 -28.35
N VAL D 1310 16.44 -71.51 -27.90
CA VAL D 1310 16.57 -70.61 -26.77
C VAL D 1310 16.75 -71.35 -25.47
N ARG D 1311 16.27 -72.58 -25.39
CA ARG D 1311 16.50 -73.38 -24.19
C ARG D 1311 17.99 -73.47 -24.01
N ALA D 1312 18.71 -73.80 -25.09
CA ALA D 1312 20.16 -73.88 -25.02
C ALA D 1312 20.79 -72.59 -24.56
N ASP D 1313 20.41 -71.47 -25.19
CA ASP D 1313 20.97 -70.18 -24.81
C ASP D 1313 20.83 -69.93 -23.33
N LEU D 1314 19.61 -70.04 -22.81
CA LEU D 1314 19.38 -69.72 -21.40
C LEU D 1314 19.82 -70.77 -20.41
N GLN D 1315 20.02 -72.00 -20.86
CA GLN D 1315 20.52 -73.02 -19.96
C GLN D 1315 21.97 -72.72 -19.67
N ALA D 1316 22.69 -72.29 -20.70
CA ALA D 1316 24.11 -72.03 -20.50
C ALA D 1316 24.40 -70.60 -20.10
N THR D 1317 23.37 -69.78 -19.95
CA THR D 1317 23.59 -68.43 -19.45
C THR D 1317 23.90 -68.62 -17.99
N ALA D 1318 23.18 -69.54 -17.35
CA ALA D 1318 23.43 -69.81 -15.95
C ALA D 1318 24.73 -70.57 -15.77
N LEU D 1319 25.16 -71.29 -16.79
CA LEU D 1319 26.42 -72.01 -16.70
C LEU D 1319 27.58 -71.05 -16.75
N LEU D 1320 27.42 -69.95 -17.47
CA LEU D 1320 28.48 -68.95 -17.58
C LEU D 1320 28.18 -67.72 -16.73
N ALA D 1321 27.35 -67.90 -15.70
CA ALA D 1321 27.03 -66.78 -14.83
C ALA D 1321 28.14 -66.57 -13.81
N SER D 1322 28.86 -67.62 -13.48
CA SER D 1322 29.99 -67.49 -12.57
C SER D 1322 31.11 -66.77 -13.27
N ARG D 1323 31.19 -66.95 -14.59
CA ARG D 1323 32.20 -66.24 -15.37
C ARG D 1323 31.78 -64.80 -15.48
N GLY D 1324 30.47 -64.53 -15.46
CA GLY D 1324 30.00 -63.17 -15.48
C GLY D 1324 30.38 -62.48 -14.19
N PHE D 1325 30.26 -63.18 -13.07
CA PHE D 1325 30.61 -62.61 -11.78
C PHE D 1325 32.10 -62.35 -11.72
N ALA D 1326 32.89 -63.26 -12.30
CA ALA D 1326 34.33 -63.08 -12.32
C ALA D 1326 34.67 -61.84 -13.12
N LEU D 1327 34.11 -61.73 -14.31
CA LEU D 1327 34.36 -60.57 -15.15
C LEU D 1327 33.97 -59.29 -14.44
N TYR D 1328 32.80 -59.29 -13.81
CA TYR D 1328 32.34 -58.11 -13.09
C TYR D 1328 33.32 -57.73 -12.01
N ASN D 1329 33.62 -58.66 -11.12
CA ASN D 1329 34.52 -58.37 -10.01
C ASN D 1329 35.85 -57.85 -10.49
N ALA D 1330 36.39 -58.44 -11.55
CA ALA D 1330 37.66 -57.98 -12.10
C ALA D 1330 37.57 -56.54 -12.52
N ALA D 1331 36.55 -56.20 -13.30
CA ALA D 1331 36.38 -54.83 -13.77
C ALA D 1331 36.22 -53.84 -12.61
N ASN D 1332 35.41 -54.22 -11.62
CA ASN D 1332 35.21 -53.34 -10.47
C ASN D 1332 36.52 -53.13 -9.73
N LEU D 1333 37.27 -54.21 -9.51
CA LEU D 1333 38.54 -54.11 -8.82
C LEU D 1333 39.51 -53.24 -9.59
N LYS D 1334 39.52 -53.36 -10.92
CA LYS D 1334 40.41 -52.54 -11.73
C LYS D 1334 40.10 -51.07 -11.52
N SER D 1335 38.81 -50.72 -11.56
CA SER D 1335 38.42 -49.33 -11.38
C SER D 1335 38.73 -48.84 -9.99
N ILE D 1336 38.55 -49.69 -8.99
CA ILE D 1336 38.83 -49.31 -7.62
C ILE D 1336 40.32 -49.04 -7.46
N ASP D 1337 41.15 -49.88 -8.07
CA ASP D 1337 42.59 -49.69 -7.99
C ASP D 1337 43.01 -48.46 -8.76
N PHE D 1338 42.29 -48.14 -9.83
CA PHE D 1338 42.60 -46.92 -10.57
C PHE D 1338 42.38 -45.72 -9.67
N HIS D 1339 41.25 -45.71 -8.96
CA HIS D 1339 40.97 -44.60 -8.06
C HIS D 1339 41.98 -44.55 -6.94
N ARG D 1340 42.38 -45.72 -6.44
CA ARG D 1340 43.38 -45.76 -5.39
C ARG D 1340 44.68 -45.16 -5.88
N ARG D 1341 45.08 -45.48 -7.11
CA ARG D 1341 46.29 -44.89 -7.68
C ARG D 1341 46.17 -43.39 -7.75
N ILE D 1342 45.03 -42.89 -8.21
CA ILE D 1342 44.82 -41.45 -8.31
C ILE D 1342 44.98 -40.81 -6.94
N GLU D 1343 44.37 -41.40 -5.92
CA GLU D 1343 44.46 -40.84 -4.59
C GLU D 1343 45.88 -40.90 -4.04
N GLU D 1344 46.61 -41.95 -4.37
CA GLU D 1344 48.00 -42.05 -3.93
C GLU D 1344 48.80 -40.93 -4.56
N LYS D 1345 48.60 -40.68 -5.83
CA LYS D 1345 49.30 -39.61 -6.50
C LYS D 1345 48.97 -38.28 -5.87
N SER D 1346 47.70 -38.06 -5.55
CA SER D 1346 47.29 -36.80 -4.95
C SER D 1346 47.95 -36.58 -3.59
N LEU D 1347 48.01 -37.62 -2.78
CA LEU D 1347 48.65 -37.48 -1.47
C LEU D 1347 50.13 -37.21 -1.62
N ALA D 1348 50.76 -37.83 -2.62
CA ALA D 1348 52.17 -37.59 -2.87
C ALA D 1348 52.40 -36.19 -3.38
N GLN D 1349 51.51 -35.68 -4.22
CA GLN D 1349 51.62 -34.31 -4.70
C GLN D 1349 51.54 -33.38 -3.51
N LEU D 1350 50.58 -33.62 -2.63
CA LEU D 1350 50.44 -32.79 -1.44
C LEU D 1350 51.71 -32.78 -0.63
N LYS D 1351 52.36 -33.94 -0.49
CA LYS D 1351 53.61 -33.99 0.25
C LYS D 1351 54.73 -33.24 -0.44
N ARG D 1352 54.85 -33.36 -1.75
CA ARG D 1352 55.85 -32.62 -2.48
C ARG D 1352 55.67 -31.13 -2.24
N GLN D 1353 54.45 -30.64 -2.43
CA GLN D 1353 54.17 -29.23 -2.23
C GLN D 1353 54.44 -28.82 -0.80
N MET D 1354 54.00 -29.63 0.16
CA MET D 1354 54.20 -29.31 1.55
C MET D 1354 55.68 -29.14 1.86
N GLU D 1355 56.52 -29.96 1.22
CA GLU D 1355 57.95 -29.87 1.46
C GLU D 1355 58.54 -28.61 0.86
N ARG D 1356 58.05 -28.17 -0.29
CA ARG D 1356 58.53 -26.92 -0.86
C ARG D 1356 58.19 -25.78 0.08
N ILE D 1357 56.94 -25.73 0.54
CA ILE D 1357 56.53 -24.68 1.45
C ILE D 1357 57.44 -24.66 2.67
N ARG D 1358 57.72 -25.83 3.24
CA ARG D 1358 58.55 -25.89 4.44
C ARG D 1358 59.98 -25.51 4.16
N ALA D 1359 60.53 -25.99 3.04
CA ALA D 1359 61.91 -25.68 2.70
C ALA D 1359 62.12 -24.20 2.54
N LYS D 1360 61.14 -23.51 1.99
CA LYS D 1360 61.25 -22.07 1.87
C LYS D 1360 61.21 -21.46 3.25
N GLN D 1361 60.19 -21.80 4.02
CA GLN D 1361 60.05 -21.24 5.35
C GLN D 1361 61.24 -21.61 6.21
N GLU D 1362 62.24 -22.24 5.61
CA GLU D 1362 63.45 -22.58 6.36
C GLU D 1362 64.62 -21.86 5.74
N LYS D 1363 64.50 -21.52 4.47
CA LYS D 1363 65.54 -20.75 3.81
C LYS D 1363 65.34 -19.32 4.24
N HIS D 1364 64.10 -18.98 4.59
CA HIS D 1364 63.80 -17.64 5.07
C HIS D 1364 64.04 -17.59 6.57
N ARG D 1365 63.93 -18.72 7.24
CA ARG D 1365 64.21 -18.76 8.67
C ARG D 1365 65.69 -18.58 8.89
N GLN D 1366 66.48 -19.29 8.11
CA GLN D 1366 67.93 -19.13 8.20
C GLN D 1366 68.30 -17.74 7.72
N GLY D 1367 67.56 -17.21 6.75
CA GLY D 1367 67.81 -15.86 6.29
C GLY D 1367 67.63 -14.85 7.39
N ARG D 1368 66.64 -15.06 8.25
CA ARG D 1368 66.44 -14.18 9.39
C ARG D 1368 67.66 -14.23 10.29
N VAL D 1369 68.12 -15.45 10.60
CA VAL D 1369 69.30 -15.60 11.45
C VAL D 1369 70.48 -14.84 10.87
N ASP D 1370 70.76 -15.04 9.59
CA ASP D 1370 71.87 -14.35 8.94
C ASP D 1370 71.77 -12.84 9.10
N ASP D 1408 54.43 -15.91 19.12
CA ASP D 1408 53.02 -15.59 19.27
C ASP D 1408 52.38 -15.30 17.93
N HIS D 1409 51.10 -15.64 17.79
CA HIS D 1409 50.38 -15.42 16.54
C HIS D 1409 50.56 -13.99 16.04
N ALA D 1410 50.32 -13.00 16.90
CA ALA D 1410 50.47 -11.61 16.52
C ALA D 1410 51.81 -11.31 15.89
N THR D 1411 52.89 -11.63 16.59
CA THR D 1411 54.22 -11.32 16.08
C THR D 1411 54.58 -12.09 14.82
N VAL D 1412 54.04 -13.29 14.66
CA VAL D 1412 54.39 -14.11 13.50
C VAL D 1412 53.57 -13.75 12.28
N ILE D 1413 52.44 -13.07 12.47
CA ILE D 1413 51.67 -12.62 11.29
C ILE D 1413 52.08 -11.20 10.97
N HIS D 1414 52.87 -10.59 11.84
CA HIS D 1414 53.36 -9.25 11.58
C HIS D 1414 54.86 -9.32 11.51
N SER D 1415 55.38 -10.27 10.74
CA SER D 1415 56.82 -10.45 10.64
C SER D 1415 57.30 -10.31 9.21
N GLY D 1416 56.37 -10.14 8.28
CA GLY D 1416 56.73 -10.06 6.88
C GLY D 1416 57.74 -8.98 6.56
N ASP D 1417 58.71 -9.29 5.72
CA ASP D 1417 59.67 -8.28 5.30
C ASP D 1417 59.99 -8.44 3.84
N TYR D 1418 60.87 -7.60 3.32
CA TYR D 1418 61.17 -7.63 1.90
C TYR D 1418 61.97 -8.84 1.48
N PHE D 1419 62.67 -9.45 2.42
CA PHE D 1419 63.51 -10.59 2.10
C PHE D 1419 62.73 -11.81 1.63
N LEU D 1420 61.48 -11.93 2.03
CA LEU D 1420 60.67 -13.05 1.62
C LEU D 1420 60.37 -12.99 0.15
N PHE D 1421 60.28 -11.79 -0.38
CA PHE D 1421 59.90 -11.63 -1.78
C PHE D 1421 61.06 -11.53 -2.74
N GLU D 1422 62.26 -11.82 -2.27
CA GLU D 1422 63.40 -11.84 -3.16
C GLU D 1422 63.25 -13.05 -4.06
N SER D 1423 63.76 -12.97 -5.28
CA SER D 1423 63.57 -14.06 -6.22
C SER D 1423 64.58 -15.18 -6.04
N ASP D 1424 64.48 -15.91 -4.94
CA ASP D 1424 65.40 -16.99 -4.66
C ASP D 1424 64.86 -18.29 -5.23
N SER D 1425 65.18 -18.58 -6.50
CA SER D 1425 64.68 -19.79 -7.16
C SER D 1425 63.24 -20.15 -6.81
N GLU D 1426 62.32 -19.26 -7.11
CA GLU D 1426 60.92 -19.51 -6.83
C GLU D 1426 60.28 -20.27 -7.97
N GLU D 1427 60.22 -21.59 -7.83
CA GLU D 1427 59.63 -22.42 -8.89
C GLU D 1427 58.19 -22.79 -8.56
N PHE D 1513 17.40 -29.04 -43.22
CA PHE D 1513 15.97 -29.25 -42.94
C PHE D 1513 15.77 -29.77 -41.53
N LEU D 1514 14.61 -29.50 -40.95
CA LEU D 1514 14.31 -29.97 -39.60
C LEU D 1514 14.44 -31.48 -39.49
N TRP D 1515 13.96 -32.20 -40.51
CA TRP D 1515 14.08 -33.65 -40.51
C TRP D 1515 15.54 -34.06 -40.42
N MET D 1516 16.36 -33.53 -41.33
CA MET D 1516 17.79 -33.88 -41.33
C MET D 1516 18.46 -33.61 -39.99
N LEU D 1517 18.10 -32.53 -39.32
CA LEU D 1517 18.67 -32.21 -38.02
C LEU D 1517 18.34 -33.29 -37.02
N GLY D 1518 17.07 -33.69 -36.97
CA GLY D 1518 16.65 -34.75 -36.06
C GLY D 1518 17.40 -36.04 -36.30
N GLN D 1519 17.64 -36.40 -37.56
CA GLN D 1519 18.40 -37.60 -37.88
C GLN D 1519 19.78 -37.56 -37.25
N ALA D 1520 20.48 -36.44 -37.43
CA ALA D 1520 21.82 -36.31 -36.86
C ALA D 1520 21.78 -36.41 -35.36
N LEU D 1521 20.81 -35.76 -34.72
CA LEU D 1521 20.67 -35.81 -33.28
C LEU D 1521 20.37 -37.20 -32.76
N VAL D 1522 19.65 -37.99 -33.54
CA VAL D 1522 19.36 -39.37 -33.15
C VAL D 1522 20.68 -40.13 -33.09
N ASP D 1523 21.53 -39.94 -34.10
CA ASP D 1523 22.82 -40.60 -34.10
C ASP D 1523 23.70 -40.09 -32.98
N GLU D 1524 23.59 -38.81 -32.64
CA GLU D 1524 24.34 -38.29 -31.50
C GLU D 1524 23.88 -39.00 -30.26
N LEU D 1525 22.58 -39.16 -30.11
CA LEU D 1525 22.03 -39.86 -28.96
C LEU D 1525 22.50 -41.29 -28.87
N THR D 1526 22.50 -42.02 -29.97
CA THR D 1526 23.01 -43.39 -29.95
C THR D 1526 24.41 -43.41 -29.39
N ARG D 1527 25.29 -42.53 -29.88
CA ARG D 1527 26.65 -42.46 -29.39
C ARG D 1527 26.69 -42.27 -27.89
N TRP D 1528 25.94 -41.30 -27.39
CA TRP D 1528 25.94 -41.01 -25.96
C TRP D 1528 25.46 -42.20 -25.15
N LEU D 1529 24.44 -42.89 -25.65
CA LEU D 1529 23.91 -44.06 -24.95
C LEU D 1529 24.92 -45.19 -24.98
N GLN D 1530 25.65 -45.31 -26.08
CA GLN D 1530 26.66 -46.36 -26.19
C GLN D 1530 27.82 -46.07 -25.25
N GLU D 1531 28.12 -44.80 -25.03
CA GLU D 1531 29.18 -44.43 -24.10
C GLU D 1531 28.79 -44.83 -22.70
N PHE D 1532 27.49 -44.75 -22.40
CA PHE D 1532 27.02 -45.09 -21.07
C PHE D 1532 27.06 -46.59 -20.86
N THR D 1533 26.67 -47.34 -21.88
CA THR D 1533 26.60 -48.79 -21.77
C THR D 1533 27.93 -49.45 -22.10
N ARG D 1534 28.92 -48.68 -22.54
CA ARG D 1534 30.22 -49.24 -22.96
C ARG D 1534 30.75 -50.43 -22.16
N HIS D 1535 30.94 -50.26 -20.86
CA HIS D 1535 31.47 -51.34 -20.04
C HIS D 1535 30.61 -52.59 -20.12
N HIS D 1536 29.31 -52.44 -20.00
CA HIS D 1536 28.40 -53.58 -20.05
C HIS D 1536 28.41 -54.18 -21.45
N GLY D 1537 28.52 -53.35 -22.47
CA GLY D 1537 28.57 -53.84 -23.83
C GLY D 1537 29.76 -54.75 -24.06
N THR D 1538 30.93 -54.37 -23.53
CA THR D 1538 32.12 -55.20 -23.69
C THR D 1538 32.06 -56.41 -22.80
N MET D 1539 31.30 -56.35 -21.72
CA MET D 1539 31.14 -57.52 -20.87
C MET D 1539 30.16 -58.46 -21.53
N SER D 1540 29.38 -57.95 -22.48
CA SER D 1540 28.44 -58.79 -23.21
C SER D 1540 29.03 -59.19 -24.55
N ASP D 1541 30.34 -59.00 -24.70
CA ASP D 1541 31.00 -59.40 -25.94
C ASP D 1541 31.94 -60.51 -25.58
N VAL D 1542 32.34 -60.55 -24.32
CA VAL D 1542 33.21 -61.62 -23.88
C VAL D 1542 32.35 -62.71 -23.28
N LEU D 1543 31.06 -62.44 -23.15
CA LEU D 1543 30.15 -63.42 -22.59
C LEU D 1543 28.93 -63.60 -23.45
N ARG D 1544 28.17 -62.53 -23.64
CA ARG D 1544 26.91 -62.68 -24.38
C ARG D 1544 27.03 -62.81 -25.88
N ALA D 1545 28.20 -62.50 -26.43
CA ALA D 1545 28.38 -62.73 -27.85
C ALA D 1545 28.43 -64.23 -28.02
N GLU D 1546 29.03 -64.94 -27.06
CA GLU D 1546 29.04 -66.39 -27.11
C GLU D 1546 27.94 -66.97 -26.23
N ARG D 1547 26.90 -66.17 -25.94
CA ARG D 1547 25.78 -66.67 -25.14
C ARG D 1547 24.46 -66.54 -25.87
N TYR D 1548 23.79 -65.42 -25.69
CA TYR D 1548 22.49 -65.23 -26.34
C TYR D 1548 22.65 -65.22 -27.86
N LEU D 1549 21.73 -65.87 -28.55
CA LEU D 1549 21.85 -65.97 -30.00
C LEU D 1549 20.49 -65.92 -30.68
N LEU D 1550 19.72 -67.00 -30.55
CA LEU D 1550 18.41 -67.09 -31.20
C LEU D 1550 18.42 -66.60 -32.64
N THR D 1551 19.09 -67.34 -33.52
CA THR D 1551 19.11 -67.00 -34.94
C THR D 1551 19.11 -68.32 -35.66
N GLN D 1552 19.65 -69.35 -35.02
CA GLN D 1552 19.70 -70.67 -35.62
C GLN D 1552 18.29 -71.14 -35.95
N GLU D 1553 18.04 -71.43 -37.22
CA GLU D 1553 16.69 -71.81 -37.63
C GLU D 1553 16.50 -73.29 -37.85
N LEU D 1554 15.65 -73.65 -38.81
CA LEU D 1554 15.40 -75.06 -39.14
C LEU D 1554 15.02 -75.96 -37.98
N LEU D 1555 15.66 -77.13 -37.90
CA LEU D 1555 15.30 -78.09 -36.86
C LEU D 1555 15.96 -77.82 -35.52
N GLN D 1556 16.75 -78.77 -35.03
CA GLN D 1556 17.39 -78.61 -33.74
C GLN D 1556 18.83 -78.18 -33.89
N GLY D 1557 19.62 -78.30 -32.82
CA GLY D 1557 21.02 -77.94 -32.88
C GLY D 1557 21.90 -79.18 -32.88
N GLY D 1558 22.78 -79.31 -33.88
CA GLY D 1558 23.65 -80.45 -33.97
C GLY D 1558 24.74 -80.43 -32.93
N GLU D 1559 25.73 -79.55 -33.08
CA GLU D 1559 26.76 -79.42 -32.06
C GLU D 1559 26.21 -78.46 -31.03
N VAL D 1560 25.45 -78.98 -30.07
CA VAL D 1560 24.80 -78.12 -29.07
C VAL D 1560 25.68 -77.07 -28.43
N HIS D 1561 26.67 -77.48 -27.67
CA HIS D 1561 27.49 -76.52 -26.95
C HIS D 1561 28.53 -75.83 -27.80
N ARG D 1562 28.99 -76.48 -28.85
CA ARG D 1562 29.98 -75.89 -29.73
C ARG D 1562 29.36 -74.78 -30.56
N GLY D 1563 28.04 -74.82 -30.73
CA GLY D 1563 27.37 -73.79 -31.50
C GLY D 1563 27.02 -72.55 -30.70
N VAL D 1564 27.44 -72.48 -29.45
CA VAL D 1564 27.19 -71.29 -28.64
C VAL D 1564 28.39 -70.80 -27.85
N LEU D 1565 28.72 -71.47 -26.75
CA LEU D 1565 29.79 -70.99 -25.89
C LEU D 1565 31.15 -70.96 -26.57
N ASP D 1566 31.39 -71.91 -27.46
CA ASP D 1566 32.64 -71.92 -28.19
C ASP D 1566 32.42 -71.46 -29.62
N GLN D 1567 32.01 -70.21 -29.79
CA GLN D 1567 31.70 -69.73 -31.13
C GLN D 1567 32.51 -68.53 -31.58
N LEU D 1568 32.20 -67.98 -32.75
CA LEU D 1568 32.93 -66.84 -33.30
C LEU D 1568 34.43 -66.93 -33.11
N ALA D 1645 41.47 -58.59 -18.66
CA ALA D 1645 40.37 -59.52 -18.46
C ALA D 1645 39.05 -58.92 -18.90
N SER D 1646 38.89 -57.62 -18.68
CA SER D 1646 37.68 -56.95 -19.09
C SER D 1646 37.56 -57.00 -20.60
N GLU D 1647 38.57 -56.50 -21.29
CA GLU D 1647 38.57 -56.55 -22.74
C GLU D 1647 39.48 -57.68 -23.18
N LEU D 1648 38.88 -58.81 -23.55
CA LEU D 1648 39.66 -59.96 -23.96
C LEU D 1648 39.94 -59.91 -25.45
N LEU D 1649 40.90 -60.70 -25.91
CA LEU D 1649 41.29 -60.65 -27.32
C LEU D 1649 41.04 -61.96 -28.04
N LEU D 1650 42.06 -62.45 -28.73
CA LEU D 1650 41.93 -63.73 -29.42
C LEU D 1650 42.25 -64.87 -28.47
N ASP D 1651 41.33 -65.16 -27.57
CA ASP D 1651 41.54 -66.27 -26.65
C ASP D 1651 40.69 -67.43 -27.12
N ARG D 1652 39.46 -67.16 -27.53
CA ARG D 1652 38.57 -68.23 -27.95
C ARG D 1652 38.65 -68.45 -29.45
N ARG D 1653 37.89 -67.66 -30.21
CA ARG D 1653 37.87 -67.83 -31.65
C ARG D 1653 37.98 -66.49 -32.35
N LEU D 1654 37.84 -66.49 -33.67
CA LEU D 1654 37.91 -65.25 -34.43
C LEU D 1654 36.53 -64.74 -34.76
N ARG D 1655 36.05 -65.06 -35.94
CA ARG D 1655 34.72 -64.64 -36.37
C ARG D 1655 34.20 -65.70 -37.31
N ILE D 1656 34.59 -66.95 -37.09
CA ILE D 1656 34.22 -68.02 -38.02
C ILE D 1656 32.73 -68.11 -38.41
N PRO D 1657 31.81 -68.24 -37.43
CA PRO D 1657 30.40 -68.23 -37.85
C PRO D 1657 29.85 -66.82 -37.92
N GLU D 1658 30.51 -65.90 -38.64
CA GLU D 1658 30.04 -64.52 -38.79
C GLU D 1658 29.82 -63.73 -37.51
N LEU D 1659 30.84 -63.01 -37.07
CA LEU D 1659 30.67 -62.16 -35.90
C LEU D 1659 29.63 -61.12 -36.23
N GLU D 1660 29.69 -60.58 -37.45
CA GLU D 1660 28.75 -59.56 -37.85
C GLU D 1660 27.41 -60.09 -38.32
N GLU D 1661 27.07 -61.32 -37.96
CA GLU D 1661 25.75 -61.82 -38.28
C GLU D 1661 24.77 -60.98 -37.50
N ALA D 1662 25.07 -60.75 -36.24
CA ALA D 1662 24.22 -59.90 -35.43
C ALA D 1662 24.33 -58.47 -35.90
N GLU D 1663 25.54 -58.03 -36.20
CA GLU D 1663 25.76 -56.64 -36.62
C GLU D 1663 25.28 -56.32 -38.02
N LEU D 1664 24.71 -57.29 -38.72
CA LEU D 1664 24.20 -57.08 -40.06
C LEU D 1664 23.02 -56.15 -40.00
N PHE D 1665 21.89 -56.67 -39.54
CA PHE D 1665 20.67 -55.88 -39.47
C PHE D 1665 20.78 -54.78 -38.42
N ALA D 1666 21.59 -55.03 -37.38
CA ALA D 1666 21.78 -54.03 -36.33
C ALA D 1666 22.32 -52.74 -36.90
N GLU D 1667 23.39 -52.82 -37.67
CA GLU D 1667 23.97 -51.63 -38.27
C GLU D 1667 23.24 -51.28 -39.54
N GLY D 1668 22.49 -52.22 -40.09
CA GLY D 1668 21.70 -51.94 -41.27
C GLY D 1668 20.75 -50.81 -40.96
N GLN D 1669 20.05 -50.92 -39.84
CA GLN D 1669 19.18 -49.82 -39.44
C GLN D 1669 19.87 -49.04 -38.35
N GLY D 1670 20.83 -48.20 -38.73
CA GLY D 1670 21.54 -47.39 -37.75
C GLY D 1670 20.70 -46.23 -37.28
N ARG D 1671 19.61 -45.97 -37.99
CA ARG D 1671 18.69 -44.92 -37.56
C ARG D 1671 17.49 -45.61 -36.99
N ALA D 1672 16.70 -44.90 -36.17
CA ALA D 1672 15.49 -45.46 -35.55
C ALA D 1672 15.67 -46.72 -34.71
N LEU D 1673 15.71 -47.89 -35.34
CA LEU D 1673 15.93 -49.15 -34.63
C LEU D 1673 17.11 -49.07 -33.67
N ARG D 1674 18.24 -48.56 -34.14
CA ARG D 1674 19.42 -48.49 -33.30
C ARG D 1674 19.27 -47.56 -32.12
N LEU D 1675 18.44 -46.53 -32.25
CA LEU D 1675 18.20 -45.65 -31.10
C LEU D 1675 17.58 -46.48 -29.99
N LEU D 1676 16.54 -47.26 -30.32
CA LEU D 1676 15.89 -48.09 -29.33
C LEU D 1676 16.80 -49.21 -28.83
N ARG D 1677 17.70 -49.68 -29.69
CA ARG D 1677 18.64 -50.69 -29.26
C ARG D 1677 19.57 -50.11 -28.23
N ALA D 1678 20.03 -48.89 -28.46
CA ALA D 1678 20.90 -48.23 -27.50
C ALA D 1678 20.15 -47.96 -26.20
N VAL D 1679 18.89 -47.56 -26.31
CA VAL D 1679 18.09 -47.33 -25.10
C VAL D 1679 18.04 -48.60 -24.26
N TYR D 1680 17.76 -49.74 -24.88
CA TYR D 1680 17.66 -50.98 -24.12
C TYR D 1680 18.97 -51.32 -23.45
N GLN D 1681 20.07 -51.16 -24.16
CA GLN D 1681 21.37 -51.48 -23.59
C GLN D 1681 21.65 -50.63 -22.37
N CYS D 1682 21.25 -49.36 -22.42
CA CYS D 1682 21.43 -48.47 -21.28
C CYS D 1682 20.65 -48.99 -20.08
N VAL D 1683 19.37 -49.31 -20.28
CA VAL D 1683 18.54 -49.74 -19.16
C VAL D 1683 18.87 -51.15 -18.70
N ALA D 1684 19.59 -51.92 -19.51
CA ALA D 1684 20.00 -53.25 -19.08
C ALA D 1684 21.21 -53.07 -18.20
N ALA D 1685 22.07 -52.13 -18.57
CA ALA D 1685 23.25 -51.85 -17.78
C ALA D 1685 22.84 -51.22 -16.47
N HIS D 1686 22.07 -50.14 -16.55
CA HIS D 1686 21.65 -49.42 -15.35
C HIS D 1686 20.24 -49.81 -14.96
N SER D 1687 20.05 -51.07 -14.63
CA SER D 1687 18.73 -51.54 -14.23
C SER D 1687 18.51 -51.23 -12.78
N GLU D 1688 19.59 -51.17 -12.00
CA GLU D 1688 19.48 -50.83 -10.61
C GLU D 1688 18.94 -49.43 -10.50
N LEU D 1689 19.46 -48.53 -11.31
CA LEU D 1689 19.03 -47.15 -11.26
C LEU D 1689 17.61 -47.02 -11.77
N LEU D 1690 17.22 -47.85 -12.74
CA LEU D 1690 15.85 -47.82 -13.23
C LEU D 1690 14.90 -48.18 -12.12
N CYS D 1691 15.22 -49.22 -11.35
CA CYS D 1691 14.38 -49.60 -10.23
C CYS D 1691 14.20 -48.45 -9.27
N TYR D 1692 15.28 -47.79 -8.91
CA TYR D 1692 15.21 -46.68 -7.98
C TYR D 1692 14.31 -45.58 -8.48
N PHE D 1693 14.45 -45.25 -9.76
CA PHE D 1693 13.62 -44.22 -10.34
C PHE D 1693 12.14 -44.59 -10.23
N ILE D 1694 11.80 -45.82 -10.59
CA ILE D 1694 10.41 -46.23 -10.53
C ILE D 1694 9.85 -46.15 -9.12
N ILE D 1695 10.61 -46.60 -8.13
CA ILE D 1695 10.08 -46.59 -6.76
C ILE D 1695 9.83 -45.18 -6.21
N ILE D 1696 10.67 -44.21 -6.57
CA ILE D 1696 10.43 -42.85 -6.11
C ILE D 1696 9.37 -42.16 -6.97
N LEU D 1697 9.11 -42.70 -8.15
CA LEU D 1697 8.07 -42.14 -9.00
C LEU D 1697 6.75 -42.71 -8.54
N ASN D 1698 6.78 -43.85 -7.88
CA ASN D 1698 5.56 -44.40 -7.33
C ASN D 1698 5.17 -43.55 -6.15
N HIS D 1699 6.15 -43.06 -5.40
CA HIS D 1699 5.82 -42.16 -4.30
C HIS D 1699 5.42 -40.78 -4.77
N MET D 1700 5.62 -40.49 -6.04
CA MET D 1700 5.18 -39.20 -6.57
C MET D 1700 3.80 -39.33 -7.17
N VAL D 1701 3.35 -40.54 -7.45
CA VAL D 1701 1.98 -40.71 -7.96
C VAL D 1701 1.01 -41.20 -6.89
N THR D 1702 1.50 -41.91 -5.88
CA THR D 1702 0.64 -42.36 -4.79
C THR D 1702 1.33 -42.03 -3.48
N ALA D 1703 0.61 -42.05 -2.36
CA ALA D 1703 1.23 -41.63 -1.10
C ALA D 1703 0.91 -42.47 0.12
N SER D 1704 1.20 -41.95 1.32
CA SER D 1704 0.95 -42.67 2.59
C SER D 1704 1.64 -44.02 2.75
N ALA D 1705 0.88 -45.06 3.06
CA ALA D 1705 1.46 -46.39 3.21
C ALA D 1705 1.94 -46.89 1.87
N GLY D 1706 1.29 -46.45 0.80
CA GLY D 1706 1.76 -46.79 -0.52
C GLY D 1706 3.07 -46.04 -0.62
N SER D 1707 4.14 -46.71 -1.01
CA SER D 1707 5.47 -46.09 -1.03
C SER D 1707 5.84 -45.67 0.38
N LEU D 1708 6.69 -44.66 0.53
CA LEU D 1708 7.18 -44.24 1.85
C LEU D 1708 7.69 -45.37 2.73
N VAL D 1709 8.03 -46.52 2.14
CA VAL D 1709 8.56 -47.64 2.89
C VAL D 1709 9.68 -48.02 1.98
N LEU D 1710 9.36 -48.26 0.72
CA LEU D 1710 10.40 -48.56 -0.24
C LEU D 1710 11.28 -47.37 -0.59
N PRO D 1711 10.70 -46.17 -0.84
CA PRO D 1711 11.62 -45.05 -1.05
C PRO D 1711 12.54 -44.81 0.13
N VAL D 1712 12.03 -44.90 1.35
CA VAL D 1712 12.88 -44.76 2.51
C VAL D 1712 13.98 -45.81 2.48
N LEU D 1713 13.62 -47.06 2.21
CA LEU D 1713 14.61 -48.13 2.16
C LEU D 1713 15.60 -47.99 1.00
N VAL D 1714 15.19 -47.36 -0.09
CA VAL D 1714 16.11 -47.15 -1.19
C VAL D 1714 17.20 -46.20 -0.72
N PHE D 1715 16.79 -45.13 -0.05
CA PHE D 1715 17.76 -44.14 0.39
C PHE D 1715 18.59 -44.60 1.57
N LEU D 1716 18.02 -45.43 2.45
CA LEU D 1716 18.74 -45.81 3.66
C LEU D 1716 19.37 -47.19 3.71
N TRP D 1717 19.00 -48.06 2.77
CA TRP D 1717 19.52 -49.42 2.78
C TRP D 1717 20.23 -49.71 1.48
N ALA D 1718 19.53 -49.58 0.37
CA ALA D 1718 20.13 -49.93 -0.91
C ALA D 1718 21.30 -49.07 -1.25
N MET D 1719 21.10 -47.76 -1.22
CA MET D 1719 22.16 -46.85 -1.63
C MET D 1719 23.21 -46.66 -0.55
N LEU D 1720 22.93 -47.14 0.65
CA LEU D 1720 23.91 -47.07 1.71
C LEU D 1720 24.33 -48.48 2.01
N SER D 1721 25.04 -49.11 1.07
CA SER D 1721 25.42 -50.50 1.25
C SER D 1721 26.76 -50.85 0.65
N ILE D 1722 27.24 -52.05 0.94
CA ILE D 1722 28.48 -52.52 0.34
C ILE D 1722 28.14 -52.67 -1.12
N PRO D 1723 28.96 -52.10 -2.03
CA PRO D 1723 28.66 -52.11 -3.46
C PRO D 1723 27.20 -52.36 -3.88
N ARG D 1724 26.93 -53.52 -4.46
CA ARG D 1724 25.58 -53.82 -4.91
C ARG D 1724 24.70 -54.05 -3.72
N PRO D 1725 23.56 -53.33 -3.60
CA PRO D 1725 22.65 -53.42 -2.46
C PRO D 1725 22.72 -54.69 -1.65
N SER D 1726 22.03 -55.74 -2.09
CA SER D 1726 22.10 -57.05 -1.43
C SER D 1726 21.28 -57.98 -2.27
N LYS D 1727 20.57 -58.90 -1.63
CA LYS D 1727 19.69 -59.79 -2.34
C LYS D 1727 18.42 -59.63 -1.58
N ARG D 1728 18.56 -59.45 -0.28
CA ARG D 1728 17.42 -59.27 0.58
C ARG D 1728 16.71 -57.97 0.28
N PHE D 1729 17.43 -56.91 -0.09
CA PHE D 1729 16.74 -55.68 -0.46
C PHE D 1729 15.84 -55.94 -1.63
N TRP D 1730 16.38 -56.53 -2.69
CA TRP D 1730 15.59 -56.74 -3.87
C TRP D 1730 14.43 -57.67 -3.58
N MET D 1731 14.66 -58.67 -2.76
CA MET D 1731 13.58 -59.56 -2.39
C MET D 1731 12.49 -58.83 -1.62
N THR D 1732 12.85 -58.04 -0.63
CA THR D 1732 11.86 -57.28 0.13
C THR D 1732 11.14 -56.27 -0.73
N ALA D 1733 11.82 -55.72 -1.72
CA ALA D 1733 11.18 -54.78 -2.63
C ALA D 1733 10.10 -55.50 -3.41
N ILE D 1734 10.45 -56.63 -4.00
CA ILE D 1734 9.46 -57.40 -4.74
C ILE D 1734 8.32 -57.79 -3.82
N VAL D 1735 8.65 -58.32 -2.63
CA VAL D 1735 7.61 -58.74 -1.70
C VAL D 1735 6.68 -57.60 -1.31
N PHE D 1736 7.22 -56.44 -0.92
CA PHE D 1736 6.38 -55.32 -0.54
C PHE D 1736 5.49 -54.89 -1.69
N THR D 1737 6.04 -54.80 -2.89
CA THR D 1737 5.26 -54.38 -4.04
C THR D 1737 4.13 -55.36 -4.32
N GLU D 1738 4.40 -56.65 -4.17
CA GLU D 1738 3.37 -57.65 -4.37
C GLU D 1738 2.30 -57.53 -3.31
N ILE D 1739 2.71 -57.42 -2.05
CA ILE D 1739 1.75 -57.26 -0.95
C ILE D 1739 0.89 -56.03 -1.20
N ALA D 1740 1.51 -54.91 -1.54
CA ALA D 1740 0.77 -53.70 -1.81
C ALA D 1740 -0.25 -53.92 -2.91
N VAL D 1741 0.14 -54.60 -3.98
CA VAL D 1741 -0.80 -54.90 -5.05
C VAL D 1741 -1.95 -55.73 -4.54
N VAL D 1742 -1.66 -56.80 -3.81
CA VAL D 1742 -2.70 -57.66 -3.28
C VAL D 1742 -3.68 -56.89 -2.38
N VAL D 1743 -3.17 -56.09 -1.46
CA VAL D 1743 -4.07 -55.39 -0.53
C VAL D 1743 -4.81 -54.23 -1.19
N LYS D 1744 -4.26 -53.67 -2.26
CA LYS D 1744 -4.97 -52.62 -2.98
C LYS D 1744 -6.03 -53.28 -3.82
N TYR D 1745 -5.83 -54.55 -4.18
CA TYR D 1745 -6.83 -55.28 -4.94
C TYR D 1745 -7.95 -55.67 -4.00
N LEU D 1746 -7.61 -55.93 -2.75
CA LEU D 1746 -8.64 -56.26 -1.76
C LEU D 1746 -9.26 -54.98 -1.23
N PHE D 1747 -8.87 -53.84 -1.77
CA PHE D 1747 -9.44 -52.55 -1.36
C PHE D 1747 -9.53 -52.37 0.15
N THR D 1779 -8.80 -47.19 0.21
CA THR D 1779 -8.44 -47.02 -1.18
C THR D 1779 -9.37 -47.79 -2.10
N ASP D 1780 -9.89 -47.13 -3.13
CA ASP D 1780 -10.74 -47.82 -4.09
C ASP D 1780 -10.36 -47.39 -5.48
N GLY D 1781 -10.59 -48.24 -6.48
CA GLY D 1781 -10.16 -47.92 -7.84
C GLY D 1781 -8.66 -47.83 -7.81
N TYR D 1782 -8.00 -48.86 -7.30
CA TYR D 1782 -6.54 -48.83 -7.15
C TYR D 1782 -5.77 -48.64 -8.46
N ILE D 1783 -4.67 -47.90 -8.37
CA ILE D 1783 -3.85 -47.70 -9.55
C ILE D 1783 -2.75 -48.73 -9.57
N LYS D 1784 -2.24 -49.02 -10.75
CA LYS D 1784 -1.19 -50.02 -10.84
C LYS D 1784 0.10 -49.48 -11.42
N TYR D 1785 0.84 -48.71 -10.62
CA TYR D 1785 2.14 -48.25 -11.06
C TYR D 1785 3.04 -49.28 -10.43
N ASP D 1786 2.45 -50.18 -9.66
CA ASP D 1786 3.20 -51.26 -9.06
C ASP D 1786 3.36 -52.38 -10.06
N LEU D 1787 2.76 -52.26 -11.23
CA LEU D 1787 2.96 -53.26 -12.26
C LEU D 1787 4.33 -52.96 -12.80
N VAL D 1788 4.53 -51.74 -13.26
CA VAL D 1788 5.82 -51.35 -13.80
C VAL D 1788 6.92 -51.42 -12.74
N GLN D 1789 6.55 -51.35 -11.46
CA GLN D 1789 7.54 -51.49 -10.40
C GLN D 1789 7.95 -52.93 -10.30
N LEU D 1790 6.99 -53.83 -10.12
CA LEU D 1790 7.31 -55.24 -9.95
C LEU D 1790 8.07 -55.77 -11.14
N MET D 1791 7.68 -55.38 -12.33
CA MET D 1791 8.32 -55.89 -13.52
C MET D 1791 9.71 -55.33 -13.74
N ALA D 1792 9.99 -54.12 -13.26
CA ALA D 1792 11.33 -53.58 -13.36
C ALA D 1792 12.21 -54.23 -12.31
N LEU D 1793 11.63 -54.56 -11.17
CA LEU D 1793 12.39 -55.19 -10.09
C LEU D 1793 12.68 -56.65 -10.43
N PHE D 1794 11.91 -57.23 -11.33
CA PHE D 1794 12.16 -58.59 -11.75
C PHE D 1794 13.07 -58.57 -12.97
N PHE D 1795 13.17 -57.43 -13.64
CA PHE D 1795 14.08 -57.32 -14.76
C PHE D 1795 15.47 -57.20 -14.21
N HIS D 1796 15.64 -56.39 -13.18
CA HIS D 1796 16.94 -56.25 -12.55
C HIS D 1796 17.38 -57.57 -11.99
N ARG D 1797 16.46 -58.31 -11.38
CA ARG D 1797 16.79 -59.63 -10.88
C ARG D 1797 17.36 -60.50 -11.98
N SER D 1798 16.77 -60.46 -13.16
CA SER D 1798 17.29 -61.23 -14.29
C SER D 1798 18.65 -60.75 -14.72
N GLN D 1799 18.87 -59.44 -14.72
CA GLN D 1799 20.17 -58.91 -15.09
C GLN D 1799 21.26 -59.34 -14.11
N LEU D 1800 20.94 -59.37 -12.82
CA LEU D 1800 21.92 -59.76 -11.84
C LEU D 1800 22.04 -61.27 -11.70
N LEU D 1801 21.09 -62.01 -12.25
CA LEU D 1801 21.19 -63.46 -12.23
C LEU D 1801 22.18 -63.85 -13.30
N CYS D 1802 22.15 -63.15 -14.43
CA CYS D 1802 23.07 -63.43 -15.50
C CYS D 1802 24.46 -62.94 -15.16
N TYR D 1803 24.56 -61.94 -14.29
CA TYR D 1803 25.85 -61.39 -13.88
C TYR D 1803 26.78 -61.09 -15.04
N ARG D 1940 20.03 -56.49 16.97
CA ARG D 1940 21.25 -55.68 17.03
C ARG D 1940 22.56 -56.14 16.31
N PRO D 1941 22.53 -57.22 15.48
CA PRO D 1941 23.84 -57.55 14.87
C PRO D 1941 23.99 -57.12 13.42
N LEU D 1942 23.05 -57.51 12.57
CA LEU D 1942 23.13 -57.19 11.15
C LEU D 1942 23.20 -55.69 10.92
N ARG D 1943 22.40 -54.93 11.65
CA ARG D 1943 22.42 -53.48 11.52
C ARG D 1943 23.79 -52.94 11.86
N ARG D 1944 24.39 -53.46 12.92
CA ARG D 1944 25.72 -53.03 13.32
C ARG D 1944 26.72 -53.32 12.23
N PHE D 1945 26.61 -54.47 11.58
CA PHE D 1945 27.52 -54.83 10.50
C PHE D 1945 27.35 -53.87 9.33
N PHE D 1946 26.11 -53.51 9.00
CA PHE D 1946 25.86 -52.58 7.91
C PHE D 1946 26.56 -51.27 8.22
N HIS D 1947 26.36 -50.76 9.42
CA HIS D 1947 26.94 -49.46 9.77
C HIS D 1947 28.46 -49.53 9.82
N ASP D 1948 29.00 -50.63 10.31
CA ASP D 1948 30.45 -50.78 10.33
C ASP D 1948 31.00 -50.72 8.92
N ILE D 1949 30.34 -51.41 8.01
CA ILE D 1949 30.83 -51.46 6.64
C ILE D 1949 30.48 -50.19 5.85
N LEU D 1950 29.78 -49.25 6.48
CA LEU D 1950 29.48 -48.00 5.82
C LEU D 1950 30.43 -46.96 6.36
N HIS D 1951 31.11 -47.28 7.45
CA HIS D 1951 32.04 -46.34 8.05
C HIS D 1951 33.48 -46.75 7.81
N THR D 1952 33.86 -47.93 8.29
CA THR D 1952 35.23 -48.40 8.12
C THR D 1952 35.51 -48.78 6.68
N LYS D 1953 34.75 -49.72 6.12
CA LYS D 1953 34.92 -50.19 4.73
C LYS D 1953 36.30 -50.25 4.07
N TYR D 1954 36.32 -50.04 2.74
CA TYR D 1954 37.57 -50.07 1.98
C TYR D 1954 37.25 -49.50 0.61
N ARG D 1955 36.53 -48.38 0.56
CA ARG D 1955 36.10 -47.84 -0.73
C ARG D 1955 36.99 -46.73 -1.29
N ALA D 1956 36.51 -46.04 -2.31
CA ALA D 1956 37.32 -44.99 -2.95
C ALA D 1956 37.19 -43.62 -2.29
N ALA D 1957 36.97 -42.59 -3.10
CA ALA D 1957 36.84 -41.24 -2.56
C ALA D 1957 36.44 -40.24 -3.63
N THR D 1958 35.27 -39.64 -3.47
CA THR D 1958 34.79 -38.68 -4.47
C THR D 1958 34.29 -37.44 -3.78
N ASP D 1959 34.24 -36.33 -4.51
CA ASP D 1959 33.72 -35.10 -3.95
C ASP D 1959 32.49 -34.71 -4.73
N VAL D 1960 31.32 -35.10 -4.23
CA VAL D 1960 30.08 -34.77 -4.90
C VAL D 1960 29.34 -33.68 -4.15
N TYR D 1961 30.04 -32.89 -3.35
CA TYR D 1961 29.39 -31.80 -2.64
C TYR D 1961 28.86 -30.77 -3.59
N ALA D 1962 29.64 -30.44 -4.62
CA ALA D 1962 29.18 -29.47 -5.60
C ALA D 1962 27.81 -29.82 -6.10
N LEU D 1963 27.63 -31.08 -6.50
CA LEU D 1963 26.35 -31.50 -7.04
C LEU D 1963 25.26 -31.57 -5.99
N MET D 1964 25.59 -31.96 -4.76
CA MET D 1964 24.61 -31.98 -3.69
C MET D 1964 24.11 -30.59 -3.42
N PHE D 1965 25.02 -29.62 -3.40
CA PHE D 1965 24.64 -28.26 -3.13
C PHE D 1965 23.82 -27.70 -4.27
N LEU D 1966 24.16 -28.06 -5.50
CA LEU D 1966 23.38 -27.61 -6.63
C LEU D 1966 21.97 -28.14 -6.56
N ALA D 1967 21.81 -29.39 -6.12
CA ALA D 1967 20.47 -29.95 -5.99
C ALA D 1967 19.70 -29.15 -4.96
N ASP D 1968 20.34 -28.82 -3.85
CA ASP D 1968 19.68 -28.05 -2.81
C ASP D 1968 19.40 -26.62 -3.25
N VAL D 1969 20.21 -26.07 -4.15
CA VAL D 1969 19.95 -24.74 -4.66
C VAL D 1969 18.70 -24.78 -5.52
N VAL D 1970 18.59 -25.80 -6.38
CA VAL D 1970 17.39 -25.94 -7.18
C VAL D 1970 16.18 -26.10 -6.27
N ASP D 1971 16.31 -26.90 -5.23
CA ASP D 1971 15.23 -27.07 -4.28
C ASP D 1971 14.83 -25.74 -3.68
N PHE D 1972 15.80 -24.98 -3.20
CA PHE D 1972 15.51 -23.66 -2.65
C PHE D 1972 14.77 -22.82 -3.67
N ILE D 1973 15.30 -22.77 -4.89
CA ILE D 1973 14.68 -21.97 -5.94
C ILE D 1973 13.21 -22.33 -6.12
N ILE D 1974 12.89 -23.62 -6.24
CA ILE D 1974 11.49 -23.97 -6.50
C ILE D 1974 10.59 -23.77 -5.30
N ILE D 1975 11.14 -23.79 -4.09
CA ILE D 1975 10.33 -23.50 -2.92
C ILE D 1975 10.10 -22.01 -2.84
N ILE D 1976 11.12 -21.21 -3.12
CA ILE D 1976 10.94 -19.77 -3.16
C ILE D 1976 9.88 -19.44 -4.20
N PHE D 1977 10.04 -19.96 -5.42
CA PHE D 1977 9.06 -19.72 -6.48
C PHE D 1977 7.69 -20.25 -6.06
N GLY D 1978 7.68 -21.35 -5.32
CA GLY D 1978 6.43 -21.92 -4.87
C GLY D 1978 5.90 -21.32 -3.60
N PHE D 1979 5.71 -20.00 -3.56
CA PHE D 1979 5.10 -19.39 -2.39
C PHE D 1979 3.67 -19.88 -2.34
N TRP D 1980 3.04 -20.04 -3.50
CA TRP D 1980 1.68 -20.57 -3.56
C TRP D 1980 1.63 -21.97 -2.95
N GLN D 1999 -1.97 -20.09 5.68
CA GLN D 1999 -1.27 -21.31 6.05
C GLN D 1999 -0.17 -21.61 5.05
N VAL D 2000 -0.46 -21.45 3.77
CA VAL D 2000 0.56 -21.66 2.75
C VAL D 2000 1.80 -20.75 2.86
N PRO D 2001 1.62 -19.43 3.12
CA PRO D 2001 2.84 -18.65 3.30
C PRO D 2001 3.66 -19.18 4.46
N GLU D 2002 3.02 -19.48 5.58
CA GLU D 2002 3.73 -20.02 6.73
C GLU D 2002 4.46 -21.31 6.39
N ALA D 2003 3.82 -22.19 5.64
CA ALA D 2003 4.46 -23.45 5.25
C ALA D 2003 5.68 -23.20 4.39
N PHE D 2004 5.55 -22.31 3.42
CA PHE D 2004 6.66 -22.02 2.52
C PHE D 2004 7.80 -21.34 3.26
N LEU D 2005 7.47 -20.57 4.30
CA LEU D 2005 8.49 -19.91 5.09
C LEU D 2005 9.22 -20.91 5.98
N VAL D 2006 8.52 -21.91 6.47
CA VAL D 2006 9.18 -22.93 7.27
C VAL D 2006 10.08 -23.77 6.37
N MET D 2007 9.63 -24.05 5.15
CA MET D 2007 10.43 -24.83 4.23
C MET D 2007 11.66 -24.04 3.82
N LEU D 2008 11.56 -22.72 3.80
CA LEU D 2008 12.72 -21.90 3.49
C LEU D 2008 13.74 -22.09 4.58
N LEU D 2009 13.34 -21.78 5.81
CA LEU D 2009 14.25 -21.94 6.93
C LEU D 2009 14.86 -23.33 6.90
N ILE D 2010 14.10 -24.31 6.46
CA ILE D 2010 14.59 -25.69 6.46
C ILE D 2010 15.67 -25.89 5.42
N GLN D 2011 15.35 -25.66 4.15
CA GLN D 2011 16.38 -25.77 3.12
C GLN D 2011 17.64 -25.10 3.60
N PHE D 2012 17.52 -23.91 4.16
CA PHE D 2012 18.70 -23.17 4.57
C PHE D 2012 19.45 -23.91 5.66
N SER D 2013 18.77 -24.27 6.73
CA SER D 2013 19.43 -24.95 7.83
C SER D 2013 20.11 -26.22 7.38
N THR D 2014 19.48 -26.97 6.49
CA THR D 2014 20.05 -28.24 6.06
C THR D 2014 21.29 -28.01 5.23
N MET D 2015 21.29 -26.98 4.39
CA MET D 2015 22.47 -26.65 3.60
C MET D 2015 23.63 -26.27 4.51
N VAL D 2016 23.35 -25.54 5.58
CA VAL D 2016 24.39 -25.16 6.52
C VAL D 2016 24.98 -26.40 7.20
N VAL D 2017 24.11 -27.31 7.63
CA VAL D 2017 24.59 -28.52 8.28
C VAL D 2017 25.42 -29.34 7.29
N ASP D 2018 24.99 -29.40 6.04
CA ASP D 2018 25.75 -30.13 5.04
C ASP D 2018 27.14 -29.55 4.89
N ARG D 2019 27.25 -28.22 4.83
CA ARG D 2019 28.56 -27.59 4.72
C ARG D 2019 29.43 -27.96 5.90
N ALA D 2020 28.86 -27.97 7.08
CA ALA D 2020 29.62 -28.35 8.26
C ALA D 2020 30.22 -29.72 8.11
N LEU D 2021 29.40 -30.72 7.78
CA LEU D 2021 29.89 -32.08 7.68
C LEU D 2021 30.88 -32.27 6.55
N TYR D 2022 30.76 -31.47 5.50
CA TYR D 2022 31.69 -31.55 4.39
C TYR D 2022 33.03 -31.00 4.80
N LEU D 2023 33.04 -29.85 5.45
CA LEU D 2023 34.28 -29.21 5.84
C LEU D 2023 34.94 -29.94 6.99
N ARG D 2024 34.16 -30.69 7.77
CA ARG D 2024 34.73 -31.45 8.86
C ARG D 2024 34.94 -32.89 8.43
N LYS D 2025 34.68 -33.18 7.16
CA LYS D 2025 34.85 -34.53 6.61
C LYS D 2025 34.31 -35.63 7.51
N THR D 2026 33.04 -35.55 7.87
CA THR D 2026 32.45 -36.53 8.78
C THR D 2026 31.54 -37.48 8.05
N VAL D 2027 31.97 -38.72 7.87
CA VAL D 2027 31.14 -39.73 7.22
C VAL D 2027 30.06 -40.18 8.17
N LEU D 2028 30.39 -40.26 9.46
CA LEU D 2028 29.41 -40.66 10.44
C LEU D 2028 28.37 -39.58 10.61
N GLY D 2029 28.81 -38.34 10.54
CA GLY D 2029 27.89 -37.22 10.65
C GLY D 2029 26.97 -37.18 9.46
N LYS D 2030 27.51 -37.46 8.28
CA LYS D 2030 26.68 -37.47 7.09
C LYS D 2030 25.70 -38.62 7.14
N LEU D 2031 26.12 -39.77 7.69
CA LEU D 2031 25.20 -40.88 7.84
C LEU D 2031 24.04 -40.45 8.68
N ALA D 2032 24.32 -39.89 9.85
CA ALA D 2032 23.27 -39.45 10.75
C ALA D 2032 22.36 -38.45 10.09
N PHE D 2033 22.94 -37.44 9.46
CA PHE D 2033 22.15 -36.43 8.80
C PHE D 2033 21.25 -37.04 7.74
N GLN D 2034 21.81 -37.88 6.88
CA GLN D 2034 21.02 -38.54 5.85
C GLN D 2034 19.86 -39.28 6.47
N VAL D 2035 20.10 -40.14 7.46
CA VAL D 2035 19.04 -40.90 8.06
C VAL D 2035 17.94 -39.98 8.56
N ALA D 2036 18.31 -39.00 9.38
CA ALA D 2036 17.33 -38.07 9.90
C ALA D 2036 16.58 -37.37 8.80
N LEU D 2037 17.29 -36.79 7.85
CA LEU D 2037 16.65 -36.04 6.78
C LEU D 2037 15.70 -36.89 5.94
N VAL D 2038 16.11 -38.10 5.58
CA VAL D 2038 15.24 -38.98 4.81
C VAL D 2038 13.92 -39.14 5.55
N LEU D 2039 13.98 -39.57 6.80
CA LEU D 2039 12.77 -39.77 7.58
C LEU D 2039 11.95 -38.50 7.71
N ALA D 2040 12.61 -37.38 8.00
CA ALA D 2040 11.89 -36.13 8.23
C ALA D 2040 11.21 -35.58 6.98
N ILE D 2041 11.87 -35.70 5.84
CA ILE D 2041 11.30 -35.17 4.61
C ILE D 2041 10.14 -36.07 4.21
N HIS D 2042 10.27 -37.36 4.45
CA HIS D 2042 9.20 -38.28 4.15
C HIS D 2042 8.03 -38.10 5.11
N LEU D 2043 8.28 -37.60 6.31
CA LEU D 2043 7.21 -37.36 7.26
C LEU D 2043 6.56 -36.03 6.95
N TRP D 2044 7.28 -35.16 6.25
CA TRP D 2044 6.70 -33.88 5.85
C TRP D 2044 5.72 -34.08 4.72
N MET D 2045 5.74 -35.25 4.09
CA MET D 2045 4.76 -35.56 3.06
C MET D 2045 3.43 -35.78 3.74
N PHE D 2046 3.44 -36.16 5.02
CA PHE D 2046 2.19 -36.33 5.76
C PHE D 2046 1.65 -35.00 6.23
N PHE D 2047 2.51 -34.00 6.36
CA PHE D 2047 2.05 -32.67 6.76
C PHE D 2047 1.79 -31.84 5.52
N ILE D 2048 1.00 -32.36 4.59
CA ILE D 2048 0.68 -31.64 3.38
C ILE D 2048 -0.24 -30.46 3.69
N LEU D 2049 -1.09 -30.61 4.70
CA LEU D 2049 -2.00 -29.55 5.11
C LEU D 2049 -1.22 -28.29 5.46
N PRO D 2050 -1.48 -27.19 4.73
CA PRO D 2050 -0.70 -25.97 4.97
C PRO D 2050 -1.37 -25.05 5.99
N ASN D 2060 0.45 -31.56 -5.69
CA ASN D 2060 1.09 -30.30 -6.04
C ASN D 2060 2.32 -30.55 -6.88
N VAL D 2061 2.36 -29.97 -8.08
CA VAL D 2061 3.51 -30.15 -8.95
C VAL D 2061 4.78 -29.59 -8.35
N VAL D 2062 4.69 -28.45 -7.68
CA VAL D 2062 5.86 -27.87 -7.04
C VAL D 2062 6.41 -28.83 -6.00
N ALA D 2063 5.54 -29.42 -5.19
CA ALA D 2063 5.99 -30.33 -4.16
C ALA D 2063 6.51 -31.64 -4.74
N GLN D 2064 5.96 -32.06 -5.86
CA GLN D 2064 6.44 -33.27 -6.51
C GLN D 2064 7.84 -33.03 -7.00
N LEU D 2065 8.08 -31.85 -7.56
CA LEU D 2065 9.41 -31.53 -8.05
C LEU D 2065 10.36 -31.34 -6.89
N TRP D 2066 9.91 -30.74 -5.81
CA TRP D 2066 10.78 -30.60 -4.65
C TRP D 2066 11.18 -31.97 -4.14
N TYR D 2067 10.24 -32.91 -4.11
CA TYR D 2067 10.57 -34.26 -3.67
C TYR D 2067 11.58 -34.85 -4.62
N PHE D 2068 11.35 -34.72 -5.92
CA PHE D 2068 12.26 -35.28 -6.91
C PHE D 2068 13.69 -34.75 -6.77
N VAL D 2069 13.86 -33.44 -6.64
CA VAL D 2069 15.21 -32.91 -6.56
C VAL D 2069 15.83 -33.26 -5.21
N LYS D 2070 15.02 -33.38 -4.18
CA LYS D 2070 15.56 -33.80 -2.90
C LYS D 2070 15.97 -35.27 -2.97
N CYS D 2071 15.31 -36.05 -3.82
CA CYS D 2071 15.71 -37.44 -4.00
C CYS D 2071 17.07 -37.51 -4.64
N ILE D 2072 17.34 -36.61 -5.59
CA ILE D 2072 18.66 -36.57 -6.20
C ILE D 2072 19.69 -36.19 -5.16
N TYR D 2073 19.36 -35.23 -4.29
CA TYR D 2073 20.27 -34.87 -3.22
C TYR D 2073 20.54 -36.06 -2.31
N PHE D 2074 19.51 -36.84 -2.00
CA PHE D 2074 19.69 -38.01 -1.14
C PHE D 2074 20.52 -39.08 -1.82
N ALA D 2075 20.44 -39.16 -3.13
CA ALA D 2075 21.21 -40.15 -3.87
C ALA D 2075 22.68 -39.78 -3.92
N LEU D 2076 22.96 -38.49 -4.13
CA LEU D 2076 24.34 -38.04 -4.19
C LEU D 2076 24.92 -37.99 -2.79
N SER D 2077 24.09 -37.79 -1.79
CA SER D 2077 24.56 -37.78 -0.42
C SER D 2077 24.89 -39.19 0.00
N ALA D 2078 24.04 -40.13 -0.37
CA ALA D 2078 24.29 -41.52 -0.06
C ALA D 2078 25.59 -41.94 -0.69
N TYR D 2079 25.87 -41.43 -1.88
CA TYR D 2079 27.12 -41.75 -2.55
C TYR D 2079 28.30 -41.26 -1.73
N GLN D 2080 28.27 -40.03 -1.26
CA GLN D 2080 29.34 -39.50 -0.43
C GLN D 2080 29.64 -40.39 0.76
N ILE D 2081 28.59 -40.85 1.44
CA ILE D 2081 28.80 -41.68 2.62
C ILE D 2081 29.42 -43.02 2.24
N ARG D 2082 28.90 -43.65 1.19
CA ARG D 2082 29.41 -44.97 0.81
C ARG D 2082 30.74 -44.93 0.06
N CYS D 2083 31.20 -43.74 -0.32
CA CYS D 2083 32.49 -43.64 -0.97
C CYS D 2083 33.51 -43.17 0.03
N GLY D 2084 33.29 -42.00 0.60
CA GLY D 2084 34.20 -41.46 1.58
C GLY D 2084 34.49 -40.01 1.25
N TYR D 2085 35.27 -39.34 2.08
CA TYR D 2085 35.63 -37.96 1.82
C TYR D 2085 37.06 -37.90 1.34
N PRO D 2086 37.32 -37.17 0.25
CA PRO D 2086 38.68 -37.11 -0.30
C PRO D 2086 39.55 -36.18 0.52
N THR D 2087 40.86 -36.38 0.50
CA THR D 2087 41.77 -35.56 1.31
C THR D 2087 41.73 -34.08 0.97
N ARG D 2088 41.76 -33.77 -0.33
CA ARG D 2088 41.73 -32.37 -0.76
C ARG D 2088 40.29 -31.89 -0.91
N ILE D 2089 39.74 -31.27 0.12
CA ILE D 2089 38.37 -30.81 0.06
C ILE D 2089 38.27 -29.32 -0.17
N LEU D 2090 39.32 -28.58 0.16
CA LEU D 2090 39.29 -27.13 0.03
C LEU D 2090 39.49 -26.69 -1.41
N GLY D 2091 38.97 -25.52 -1.75
CA GLY D 2091 39.12 -25.01 -3.10
C GLY D 2091 37.81 -24.74 -3.78
N ASN D 2092 37.58 -23.52 -4.23
CA ASN D 2092 36.30 -23.17 -4.84
C ASN D 2092 36.09 -23.90 -6.14
N PHE D 2093 34.92 -24.48 -6.33
CA PHE D 2093 34.60 -25.21 -7.54
C PHE D 2093 34.83 -24.40 -8.80
N LEU D 2094 34.38 -23.16 -8.81
CA LEU D 2094 34.47 -22.35 -10.02
C LEU D 2094 35.81 -21.65 -10.20
N THR D 2095 36.81 -21.99 -9.39
CA THR D 2095 38.14 -21.40 -9.57
C THR D 2095 39.14 -22.46 -9.96
N LYS D 2096 38.65 -23.59 -10.46
CA LYS D 2096 39.55 -24.70 -10.80
C LYS D 2096 40.22 -24.53 -12.14
N LYS D 2097 39.42 -24.45 -13.20
CA LYS D 2097 39.98 -24.36 -14.55
C LYS D 2097 39.68 -23.04 -15.13
N TYR D 2098 40.43 -22.69 -16.15
CA TYR D 2098 40.28 -21.36 -16.67
C TYR D 2098 39.75 -21.33 -18.08
N ASN D 2099 38.80 -22.23 -18.32
CA ASN D 2099 37.93 -22.16 -19.47
C ASN D 2099 36.77 -21.24 -19.18
N HIS D 2100 36.01 -20.92 -20.22
CA HIS D 2100 34.93 -19.98 -20.05
C HIS D 2100 33.78 -20.45 -19.16
N LEU D 2101 33.48 -21.74 -19.16
CA LEU D 2101 32.34 -22.20 -18.38
C LEU D 2101 32.63 -21.99 -16.91
N ASN D 2102 33.81 -22.38 -16.45
CA ASN D 2102 34.17 -22.15 -15.07
C ASN D 2102 34.04 -20.67 -14.76
N LEU D 2103 34.54 -19.82 -15.64
CA LEU D 2103 34.45 -18.37 -15.44
C LEU D 2103 33.02 -17.95 -15.22
N PHE D 2104 32.14 -18.33 -16.14
CA PHE D 2104 30.75 -17.87 -16.05
C PHE D 2104 30.07 -18.40 -14.80
N LEU D 2105 30.27 -19.67 -14.48
CA LEU D 2105 29.65 -20.25 -13.30
C LEU D 2105 30.13 -19.56 -12.04
N PHE D 2106 31.26 -18.87 -12.01
CA PHE D 2106 31.56 -18.04 -10.81
C PHE D 2106 30.53 -16.89 -10.68
N GLN D 2107 30.32 -16.24 -11.82
CA GLN D 2107 29.38 -15.14 -11.84
C GLN D 2107 27.99 -15.57 -11.40
N GLY D 2108 27.68 -16.86 -11.48
CA GLY D 2108 26.40 -17.34 -10.98
C GLY D 2108 26.14 -16.92 -9.54
N PHE D 2109 26.98 -17.40 -8.62
CA PHE D 2109 26.80 -17.06 -7.22
C PHE D 2109 27.09 -15.57 -7.00
N ARG D 2110 27.98 -15.02 -7.81
CA ARG D 2110 28.37 -13.62 -7.64
C ARG D 2110 27.15 -12.71 -7.69
N LEU D 2111 26.05 -13.23 -8.20
CA LEU D 2111 24.83 -12.43 -8.28
C LEU D 2111 24.13 -12.39 -6.92
N VAL D 2112 24.08 -13.52 -6.23
CA VAL D 2112 23.48 -13.58 -4.90
C VAL D 2112 24.23 -12.66 -3.96
N PRO D 2113 23.52 -11.72 -3.32
CA PRO D 2113 24.19 -10.74 -2.45
C PRO D 2113 24.52 -11.25 -1.05
N PHE D 2114 24.44 -12.56 -0.83
CA PHE D 2114 24.70 -13.10 0.49
C PHE D 2114 25.50 -14.39 0.45
N LEU D 2115 25.58 -15.00 -0.72
CA LEU D 2115 26.27 -16.28 -0.81
C LEU D 2115 27.74 -16.14 -0.46
N VAL D 2116 28.41 -15.15 -1.04
CA VAL D 2116 29.83 -14.95 -0.78
C VAL D 2116 30.15 -14.85 0.69
N GLU D 2117 29.45 -13.98 1.40
CA GLU D 2117 29.75 -13.79 2.81
C GLU D 2117 29.39 -15.01 3.65
N LEU D 2118 28.28 -15.67 3.34
CA LEU D 2118 27.90 -16.87 4.06
C LEU D 2118 28.97 -17.93 3.91
N ARG D 2119 29.41 -18.14 2.68
CA ARG D 2119 30.45 -19.12 2.43
C ARG D 2119 31.65 -18.84 3.30
N ALA D 2120 32.14 -17.61 3.29
CA ALA D 2120 33.31 -17.26 4.08
C ALA D 2120 33.14 -17.54 5.56
N VAL D 2121 32.13 -16.95 6.18
CA VAL D 2121 31.94 -17.14 7.62
C VAL D 2121 31.80 -18.62 7.93
N MET D 2122 30.89 -19.30 7.24
CA MET D 2122 30.67 -20.72 7.47
C MET D 2122 31.97 -21.50 7.42
N ASP D 2123 32.67 -21.41 6.29
CA ASP D 2123 33.92 -22.13 6.15
C ASP D 2123 34.87 -21.85 7.30
N TRP D 2124 35.01 -20.58 7.67
CA TRP D 2124 35.89 -20.22 8.78
C TRP D 2124 35.57 -21.00 10.03
N VAL D 2125 34.29 -21.06 10.38
CA VAL D 2125 33.83 -21.75 11.59
C VAL D 2125 34.17 -23.22 11.65
N TRP D 2126 34.10 -23.91 10.52
CA TRP D 2126 34.46 -25.32 10.47
C TRP D 2126 35.95 -25.57 10.22
N THR D 2127 36.50 -25.02 9.14
CA THR D 2127 37.91 -25.20 8.82
C THR D 2127 38.80 -24.79 9.99
N ASP D 2128 39.85 -25.56 10.24
CA ASP D 2128 40.76 -25.22 11.32
C ASP D 2128 41.71 -24.13 10.87
N THR D 2129 41.58 -22.94 11.46
CA THR D 2129 42.43 -21.82 11.09
C THR D 2129 43.08 -21.22 12.31
N THR D 2130 44.10 -20.41 12.13
CA THR D 2130 44.70 -19.72 13.26
C THR D 2130 44.23 -18.29 13.18
N LEU D 2131 43.82 -17.87 11.98
CA LEU D 2131 43.45 -16.48 11.76
C LEU D 2131 42.02 -16.12 12.05
N SER D 2132 41.63 -14.94 11.59
CA SER D 2132 40.27 -14.48 11.84
C SER D 2132 39.39 -14.60 10.62
N LEU D 2133 38.16 -14.16 10.75
CA LEU D 2133 37.24 -14.21 9.62
C LEU D 2133 37.61 -13.14 8.61
N SER D 2134 38.02 -11.97 9.06
CA SER D 2134 38.43 -10.92 8.15
C SER D 2134 39.57 -11.45 7.29
N SER D 2135 40.54 -12.08 7.92
CA SER D 2135 41.66 -12.64 7.20
C SER D 2135 41.22 -13.66 6.19
N TRP D 2136 40.21 -14.43 6.55
CA TRP D 2136 39.73 -15.52 5.70
C TRP D 2136 39.07 -14.90 4.50
N MET D 2137 38.26 -13.87 4.73
CA MET D 2137 37.58 -13.21 3.63
C MET D 2137 38.57 -12.53 2.71
N CYS D 2138 39.68 -12.05 3.23
CA CYS D 2138 40.70 -11.46 2.38
C CYS D 2138 41.22 -12.49 1.39
N VAL D 2139 41.61 -13.67 1.86
CA VAL D 2139 42.17 -14.65 0.93
C VAL D 2139 41.13 -15.14 -0.05
N GLU D 2140 39.87 -15.13 0.33
CA GLU D 2140 38.82 -15.53 -0.58
C GLU D 2140 38.62 -14.49 -1.66
N ASP D 2141 38.62 -13.22 -1.28
CA ASP D 2141 38.49 -12.17 -2.28
C ASP D 2141 39.66 -12.22 -3.24
N ILE D 2142 40.88 -12.27 -2.71
CA ILE D 2142 42.04 -12.29 -3.58
C ILE D 2142 41.88 -13.44 -4.56
N TYR D 2143 41.60 -14.64 -4.07
CA TYR D 2143 41.48 -15.80 -4.95
C TYR D 2143 40.42 -15.60 -6.01
N ALA D 2144 39.27 -15.09 -5.62
CA ALA D 2144 38.18 -14.91 -6.57
C ALA D 2144 38.62 -14.00 -7.69
N ASN D 2145 39.15 -12.84 -7.34
CA ASN D 2145 39.61 -11.90 -8.34
C ASN D 2145 40.70 -12.52 -9.21
N ILE D 2146 41.66 -13.19 -8.58
CA ILE D 2146 42.76 -13.79 -9.32
C ILE D 2146 42.23 -14.83 -10.31
N PHE D 2147 41.27 -15.65 -9.90
CA PHE D 2147 40.68 -16.61 -10.82
C PHE D 2147 40.06 -15.92 -12.03
N ILE D 2148 39.23 -14.91 -11.78
CA ILE D 2148 38.57 -14.22 -12.88
C ILE D 2148 39.61 -13.68 -13.86
N ILE D 2149 40.66 -13.06 -13.34
CA ILE D 2149 41.74 -12.58 -14.21
C ILE D 2149 42.38 -13.72 -14.99
N LYS D 2150 42.69 -14.83 -14.31
CA LYS D 2150 43.30 -15.98 -14.98
C LYS D 2150 42.44 -16.51 -16.12
N CYS D 2151 41.15 -16.66 -15.88
CA CYS D 2151 40.26 -17.12 -16.95
C CYS D 2151 40.35 -16.21 -18.14
N SER D 2152 40.30 -14.91 -17.92
CA SER D 2152 40.41 -13.96 -19.02
C SER D 2152 41.75 -14.04 -19.73
N ARG D 2153 42.83 -14.22 -18.98
CA ARG D 2153 44.15 -14.32 -19.57
C ARG D 2153 44.22 -15.56 -20.42
N GLU D 2154 43.66 -16.65 -19.91
CA GLU D 2154 43.70 -17.91 -20.63
C GLU D 2154 42.93 -17.82 -21.93
N THR D 2155 41.76 -17.21 -21.89
CA THR D 2155 40.96 -17.09 -23.09
C THR D 2155 41.62 -16.18 -24.10
N GLU D 2156 42.38 -15.19 -23.64
CA GLU D 2156 43.09 -14.35 -24.59
C GLU D 2156 44.27 -15.07 -25.21
N LYS D 2157 44.80 -16.07 -24.52
CA LYS D 2157 45.87 -16.85 -25.12
C LYS D 2157 45.28 -17.85 -26.08
N LYS D 2158 44.11 -18.38 -25.75
CA LYS D 2158 43.45 -19.34 -26.61
C LYS D 2158 43.00 -18.67 -27.89
N TYR D 2159 42.33 -17.54 -27.76
CA TYR D 2159 41.88 -16.79 -28.93
C TYR D 2159 42.37 -15.36 -28.84
N PRO D 2160 43.49 -15.04 -29.51
CA PRO D 2160 44.06 -13.69 -29.46
C PRO D 2160 43.47 -12.74 -30.50
N GLN D 2161 43.93 -11.49 -30.49
CA GLN D 2161 43.43 -10.50 -31.45
C GLN D 2161 44.62 -9.69 -31.97
N PRO D 2162 44.49 -9.12 -33.18
CA PRO D 2162 45.59 -8.35 -33.77
C PRO D 2162 45.66 -6.89 -33.34
N LYS D 2163 46.70 -6.18 -33.79
CA LYS D 2163 46.86 -4.77 -33.43
C LYS D 2163 46.21 -3.84 -34.44
N GLY D 2164 45.83 -2.65 -34.00
CA GLY D 2164 45.16 -1.71 -34.89
C GLY D 2164 44.07 -2.42 -35.61
N GLN D 2165 43.39 -3.29 -34.89
CA GLN D 2165 42.38 -4.09 -35.53
C GLN D 2165 41.03 -3.96 -34.88
N LYS D 2166 40.13 -3.17 -35.48
CA LYS D 2166 38.75 -3.09 -35.01
C LYS D 2166 38.34 -4.30 -34.20
N LYS D 2167 37.88 -4.06 -32.97
CA LYS D 2167 37.47 -5.16 -32.10
C LYS D 2167 36.41 -6.06 -32.72
N LYS D 2168 35.81 -5.63 -33.84
CA LYS D 2168 34.79 -6.40 -34.58
C LYS D 2168 33.37 -5.97 -34.31
N LYS D 2169 32.82 -5.18 -35.22
CA LYS D 2169 31.43 -4.75 -35.13
C LYS D 2169 30.48 -5.70 -34.45
N ILE D 2170 30.56 -6.97 -34.79
CA ILE D 2170 29.67 -7.97 -34.21
C ILE D 2170 29.82 -8.12 -32.71
N VAL D 2171 31.05 -8.22 -32.23
CA VAL D 2171 31.27 -8.32 -30.79
C VAL D 2171 30.58 -7.18 -30.10
N LYS D 2172 30.79 -5.96 -30.60
CA LYS D 2172 30.18 -4.77 -29.98
C LYS D 2172 28.68 -4.90 -29.99
N TYR D 2173 28.12 -5.24 -31.14
CA TYR D 2173 26.67 -5.31 -31.25
C TYR D 2173 26.09 -6.30 -30.27
N GLY D 2174 26.76 -7.43 -30.08
CA GLY D 2174 26.28 -8.44 -29.17
C GLY D 2174 26.25 -7.97 -27.74
N MET D 2175 27.41 -7.66 -27.17
CA MET D 2175 27.48 -7.23 -25.79
C MET D 2175 26.59 -6.04 -25.53
N GLY D 2176 26.76 -4.99 -26.33
CA GLY D 2176 25.94 -3.80 -26.18
C GLY D 2176 24.47 -4.13 -26.20
N GLY D 2177 24.04 -4.90 -27.20
CA GLY D 2177 22.64 -5.28 -27.30
C GLY D 2177 22.13 -5.95 -26.05
N LEU D 2178 22.86 -6.94 -25.55
CA LEU D 2178 22.47 -7.63 -24.34
C LEU D 2178 22.30 -6.67 -23.19
N ILE D 2179 23.24 -5.76 -23.01
CA ILE D 2179 23.15 -4.80 -21.93
C ILE D 2179 21.90 -3.94 -22.08
N ILE D 2180 21.68 -3.41 -23.26
CA ILE D 2180 20.48 -2.61 -23.50
C ILE D 2180 19.22 -3.40 -23.19
N LEU D 2181 19.13 -4.63 -23.65
CA LEU D 2181 17.95 -5.46 -23.40
C LEU D 2181 17.75 -5.73 -21.93
N PHE D 2182 18.85 -5.91 -21.19
CA PHE D 2182 18.76 -6.13 -19.76
C PHE D 2182 18.21 -4.87 -19.12
N LEU D 2183 18.67 -3.71 -19.55
CA LEU D 2183 18.16 -2.46 -19.02
C LEU D 2183 16.70 -2.25 -19.38
N ILE D 2184 16.29 -2.72 -20.56
CA ILE D 2184 14.90 -2.61 -20.97
C ILE D 2184 14.07 -3.44 -20.00
N ALA D 2185 14.56 -4.64 -19.69
CA ALA D 2185 13.84 -5.52 -18.78
C ALA D 2185 13.86 -5.09 -17.33
N ILE D 2186 14.58 -4.02 -17.00
CA ILE D 2186 14.56 -3.50 -15.64
C ILE D 2186 13.38 -2.57 -15.54
N ILE D 2187 13.14 -1.77 -16.57
CA ILE D 2187 12.08 -0.80 -16.48
C ILE D 2187 10.78 -1.18 -17.16
N TRP D 2188 10.85 -1.50 -18.45
CA TRP D 2188 9.66 -1.81 -19.22
C TRP D 2188 9.01 -3.14 -18.88
N PHE D 2189 9.78 -4.22 -18.91
CA PHE D 2189 9.22 -5.54 -18.64
C PHE D 2189 8.38 -5.65 -17.36
N PRO D 2190 8.86 -5.13 -16.21
CA PRO D 2190 7.97 -5.20 -15.05
C PRO D 2190 6.65 -4.53 -15.31
N LEU D 2191 6.67 -3.32 -15.88
CA LEU D 2191 5.44 -2.62 -16.21
C LEU D 2191 4.54 -3.48 -17.07
N LEU D 2192 5.10 -4.09 -18.11
CA LEU D 2192 4.32 -4.95 -18.98
C LEU D 2192 3.65 -6.06 -18.20
N PHE D 2193 4.45 -6.84 -17.47
CA PHE D 2193 3.89 -7.93 -16.67
C PHE D 2193 2.80 -7.43 -15.75
N MET D 2194 3.08 -6.38 -15.00
CA MET D 2194 2.11 -5.82 -14.07
C MET D 2194 0.79 -5.53 -14.77
N SER D 2195 0.84 -4.70 -15.80
CA SER D 2195 -0.37 -4.34 -16.51
C SER D 2195 -1.10 -5.56 -17.04
N LEU D 2196 -0.38 -6.49 -17.65
CA LEU D 2196 -1.00 -7.69 -18.21
C LEU D 2196 -1.85 -8.44 -17.19
N VAL D 2197 -1.28 -8.69 -16.01
CA VAL D 2197 -2.01 -9.38 -14.95
C VAL D 2197 -3.23 -8.58 -14.51
N ARG D 2198 -3.05 -7.29 -14.32
CA ARG D 2198 -4.16 -6.44 -13.88
C ARG D 2198 -5.30 -6.45 -14.89
N SER D 2199 -4.97 -6.48 -16.18
CA SER D 2199 -6.00 -6.48 -17.21
C SER D 2199 -6.87 -7.73 -17.15
N VAL D 2200 -6.28 -8.86 -16.77
CA VAL D 2200 -7.05 -10.10 -16.67
C VAL D 2200 -8.16 -9.97 -15.64
N VAL D 2201 -9.40 -10.13 -16.10
CA VAL D 2201 -10.54 -10.09 -15.18
C VAL D 2201 -10.74 -11.47 -14.57
N GLY D 2202 -10.32 -11.62 -13.32
CA GLY D 2202 -10.15 -12.90 -12.68
C GLY D 2202 -11.34 -13.83 -12.60
N VAL D 2203 -12.28 -13.54 -11.70
CA VAL D 2203 -13.40 -14.47 -11.53
C VAL D 2203 -14.78 -13.88 -11.76
N VAL D 2204 -15.69 -14.69 -12.30
CA VAL D 2204 -17.05 -14.24 -12.60
C VAL D 2204 -17.81 -13.53 -11.50
N ASN D 2205 -18.37 -12.38 -11.80
CA ASN D 2205 -19.22 -11.67 -10.85
C ASN D 2205 -20.60 -11.50 -11.41
N GLN D 2206 -21.57 -12.26 -10.91
CA GLN D 2206 -22.93 -12.19 -11.42
C GLN D 2206 -23.89 -11.65 -10.37
N PRO D 2207 -24.77 -10.72 -10.77
CA PRO D 2207 -25.77 -10.20 -9.83
C PRO D 2207 -26.56 -11.32 -9.20
N ILE D 2208 -26.50 -11.43 -7.88
CA ILE D 2208 -27.23 -12.47 -7.18
C ILE D 2208 -28.72 -12.19 -7.34
N ASP D 2209 -29.12 -10.94 -7.10
CA ASP D 2209 -30.52 -10.61 -7.20
C ASP D 2209 -30.79 -9.48 -8.17
N VAL D 2210 -32.01 -9.41 -8.69
CA VAL D 2210 -32.37 -8.30 -9.55
C VAL D 2210 -33.39 -7.47 -8.78
N THR D 2211 -32.90 -6.47 -8.08
CA THR D 2211 -33.79 -5.63 -7.28
C THR D 2211 -34.25 -4.44 -8.07
N VAL D 2212 -35.38 -4.56 -8.75
CA VAL D 2212 -35.90 -3.42 -9.46
C VAL D 2212 -36.95 -2.70 -8.64
N THR D 2213 -36.55 -1.58 -8.03
CA THR D 2213 -37.50 -0.79 -7.28
C THR D 2213 -37.89 0.34 -8.20
N LEU D 2214 -39.10 0.25 -8.76
CA LEU D 2214 -39.56 1.28 -9.68
C LEU D 2214 -40.12 2.45 -8.90
N LYS D 2215 -39.27 3.11 -8.13
CA LYS D 2215 -39.70 4.27 -7.35
C LYS D 2215 -40.59 5.19 -8.17
N LEU D 2216 -41.88 5.17 -7.90
CA LEU D 2216 -42.81 5.96 -8.71
C LEU D 2216 -43.27 7.21 -7.98
N GLY D 2217 -44.14 7.03 -7.00
CA GLY D 2217 -44.65 8.16 -6.24
C GLY D 2217 -43.53 9.04 -5.72
N GLY D 2218 -43.56 10.31 -6.07
CA GLY D 2218 -42.54 11.23 -5.58
C GLY D 2218 -42.51 11.23 -4.07
N TYR D 2219 -43.68 11.32 -3.44
CA TYR D 2219 -43.77 11.31 -1.99
C TYR D 2219 -43.37 9.97 -1.43
N GLU D 2220 -44.06 8.92 -1.86
CA GLU D 2220 -43.74 7.57 -1.39
C GLU D 2220 -43.38 6.64 -2.52
N PRO D 2221 -42.07 6.47 -2.78
CA PRO D 2221 -41.61 5.60 -3.86
C PRO D 2221 -41.89 4.13 -3.57
N LEU D 2222 -42.54 3.43 -4.51
CA LEU D 2222 -42.89 2.04 -4.27
C LEU D 2222 -42.53 1.12 -5.42
N PHE D 2223 -43.46 0.26 -5.83
CA PHE D 2223 -43.22 -0.68 -6.92
C PHE D 2223 -41.93 -1.47 -6.71
N THR D 2224 -41.83 -2.18 -5.59
CA THR D 2224 -40.60 -2.90 -5.28
C THR D 2224 -40.67 -4.39 -5.61
N MET D 2225 -41.56 -4.76 -6.53
CA MET D 2225 -41.64 -6.15 -6.95
C MET D 2225 -40.33 -6.52 -7.60
N SER D 2226 -39.61 -7.46 -7.02
CA SER D 2226 -38.29 -7.82 -7.55
C SER D 2226 -37.99 -9.29 -7.30
N ALA D 2227 -36.87 -9.78 -7.82
CA ALA D 2227 -36.54 -11.19 -7.68
C ALA D 2227 -35.16 -11.47 -7.10
N GLN D 2228 -34.81 -12.75 -7.00
CA GLN D 2228 -33.52 -13.13 -6.42
C GLN D 2228 -32.86 -14.24 -7.22
N GLN D 2229 -31.83 -14.88 -6.65
CA GLN D 2229 -31.13 -15.98 -7.34
C GLN D 2229 -31.97 -17.09 -7.99
N PRO D 2230 -33.01 -17.62 -7.29
CA PRO D 2230 -33.79 -18.65 -8.01
C PRO D 2230 -34.29 -18.19 -9.38
N SER D 2231 -34.84 -16.98 -9.46
CA SER D 2231 -35.33 -16.46 -10.72
C SER D 2231 -34.19 -16.06 -11.64
N ILE D 2232 -33.13 -15.53 -11.07
CA ILE D 2232 -31.97 -15.12 -11.85
C ILE D 2232 -31.31 -16.33 -12.51
N ILE D 2233 -31.14 -16.27 -13.83
CA ILE D 2233 -30.55 -17.41 -14.54
C ILE D 2233 -29.18 -17.11 -15.10
N PRO D 2234 -28.12 -17.70 -14.52
CA PRO D 2234 -26.80 -17.52 -15.12
C PRO D 2234 -26.80 -18.09 -16.53
N PHE D 2235 -26.71 -17.23 -17.53
CA PHE D 2235 -26.81 -17.70 -18.90
C PHE D 2235 -25.74 -18.72 -19.26
N THR D 2236 -26.16 -19.81 -19.89
CA THR D 2236 -25.22 -20.86 -20.27
C THR D 2236 -24.46 -20.50 -21.53
N ALA D 2237 -23.60 -21.41 -21.98
CA ALA D 2237 -22.86 -21.18 -23.22
C ALA D 2237 -23.81 -21.05 -24.38
N GLN D 2238 -24.76 -21.98 -24.49
CA GLN D 2238 -25.74 -21.94 -25.56
C GLN D 2238 -26.57 -20.67 -25.49
N ALA D 2239 -27.01 -20.32 -24.28
CA ALA D 2239 -27.79 -19.10 -24.12
C ALA D 2239 -26.99 -17.89 -24.56
N TYR D 2240 -25.70 -17.85 -24.20
CA TYR D 2240 -24.84 -16.75 -24.61
C TYR D 2240 -24.77 -16.63 -26.11
N GLU D 2241 -24.62 -17.77 -26.80
CA GLU D 2241 -24.58 -17.75 -28.26
C GLU D 2241 -25.85 -17.12 -28.80
N GLU D 2242 -27.00 -17.50 -28.25
CA GLU D 2242 -28.26 -16.91 -28.69
C GLU D 2242 -28.24 -15.39 -28.62
N LEU D 2243 -27.92 -14.84 -27.45
CA LEU D 2243 -27.89 -13.39 -27.29
C LEU D 2243 -26.92 -12.74 -28.26
N SER D 2244 -25.73 -13.31 -28.39
CA SER D 2244 -24.73 -12.77 -29.29
C SER D 2244 -25.23 -12.74 -30.71
N ARG D 2245 -25.89 -13.82 -31.15
CA ARG D 2245 -26.41 -13.88 -32.51
C ARG D 2245 -27.58 -12.94 -32.73
N GLN D 2246 -28.40 -12.73 -31.69
CA GLN D 2246 -29.51 -11.80 -31.79
C GLN D 2246 -28.99 -10.43 -32.15
N PHE D 2247 -27.90 -10.03 -31.48
CA PHE D 2247 -27.35 -8.71 -31.73
C PHE D 2247 -26.09 -8.74 -32.56
N ASP D 2248 -25.89 -9.81 -33.33
CA ASP D 2248 -24.73 -9.90 -34.21
C ASP D 2248 -24.60 -8.80 -35.28
N PRO D 2249 -25.72 -8.43 -35.97
CA PRO D 2249 -25.58 -7.30 -36.91
C PRO D 2249 -24.83 -6.10 -36.35
N GLN D 2250 -25.24 -5.60 -35.19
CA GLN D 2250 -24.52 -4.50 -34.57
C GLN D 2250 -23.23 -5.03 -33.98
N PRO D 2251 -22.08 -4.55 -34.49
CA PRO D 2251 -20.80 -5.10 -34.04
C PRO D 2251 -20.60 -4.93 -32.55
N LEU D 2252 -20.72 -3.71 -32.05
CA LEU D 2252 -20.49 -3.45 -30.63
C LEU D 2252 -21.50 -4.13 -29.70
N ALA D 2253 -22.72 -4.31 -30.16
CA ALA D 2253 -23.71 -5.02 -29.36
C ALA D 2253 -23.24 -6.43 -29.15
N MET D 2254 -22.95 -7.13 -30.25
CA MET D 2254 -22.45 -8.49 -30.14
C MET D 2254 -21.16 -8.50 -29.34
N GLN D 2255 -20.27 -7.54 -29.59
CA GLN D 2255 -19.02 -7.46 -28.86
C GLN D 2255 -19.24 -7.54 -27.37
N PHE D 2256 -20.11 -6.68 -26.83
CA PHE D 2256 -20.42 -6.70 -25.41
C PHE D 2256 -20.73 -8.12 -24.94
N ILE D 2257 -21.74 -8.73 -25.54
CA ILE D 2257 -22.14 -10.07 -25.15
C ILE D 2257 -21.00 -11.08 -25.28
N SER D 2258 -20.36 -11.13 -26.46
CA SER D 2258 -19.29 -12.09 -26.68
C SER D 2258 -18.10 -11.91 -25.76
N GLN D 2259 -17.71 -10.67 -25.51
CA GLN D 2259 -16.56 -10.40 -24.64
C GLN D 2259 -16.84 -10.88 -23.24
N TYR D 2260 -18.03 -10.62 -22.74
CA TYR D 2260 -18.39 -11.12 -21.42
C TYR D 2260 -18.38 -12.64 -21.47
N SER D 2261 -17.68 -13.27 -20.54
CA SER D 2261 -17.56 -14.72 -20.57
C SER D 2261 -18.87 -15.44 -20.37
N PRO D 2262 -18.99 -16.66 -20.94
CA PRO D 2262 -20.20 -17.46 -20.72
C PRO D 2262 -20.42 -17.61 -19.22
N GLU D 2263 -21.65 -17.90 -18.79
CA GLU D 2263 -21.96 -17.94 -17.36
C GLU D 2263 -21.54 -16.63 -16.76
N ASP D 2264 -21.61 -15.57 -17.54
CA ASP D 2264 -21.30 -14.23 -17.02
C ASP D 2264 -22.61 -13.50 -17.14
N ILE D 2265 -23.05 -13.26 -18.36
CA ILE D 2265 -24.34 -12.60 -18.58
C ILE D 2265 -25.42 -13.32 -17.80
N VAL D 2266 -26.02 -12.63 -16.83
CA VAL D 2266 -27.04 -13.23 -16.00
C VAL D 2266 -28.42 -12.78 -16.48
N THR D 2267 -29.47 -13.56 -16.20
CA THR D 2267 -30.80 -13.20 -16.66
C THR D 2267 -31.59 -12.48 -15.58
N ALA D 2268 -32.05 -11.26 -15.88
CA ALA D 2268 -32.84 -10.50 -14.92
C ALA D 2268 -34.31 -10.90 -14.99
N GLN D 2269 -34.67 -12.03 -14.40
CA GLN D 2269 -36.07 -12.42 -14.37
C GLN D 2269 -36.77 -11.77 -13.19
N ILE D 2270 -36.92 -10.46 -13.22
CA ILE D 2270 -37.53 -9.73 -12.11
C ILE D 2270 -39.00 -10.07 -11.94
N GLU D 2271 -39.43 -10.35 -10.72
CA GLU D 2271 -40.83 -10.65 -10.46
C GLU D 2271 -41.70 -9.42 -10.64
N GLY D 2272 -42.89 -9.62 -11.19
CA GLY D 2272 -43.79 -8.49 -11.43
C GLY D 2272 -45.05 -8.54 -10.60
N SER D 2273 -45.37 -9.72 -10.08
CA SER D 2273 -46.58 -9.88 -9.27
C SER D 2273 -46.49 -9.05 -8.01
N SER D 2274 -47.63 -8.61 -7.51
CA SER D 2274 -47.59 -7.69 -6.36
C SER D 2274 -47.92 -8.21 -4.99
N GLY D 2275 -49.07 -7.83 -4.48
CA GLY D 2275 -49.42 -8.18 -3.12
C GLY D 2275 -48.88 -7.06 -2.29
N ALA D 2276 -47.57 -6.79 -2.42
CA ALA D 2276 -46.99 -5.65 -1.72
C ALA D 2276 -47.72 -4.42 -2.18
N LEU D 2277 -48.45 -3.78 -1.28
CA LEU D 2277 -49.26 -2.65 -1.68
C LEU D 2277 -48.50 -1.35 -1.78
N TRP D 2278 -48.97 -0.45 -2.64
CA TRP D 2278 -48.38 0.88 -2.73
C TRP D 2278 -49.01 1.66 -1.60
N ARG D 2279 -48.31 2.65 -1.05
CA ARG D 2279 -48.83 3.33 0.12
C ARG D 2279 -48.62 4.84 0.15
N ILE D 2280 -49.62 5.60 -0.30
CA ILE D 2280 -49.55 7.06 -0.25
C ILE D 2280 -50.85 7.58 0.41
N SER D 2281 -50.91 8.84 0.82
CA SER D 2281 -52.11 9.34 1.57
C SER D 2281 -52.79 10.65 1.14
N PRO D 2282 -53.97 10.99 1.69
CA PRO D 2282 -54.50 12.33 1.35
C PRO D 2282 -53.48 13.48 1.24
N PRO D 2283 -52.52 13.61 2.19
CA PRO D 2283 -51.51 14.66 1.97
C PRO D 2283 -50.45 14.28 0.93
N SER D 2284 -50.47 13.05 0.43
CA SER D 2284 -49.48 12.59 -0.55
C SER D 2284 -50.11 11.87 -1.75
N ARG D 2285 -50.93 10.83 -1.54
CA ARG D 2285 -51.66 10.13 -2.61
C ARG D 2285 -52.74 10.97 -3.22
N ALA D 2286 -53.49 11.72 -2.41
CA ALA D 2286 -54.48 12.59 -3.01
C ALA D 2286 -53.73 13.68 -3.75
N GLN D 2287 -52.53 14.00 -3.29
CA GLN D 2287 -51.71 14.98 -4.01
C GLN D 2287 -51.09 14.26 -5.20
N MET D 2288 -50.77 12.98 -5.05
CA MET D 2288 -50.21 12.21 -6.15
C MET D 2288 -51.30 12.04 -7.20
N LYS D 2289 -52.50 11.85 -6.64
CA LYS D 2289 -53.67 11.73 -7.47
C LYS D 2289 -53.74 12.97 -8.28
N ARG D 2290 -53.79 14.06 -7.62
CA ARG D 2290 -53.97 15.37 -8.23
C ARG D 2290 -52.94 15.62 -9.32
N GLU D 2291 -51.69 15.30 -9.04
CA GLU D 2291 -50.66 15.44 -10.05
C GLU D 2291 -51.09 14.75 -11.34
N LEU D 2292 -51.41 13.47 -11.24
CA LEU D 2292 -51.85 12.71 -12.41
C LEU D 2292 -53.18 13.23 -12.92
N TYR D 2293 -54.02 13.74 -12.02
CA TYR D 2293 -55.31 14.27 -12.39
C TYR D 2293 -55.09 15.59 -13.12
N ASN D 2294 -54.44 16.53 -12.46
CA ASN D 2294 -54.23 17.85 -13.03
C ASN D 2294 -52.83 18.38 -12.72
N GLY D 2295 -52.53 18.61 -11.44
CA GLY D 2295 -51.23 19.11 -11.03
C GLY D 2295 -50.15 18.98 -12.09
N THR D 2296 -49.70 20.12 -12.62
CA THR D 2296 -48.69 20.11 -13.66
C THR D 2296 -47.28 19.90 -13.10
N ALA D 2297 -46.90 18.64 -12.89
CA ALA D 2297 -45.58 18.33 -12.36
C ALA D 2297 -45.04 17.08 -13.05
N ASP D 2298 -43.77 16.77 -12.84
CA ASP D 2298 -43.17 15.60 -13.47
C ASP D 2298 -42.70 14.59 -12.45
N ILE D 2299 -43.55 13.61 -12.15
CA ILE D 2299 -43.21 12.61 -11.15
C ILE D 2299 -41.93 11.86 -11.50
N THR D 2300 -41.01 11.81 -10.56
CA THR D 2300 -39.75 11.12 -10.79
C THR D 2300 -39.96 9.62 -10.78
N LEU D 2301 -39.94 9.00 -11.95
CA LEU D 2301 -40.16 7.56 -12.02
C LEU D 2301 -38.85 6.84 -12.05
N ARG D 2302 -38.07 6.96 -10.97
CA ARG D 2302 -36.77 6.32 -10.92
C ARG D 2302 -36.91 4.82 -10.89
N PHE D 2303 -36.59 4.17 -12.00
CA PHE D 2303 -36.64 2.72 -12.03
C PHE D 2303 -35.26 2.26 -11.62
N THR D 2304 -35.02 2.15 -10.33
CA THR D 2304 -33.69 1.75 -9.86
C THR D 2304 -33.48 0.27 -10.12
N TRP D 2305 -32.42 -0.05 -10.85
CA TRP D 2305 -32.17 -1.45 -11.18
C TRP D 2305 -31.00 -1.97 -10.38
N ASN D 2306 -31.16 -2.04 -9.06
CA ASN D 2306 -30.06 -2.48 -8.19
C ASN D 2306 -29.68 -3.93 -8.39
N PHE D 2307 -28.40 -4.20 -8.61
CA PHE D 2307 -27.96 -5.56 -8.87
C PHE D 2307 -26.95 -6.04 -7.85
N GLN D 2308 -27.43 -6.34 -6.65
CA GLN D 2308 -26.54 -6.78 -5.60
C GLN D 2308 -25.96 -8.14 -5.93
N ARG D 2309 -24.65 -8.21 -6.12
CA ARG D 2309 -24.01 -9.49 -6.37
C ARG D 2309 -23.48 -10.05 -5.06
N ASP D 2310 -22.18 -10.33 -5.02
CA ASP D 2310 -21.58 -10.84 -3.80
C ASP D 2310 -20.23 -10.21 -3.57
N LEU D 2311 -19.49 -10.70 -2.60
CA LEU D 2311 -18.16 -10.19 -2.33
C LEU D 2311 -17.22 -11.38 -2.19
N ALA D 2312 -17.81 -12.58 -2.15
CA ALA D 2312 -17.01 -13.79 -2.03
C ALA D 2312 -16.22 -14.03 -3.30
N LYS D 2313 -16.85 -13.77 -4.44
CA LYS D 2313 -16.17 -13.93 -5.72
C LYS D 2313 -15.61 -12.59 -6.16
N GLY D 2314 -15.54 -11.64 -5.25
CA GLY D 2314 -15.08 -10.31 -5.61
C GLY D 2314 -16.31 -9.47 -5.85
N GLY D 2315 -16.12 -8.21 -6.23
CA GLY D 2315 -17.24 -7.33 -6.44
C GLY D 2315 -17.29 -6.25 -5.39
N THR D 2316 -16.43 -5.25 -5.51
CA THR D 2316 -16.38 -4.17 -4.55
C THR D 2316 -17.77 -3.63 -4.27
N VAL D 2317 -18.23 -2.71 -5.11
CA VAL D 2317 -19.58 -2.20 -4.97
C VAL D 2317 -20.48 -3.11 -5.79
N GLU D 2318 -20.64 -4.35 -5.34
CA GLU D 2318 -21.45 -5.32 -6.07
C GLU D 2318 -22.75 -4.73 -6.57
N TYR D 2319 -23.52 -4.12 -5.67
CA TYR D 2319 -24.78 -3.49 -6.05
C TYR D 2319 -24.61 -2.52 -7.21
N ALA D 2320 -25.01 -2.95 -8.41
CA ALA D 2320 -24.90 -2.08 -9.58
C ALA D 2320 -26.24 -1.43 -9.80
N ASN D 2321 -26.36 -0.15 -9.51
CA ASN D 2321 -27.67 0.50 -9.58
C ASN D 2321 -27.77 1.68 -10.52
N GLU D 2322 -28.91 1.83 -11.18
CA GLU D 2322 -29.13 3.00 -12.03
C GLU D 2322 -30.60 3.35 -12.01
N LYS D 2323 -30.91 4.55 -11.56
CA LYS D 2323 -32.29 4.99 -11.52
C LYS D 2323 -32.72 5.44 -12.90
N HIS D 2324 -33.39 4.57 -13.64
CA HIS D 2324 -33.88 4.95 -14.97
C HIS D 2324 -35.12 5.79 -14.78
N MET D 2325 -34.94 7.09 -14.71
CA MET D 2325 -36.06 7.98 -14.43
C MET D 2325 -36.95 8.32 -15.62
N LEU D 2326 -38.26 8.38 -15.39
CA LEU D 2326 -39.17 8.77 -16.45
C LEU D 2326 -40.00 9.93 -15.93
N ALA D 2327 -39.56 11.16 -16.17
CA ALA D 2327 -40.31 12.33 -15.75
C ALA D 2327 -41.73 12.24 -16.30
N LEU D 2328 -42.71 12.08 -15.42
CA LEU D 2328 -44.08 11.90 -15.88
C LEU D 2328 -44.71 13.18 -16.36
N ALA D 2329 -44.77 13.37 -17.67
CA ALA D 2329 -45.39 14.57 -18.24
C ALA D 2329 -46.77 14.78 -17.67
N PRO D 2330 -47.06 15.99 -17.17
CA PRO D 2330 -48.36 16.27 -16.57
C PRO D 2330 -49.52 15.80 -17.41
N ASN D 2331 -50.37 14.94 -16.86
CA ASN D 2331 -51.53 14.42 -17.59
C ASN D 2331 -51.22 13.96 -19.01
N SER D 2332 -50.27 13.05 -19.15
CA SER D 2332 -49.96 12.50 -20.46
C SER D 2332 -50.85 11.29 -20.63
N THR D 2333 -50.68 10.52 -21.69
CA THR D 2333 -51.45 9.30 -21.81
C THR D 2333 -51.21 8.43 -20.60
N ALA D 2334 -49.93 8.24 -20.26
CA ALA D 2334 -49.57 7.44 -19.10
C ALA D 2334 -50.15 8.02 -17.82
N ARG D 2335 -50.03 9.33 -17.64
CA ARG D 2335 -50.52 9.95 -16.41
C ARG D 2335 -52.03 10.09 -16.34
N ARG D 2336 -52.72 10.03 -17.48
CA ARG D 2336 -54.16 10.06 -17.46
C ARG D 2336 -54.65 8.67 -17.13
N GLN D 2337 -53.87 7.67 -17.51
CA GLN D 2337 -54.23 6.31 -17.14
C GLN D 2337 -54.03 6.24 -15.63
N LEU D 2338 -52.96 6.85 -15.15
CA LEU D 2338 -52.70 6.86 -13.72
C LEU D 2338 -53.70 7.71 -12.96
N ALA D 2339 -54.29 8.71 -13.63
CA ALA D 2339 -55.31 9.51 -12.99
C ALA D 2339 -56.47 8.61 -12.68
N SER D 2340 -56.97 7.90 -13.69
CA SER D 2340 -58.08 6.98 -13.47
C SER D 2340 -57.71 5.82 -12.58
N LEU D 2341 -56.44 5.40 -12.62
CA LEU D 2341 -56.00 4.33 -11.73
C LEU D 2341 -56.20 4.77 -10.31
N LEU D 2342 -55.73 5.98 -9.98
CA LEU D 2342 -55.83 6.46 -8.62
C LEU D 2342 -57.18 7.09 -8.31
N GLU D 2343 -58.06 7.19 -9.30
CA GLU D 2343 -59.39 7.71 -9.05
C GLU D 2343 -60.22 6.66 -8.36
N GLY D 2344 -60.23 5.45 -8.93
CA GLY D 2344 -61.00 4.37 -8.34
C GLY D 2344 -60.96 3.10 -9.13
N THR D 2345 -60.76 3.21 -10.44
CA THR D 2345 -60.76 2.03 -11.29
C THR D 2345 -59.39 1.37 -11.31
N SER D 2346 -59.35 0.07 -11.56
CA SER D 2346 -58.08 -0.65 -11.54
C SER D 2346 -57.74 -1.23 -12.90
N ASP D 2347 -58.33 -0.70 -13.97
CA ASP D 2347 -58.12 -1.29 -15.28
C ASP D 2347 -57.44 -0.35 -16.26
N GLN D 2348 -56.30 0.21 -15.88
CA GLN D 2348 -55.60 1.12 -16.76
C GLN D 2348 -54.17 0.68 -17.00
N SER D 2349 -53.85 0.35 -18.25
CA SER D 2349 -52.51 -0.09 -18.60
C SER D 2349 -51.63 1.11 -18.86
N VAL D 2350 -50.89 1.56 -17.85
CA VAL D 2350 -50.06 2.75 -18.00
C VAL D 2350 -48.87 2.58 -18.94
N VAL D 2351 -48.92 3.21 -20.10
CA VAL D 2351 -47.85 3.06 -21.08
C VAL D 2351 -46.57 3.77 -20.71
N ILE D 2352 -45.56 3.03 -20.26
CA ILE D 2352 -44.27 3.64 -19.99
C ILE D 2352 -43.40 3.40 -21.21
N PRO D 2353 -43.07 4.46 -21.95
CA PRO D 2353 -42.32 4.30 -23.20
C PRO D 2353 -41.02 3.53 -23.10
N ASN D 2354 -41.01 2.26 -23.47
CA ASN D 2354 -39.78 1.45 -23.50
C ASN D 2354 -38.77 1.75 -22.40
N LEU D 2355 -39.10 1.43 -21.15
CA LEU D 2355 -38.19 1.79 -20.07
C LEU D 2355 -37.77 0.64 -19.16
N PHE D 2356 -37.67 -0.57 -19.70
CA PHE D 2356 -37.17 -1.69 -18.90
C PHE D 2356 -35.94 -2.31 -19.51
N PRO D 2357 -34.74 -1.83 -19.15
CA PRO D 2357 -33.50 -2.30 -19.76
C PRO D 2357 -33.37 -3.80 -19.94
N LYS D 2358 -33.39 -4.26 -21.18
CA LYS D 2358 -33.32 -5.69 -21.46
C LYS D 2358 -31.90 -6.22 -21.60
N TYR D 2359 -30.91 -5.34 -21.55
CA TYR D 2359 -29.52 -5.75 -21.65
C TYR D 2359 -28.71 -4.75 -20.86
N ILE D 2360 -28.12 -5.15 -19.74
CA ILE D 2360 -27.42 -4.20 -18.88
C ILE D 2360 -25.95 -4.55 -18.64
N ARG D 2361 -25.01 -3.76 -19.15
CA ARG D 2361 -23.61 -4.03 -18.83
C ARG D 2361 -23.29 -3.57 -17.42
N ALA D 2362 -23.59 -4.40 -16.44
CA ALA D 2362 -23.33 -4.04 -15.06
C ALA D 2362 -21.98 -4.61 -14.67
N PRO D 2363 -21.16 -3.81 -13.97
CA PRO D 2363 -19.89 -4.35 -13.50
C PRO D 2363 -19.85 -4.50 -12.00
N ASN D 2364 -18.66 -4.45 -11.43
CA ASN D 2364 -18.50 -4.57 -9.99
C ASN D 2364 -18.54 -3.18 -9.36
N GLY D 2365 -18.96 -2.19 -10.13
CA GLY D 2365 -19.11 -0.84 -9.62
C GLY D 2365 -20.58 -0.62 -9.38
N PRO D 2366 -20.95 0.58 -8.93
CA PRO D 2366 -22.36 0.81 -8.59
C PRO D 2366 -23.21 1.36 -9.73
N GLU D 2367 -23.08 0.81 -10.93
CA GLU D 2367 -23.81 1.34 -12.06
C GLU D 2367 -24.52 0.30 -12.91
N ALA D 2368 -25.83 0.43 -13.04
CA ALA D 2368 -26.55 -0.50 -13.91
C ALA D 2368 -26.73 0.14 -15.27
N ASN D 2369 -25.63 0.48 -15.93
CA ASN D 2369 -25.70 1.09 -17.24
C ASN D 2369 -25.99 0.04 -18.30
N PRO D 2370 -27.03 0.25 -19.11
CA PRO D 2370 -27.40 -0.73 -20.11
C PRO D 2370 -26.47 -0.80 -21.31
N VAL D 2371 -26.40 -1.90 -22.02
CA VAL D 2371 -25.50 -1.84 -23.16
C VAL D 2371 -26.01 -0.96 -24.29
N LYS D 2372 -25.22 0.02 -24.70
CA LYS D 2372 -25.61 0.85 -25.84
C LYS D 2372 -25.43 0.00 -27.07
N GLN D 2373 -26.20 0.25 -28.14
CA GLN D 2373 -26.17 -0.58 -29.36
C GLN D 2373 -26.99 -1.85 -29.16
N LEU D 2374 -26.89 -2.49 -27.98
CA LEU D 2374 -27.74 -3.64 -27.69
C LEU D 2374 -29.09 -2.98 -27.70
N GLN D 2375 -29.20 -1.87 -26.97
CA GLN D 2375 -30.42 -1.09 -27.00
C GLN D 2375 -29.95 0.24 -27.55
N PRO D 2376 -30.06 0.44 -28.88
CA PRO D 2376 -29.56 1.68 -29.48
C PRO D 2376 -30.07 2.93 -28.79
N ASN D 2377 -31.38 3.11 -28.75
CA ASN D 2377 -31.96 4.29 -28.12
C ASN D 2377 -31.71 4.23 -26.63
N GLU D 2378 -31.68 3.03 -26.07
CA GLU D 2378 -31.43 2.84 -24.63
C GLU D 2378 -32.28 3.77 -23.77
N GLU D 2379 -33.56 3.90 -24.07
CA GLU D 2379 -34.49 4.75 -23.33
C GLU D 2379 -35.71 4.58 -24.19
N ALA D 2380 -35.47 4.15 -25.42
CA ALA D 2380 -36.57 3.93 -26.35
C ALA D 2380 -36.32 2.59 -27.00
N ASP D 2381 -35.29 1.89 -26.55
CA ASP D 2381 -34.98 0.57 -27.10
C ASP D 2381 -34.79 -0.40 -25.95
N TYR D 2382 -35.20 -0.01 -24.75
CA TYR D 2382 -35.11 -0.90 -23.60
C TYR D 2382 -36.11 -2.01 -23.80
N LEU D 2383 -37.26 -1.90 -23.15
CA LEU D 2383 -38.34 -2.87 -23.33
C LEU D 2383 -39.62 -2.20 -22.89
N GLY D 2384 -40.62 -2.18 -23.76
CA GLY D 2384 -41.87 -1.53 -23.42
C GLY D 2384 -42.48 -2.05 -22.15
N VAL D 2385 -42.53 -1.22 -21.11
CA VAL D 2385 -43.04 -1.70 -19.83
C VAL D 2385 -44.40 -1.06 -19.54
N ARG D 2386 -45.29 -1.79 -18.88
CA ARG D 2386 -46.60 -1.26 -18.53
C ARG D 2386 -46.80 -1.37 -17.03
N ILE D 2387 -47.72 -0.58 -16.47
CA ILE D 2387 -48.03 -0.70 -15.04
C ILE D 2387 -49.53 -0.87 -14.82
N GLN D 2388 -49.91 -1.64 -13.81
CA GLN D 2388 -51.32 -1.83 -13.50
C GLN D 2388 -51.57 -1.87 -12.01
N LEU D 2389 -52.17 -0.83 -11.47
CA LEU D 2389 -52.52 -0.87 -10.07
C LEU D 2389 -53.80 -1.66 -9.98
N ARG D 2390 -53.82 -2.65 -9.10
CA ARG D 2390 -55.01 -3.48 -8.96
C ARG D 2390 -55.67 -3.22 -7.63
N ARG D 2391 -56.40 -2.12 -7.53
CA ARG D 2391 -57.12 -1.81 -6.33
C ARG D 2391 -58.47 -2.53 -6.33
N GLU D 2392 -58.47 -3.79 -5.91
CA GLU D 2392 -59.70 -4.57 -5.88
C GLU D 2392 -60.33 -4.53 -4.50
N GLN D 2393 -61.00 -3.43 -4.15
CA GLN D 2393 -61.62 -3.29 -2.83
C GLN D 2393 -62.29 -4.57 -2.35
N GLY D 2394 -61.79 -5.12 -1.24
CA GLY D 2394 -62.36 -6.34 -0.70
C GLY D 2394 -61.77 -6.67 0.65
N PHE D 2400 -58.93 -0.94 -0.21
CA PHE D 2400 -58.92 -0.94 -1.66
C PHE D 2400 -58.09 -2.09 -2.19
N LEU D 2401 -57.39 -2.81 -1.31
CA LEU D 2401 -56.54 -3.91 -1.70
C LEU D 2401 -55.69 -3.47 -2.86
N GLU D 2402 -55.02 -2.33 -2.72
CA GLU D 2402 -54.21 -1.78 -3.80
C GLU D 2402 -52.99 -2.62 -4.10
N TRP D 2403 -53.05 -3.44 -5.14
CA TRP D 2403 -51.84 -4.17 -5.52
C TRP D 2403 -51.18 -3.39 -6.64
N TRP D 2404 -50.08 -3.90 -7.17
CA TRP D 2404 -49.36 -3.21 -8.23
C TRP D 2404 -48.59 -4.17 -9.11
N VAL D 2405 -49.18 -4.57 -10.22
CA VAL D 2405 -48.52 -5.51 -11.12
C VAL D 2405 -47.72 -4.79 -12.20
N ILE D 2406 -46.47 -5.17 -12.38
CA ILE D 2406 -45.66 -4.57 -13.44
C ILE D 2406 -45.85 -5.40 -14.68
N GLU D 2407 -46.66 -4.91 -15.61
CA GLU D 2407 -46.89 -5.63 -16.84
C GLU D 2407 -45.89 -5.22 -17.91
N LEU D 2408 -46.13 -5.67 -19.13
CA LEU D 2408 -45.27 -5.29 -20.23
C LEU D 2408 -46.23 -4.77 -21.27
N GLN D 2409 -45.74 -3.96 -22.22
CA GLN D 2409 -46.61 -3.51 -23.30
C GLN D 2409 -47.08 -4.75 -24.04
N GLU D 2410 -46.25 -5.79 -24.08
CA GLU D 2410 -46.67 -7.05 -24.68
C GLU D 2410 -46.53 -8.13 -23.62
N CYS D 2411 -47.35 -8.06 -22.58
CA CYS D 2411 -47.25 -9.02 -21.47
C CYS D 2411 -47.74 -10.41 -21.83
N ARG D 2412 -46.84 -11.38 -21.84
CA ARG D 2412 -47.24 -12.76 -22.08
C ARG D 2412 -47.26 -13.39 -20.71
N THR D 2413 -46.11 -13.39 -20.04
CA THR D 2413 -46.04 -13.91 -18.67
C THR D 2413 -45.24 -12.87 -17.92
N ASP D 2414 -45.07 -11.70 -18.53
CA ASP D 2414 -44.26 -10.67 -17.92
C ASP D 2414 -45.11 -9.69 -17.14
N CYS D 2415 -46.14 -10.19 -16.47
CA CYS D 2415 -46.96 -9.35 -15.63
C CYS D 2415 -46.61 -9.89 -14.27
N ASN D 2416 -45.96 -11.04 -14.25
CA ASN D 2416 -45.60 -11.67 -13.00
C ASN D 2416 -44.13 -12.05 -13.04
N LEU D 2417 -43.55 -12.10 -14.24
CA LEU D 2417 -42.16 -12.50 -14.37
C LEU D 2417 -41.53 -11.85 -15.59
N LEU D 2418 -41.06 -10.62 -15.43
CA LEU D 2418 -40.45 -9.90 -16.54
C LEU D 2418 -39.04 -10.40 -16.80
N PRO D 2419 -38.79 -10.89 -18.02
CA PRO D 2419 -37.49 -11.49 -18.31
C PRO D 2419 -36.51 -10.59 -19.05
N MET D 2420 -35.73 -9.81 -18.32
CA MET D 2420 -34.72 -8.97 -18.96
C MET D 2420 -33.37 -9.67 -18.84
N VAL D 2421 -32.29 -8.97 -19.12
CA VAL D 2421 -30.97 -9.57 -19.00
C VAL D 2421 -29.93 -8.60 -18.47
N ILE D 2422 -28.95 -9.12 -17.74
CA ILE D 2422 -27.88 -8.28 -17.22
C ILE D 2422 -26.57 -8.80 -17.73
N PHE D 2423 -25.96 -8.10 -18.67
CA PHE D 2423 -24.66 -8.49 -19.16
C PHE D 2423 -23.66 -8.27 -18.03
N SER D 2424 -23.35 -9.31 -17.27
CA SER D 2424 -22.49 -9.11 -16.10
C SER D 2424 -21.01 -9.07 -16.41
N ASP D 2425 -20.24 -8.42 -15.54
CA ASP D 2425 -18.81 -8.29 -15.75
C ASP D 2425 -18.06 -8.93 -14.60
N LYS D 2426 -16.97 -9.64 -14.89
CA LYS D 2426 -16.19 -10.29 -13.85
C LYS D 2426 -15.31 -9.33 -13.08
N VAL D 2427 -14.93 -9.70 -11.86
CA VAL D 2427 -14.00 -8.86 -11.10
C VAL D 2427 -12.59 -9.22 -11.52
N SER D 2428 -11.62 -8.32 -11.30
CA SER D 2428 -10.25 -8.58 -11.74
C SER D 2428 -9.27 -9.31 -10.80
N PRO D 2429 -9.26 -8.98 -9.49
CA PRO D 2429 -8.27 -9.71 -8.67
C PRO D 2429 -8.81 -10.53 -7.49
N PRO D 2430 -9.16 -11.80 -7.72
CA PRO D 2430 -9.58 -12.61 -6.57
C PRO D 2430 -8.69 -13.84 -6.37
N SER D 2431 -7.39 -13.71 -6.55
CA SER D 2431 -6.49 -14.86 -6.44
C SER D 2431 -6.01 -15.12 -5.02
N LEU D 2432 -5.44 -16.30 -4.76
CA LEU D 2432 -5.03 -16.64 -3.40
C LEU D 2432 -3.52 -16.76 -3.19
N GLY D 2433 -3.10 -17.41 -2.09
CA GLY D 2433 -1.69 -17.49 -1.76
C GLY D 2433 -1.30 -16.19 -1.09
N PHE D 2434 -1.29 -16.15 0.25
CA PHE D 2434 -1.02 -14.91 0.97
C PHE D 2434 -1.92 -13.86 0.38
N LEU D 2435 -1.32 -12.80 -0.10
CA LEU D 2435 -2.10 -11.81 -0.79
C LEU D 2435 -1.46 -11.79 -2.15
N ALA D 2436 -2.18 -12.31 -3.14
CA ALA D 2436 -1.67 -12.26 -4.50
C ALA D 2436 -1.50 -10.80 -4.83
N GLY D 2437 -2.40 -9.96 -4.30
CA GLY D 2437 -2.26 -8.54 -4.50
C GLY D 2437 -1.01 -7.97 -3.88
N TYR D 2438 -0.65 -8.38 -2.66
CA TYR D 2438 0.51 -7.72 -2.03
C TYR D 2438 1.56 -8.38 -1.13
N GLY D 2439 1.31 -9.52 -0.47
CA GLY D 2439 2.37 -10.02 0.40
C GLY D 2439 3.51 -10.55 -0.43
N ILE D 2440 3.24 -11.57 -1.24
CA ILE D 2440 4.27 -12.14 -2.10
C ILE D 2440 4.71 -11.11 -3.13
N MET D 2441 3.78 -10.29 -3.61
CA MET D 2441 4.12 -9.27 -4.59
C MET D 2441 5.14 -8.28 -4.05
N GLY D 2442 4.90 -7.77 -2.85
CA GLY D 2442 5.81 -6.82 -2.24
C GLY D 2442 7.17 -7.45 -1.99
N LEU D 2443 7.18 -8.71 -1.56
CA LEU D 2443 8.44 -9.40 -1.34
C LEU D 2443 9.20 -9.51 -2.64
N TYR D 2444 8.51 -9.88 -3.72
CA TYR D 2444 9.14 -10.00 -5.02
C TYR D 2444 9.81 -8.69 -5.42
N VAL D 2445 9.09 -7.58 -5.28
CA VAL D 2445 9.65 -6.28 -5.63
C VAL D 2445 10.91 -6.01 -4.81
N SER D 2446 10.84 -6.23 -3.52
CA SER D 2446 12.00 -6.02 -2.66
C SER D 2446 13.20 -6.85 -3.12
N ILE D 2447 12.96 -8.12 -3.42
CA ILE D 2447 14.04 -8.98 -3.91
C ILE D 2447 14.65 -8.38 -5.15
N VAL D 2448 13.84 -8.06 -6.15
CA VAL D 2448 14.35 -7.47 -7.38
C VAL D 2448 15.24 -6.27 -7.10
N LEU D 2449 14.79 -5.34 -6.26
CA LEU D 2449 15.59 -4.17 -5.93
C LEU D 2449 16.93 -4.55 -5.33
N VAL D 2450 16.93 -5.45 -4.34
CA VAL D 2450 18.18 -5.82 -3.69
C VAL D 2450 19.08 -6.58 -4.65
N ILE D 2451 18.49 -7.38 -5.53
CA ILE D 2451 19.31 -8.07 -6.53
C ILE D 2451 19.81 -6.99 -7.47
N GLY D 2452 19.01 -5.95 -7.66
CA GLY D 2452 19.45 -4.83 -8.49
C GLY D 2452 20.74 -4.28 -7.94
N LYS D 2453 20.76 -3.98 -6.65
CA LYS D 2453 21.95 -3.40 -6.04
C LYS D 2453 23.11 -4.38 -6.09
N PHE D 2454 22.84 -5.66 -5.87
CA PHE D 2454 23.89 -6.67 -5.96
C PHE D 2454 24.57 -6.63 -7.33
N VAL D 2455 23.77 -6.59 -8.40
CA VAL D 2455 24.35 -6.58 -9.74
C VAL D 2455 25.04 -5.25 -10.04
N HIS D 2456 24.52 -4.15 -9.51
CA HIS D 2456 25.16 -2.85 -9.69
C HIS D 2456 26.53 -2.89 -9.03
N GLY D 2457 26.65 -3.63 -7.93
CA GLY D 2457 27.91 -3.76 -7.24
C GLY D 2457 29.09 -4.15 -8.09
N PHE D 2458 28.86 -4.57 -9.33
CA PHE D 2458 29.96 -4.84 -10.24
C PHE D 2458 30.16 -3.67 -11.17
N PHE D 2459 29.15 -3.38 -11.98
CA PHE D 2459 29.27 -2.32 -12.98
C PHE D 2459 29.09 -0.89 -12.51
N SER D 2460 29.50 -0.57 -11.28
CA SER D 2460 29.43 0.80 -10.82
C SER D 2460 30.79 1.34 -10.52
N GLU D 2461 31.58 0.61 -9.73
CA GLU D 2461 32.88 1.13 -9.35
C GLU D 2461 34.01 0.26 -9.88
N ILE D 2462 33.85 -0.24 -11.10
CA ILE D 2462 34.90 -1.06 -11.67
C ILE D 2462 36.12 -0.20 -11.94
N SER D 2463 35.94 1.12 -12.04
CA SER D 2463 37.03 2.01 -12.36
C SER D 2463 37.85 2.45 -11.17
N HIS D 2464 37.46 2.04 -9.97
CA HIS D 2464 38.18 2.44 -8.77
C HIS D 2464 39.21 1.40 -8.39
N SER D 2465 39.37 0.39 -9.24
CA SER D 2465 40.31 -0.67 -8.96
C SER D 2465 41.31 -0.84 -10.09
N ILE D 2466 41.10 -0.16 -11.20
CA ILE D 2466 41.98 -0.32 -12.35
C ILE D 2466 43.40 0.02 -11.97
N MET D 2467 43.63 0.27 -10.68
CA MET D 2467 44.98 0.58 -10.22
C MET D 2467 45.55 -0.58 -9.45
N PHE D 2468 44.71 -1.56 -9.14
CA PHE D 2468 45.17 -2.75 -8.42
C PHE D 2468 44.64 -4.00 -9.10
N GLU D 2469 43.84 -3.84 -10.15
CA GLU D 2469 43.22 -5.02 -10.77
C GLU D 2469 43.56 -5.28 -12.23
N GLU D 2470 44.34 -4.39 -12.84
CA GLU D 2470 44.73 -4.57 -14.24
C GLU D 2470 46.06 -5.29 -14.35
N LEU D 2471 46.23 -6.36 -13.58
CA LEU D 2471 47.50 -7.07 -13.58
C LEU D 2471 47.56 -8.10 -14.69
N PRO D 2472 48.74 -8.27 -15.31
CA PRO D 2472 48.91 -9.25 -16.37
C PRO D 2472 48.82 -10.70 -15.89
N CYS D 2473 49.94 -11.31 -15.55
CA CYS D 2473 49.95 -12.71 -15.12
C CYS D 2473 49.57 -12.88 -13.65
N VAL D 2474 48.48 -13.59 -13.37
CA VAL D 2474 48.15 -13.85 -11.97
C VAL D 2474 48.54 -15.23 -11.48
N ASP D 2475 49.42 -15.90 -12.20
CA ASP D 2475 49.80 -17.27 -11.84
C ASP D 2475 50.53 -17.35 -10.51
N ARG D 2476 51.37 -16.39 -10.21
CA ARG D 2476 52.13 -16.44 -8.98
C ARG D 2476 51.25 -16.17 -7.78
N ILE D 2477 50.20 -15.38 -7.95
CA ILE D 2477 49.29 -15.11 -6.86
C ILE D 2477 48.35 -16.28 -6.60
N LEU D 2478 47.93 -17.00 -7.63
CA LEU D 2478 47.09 -18.16 -7.35
C LEU D 2478 47.91 -19.25 -6.69
N LYS D 2479 49.20 -19.33 -6.97
CA LYS D 2479 50.03 -20.29 -6.28
C LYS D 2479 50.01 -19.97 -4.80
N LEU D 2480 50.20 -18.71 -4.45
CA LEU D 2480 50.15 -18.31 -3.04
C LEU D 2480 48.83 -18.69 -2.44
N CYS D 2481 47.74 -18.35 -3.12
CA CYS D 2481 46.42 -18.63 -2.57
C CYS D 2481 46.21 -20.12 -2.37
N GLN D 2482 46.63 -20.93 -3.34
CA GLN D 2482 46.45 -22.37 -3.24
C GLN D 2482 47.38 -23.00 -2.23
N ASP D 2483 48.48 -22.33 -1.92
CA ASP D 2483 49.38 -22.84 -0.90
C ASP D 2483 48.77 -22.63 0.46
N ILE D 2484 48.02 -21.55 0.63
CA ILE D 2484 47.33 -21.32 1.89
C ILE D 2484 46.32 -22.44 2.07
N PHE D 2485 45.60 -22.78 1.00
CA PHE D 2485 44.61 -23.84 1.09
C PHE D 2485 45.27 -25.17 1.40
N LEU D 2486 46.38 -25.48 0.74
CA LEU D 2486 47.08 -26.74 0.97
C LEU D 2486 47.57 -26.83 2.39
N VAL D 2487 47.99 -25.71 2.95
CA VAL D 2487 48.57 -25.73 4.28
C VAL D 2487 47.49 -25.78 5.36
N ARG D 2488 46.24 -25.60 4.96
CA ARG D 2488 45.15 -25.70 5.92
C ARG D 2488 44.62 -27.11 5.92
N GLU D 2489 44.79 -27.83 4.81
CA GLU D 2489 44.36 -29.21 4.75
C GLU D 2489 45.31 -30.10 5.53
N THR D 2490 46.61 -29.80 5.43
CA THR D 2490 47.60 -30.57 6.16
C THR D 2490 47.70 -30.08 7.60
N ARG D 2491 46.89 -29.10 7.95
CA ARG D 2491 46.86 -28.56 9.31
C ARG D 2491 48.20 -28.08 9.84
N GLU D 2492 49.01 -27.48 9.00
CA GLU D 2492 50.26 -26.89 9.47
C GLU D 2492 49.91 -25.44 9.49
N LEU D 2493 49.13 -25.03 10.48
CA LEU D 2493 48.63 -23.66 10.50
C LEU D 2493 49.64 -22.57 10.82
N GLU D 2494 50.85 -22.95 11.17
CA GLU D 2494 51.88 -21.95 11.41
C GLU D 2494 52.22 -21.32 10.08
N LEU D 2495 52.31 -22.14 9.04
CA LEU D 2495 52.64 -21.62 7.71
C LEU D 2495 51.46 -20.91 7.09
N GLU D 2496 50.26 -21.11 7.62
CA GLU D 2496 49.10 -20.37 7.12
C GLU D 2496 49.31 -18.92 7.46
N GLU D 2497 49.69 -18.64 8.69
CA GLU D 2497 49.96 -17.27 9.10
C GLU D 2497 51.06 -16.66 8.26
N GLU D 2498 52.10 -17.43 7.97
CA GLU D 2498 53.22 -16.90 7.20
C GLU D 2498 52.87 -16.60 5.75
N LEU D 2499 52.10 -17.48 5.11
CA LEU D 2499 51.70 -17.26 3.72
C LEU D 2499 50.65 -16.17 3.62
N TYR D 2500 49.88 -15.96 4.68
CA TYR D 2500 48.90 -14.88 4.68
C TYR D 2500 49.65 -13.58 4.72
N ALA D 2501 50.78 -13.54 5.42
CA ALA D 2501 51.59 -12.35 5.47
C ALA D 2501 52.07 -11.97 4.09
N LYS D 2502 52.45 -12.94 3.28
CA LYS D 2502 52.85 -12.62 1.92
C LYS D 2502 51.67 -12.04 1.16
N LEU D 2503 50.51 -12.66 1.24
CA LEU D 2503 49.36 -12.17 0.51
C LEU D 2503 49.06 -10.73 0.87
N ILE D 2504 49.07 -10.39 2.16
CA ILE D 2504 48.71 -9.03 2.51
C ILE D 2504 49.78 -8.02 2.12
N PHE D 2505 51.05 -8.40 2.07
CA PHE D 2505 52.04 -7.44 1.62
C PHE D 2505 51.99 -7.24 0.12
N LEU D 2506 51.59 -8.26 -0.62
CA LEU D 2506 51.46 -8.10 -2.06
C LEU D 2506 50.40 -7.07 -2.29
N TYR D 2507 49.35 -7.12 -1.50
CA TYR D 2507 48.24 -6.21 -1.69
C TYR D 2507 48.37 -4.93 -0.88
N ARG D 2508 49.51 -4.76 -0.22
CA ARG D 2508 49.76 -3.53 0.54
C ARG D 2508 50.64 -2.62 -0.28
N SER D 2509 51.47 -3.21 -1.15
CA SER D 2509 52.37 -2.42 -1.96
C SER D 2509 52.11 -2.68 -3.41
N PRO D 2510 51.49 -1.71 -4.09
CA PRO D 2510 51.16 -1.87 -5.51
C PRO D 2510 52.36 -2.12 -6.41
N GLU D 2511 53.52 -1.60 -6.06
CA GLU D 2511 54.72 -1.79 -6.86
C GLU D 2511 55.20 -3.23 -6.87
N THR D 2512 55.03 -3.94 -5.76
CA THR D 2512 55.44 -5.33 -5.71
C THR D 2512 54.45 -6.18 -6.46
N MET D 2513 53.22 -5.71 -6.57
CA MET D 2513 52.26 -6.44 -7.38
C MET D 2513 52.71 -6.35 -8.81
N ILE D 2514 53.10 -5.18 -9.27
CA ILE D 2514 53.61 -5.03 -10.63
C ILE D 2514 54.76 -6.00 -10.88
N LYS D 2515 55.71 -6.07 -9.95
CA LYS D 2515 56.83 -7.00 -10.09
C LYS D 2515 56.37 -8.44 -10.16
N TRP D 2516 55.53 -8.84 -9.22
CA TRP D 2516 55.10 -10.23 -9.16
C TRP D 2516 54.18 -10.66 -10.28
N THR D 2517 53.45 -9.72 -10.87
CA THR D 2517 52.52 -10.07 -11.92
C THR D 2517 53.05 -9.78 -13.31
N ARG D 2518 54.36 -9.69 -13.46
CA ARG D 2518 54.95 -9.45 -14.77
C ARG D 2518 54.67 -10.61 -15.68
N GLU D 2519 54.37 -10.32 -16.93
CA GLU D 2519 53.99 -11.38 -17.88
C GLU D 2519 54.94 -12.56 -17.92
N LYS D 2520 56.20 -12.30 -18.20
CA LYS D 2520 57.14 -13.40 -18.32
C LYS D 2520 57.82 -13.68 -16.99
N GLU D 2521 58.66 -12.76 -16.55
CA GLU D 2521 59.37 -12.95 -15.29
C GLU D 2521 59.24 -11.74 -14.37
N CYS E 226 30.29 -21.56 -37.30
CA CYS E 226 31.69 -21.46 -37.71
C CYS E 226 32.35 -20.23 -37.12
N CYS E 227 33.01 -19.44 -37.96
CA CYS E 227 33.68 -18.23 -37.49
C CYS E 227 32.69 -17.30 -36.81
N GLU E 228 31.54 -17.09 -37.45
CA GLU E 228 30.50 -16.24 -36.87
C GLU E 228 30.08 -16.72 -35.49
N SER E 229 29.84 -18.02 -35.37
CA SER E 229 29.44 -18.60 -34.09
C SER E 229 30.51 -18.39 -33.03
N SER E 230 31.77 -18.61 -33.39
CA SER E 230 32.86 -18.39 -32.46
C SER E 230 32.88 -16.94 -31.99
N ASP E 231 32.72 -16.02 -32.92
CA ASP E 231 32.70 -14.60 -32.57
C ASP E 231 31.57 -14.31 -31.60
N CYS E 232 30.40 -14.88 -31.87
CA CYS E 232 29.25 -14.67 -30.99
C CYS E 232 29.56 -15.18 -29.59
N LEU E 233 30.16 -16.37 -29.50
CA LEU E 233 30.52 -16.93 -28.20
C LEU E 233 31.49 -15.99 -27.48
N GLU E 234 32.47 -15.48 -28.20
CA GLU E 234 33.43 -14.55 -27.60
C GLU E 234 32.72 -13.33 -27.04
N ILE E 235 31.80 -12.76 -27.82
CA ILE E 235 31.06 -11.58 -27.38
C ILE E 235 30.26 -11.91 -26.12
N CYS E 236 29.61 -13.07 -26.11
CA CYS E 236 28.85 -13.48 -24.93
C CYS E 236 29.75 -13.53 -23.71
N MET E 237 30.93 -14.16 -23.86
CA MET E 237 31.87 -14.24 -22.74
C MET E 237 32.26 -12.85 -22.26
N GLU E 238 32.60 -11.97 -23.21
CA GLU E 238 32.96 -10.60 -22.85
C GLU E 238 31.87 -9.96 -22.02
N CYS E 239 30.62 -10.06 -22.47
CA CYS E 239 29.50 -9.47 -21.74
C CYS E 239 29.37 -10.05 -20.34
N CYS E 240 29.30 -11.38 -20.27
CA CYS E 240 29.11 -12.06 -18.98
C CYS E 240 30.40 -12.05 -18.22
N GLY E 241 31.46 -11.59 -18.85
CA GLY E 241 32.74 -11.52 -18.20
C GLY E 241 32.57 -10.32 -17.34
N ILE E 242 32.07 -9.23 -17.94
CA ILE E 242 31.81 -8.06 -17.13
C ILE E 242 31.02 -8.34 -15.86
N CYS E 243 30.13 -9.35 -15.87
CA CYS E 243 29.35 -9.75 -14.67
C CYS E 243 30.07 -9.86 -13.33
N PHE E 244 31.39 -9.91 -13.33
CA PHE E 244 32.14 -9.87 -12.08
C PHE E 244 33.25 -8.94 -12.48
N PRO E 245 33.35 -7.77 -11.84
CA PRO E 245 34.33 -6.74 -12.23
C PRO E 245 34.94 -6.84 -13.63
N SER E 246 34.15 -6.58 -14.67
CA SER E 246 34.64 -6.65 -16.05
C SER E 246 35.54 -7.84 -16.38
N CYS F 226 36.35 -16.83 34.19
CA CYS F 226 37.80 -17.03 34.18
C CYS F 226 38.35 -17.03 32.76
N CYS F 227 39.13 -18.05 32.42
CA CYS F 227 39.70 -18.15 31.09
C CYS F 227 38.60 -18.17 30.04
N GLU F 228 37.58 -18.98 30.27
CA GLU F 228 36.45 -19.07 29.34
C GLU F 228 35.81 -17.71 29.13
N SER F 229 35.56 -17.00 30.22
CA SER F 229 34.95 -15.67 30.13
C SER F 229 35.82 -14.71 29.34
N SER F 230 37.13 -14.74 29.58
CA SER F 230 38.04 -13.88 28.84
C SER F 230 37.97 -14.20 27.36
N ASP F 231 37.96 -15.48 27.02
CA ASP F 231 37.88 -15.88 25.62
C ASP F 231 36.59 -15.37 24.99
N CYS F 232 35.49 -15.48 25.73
CA CYS F 232 34.20 -15.00 25.23
C CYS F 232 34.27 -13.51 24.96
N LEU F 233 34.86 -12.75 25.89
CA LEU F 233 35.00 -11.31 25.70
C LEU F 233 35.82 -11.01 24.46
N GLU F 234 36.91 -11.75 24.27
CA GLU F 234 37.74 -11.55 23.09
C GLU F 234 36.94 -11.78 21.82
N ILE F 235 36.16 -12.87 21.79
CA ILE F 235 35.35 -13.18 20.61
C ILE F 235 34.35 -12.05 20.36
N CYS F 236 33.72 -11.57 21.42
CA CYS F 236 32.77 -10.47 21.27
C CYS F 236 33.45 -9.26 20.64
N MET F 237 34.64 -8.91 21.14
CA MET F 237 35.38 -7.77 20.58
C MET F 237 35.67 -8.00 19.11
N GLU F 238 36.16 -9.19 18.77
CA GLU F 238 36.44 -9.51 17.38
C GLU F 238 35.22 -9.29 16.51
N CYS F 239 34.07 -9.79 16.94
CA CYS F 239 32.84 -9.63 16.17
C CYS F 239 32.47 -8.16 16.00
N CYS F 240 32.30 -7.48 17.14
CA CYS F 240 31.86 -6.08 17.12
C CYS F 240 33.02 -5.26 16.68
N GLY F 241 34.12 -5.93 16.43
CA GLY F 241 35.30 -5.25 15.98
C GLY F 241 35.40 -5.73 14.58
N ILE F 242 34.26 -5.86 13.91
CA ILE F 242 34.29 -6.10 12.49
C ILE F 242 33.37 -4.96 12.14
N CYS F 243 32.56 -4.51 13.12
CA CYS F 243 31.59 -3.43 12.90
C CYS F 243 32.08 -2.13 12.30
N PHE F 244 33.38 -1.92 12.21
CA PHE F 244 33.89 -0.77 11.51
C PHE F 244 35.03 -1.43 10.79
N PRO F 245 34.97 -1.49 9.46
CA PRO F 245 35.98 -2.23 8.70
C PRO F 245 36.78 -3.30 9.43
N SER F 246 36.13 -4.39 9.85
CA SER F 246 36.82 -5.46 10.57
C SER F 246 37.84 -5.02 11.62
#